data_6POD
#
_entry.id   6POD
#
_cell.length_a   1.00
_cell.length_b   1.00
_cell.length_c   1.00
_cell.angle_alpha   90.00
_cell.angle_beta   90.00
_cell.angle_gamma   90.00
#
_symmetry.space_group_name_H-M   'P 1'
#
loop_
_entity.id
_entity.type
_entity.pdbx_description
1 polymer 'ATP-dependent Clp protease ATP-binding subunit ClpX'
2 polymer 'ATP-dependent Clp protease proteolytic subunit'
3 polymer 'substrate peptide'
4 non-polymer "ADENOSINE-5'-DIPHOSPHATE"
5 non-polymer 'PHOSPHOTHIOPHOSPHORIC ACID-ADENYLATE ESTER'
#
loop_
_entity_poly.entity_id
_entity_poly.type
_entity_poly.pdbx_seq_one_letter_code
_entity_poly.pdbx_strand_id
1 'polypeptide(L)'
;SALPTPHEIRNHLDDYVIGQEQAKKVLAVAVYNHYKRLRNGDTSNGVELGKSNILLIGPTGSGKTLLAETLARLLDVPFT
MADATTLTEAGYVGEDVENIIQKLLQKSDYDVQKAQRGIVYIDQIDKISRKSDNPSITRDVSGEGVQQALLKLIEGTVAA
VPPQGGRKHPQQEFLQVDTSKILFICGGAFAGLDKVISHRVETGSGIGFGATVKAKSDKASEGELLAQVEPEDLIKFGLI
PEFIGRLPVVATLNELSEEALIQILKEPKNALTKQYQALFNLEGVDLEFRDEALDAIAKKAMARKTGARGLRSIVEAALL
DTMYDLPSMEDVEKVVIDESVIDGQSEPLLIYGKPEAQQASGEGGGTSG
;
A,B,C,D,E,F
2 'polypeptide(L)'
;MSYSGERDNFAPHMALVPMVIEQTSRGERSFDIYSRLLKERVIFLTGQVEDHMANLIVAQMLFLEAENPEKDIYLYINSP
GGVITAGMSIYDTMQFIKPDVSTICMGQAASMGAFLLTAGAKGKRFCLPNSRVMIHQPLGGYQGQATDIEIHAREILKVK
GRMNELMALHTGQSLEQIERDTERDRFLSAPEAVEYGLVDSILTHRN
;
H,I,J,K,L,M,N
3 'polypeptide(L)'
;(UNK)(UNK)(UNK)(UNK)(UNK)(UNK)(UNK)(UNK)(UNK)(UNK)(UNK)(UNK)(UNK)(UNK)(UNK)(UNK)
(UNK)(UNK)(UNK)
;
S
#
loop_
_chem_comp.id
_chem_comp.type
_chem_comp.name
_chem_comp.formula
ADP non-polymer ADENOSINE-5'-DIPHOSPHATE 'C10 H15 N5 O10 P2'
AGS non-polymer 'PHOSPHOTHIOPHOSPHORIC ACID-ADENYLATE ESTER' 'C10 H16 N5 O12 P3 S'
#
# COMPACT_ATOMS: atom_id res chain seq x y z
N LEU A 3 2.79 46.02 -41.28
CA LEU A 3 3.13 46.46 -42.63
C LEU A 3 3.92 45.40 -43.43
N PRO A 4 5.07 44.92 -42.93
CA PRO A 4 5.81 43.90 -43.68
C PRO A 4 4.99 42.64 -43.90
N THR A 5 5.16 42.04 -45.08
CA THR A 5 4.43 40.83 -45.45
C THR A 5 5.22 39.58 -45.05
N PRO A 6 4.53 38.45 -44.88
CA PRO A 6 5.24 37.21 -44.52
C PRO A 6 6.40 36.83 -45.43
N HIS A 7 6.27 37.08 -46.73
CA HIS A 7 7.33 36.72 -47.67
C HIS A 7 8.58 37.56 -47.45
N GLU A 8 8.43 38.88 -47.37
CA GLU A 8 9.60 39.75 -47.21
C GLU A 8 10.21 39.61 -45.82
N ILE A 9 9.39 39.51 -44.77
CA ILE A 9 9.93 39.38 -43.42
C ILE A 9 10.67 38.07 -43.27
N ARG A 10 10.27 37.04 -44.02
CA ARG A 10 10.94 35.75 -43.95
C ARG A 10 12.38 35.86 -44.43
N ASN A 11 12.61 36.66 -45.49
CA ASN A 11 13.95 36.79 -46.04
C ASN A 11 14.90 37.46 -45.06
N HIS A 12 14.42 38.46 -44.33
CA HIS A 12 15.28 39.12 -43.34
C HIS A 12 15.59 38.18 -42.19
N LEU A 13 14.59 37.46 -41.72
CA LEU A 13 14.78 36.52 -40.61
C LEU A 13 15.65 35.34 -41.03
N ASP A 14 15.58 34.94 -42.29
CA ASP A 14 16.36 33.80 -42.78
C ASP A 14 17.86 33.97 -42.53
N ASP A 15 18.35 35.22 -42.49
CA ASP A 15 19.77 35.45 -42.23
C ASP A 15 20.16 34.93 -40.85
N TYR A 16 19.25 35.08 -39.88
CA TYR A 16 19.47 34.65 -38.50
C TYR A 16 18.72 33.38 -38.13
N VAL A 17 17.79 32.92 -38.97
CA VAL A 17 16.97 31.74 -38.71
C VAL A 17 17.25 30.69 -39.76
N ILE A 18 17.46 29.45 -39.32
CA ILE A 18 17.73 28.33 -40.21
C ILE A 18 17.08 27.09 -39.64
N GLY A 19 16.45 26.30 -40.50
CA GLY A 19 15.79 25.08 -40.09
C GLY A 19 14.53 25.28 -39.28
N GLN A 20 13.91 26.45 -39.37
CA GLN A 20 12.68 26.78 -38.66
C GLN A 20 11.72 27.49 -39.60
N GLU A 21 11.60 26.98 -40.82
CA GLU A 21 10.76 27.61 -41.84
C GLU A 21 9.30 27.67 -41.42
N GLN A 22 8.75 26.56 -40.93
CA GLN A 22 7.34 26.54 -40.53
C GLN A 22 7.07 27.51 -39.39
N ALA A 23 8.02 27.67 -38.48
CA ALA A 23 7.85 28.61 -37.37
C ALA A 23 7.62 30.02 -37.87
N LYS A 24 8.34 30.42 -38.92
CA LYS A 24 8.20 31.76 -39.48
C LYS A 24 6.78 32.04 -39.93
N LYS A 25 6.13 31.05 -40.55
CA LYS A 25 4.78 31.25 -41.06
C LYS A 25 3.81 31.60 -39.95
N VAL A 26 3.90 30.92 -38.82
CA VAL A 26 2.99 31.20 -37.71
C VAL A 26 3.20 32.60 -37.18
N LEU A 27 4.45 32.99 -36.97
CA LEU A 27 4.74 34.31 -36.42
C LEU A 27 4.42 35.42 -37.42
N ALA A 28 4.74 35.21 -38.70
CA ALA A 28 4.45 36.23 -39.71
C ALA A 28 2.97 36.54 -39.77
N VAL A 29 2.13 35.50 -39.77
CA VAL A 29 0.69 35.73 -39.81
C VAL A 29 0.23 36.36 -38.50
N ALA A 30 0.73 35.86 -37.37
CA ALA A 30 0.33 36.37 -36.07
C ALA A 30 0.72 37.84 -35.92
N VAL A 31 1.97 38.18 -36.26
CA VAL A 31 2.44 39.56 -36.13
C VAL A 31 1.64 40.48 -37.04
N TYR A 32 1.43 40.07 -38.29
CA TYR A 32 0.68 40.92 -39.22
C TYR A 32 -0.76 41.05 -38.77
N ASN A 33 -1.36 39.96 -38.32
CA ASN A 33 -2.74 40.01 -37.84
C ASN A 33 -2.86 40.91 -36.62
N HIS A 34 -1.90 40.79 -35.69
CA HIS A 34 -1.94 41.60 -34.48
C HIS A 34 -1.82 43.10 -34.80
N TYR A 35 -0.89 43.46 -35.69
CA TYR A 35 -0.70 44.86 -36.03
C TYR A 35 -1.95 45.45 -36.68
N LYS A 36 -2.64 44.66 -37.50
CA LYS A 36 -3.84 45.17 -38.14
C LYS A 36 -4.96 45.35 -37.13
N ARG A 37 -5.06 44.44 -36.16
CA ARG A 37 -6.09 44.56 -35.13
C ARG A 37 -5.95 45.88 -34.39
N LEU A 38 -4.73 46.30 -34.10
CA LEU A 38 -4.52 47.58 -33.42
C LEU A 38 -4.85 48.74 -34.34
N ARG A 39 -4.55 48.62 -35.63
CA ARG A 39 -4.76 49.69 -36.59
C ARG A 39 -6.13 49.68 -37.27
N ASN A 40 -6.95 48.65 -37.08
CA ASN A 40 -8.25 48.65 -37.73
C ASN A 40 -9.26 49.47 -36.91
N GLY A 41 -10.38 49.80 -37.56
CA GLY A 41 -11.42 50.57 -36.91
C GLY A 41 -11.94 49.91 -35.64
N ASP A 42 -12.07 48.58 -35.66
CA ASP A 42 -12.55 47.72 -34.57
C ASP A 42 -14.06 47.84 -34.39
N THR A 43 -14.78 48.42 -35.35
CA THR A 43 -16.23 48.56 -35.31
C THR A 43 -16.91 47.68 -36.37
N SER A 44 -16.21 46.69 -36.90
CA SER A 44 -16.74 45.81 -37.92
C SER A 44 -17.68 44.78 -37.31
N ASN A 45 -18.36 44.04 -38.20
CA ASN A 45 -19.29 43.00 -37.76
C ASN A 45 -18.60 41.93 -36.94
N GLY A 46 -17.32 41.67 -37.21
CA GLY A 46 -16.57 40.68 -36.46
C GLY A 46 -16.06 41.26 -35.17
N VAL A 47 -16.98 41.45 -34.23
CA VAL A 47 -16.68 42.02 -32.93
C VAL A 47 -16.11 40.95 -32.01
N GLU A 48 -15.52 41.38 -30.90
CA GLU A 48 -14.94 40.51 -29.87
C GLU A 48 -13.96 39.51 -30.48
N LEU A 49 -13.12 40.01 -31.38
CA LEU A 49 -12.10 39.19 -32.02
C LEU A 49 -11.22 38.53 -30.97
N GLY A 50 -11.02 37.22 -31.11
CA GLY A 50 -10.19 36.51 -30.16
C GLY A 50 -8.77 37.05 -30.17
N LYS A 51 -8.19 37.19 -28.98
CA LYS A 51 -6.84 37.69 -28.88
C LYS A 51 -5.88 36.70 -29.52
N SER A 52 -4.99 37.22 -30.35
CA SER A 52 -4.00 36.39 -31.05
C SER A 52 -2.69 36.49 -30.28
N ASN A 53 -2.38 35.44 -29.54
CA ASN A 53 -1.13 35.35 -28.77
C ASN A 53 -0.46 34.05 -29.14
N ILE A 54 0.85 34.09 -29.27
CA ILE A 54 1.66 32.95 -29.68
C ILE A 54 2.51 32.48 -28.50
N LEU A 55 2.52 31.16 -28.28
CA LEU A 55 3.33 30.52 -27.25
C LEU A 55 4.32 29.61 -27.96
N LEU A 56 5.60 29.80 -27.67
CA LEU A 56 6.65 29.01 -28.29
C LEU A 56 6.87 27.69 -27.55
N ILE A 57 7.09 26.63 -28.32
CA ILE A 57 7.40 25.31 -27.76
C ILE A 57 8.91 25.26 -27.70
N GLY A 58 9.47 25.25 -26.48
CA GLY A 58 10.89 25.30 -26.29
C GLY A 58 11.68 24.04 -26.00
N PRO A 59 12.38 23.49 -26.99
CA PRO A 59 13.34 22.42 -26.70
C PRO A 59 14.55 23.08 -26.07
N THR A 60 15.31 22.29 -25.31
CA THR A 60 16.48 22.84 -24.64
C THR A 60 17.47 23.40 -25.66
N GLY A 61 17.85 24.66 -25.46
CA GLY A 61 18.78 25.33 -26.36
C GLY A 61 18.34 25.31 -27.82
N SER A 62 17.06 25.58 -28.07
CA SER A 62 16.51 25.54 -29.42
C SER A 62 16.53 26.88 -30.14
N GLY A 63 17.09 27.93 -29.54
CA GLY A 63 17.17 29.22 -30.21
C GLY A 63 15.98 30.14 -30.03
N LYS A 64 15.07 29.84 -29.09
CA LYS A 64 13.93 30.72 -28.86
C LYS A 64 14.37 32.16 -28.62
N THR A 65 15.45 32.34 -27.85
CA THR A 65 15.96 33.68 -27.57
C THR A 65 16.38 34.39 -28.84
N LEU A 66 16.82 33.64 -29.86
CA LEU A 66 17.25 34.25 -31.11
C LEU A 66 16.06 34.88 -31.83
N LEU A 67 14.96 34.13 -31.96
CA LEU A 67 13.77 34.64 -32.64
C LEU A 67 13.29 35.94 -32.03
N ALA A 68 13.29 36.02 -30.70
CA ALA A 68 12.83 37.24 -30.05
C ALA A 68 13.78 38.40 -30.32
N GLU A 69 15.09 38.15 -30.22
CA GLU A 69 16.06 39.21 -30.47
C GLU A 69 16.02 39.67 -31.92
N THR A 70 15.95 38.72 -32.87
CA THR A 70 15.92 39.10 -34.28
C THR A 70 14.67 39.91 -34.60
N LEU A 71 13.52 39.46 -34.10
CA LEU A 71 12.28 40.20 -34.31
C LEU A 71 12.36 41.56 -33.62
N ALA A 72 12.86 41.57 -32.38
CA ALA A 72 12.98 42.81 -31.63
C ALA A 72 13.93 43.79 -32.32
N ARG A 73 15.08 43.30 -32.78
CA ARG A 73 16.03 44.18 -33.45
C ARG A 73 15.45 44.71 -34.75
N LEU A 74 14.82 43.84 -35.54
CA LEU A 74 14.24 44.26 -36.81
C LEU A 74 13.10 45.25 -36.58
N LEU A 75 12.28 45.02 -35.55
CA LEU A 75 11.16 45.90 -35.26
C LEU A 75 11.62 47.15 -34.53
N ASP A 76 11.21 48.31 -35.04
CA ASP A 76 11.56 49.58 -34.42
C ASP A 76 10.96 49.76 -33.04
N VAL A 77 9.88 49.04 -32.72
CA VAL A 77 9.20 49.17 -31.44
C VAL A 77 10.11 48.70 -30.31
N PRO A 78 9.94 49.20 -29.08
CA PRO A 78 10.82 48.76 -27.98
C PRO A 78 10.62 47.30 -27.64
N PHE A 79 11.69 46.71 -27.09
CA PHE A 79 11.69 45.32 -26.67
C PHE A 79 12.19 45.21 -25.24
N THR A 80 11.66 44.23 -24.51
CA THR A 80 12.03 43.97 -23.14
C THR A 80 12.20 42.47 -22.96
N MET A 81 13.13 42.09 -22.08
CA MET A 81 13.44 40.69 -21.80
C MET A 81 13.04 40.43 -20.35
N ALA A 82 11.81 39.94 -20.18
CA ALA A 82 11.27 39.65 -18.87
C ALA A 82 11.48 38.18 -18.50
N ASP A 83 11.21 37.87 -17.24
CA ASP A 83 11.38 36.52 -16.71
C ASP A 83 10.37 36.31 -15.59
N ALA A 84 9.97 35.06 -15.41
CA ALA A 84 9.01 34.69 -14.38
C ALA A 84 9.67 34.40 -13.03
N THR A 85 10.97 34.63 -12.91
CA THR A 85 11.66 34.38 -11.65
C THR A 85 11.15 35.27 -10.54
N THR A 86 10.64 36.46 -10.89
CA THR A 86 10.12 37.42 -9.90
C THR A 86 9.14 36.75 -8.94
N LEU A 87 8.17 36.00 -9.48
CA LEU A 87 7.14 35.31 -8.70
C LEU A 87 6.51 36.24 -7.65
N THR A 88 6.04 37.39 -8.11
CA THR A 88 5.42 38.38 -7.24
C THR A 88 6.40 38.88 -6.19
N ASP A 96 4.40 42.27 -8.25
CA ASP A 96 5.65 42.83 -8.76
C ASP A 96 5.73 42.72 -10.29
N VAL A 97 4.63 42.32 -10.92
CA VAL A 97 4.61 42.18 -12.38
C VAL A 97 4.78 43.53 -13.06
N GLU A 98 4.32 44.62 -12.42
CA GLU A 98 4.41 45.96 -13.00
C GLU A 98 5.82 46.34 -13.41
N ASN A 99 6.84 45.81 -12.70
CA ASN A 99 8.22 46.13 -13.04
C ASN A 99 8.53 45.74 -14.48
N ILE A 100 7.98 44.61 -14.94
CA ILE A 100 8.19 44.17 -16.31
C ILE A 100 7.68 45.24 -17.28
N ILE A 101 6.48 45.77 -17.01
CA ILE A 101 5.91 46.81 -17.86
C ILE A 101 6.79 48.05 -17.81
N GLN A 102 7.28 48.39 -16.62
CA GLN A 102 8.16 49.56 -16.46
C GLN A 102 9.39 49.44 -17.35
N LYS A 103 9.95 48.24 -17.47
CA LYS A 103 11.15 48.07 -18.28
C LYS A 103 10.93 48.47 -19.73
N LEU A 104 9.78 48.10 -20.31
CA LEU A 104 9.51 48.47 -21.69
C LEU A 104 9.42 49.97 -21.85
N LEU A 105 8.74 50.65 -20.92
CA LEU A 105 8.61 52.10 -21.00
C LEU A 105 9.96 52.79 -20.90
N GLN A 106 10.85 52.26 -20.04
CA GLN A 106 12.17 52.86 -19.89
C GLN A 106 12.91 52.89 -21.22
N LYS A 107 12.88 51.76 -21.96
CA LYS A 107 13.48 51.76 -23.29
C LYS A 107 12.75 52.73 -24.19
N SER A 108 11.42 52.71 -24.12
CA SER A 108 10.53 53.57 -24.88
C SER A 108 10.65 55.05 -24.52
N ASP A 109 11.32 55.38 -23.43
CA ASP A 109 11.46 56.77 -22.97
C ASP A 109 10.11 57.39 -22.62
N TYR A 110 9.37 56.71 -21.75
CA TYR A 110 8.10 57.20 -21.21
C TYR A 110 7.08 57.59 -22.27
N ASP A 111 6.94 56.77 -23.31
CA ASP A 111 5.98 56.99 -24.39
C ASP A 111 4.98 55.85 -24.37
N VAL A 112 3.73 56.14 -24.03
CA VAL A 112 2.71 55.11 -23.96
C VAL A 112 2.26 54.67 -25.35
N GLN A 113 2.21 55.61 -26.31
CA GLN A 113 1.78 55.27 -27.67
C GLN A 113 2.69 54.21 -28.28
N LYS A 114 3.98 54.52 -28.41
CA LYS A 114 4.92 53.55 -28.95
C LYS A 114 4.92 52.27 -28.13
N ALA A 115 4.84 52.41 -26.80
CA ALA A 115 4.80 51.25 -25.91
C ALA A 115 3.65 50.33 -26.26
N GLN A 116 2.52 50.90 -26.67
CA GLN A 116 1.36 50.10 -27.04
C GLN A 116 1.68 49.16 -28.20
N ARG A 117 2.47 49.63 -29.15
CA ARG A 117 2.86 48.84 -30.31
C ARG A 117 4.05 47.91 -30.05
N GLY A 118 4.54 47.85 -28.81
CA GLY A 118 5.68 47.02 -28.48
C GLY A 118 5.28 45.66 -27.93
N ILE A 119 5.93 44.62 -28.43
CA ILE A 119 5.67 43.24 -28.04
C ILE A 119 6.79 42.77 -27.11
N VAL A 120 6.39 42.12 -26.01
CA VAL A 120 7.32 41.59 -25.02
C VAL A 120 7.30 40.08 -25.10
N TYR A 121 8.43 39.46 -24.74
CA TYR A 121 8.59 38.01 -24.76
C TYR A 121 8.99 37.53 -23.38
N ILE A 122 8.23 36.55 -22.86
CA ILE A 122 8.47 35.98 -21.54
C ILE A 122 9.19 34.65 -21.72
N ASP A 123 10.22 34.43 -20.92
CA ASP A 123 11.01 33.20 -20.94
C ASP A 123 10.77 32.40 -19.67
N GLN A 124 10.99 31.09 -19.78
CA GLN A 124 10.84 30.17 -18.64
C GLN A 124 9.43 30.22 -18.07
N ILE A 125 8.43 30.25 -18.95
CA ILE A 125 7.04 30.31 -18.48
C ILE A 125 6.68 29.03 -17.73
N ASP A 126 7.35 27.91 -18.03
CA ASP A 126 7.05 26.66 -17.33
C ASP A 126 7.46 26.70 -15.87
N LYS A 127 8.35 27.62 -15.48
CA LYS A 127 8.77 27.72 -14.09
C LYS A 127 7.63 28.07 -13.14
N ILE A 128 6.57 28.68 -13.65
CA ILE A 128 5.42 29.09 -12.83
C ILE A 128 4.24 28.14 -13.03
N SER A 129 4.49 26.91 -13.48
CA SER A 129 3.41 25.96 -13.68
C SER A 129 2.82 25.55 -12.33
N ARG A 130 1.75 24.75 -12.39
CA ARG A 130 1.05 24.31 -11.18
C ARG A 130 1.82 23.18 -10.52
N LYS A 131 2.94 23.56 -9.88
CA LYS A 131 3.80 22.64 -9.14
C LYS A 131 4.04 23.23 -7.76
N SER A 132 3.16 22.91 -6.82
CA SER A 132 3.28 23.41 -5.45
C SER A 132 2.60 22.46 -4.46
N GLY A 145 0.59 30.92 -7.44
CA GLY A 145 -0.50 31.18 -8.37
C GLY A 145 -0.34 32.48 -9.11
N VAL A 146 0.89 32.79 -9.51
CA VAL A 146 1.17 34.03 -10.23
C VAL A 146 0.44 34.05 -11.57
N GLN A 147 0.19 32.87 -12.15
CA GLN A 147 -0.53 32.79 -13.43
C GLN A 147 -1.86 33.54 -13.36
N GLN A 148 -2.53 33.46 -12.21
CA GLN A 148 -3.80 34.16 -12.05
C GLN A 148 -3.63 35.67 -12.15
N ALA A 149 -2.45 36.18 -11.81
CA ALA A 149 -2.21 37.61 -11.89
C ALA A 149 -2.05 38.06 -13.34
N LEU A 150 -1.38 37.24 -14.15
CA LEU A 150 -1.20 37.60 -15.55
C LEU A 150 -2.50 37.51 -16.33
N LEU A 151 -3.51 36.80 -15.81
CA LEU A 151 -4.79 36.73 -16.52
C LEU A 151 -5.39 38.12 -16.65
N LYS A 152 -5.34 38.91 -15.58
CA LYS A 152 -5.84 40.28 -15.63
C LYS A 152 -4.96 41.16 -16.50
N LEU A 153 -3.71 40.76 -16.74
CA LEU A 153 -2.78 41.53 -17.55
C LEU A 153 -3.01 41.30 -19.04
N ILE A 154 -3.14 40.03 -19.45
CA ILE A 154 -3.34 39.73 -20.86
C ILE A 154 -4.71 40.20 -21.31
N GLU A 155 -5.72 40.06 -20.46
CA GLU A 155 -7.06 40.50 -20.82
C GLU A 155 -7.20 42.02 -20.84
N GLY A 156 -6.19 42.76 -20.38
CA GLY A 156 -6.24 44.21 -20.36
C GLY A 156 -6.54 44.84 -19.01
N THR A 157 -5.57 45.57 -18.48
CA THR A 157 -5.72 46.26 -17.21
C THR A 157 -4.62 47.31 -17.11
N VAL A 158 -4.71 48.14 -16.08
CA VAL A 158 -3.75 49.21 -15.82
C VAL A 158 -2.99 48.88 -14.55
N ALA A 159 -1.67 49.07 -14.59
CA ALA A 159 -0.78 48.81 -13.47
C ALA A 159 -0.04 50.08 -13.09
N ALA A 160 0.08 50.32 -11.79
CA ALA A 160 0.79 51.49 -11.30
C ALA A 160 2.28 51.36 -11.59
N VAL A 161 2.88 52.43 -12.12
CA VAL A 161 4.30 52.47 -12.44
C VAL A 161 4.89 53.80 -11.98
N PRO A 162 5.77 53.84 -10.98
CA PRO A 162 6.36 55.13 -10.58
C PRO A 162 7.26 55.66 -11.67
N PRO A 163 6.96 56.82 -12.27
CA PRO A 163 7.83 57.33 -13.34
C PRO A 163 9.14 57.85 -12.78
N GLN A 164 10.25 57.32 -13.29
CA GLN A 164 11.62 57.67 -12.93
C GLN A 164 12.02 57.18 -11.53
N GLY A 165 11.13 56.53 -10.78
CA GLY A 165 11.43 56.06 -9.45
C GLY A 165 11.16 57.07 -8.36
N GLY A 166 11.09 58.35 -8.69
CA GLY A 166 10.85 59.40 -7.72
C GLY A 166 12.11 59.86 -7.03
N ARG A 167 12.23 61.16 -6.80
CA ARG A 167 13.42 61.69 -6.14
C ARG A 167 13.42 61.35 -4.65
N LYS A 168 12.26 61.44 -4.00
CA LYS A 168 12.10 61.16 -2.59
C LYS A 168 10.64 60.80 -2.36
N HIS A 169 10.23 60.72 -1.10
CA HIS A 169 8.85 60.38 -0.76
C HIS A 169 7.92 61.57 -1.03
N GLN A 172 4.67 61.32 -5.00
CA GLN A 172 4.24 59.93 -4.90
C GLN A 172 3.05 59.66 -5.82
N GLU A 173 3.34 59.56 -7.11
CA GLU A 173 2.33 59.30 -8.13
C GLU A 173 2.80 58.14 -9.00
N PHE A 174 1.86 57.58 -9.76
CA PHE A 174 2.13 56.47 -10.66
C PHE A 174 1.38 56.68 -11.96
N LEU A 175 1.95 56.16 -13.05
CA LEU A 175 1.36 56.27 -14.38
C LEU A 175 0.62 54.99 -14.74
N GLN A 176 -0.57 55.16 -15.32
CA GLN A 176 -1.41 54.05 -15.76
C GLN A 176 -1.17 53.81 -17.24
N VAL A 177 -0.68 52.62 -17.57
CA VAL A 177 -0.38 52.22 -18.94
C VAL A 177 -1.24 51.02 -19.30
N ASP A 178 -2.14 51.20 -20.27
CA ASP A 178 -3.03 50.13 -20.71
C ASP A 178 -2.23 48.89 -21.14
N THR A 179 -2.90 47.74 -21.08
CA THR A 179 -2.30 46.46 -21.45
C THR A 179 -3.18 45.58 -22.31
N SER A 180 -4.39 45.99 -22.66
CA SER A 180 -5.29 45.14 -23.42
C SER A 180 -4.79 44.91 -24.84
N LYS A 181 -4.28 45.94 -25.50
CA LYS A 181 -3.84 45.83 -26.88
C LYS A 181 -2.39 45.37 -27.04
N ILE A 182 -1.56 45.44 -25.99
CA ILE A 182 -0.17 44.99 -26.14
C ILE A 182 -0.14 43.48 -26.31
N LEU A 183 0.72 43.02 -27.22
CA LEU A 183 0.91 41.60 -27.46
C LEU A 183 1.92 41.05 -26.45
N PHE A 184 1.76 39.76 -26.13
CA PHE A 184 2.64 39.07 -25.19
C PHE A 184 3.00 37.71 -25.77
N ILE A 185 4.28 37.38 -25.70
CA ILE A 185 4.81 36.12 -26.20
C ILE A 185 5.29 35.33 -24.99
N CYS A 186 4.50 34.36 -24.55
CA CYS A 186 4.80 33.54 -23.39
C CYS A 186 5.32 32.18 -23.85
N GLY A 187 6.57 31.89 -23.54
CA GLY A 187 7.17 30.62 -23.91
C GLY A 187 8.24 30.22 -22.92
N GLY A 188 8.36 28.92 -22.71
CA GLY A 188 9.34 28.38 -21.79
C GLY A 188 9.60 26.93 -22.13
N ALA A 189 10.81 26.48 -21.81
CA ALA A 189 11.19 25.10 -22.09
C ALA A 189 10.47 24.16 -21.14
N PHE A 190 9.56 23.36 -21.69
CA PHE A 190 8.78 22.42 -20.91
C PHE A 190 9.51 21.08 -20.80
N ALA A 191 9.50 20.51 -19.60
CA ALA A 191 10.15 19.24 -19.32
C ALA A 191 9.09 18.16 -19.14
N GLY A 192 9.29 17.02 -19.79
CA GLY A 192 8.35 15.91 -19.68
C GLY A 192 7.11 16.05 -20.52
N LEU A 193 7.02 17.08 -21.36
CA LEU A 193 5.82 17.25 -22.18
C LEU A 193 5.66 16.15 -23.22
N ASP A 194 6.77 15.59 -23.71
CA ASP A 194 6.68 14.53 -24.70
C ASP A 194 5.99 13.28 -24.13
N LYS A 195 6.23 13.00 -22.85
CA LYS A 195 5.63 11.81 -22.23
C LYS A 195 4.12 11.96 -22.12
N VAL A 196 3.63 13.16 -21.84
CA VAL A 196 2.20 13.36 -21.71
C VAL A 196 1.52 13.17 -23.06
N ILE A 197 2.14 13.68 -24.12
CA ILE A 197 1.56 13.54 -25.45
C ILE A 197 1.61 12.09 -25.91
N SER A 198 2.63 11.34 -25.47
CA SER A 198 2.76 9.95 -25.88
C SER A 198 1.58 9.11 -25.41
N HIS A 199 1.12 9.35 -24.17
CA HIS A 199 0.00 8.60 -23.63
C HIS A 199 -1.25 8.79 -24.47
N ARG A 200 -1.52 10.02 -24.88
CA ARG A 200 -2.72 10.31 -25.67
C ARG A 200 -2.60 9.79 -27.10
N VAL A 201 -1.47 10.06 -27.75
CA VAL A 201 -1.30 9.70 -29.15
C VAL A 201 -1.02 8.22 -29.41
N GLU A 202 -0.61 7.44 -28.39
CA GLU A 202 -0.34 6.02 -28.63
C GLU A 202 -1.61 5.30 -29.06
N THR A 203 -2.75 5.65 -28.47
CA THR A 203 -4.05 5.07 -28.78
C THR A 203 -4.04 3.55 -28.73
N GLY A 204 -3.43 2.99 -27.70
CA GLY A 204 -3.40 1.56 -27.49
C GLY A 204 -2.25 0.86 -28.18
N SER A 205 -1.97 -0.35 -27.70
CA SER A 205 -0.94 -1.24 -28.22
C SER A 205 -1.54 -2.62 -28.40
N GLY A 206 -1.26 -3.25 -29.54
CA GLY A 206 -1.79 -4.55 -29.84
C GLY A 206 -0.80 -5.66 -29.53
N ILE A 207 -1.35 -6.88 -29.39
CA ILE A 207 -0.56 -8.05 -29.04
C ILE A 207 -0.63 -9.15 -30.09
N GLY A 208 -1.68 -9.23 -30.90
CA GLY A 208 -1.82 -10.31 -31.85
C GLY A 208 -0.97 -10.15 -33.10
N PHE A 209 -1.17 -11.10 -34.01
CA PHE A 209 -0.43 -11.12 -35.27
C PHE A 209 -0.76 -9.91 -36.14
N GLY A 210 -2.05 -9.67 -36.38
CA GLY A 210 -2.43 -8.59 -37.26
C GLY A 210 -2.10 -7.21 -36.72
N ALA A 211 -2.18 -7.02 -35.42
CA ALA A 211 -1.88 -5.72 -34.85
C ALA A 211 -0.39 -5.42 -35.02
N THR A 212 -0.09 -4.16 -35.29
CA THR A 212 1.28 -3.71 -35.48
C THR A 212 1.90 -3.33 -34.14
N VAL A 213 3.19 -3.64 -34.00
CA VAL A 213 3.95 -3.34 -32.79
C VAL A 213 4.94 -2.23 -33.11
N LYS A 214 4.93 -1.19 -32.30
CA LYS A 214 5.85 -0.07 -32.50
C LYS A 214 7.27 -0.49 -32.14
N ALA A 215 8.23 0.12 -32.82
CA ALA A 215 9.64 -0.14 -32.59
C ALA A 215 10.10 0.76 -31.45
N LYS A 216 11.42 0.82 -31.21
CA LYS A 216 11.96 1.66 -30.14
C LYS A 216 11.50 3.10 -30.30
N SER A 217 11.64 3.65 -31.50
CA SER A 217 11.23 5.03 -31.74
C SER A 217 10.92 5.21 -33.21
N ASP A 218 9.64 5.33 -33.54
CA ASP A 218 9.16 5.59 -34.90
C ASP A 218 8.48 6.93 -34.99
N LYS A 219 7.53 7.20 -34.10
CA LYS A 219 6.83 8.46 -34.01
C LYS A 219 7.02 9.12 -32.64
N ALA A 220 7.86 8.56 -31.77
CA ALA A 220 8.11 9.10 -30.44
C ALA A 220 9.18 10.18 -30.44
N SER A 221 9.72 10.55 -31.61
CA SER A 221 10.73 11.59 -31.67
C SER A 221 10.10 12.94 -31.43
N GLU A 222 10.93 13.93 -31.09
CA GLU A 222 10.43 15.27 -30.86
C GLU A 222 9.78 15.81 -32.12
N GLY A 223 10.36 15.51 -33.28
CA GLY A 223 9.77 15.90 -34.54
C GLY A 223 8.54 15.05 -34.82
N GLU A 224 7.49 15.70 -35.32
CA GLU A 224 6.21 15.10 -35.65
C GLU A 224 5.39 14.75 -34.41
N LEU A 225 5.78 15.28 -33.24
CA LEU A 225 5.07 15.05 -31.99
C LEU A 225 4.42 16.31 -31.45
N LEU A 226 5.02 17.47 -31.72
CA LEU A 226 4.47 18.75 -31.26
C LEU A 226 3.43 19.31 -32.21
N ALA A 227 3.48 18.92 -33.49
CA ALA A 227 2.50 19.42 -34.45
C ALA A 227 1.08 19.00 -34.08
N GLN A 228 0.93 17.82 -33.51
CA GLN A 228 -0.38 17.30 -33.11
C GLN A 228 -0.76 17.72 -31.69
N VAL A 229 -0.04 18.67 -31.10
CA VAL A 229 -0.36 19.11 -29.75
C VAL A 229 -1.64 19.94 -29.78
N GLU A 230 -2.36 19.95 -28.66
CA GLU A 230 -3.60 20.68 -28.54
C GLU A 230 -3.68 21.36 -27.16
N PRO A 231 -4.63 22.27 -26.95
CA PRO A 231 -4.72 22.93 -25.62
C PRO A 231 -4.96 21.96 -24.48
N GLU A 232 -5.72 20.88 -24.72
CA GLU A 232 -6.02 19.93 -23.66
C GLU A 232 -4.77 19.29 -23.09
N ASP A 233 -3.75 19.06 -23.91
CA ASP A 233 -2.53 18.45 -23.42
C ASP A 233 -1.80 19.36 -22.45
N LEU A 234 -1.84 20.66 -22.67
CA LEU A 234 -1.18 21.59 -21.76
C LEU A 234 -1.85 21.61 -20.39
N ILE A 235 -3.15 21.32 -20.32
CA ILE A 235 -3.85 21.28 -19.05
C ILE A 235 -3.27 20.16 -18.19
N LYS A 236 -2.94 19.04 -18.81
CA LYS A 236 -2.34 17.93 -18.08
C LYS A 236 -1.01 18.32 -17.47
N PHE A 237 -0.31 19.27 -18.08
CA PHE A 237 0.99 19.69 -17.56
C PHE A 237 0.84 20.55 -16.31
N GLY A 238 -0.26 21.30 -16.19
CA GLY A 238 -0.48 22.14 -15.03
C GLY A 238 -1.06 23.50 -15.37
N LEU A 239 -1.03 23.88 -16.65
CA LEU A 239 -1.52 25.17 -17.06
C LEU A 239 -3.03 25.30 -16.87
N ILE A 240 -3.45 26.51 -16.54
CA ILE A 240 -4.85 26.84 -16.29
C ILE A 240 -5.52 27.09 -17.64
N PRO A 241 -6.77 26.68 -17.86
CA PRO A 241 -7.38 26.93 -19.19
C PRO A 241 -7.55 28.40 -19.49
N GLU A 242 -7.79 29.25 -18.48
CA GLU A 242 -7.93 30.67 -18.72
C GLU A 242 -6.66 31.23 -19.36
N PHE A 243 -5.50 30.80 -18.88
CA PHE A 243 -4.24 31.25 -19.46
C PHE A 243 -4.09 30.72 -20.87
N ILE A 244 -4.48 29.47 -21.10
CA ILE A 244 -4.35 28.88 -22.42
C ILE A 244 -5.38 29.46 -23.38
N GLY A 245 -6.55 29.82 -22.87
CA GLY A 245 -7.57 30.41 -23.74
C GLY A 245 -7.10 31.71 -24.35
N ARG A 246 -6.28 32.48 -23.63
CA ARG A 246 -5.76 33.73 -24.16
C ARG A 246 -4.69 33.51 -25.22
N LEU A 247 -4.10 32.31 -25.29
CA LEU A 247 -3.07 31.96 -26.27
C LEU A 247 -3.53 30.77 -27.10
N PRO A 248 -4.50 30.96 -28.00
CA PRO A 248 -4.95 29.82 -28.82
C PRO A 248 -3.90 29.37 -29.81
N VAL A 249 -3.20 30.31 -30.44
CA VAL A 249 -2.21 29.98 -31.46
C VAL A 249 -0.96 29.44 -30.80
N VAL A 250 -0.34 28.45 -31.46
CA VAL A 250 0.88 27.82 -30.97
C VAL A 250 1.72 27.42 -32.17
N ALA A 251 3.03 27.55 -32.04
CA ALA A 251 3.98 27.21 -33.09
C ALA A 251 5.00 26.22 -32.56
N THR A 252 5.26 25.16 -33.32
CA THR A 252 6.23 24.16 -32.92
C THR A 252 7.61 24.60 -33.39
N LEU A 253 8.62 24.25 -32.60
CA LEU A 253 10.00 24.59 -32.89
C LEU A 253 10.84 23.32 -32.93
N ASN A 254 11.48 23.08 -34.07
CA ASN A 254 12.37 21.94 -34.20
C ASN A 254 13.54 22.13 -33.24
N GLU A 255 14.14 21.02 -32.79
CA GLU A 255 15.23 21.15 -31.83
C GLU A 255 16.51 21.60 -32.53
N LEU A 256 17.01 20.81 -33.47
CA LEU A 256 18.23 21.08 -34.22
C LEU A 256 18.34 20.02 -35.30
N SER A 257 19.38 20.13 -36.12
CA SER A 257 19.65 19.18 -37.18
C SER A 257 21.14 19.27 -37.50
N GLU A 258 21.64 18.23 -38.17
CA GLU A 258 23.06 18.19 -38.52
C GLU A 258 23.44 19.38 -39.38
N GLU A 259 22.56 19.77 -40.30
CA GLU A 259 22.84 20.91 -41.17
C GLU A 259 22.93 22.20 -40.37
N ALA A 260 22.05 22.37 -39.38
CA ALA A 260 22.06 23.59 -38.58
C ALA A 260 23.38 23.73 -37.82
N LEU A 261 23.82 22.67 -37.15
CA LEU A 261 25.07 22.74 -36.40
C LEU A 261 26.24 23.02 -37.33
N ILE A 262 26.20 22.48 -38.54
CA ILE A 262 27.26 22.73 -39.51
C ILE A 262 27.31 24.22 -39.86
N GLN A 263 26.14 24.80 -40.09
CA GLN A 263 26.05 26.21 -40.46
C GLN A 263 26.29 27.14 -39.29
N ILE A 264 25.88 26.75 -38.07
CA ILE A 264 26.05 27.63 -36.92
C ILE A 264 27.52 27.82 -36.59
N LEU A 265 28.36 26.85 -36.90
CA LEU A 265 29.78 26.97 -36.64
C LEU A 265 30.53 27.73 -37.73
N LYS A 266 29.92 27.93 -38.89
CA LYS A 266 30.55 28.59 -40.03
C LYS A 266 29.91 29.90 -40.42
N GLU A 267 28.58 29.94 -40.59
CA GLU A 267 27.94 31.17 -41.05
C GLU A 267 27.93 32.28 -40.00
N PRO A 268 27.52 32.05 -38.75
CA PRO A 268 27.55 33.14 -37.76
C PRO A 268 28.95 33.70 -37.56
N LYS A 269 29.00 35.00 -37.26
CA LYS A 269 30.28 35.67 -37.03
C LYS A 269 30.87 35.35 -35.67
N ASN A 270 30.03 35.14 -34.66
CA ASN A 270 30.47 34.85 -33.30
C ASN A 270 30.58 33.36 -33.02
N ALA A 271 30.74 32.53 -34.05
CA ALA A 271 30.86 31.10 -33.82
C ALA A 271 32.15 30.79 -33.06
N LEU A 272 32.13 29.68 -32.32
CA LEU A 272 33.31 29.30 -31.53
C LEU A 272 34.53 29.07 -32.41
N THR A 273 34.33 28.54 -33.63
CA THR A 273 35.44 28.30 -34.53
C THR A 273 36.17 29.60 -34.84
N LYS A 274 35.42 30.67 -35.10
CA LYS A 274 36.04 31.96 -35.38
C LYS A 274 36.60 32.59 -34.11
N GLN A 275 35.99 32.30 -32.96
CA GLN A 275 36.48 32.87 -31.71
C GLN A 275 37.84 32.28 -31.34
N TYR A 276 37.95 30.95 -31.32
CA TYR A 276 39.23 30.34 -31.00
C TYR A 276 40.26 30.66 -32.06
N GLN A 277 39.82 30.79 -33.31
CA GLN A 277 40.75 31.17 -34.38
C GLN A 277 41.37 32.52 -34.07
N ALA A 278 40.58 33.43 -33.50
CA ALA A 278 41.06 34.74 -33.13
C ALA A 278 41.93 34.69 -31.89
N LEU A 279 41.68 33.70 -31.02
CA LEU A 279 42.47 33.56 -29.80
C LEU A 279 43.93 33.27 -30.13
N PHE A 280 44.16 32.50 -31.20
CA PHE A 280 45.51 32.17 -31.63
C PHE A 280 46.09 33.19 -32.60
N ASN A 281 45.26 34.04 -33.20
CA ASN A 281 45.78 35.05 -34.12
C ASN A 281 46.76 35.97 -33.42
N LEU A 282 46.44 36.37 -32.18
CA LEU A 282 47.34 37.22 -31.43
C LEU A 282 48.63 36.47 -31.09
N GLU A 283 48.55 35.15 -30.98
CA GLU A 283 49.71 34.31 -30.72
C GLU A 283 50.49 33.98 -31.98
N GLY A 284 50.08 34.50 -33.13
CA GLY A 284 50.77 34.23 -34.37
C GLY A 284 50.59 32.82 -34.88
N VAL A 285 49.46 32.18 -34.56
CA VAL A 285 49.16 30.83 -35.00
C VAL A 285 47.74 30.80 -35.55
N ASP A 286 47.56 30.08 -36.65
CA ASP A 286 46.27 29.91 -37.30
C ASP A 286 45.67 28.57 -36.94
N LEU A 287 44.36 28.44 -37.18
CA LEU A 287 43.62 27.22 -36.91
C LEU A 287 42.71 26.93 -38.08
N GLU A 288 42.46 25.64 -38.32
CA GLU A 288 41.61 25.19 -39.41
C GLU A 288 40.65 24.12 -38.92
N PHE A 289 39.44 24.13 -39.48
CA PHE A 289 38.40 23.15 -39.16
C PHE A 289 37.76 22.72 -40.47
N ARG A 290 38.06 21.51 -40.90
CA ARG A 290 37.49 21.00 -42.15
C ARG A 290 36.07 20.50 -41.92
N ASP A 291 35.32 20.43 -43.03
CA ASP A 291 33.94 19.97 -42.96
C ASP A 291 33.87 18.52 -42.53
N GLU A 292 34.92 17.73 -42.81
CA GLU A 292 34.94 16.33 -42.41
C GLU A 292 34.95 16.19 -40.90
N ALA A 293 35.43 17.21 -40.18
CA ALA A 293 35.45 17.20 -38.73
C ALA A 293 34.14 17.69 -38.12
N LEU A 294 33.45 18.62 -38.77
CA LEU A 294 32.22 19.19 -38.20
C LEU A 294 31.04 18.23 -38.25
N ASP A 295 30.95 17.37 -39.27
CA ASP A 295 29.81 16.45 -39.34
C ASP A 295 29.86 15.48 -38.17
N ALA A 296 31.06 15.06 -37.78
CA ALA A 296 31.19 14.18 -36.63
C ALA A 296 30.83 14.90 -35.35
N ILE A 297 31.14 16.20 -35.28
CA ILE A 297 30.80 16.99 -34.10
C ILE A 297 29.29 17.07 -33.94
N ALA A 298 28.56 17.11 -35.06
CA ALA A 298 27.11 17.18 -34.98
C ALA A 298 26.53 15.93 -34.33
N LYS A 299 27.06 14.75 -34.70
CA LYS A 299 26.58 13.52 -34.11
C LYS A 299 26.84 13.48 -32.61
N LYS A 300 27.93 14.12 -32.17
CA LYS A 300 28.26 14.15 -30.76
C LYS A 300 27.36 15.12 -29.98
N ALA A 301 26.96 16.22 -30.62
CA ALA A 301 26.12 17.19 -29.92
C ALA A 301 24.72 16.64 -29.67
N MET A 302 24.12 15.98 -30.66
CA MET A 302 22.79 15.43 -30.48
C MET A 302 22.78 14.35 -29.41
N ALA A 303 23.88 13.60 -29.26
CA ALA A 303 23.93 12.55 -28.25
C ALA A 303 23.86 13.11 -26.85
N ARG A 304 24.33 14.34 -26.64
CA ARG A 304 24.28 14.96 -25.32
C ARG A 304 22.94 15.61 -25.02
N LYS A 305 22.10 15.82 -26.03
CA LYS A 305 20.79 16.46 -25.90
C LYS A 305 20.89 17.73 -25.07
N THR A 306 21.72 18.65 -25.55
CA THR A 306 21.94 19.94 -24.90
C THR A 306 21.93 21.11 -25.88
N GLY A 307 21.77 20.86 -27.18
CA GLY A 307 21.74 21.90 -28.16
C GLY A 307 23.09 22.55 -28.40
N ALA A 308 23.02 23.78 -28.91
CA ALA A 308 24.24 24.54 -29.18
C ALA A 308 24.98 24.92 -27.92
N ARG A 309 24.26 25.11 -26.81
CA ARG A 309 24.91 25.50 -25.56
C ARG A 309 25.86 24.42 -25.04
N GLY A 310 25.60 23.16 -25.38
CA GLY A 310 26.44 22.06 -24.97
C GLY A 310 27.56 21.76 -25.95
N LEU A 311 27.82 22.65 -26.90
CA LEU A 311 28.84 22.43 -27.90
C LEU A 311 30.24 22.70 -27.39
N ARG A 312 30.39 23.61 -26.43
CA ARG A 312 31.72 23.96 -25.94
C ARG A 312 32.45 22.77 -25.30
N SER A 313 31.71 21.85 -24.70
CA SER A 313 32.37 20.71 -24.05
C SER A 313 33.12 19.84 -25.06
N ILE A 314 32.58 19.71 -26.27
CA ILE A 314 33.22 18.87 -27.28
C ILE A 314 34.48 19.55 -27.82
N VAL A 315 34.36 20.82 -28.23
CA VAL A 315 35.48 21.54 -28.81
C VAL A 315 36.59 21.72 -27.78
N GLU A 316 36.23 22.13 -26.56
CA GLU A 316 37.24 22.38 -25.55
C GLU A 316 37.96 21.12 -25.12
N ALA A 317 37.28 19.97 -25.13
CA ALA A 317 37.91 18.72 -24.71
C ALA A 317 39.08 18.36 -25.63
N ALA A 318 38.89 18.47 -26.94
CA ALA A 318 39.96 18.15 -27.88
C ALA A 318 41.09 19.17 -27.77
N LEU A 319 40.74 20.45 -27.68
CA LEU A 319 41.74 21.51 -27.62
C LEU A 319 42.56 21.47 -26.34
N LEU A 320 41.97 20.98 -25.24
CA LEU A 320 42.63 20.91 -23.94
C LEU A 320 44.06 20.39 -24.02
N ASP A 321 44.24 19.19 -24.58
CA ASP A 321 45.59 18.64 -24.71
C ASP A 321 46.46 19.51 -25.59
N THR A 322 45.87 20.11 -26.63
CA THR A 322 46.62 20.97 -27.54
C THR A 322 47.04 22.27 -26.86
N MET A 323 46.06 23.01 -26.36
CA MET A 323 46.32 24.30 -25.71
C MET A 323 47.21 24.16 -24.48
N TYR A 324 47.24 22.98 -23.85
CA TYR A 324 48.06 22.81 -22.65
C TYR A 324 49.54 22.93 -22.97
N ASP A 325 50.01 22.20 -23.98
CA ASP A 325 51.41 22.19 -24.37
C ASP A 325 51.71 23.08 -25.58
N LEU A 326 50.81 23.99 -25.91
CA LEU A 326 51.04 24.87 -27.05
C LEU A 326 52.07 25.96 -26.75
N PRO A 327 52.05 26.62 -25.58
CA PRO A 327 53.09 27.63 -25.32
C PRO A 327 54.50 27.08 -25.40
N SER A 328 54.74 25.93 -24.77
CA SER A 328 56.07 25.32 -24.81
C SER A 328 56.48 25.03 -26.25
N MET A 329 55.53 24.59 -27.08
CA MET A 329 55.83 24.31 -28.47
C MET A 329 56.28 25.59 -29.18
N GLU A 330 57.26 25.44 -30.06
CA GLU A 330 57.81 26.55 -30.83
C GLU A 330 57.92 26.14 -32.28
N ASP A 331 57.89 27.14 -33.16
CA ASP A 331 58.00 26.98 -34.61
C ASP A 331 56.72 26.43 -35.22
N VAL A 332 55.62 26.40 -34.47
CA VAL A 332 54.33 25.88 -34.95
C VAL A 332 53.60 27.07 -35.55
N GLU A 333 53.82 27.31 -36.84
CA GLU A 333 53.20 28.44 -37.50
C GLU A 333 51.70 28.27 -37.64
N LYS A 334 51.24 27.07 -38.03
CA LYS A 334 49.82 26.79 -38.20
C LYS A 334 49.50 25.40 -37.68
N VAL A 335 48.27 25.25 -37.18
CA VAL A 335 47.76 23.99 -36.67
C VAL A 335 46.52 23.61 -37.47
N VAL A 336 46.47 22.34 -37.91
CA VAL A 336 45.36 21.81 -38.69
C VAL A 336 44.66 20.75 -37.86
N ILE A 337 43.33 20.78 -37.86
CA ILE A 337 42.51 19.84 -37.10
C ILE A 337 41.87 18.87 -38.09
N ASP A 338 42.24 17.60 -37.97
CA ASP A 338 41.69 16.54 -38.81
C ASP A 338 40.47 15.92 -38.13
N GLU A 339 39.72 15.14 -38.91
CA GLU A 339 38.54 14.48 -38.37
C GLU A 339 38.89 13.55 -37.22
N SER A 340 40.07 12.91 -37.30
CA SER A 340 40.50 12.02 -36.23
C SER A 340 40.67 12.75 -34.91
N VAL A 341 41.01 14.03 -34.95
CA VAL A 341 41.23 14.81 -33.73
C VAL A 341 39.98 14.81 -32.86
N ILE A 342 38.81 14.94 -33.48
CA ILE A 342 37.57 14.94 -32.71
C ILE A 342 37.38 13.58 -32.04
N ASP A 343 37.78 12.51 -32.72
CA ASP A 343 37.67 11.18 -32.14
C ASP A 343 38.56 11.06 -30.90
N GLY A 344 39.75 11.67 -30.95
CA GLY A 344 40.70 11.64 -29.87
C GLY A 344 41.78 10.59 -30.00
N GLN A 345 41.67 9.71 -31.00
CA GLN A 345 42.68 8.68 -31.19
C GLN A 345 44.00 9.26 -31.69
N SER A 346 43.93 10.21 -32.63
CA SER A 346 45.10 10.83 -33.23
C SER A 346 45.19 12.30 -32.83
N GLU A 347 46.40 12.72 -32.46
CA GLU A 347 46.63 14.10 -32.09
C GLU A 347 46.59 15.00 -33.33
N PRO A 348 46.29 16.29 -33.16
CA PRO A 348 46.25 17.17 -34.33
C PRO A 348 47.65 17.40 -34.90
N LEU A 349 47.69 17.51 -36.23
CA LEU A 349 48.95 17.73 -36.92
C LEU A 349 49.38 19.18 -36.80
N LEU A 350 50.69 19.38 -36.66
CA LEU A 350 51.28 20.70 -36.54
C LEU A 350 51.96 21.08 -37.84
N ILE A 351 51.85 22.34 -38.23
CA ILE A 351 52.46 22.87 -39.45
C ILE A 351 53.58 23.80 -39.04
N TYR A 352 54.77 23.54 -39.54
CA TYR A 352 55.96 24.32 -39.23
C TYR A 352 56.39 25.16 -40.42
N ALA B 2 56.46 37.62 -17.44
CA ALA B 2 55.27 37.19 -18.17
C ALA B 2 54.47 36.19 -17.36
N LEU B 3 53.24 35.95 -17.79
CA LEU B 3 52.38 35.01 -17.10
C LEU B 3 52.95 33.59 -17.20
N PRO B 4 52.75 32.75 -16.19
CA PRO B 4 53.31 31.40 -16.23
C PRO B 4 52.62 30.53 -17.29
N THR B 5 53.35 29.51 -17.72
CA THR B 5 52.91 28.56 -18.72
C THR B 5 52.22 27.36 -18.06
N PRO B 6 51.35 26.64 -18.79
CA PRO B 6 50.70 25.45 -18.21
C PRO B 6 51.64 24.44 -17.58
N HIS B 7 52.84 24.27 -18.12
CA HIS B 7 53.77 23.31 -17.53
C HIS B 7 54.28 23.79 -16.18
N GLU B 8 54.54 25.10 -16.07
CA GLU B 8 55.04 25.65 -14.81
C GLU B 8 53.94 25.66 -13.75
N ILE B 9 52.72 26.07 -14.13
CA ILE B 9 51.63 26.11 -13.17
C ILE B 9 51.23 24.69 -12.76
N ARG B 10 51.28 23.75 -13.71
CA ARG B 10 50.94 22.37 -13.39
C ARG B 10 52.00 21.75 -12.50
N ASN B 11 53.26 22.13 -12.71
CA ASN B 11 54.34 21.62 -11.87
C ASN B 11 54.12 22.02 -10.41
N HIS B 12 53.56 23.21 -10.18
CA HIS B 12 53.30 23.65 -8.81
C HIS B 12 52.21 22.81 -8.16
N LEU B 13 51.16 22.51 -8.91
CA LEU B 13 50.08 21.69 -8.36
C LEU B 13 50.56 20.26 -8.08
N ASP B 14 51.47 19.76 -8.91
CA ASP B 14 52.00 18.42 -8.71
C ASP B 14 52.70 18.30 -7.36
N ASP B 15 53.28 19.41 -6.89
CA ASP B 15 53.95 19.39 -5.59
C ASP B 15 52.97 19.15 -4.46
N TYR B 16 51.74 19.67 -4.59
CA TYR B 16 50.72 19.55 -3.55
C TYR B 16 49.60 18.59 -3.90
N VAL B 17 49.44 18.20 -5.16
CA VAL B 17 48.37 17.31 -5.60
C VAL B 17 48.96 16.18 -6.42
N ILE B 18 48.41 14.98 -6.26
CA ILE B 18 48.86 13.80 -6.97
C ILE B 18 47.66 13.04 -7.54
N GLY B 19 47.85 12.48 -8.73
CA GLY B 19 46.83 11.65 -9.37
C GLY B 19 45.65 12.37 -9.96
N GLN B 20 45.83 13.61 -10.39
CA GLN B 20 44.77 14.42 -10.98
C GLN B 20 45.27 15.09 -12.25
N GLU B 21 45.94 14.30 -13.09
CA GLU B 21 46.53 14.82 -14.32
C GLU B 21 45.48 15.43 -15.23
N GLN B 22 44.34 14.76 -15.40
CA GLN B 22 43.29 15.28 -16.27
C GLN B 22 42.73 16.59 -15.74
N ALA B 23 42.53 16.67 -14.43
CA ALA B 23 41.98 17.89 -13.83
C ALA B 23 42.98 19.04 -13.87
N LYS B 24 44.25 18.74 -13.60
CA LYS B 24 45.28 19.77 -13.57
C LYS B 24 45.37 20.51 -14.89
N LYS B 25 45.32 19.79 -16.01
CA LYS B 25 45.40 20.44 -17.32
C LYS B 25 44.24 21.38 -17.54
N VAL B 26 43.03 20.96 -17.16
CA VAL B 26 41.85 21.79 -17.36
C VAL B 26 41.96 23.09 -16.58
N LEU B 27 42.36 23.00 -15.31
CA LEU B 27 42.47 24.20 -14.49
C LEU B 27 43.57 25.12 -15.00
N ALA B 28 44.72 24.56 -15.39
CA ALA B 28 45.81 25.37 -15.91
C ALA B 28 45.38 26.14 -17.15
N VAL B 29 44.64 25.48 -18.05
CA VAL B 29 44.20 26.12 -19.28
C VAL B 29 43.24 27.26 -18.97
N ALA B 30 42.30 27.02 -18.05
CA ALA B 30 41.35 28.08 -17.68
C ALA B 30 42.07 29.27 -17.09
N VAL B 31 43.02 29.00 -16.19
CA VAL B 31 43.82 30.06 -15.59
C VAL B 31 44.61 30.79 -16.66
N TYR B 32 45.22 30.04 -17.57
CA TYR B 32 46.00 30.66 -18.64
C TYR B 32 45.09 31.47 -19.55
N ASN B 33 43.91 30.95 -19.85
CA ASN B 33 42.96 31.66 -20.68
C ASN B 33 42.47 32.92 -19.98
N HIS B 34 42.17 32.82 -18.69
CA HIS B 34 41.68 33.99 -17.95
C HIS B 34 42.71 35.10 -17.91
N TYR B 35 43.97 34.75 -17.63
CA TYR B 35 45.01 35.76 -17.64
C TYR B 35 45.18 36.32 -19.05
N LYS B 36 45.17 35.45 -20.04
CA LYS B 36 45.30 35.85 -21.44
C LYS B 36 44.12 36.69 -21.91
N ARG B 37 42.91 36.32 -21.48
CA ARG B 37 41.71 37.04 -21.92
C ARG B 37 41.71 38.50 -21.46
N LEU B 38 41.90 38.71 -20.16
CA LEU B 38 41.86 40.06 -19.62
C LEU B 38 43.10 40.88 -19.93
N ARG B 39 44.29 40.26 -19.95
CA ARG B 39 45.51 41.01 -20.25
C ARG B 39 45.40 41.74 -21.57
N ASN B 40 44.80 41.12 -22.57
CA ASN B 40 44.60 41.75 -23.86
C ASN B 40 43.39 42.69 -23.79
N GLY B 41 43.51 43.82 -24.49
CA GLY B 41 42.43 44.79 -24.55
C GLY B 41 41.07 44.20 -24.93
N ASP B 42 41.07 43.08 -25.67
CA ASP B 42 39.92 42.36 -26.18
C ASP B 42 39.33 43.04 -27.41
N THR B 43 39.88 44.18 -27.85
CA THR B 43 39.41 44.84 -29.07
C THR B 43 40.28 44.34 -30.23
N SER B 44 40.02 43.09 -30.59
CA SER B 44 40.75 42.38 -31.64
C SER B 44 39.77 41.78 -32.63
N ASN B 45 40.28 40.94 -33.55
CA ASN B 45 39.41 40.28 -34.52
C ASN B 45 38.28 39.53 -33.82
N GLY B 46 38.63 38.81 -32.76
CA GLY B 46 37.64 38.12 -31.95
C GLY B 46 37.25 39.07 -30.83
N VAL B 47 35.95 39.25 -30.64
CA VAL B 47 35.42 40.15 -29.62
C VAL B 47 34.40 39.41 -28.77
N GLU B 48 34.17 39.94 -27.57
CA GLU B 48 33.26 39.37 -26.58
C GLU B 48 33.55 37.89 -26.38
N LEU B 49 34.82 37.59 -26.07
CA LEU B 49 35.26 36.22 -25.87
C LEU B 49 34.46 35.53 -24.76
N GLY B 50 34.15 34.26 -25.00
CA GLY B 50 33.42 33.49 -24.02
C GLY B 50 34.27 33.11 -22.83
N LYS B 51 33.59 32.83 -21.72
CA LYS B 51 34.21 32.40 -20.48
C LYS B 51 33.79 30.97 -20.19
N SER B 52 34.77 30.09 -20.07
CA SER B 52 34.49 28.69 -19.78
C SER B 52 34.42 28.52 -18.27
N ASN B 53 33.33 27.95 -17.78
CA ASN B 53 33.11 27.72 -16.37
C ASN B 53 33.31 26.24 -16.10
N ILE B 54 34.09 25.94 -15.08
CA ILE B 54 34.45 24.57 -14.74
C ILE B 54 33.59 24.06 -13.60
N LEU B 55 33.18 22.80 -13.73
CA LEU B 55 32.37 22.09 -12.75
C LEU B 55 33.21 20.92 -12.30
N LEU B 56 33.64 20.93 -11.04
CA LEU B 56 34.50 19.89 -10.49
C LEU B 56 33.69 18.86 -9.73
N ILE B 57 33.61 17.66 -10.30
CA ILE B 57 32.94 16.52 -9.68
C ILE B 57 34.03 15.59 -9.20
N GLY B 58 33.91 15.12 -7.95
CA GLY B 58 34.89 14.21 -7.42
C GLY B 58 34.43 13.47 -6.19
N PRO B 59 34.87 12.22 -5.99
CA PRO B 59 34.51 11.50 -4.77
C PRO B 59 35.03 12.21 -3.53
N THR B 60 34.58 11.71 -2.37
CA THR B 60 34.99 12.27 -1.10
C THR B 60 36.49 12.17 -0.89
N GLY B 61 37.08 13.25 -0.39
CA GLY B 61 38.50 13.28 -0.09
C GLY B 61 39.41 13.09 -1.28
N SER B 62 38.94 13.43 -2.48
CA SER B 62 39.75 13.26 -3.68
C SER B 62 40.71 14.42 -3.92
N GLY B 63 40.55 15.53 -3.23
CA GLY B 63 41.42 16.68 -3.37
C GLY B 63 40.83 17.90 -4.07
N LYS B 64 39.51 18.04 -4.10
CA LYS B 64 38.91 19.18 -4.75
C LYS B 64 39.18 20.47 -4.00
N THR B 65 38.92 20.48 -2.69
CA THR B 65 39.12 21.68 -1.90
C THR B 65 40.59 22.07 -1.84
N LEU B 66 41.49 21.09 -1.92
CA LEU B 66 42.92 21.39 -1.85
C LEU B 66 43.37 22.17 -3.06
N LEU B 67 42.82 21.88 -4.24
CA LEU B 67 43.25 22.56 -5.44
C LEU B 67 42.92 24.05 -5.39
N ALA B 68 41.74 24.39 -4.88
CA ALA B 68 41.36 25.79 -4.81
C ALA B 68 42.26 26.57 -3.86
N GLU B 69 42.66 25.95 -2.75
CA GLU B 69 43.51 26.65 -1.80
C GLU B 69 44.90 26.88 -2.38
N THR B 70 45.51 25.84 -2.96
CA THR B 70 46.83 26.01 -3.57
C THR B 70 46.76 26.91 -4.79
N LEU B 71 45.65 26.85 -5.52
CA LEU B 71 45.51 27.67 -6.71
C LEU B 71 45.52 29.15 -6.36
N ALA B 72 44.85 29.53 -5.27
CA ALA B 72 44.79 30.92 -4.85
C ALA B 72 46.17 31.46 -4.49
N ARG B 73 47.03 30.60 -3.94
CA ARG B 73 48.36 31.05 -3.54
C ARG B 73 49.21 31.47 -4.73
N LEU B 74 49.18 30.68 -5.81
CA LEU B 74 50.02 30.98 -6.97
C LEU B 74 49.52 32.18 -7.75
N LEU B 75 48.20 32.33 -7.87
CA LEU B 75 47.64 33.44 -8.63
C LEU B 75 47.65 34.73 -7.82
N ASP B 76 47.85 35.84 -8.53
CA ASP B 76 47.89 37.17 -7.94
C ASP B 76 46.50 37.80 -7.81
N VAL B 77 45.62 37.60 -8.78
CA VAL B 77 44.29 38.18 -8.82
C VAL B 77 43.48 37.77 -7.59
N PRO B 78 42.43 38.50 -7.21
CA PRO B 78 41.65 38.12 -6.02
C PRO B 78 40.99 36.76 -6.15
N PHE B 79 40.86 36.09 -5.00
CA PHE B 79 40.24 34.78 -4.90
C PHE B 79 39.37 34.73 -3.66
N THR B 80 38.29 33.97 -3.76
CA THR B 80 37.36 33.81 -2.65
C THR B 80 36.94 32.35 -2.55
N MET B 81 36.64 31.92 -1.33
CA MET B 81 36.22 30.56 -1.01
C MET B 81 34.87 30.65 -0.30
N ALA B 82 33.79 30.58 -1.09
CA ALA B 82 32.44 30.65 -0.57
C ALA B 82 31.86 29.25 -0.40
N ASP B 83 30.62 29.19 0.09
CA ASP B 83 29.93 27.93 0.33
C ASP B 83 28.46 28.09 -0.05
N ALA B 84 27.90 27.03 -0.62
CA ALA B 84 26.50 27.02 -1.04
C ALA B 84 25.54 26.63 0.07
N THR B 85 26.02 26.43 1.29
CA THR B 85 25.15 26.03 2.39
C THR B 85 24.33 27.18 2.95
N THR B 86 24.94 28.35 3.12
CA THR B 86 24.28 29.50 3.72
C THR B 86 23.47 30.33 2.73
N LEU B 87 23.56 30.04 1.44
CA LEU B 87 22.84 30.85 0.46
C LEU B 87 21.33 30.66 0.59
N THR B 88 20.60 31.78 0.60
CA THR B 88 19.15 31.80 0.71
C THR B 88 18.58 32.69 -0.38
N GLU B 89 17.53 32.20 -1.02
CA GLU B 89 16.87 32.92 -2.10
C GLU B 89 15.91 33.97 -1.55
N ALA B 90 15.59 34.95 -2.39
CA ALA B 90 14.65 36.02 -2.08
C ALA B 90 15.14 36.90 -0.91
N GLY B 91 16.45 36.98 -0.73
CA GLY B 91 17.02 37.83 0.30
C GLY B 91 16.57 37.53 1.72
N TYR B 92 16.59 36.27 2.12
CA TYR B 92 16.20 35.92 3.49
C TYR B 92 17.32 36.34 4.45
N VAL B 93 17.12 36.04 5.74
CA VAL B 93 18.10 36.42 6.75
C VAL B 93 19.35 35.56 6.74
N GLY B 94 19.31 34.38 6.16
CA GLY B 94 20.49 33.53 6.16
C GLY B 94 21.68 34.13 5.46
N GLU B 95 21.57 34.31 4.14
CA GLU B 95 22.64 34.90 3.34
C GLU B 95 22.09 35.13 1.93
N ASP B 96 22.73 36.07 1.23
CA ASP B 96 22.36 36.41 -0.13
C ASP B 96 23.49 36.05 -1.07
N VAL B 97 23.17 35.99 -2.36
CA VAL B 97 24.19 35.65 -3.35
C VAL B 97 25.14 36.81 -3.54
N GLU B 98 24.67 38.04 -3.33
CA GLU B 98 25.52 39.21 -3.47
C GLU B 98 26.58 39.28 -2.39
N ASN B 99 26.38 38.60 -1.26
CA ASN B 99 27.37 38.60 -0.18
C ASN B 99 28.71 38.10 -0.68
N ILE B 100 28.71 37.17 -1.63
CA ILE B 100 29.95 36.66 -2.20
C ILE B 100 30.75 37.79 -2.81
N ILE B 101 30.07 38.71 -3.49
CA ILE B 101 30.74 39.84 -4.12
C ILE B 101 31.29 40.77 -3.07
N GLN B 102 30.49 41.08 -2.04
CA GLN B 102 30.96 41.96 -0.97
C GLN B 102 32.17 41.33 -0.28
N LYS B 103 32.17 40.01 -0.14
CA LYS B 103 33.31 39.33 0.44
C LYS B 103 34.51 39.39 -0.48
N LEU B 104 34.26 39.36 -1.79
CA LEU B 104 35.34 39.42 -2.77
C LEU B 104 36.09 40.74 -2.67
N LEU B 105 35.36 41.84 -2.45
CA LEU B 105 36.00 43.15 -2.36
C LEU B 105 36.92 43.24 -1.15
N GLN B 106 36.60 42.52 -0.07
CA GLN B 106 37.45 42.55 1.11
C GLN B 106 38.86 42.07 0.77
N LYS B 107 38.95 41.04 -0.09
CA LYS B 107 40.24 40.53 -0.51
C LYS B 107 40.89 41.47 -1.52
N SER B 108 40.08 42.15 -2.33
CA SER B 108 40.54 43.06 -3.36
C SER B 108 40.65 44.51 -2.90
N ASP B 109 40.30 44.80 -1.64
CA ASP B 109 40.38 46.16 -1.10
C ASP B 109 39.46 47.14 -1.84
N TYR B 110 38.30 46.66 -2.25
CA TYR B 110 37.27 47.47 -2.90
C TYR B 110 37.77 48.10 -4.21
N ASP B 111 38.25 47.24 -5.11
CA ASP B 111 38.71 47.64 -6.43
C ASP B 111 37.84 46.92 -7.45
N VAL B 112 36.92 47.66 -8.07
CA VAL B 112 35.97 47.06 -9.00
C VAL B 112 36.68 46.55 -10.25
N GLN B 113 37.54 47.37 -10.85
CA GLN B 113 38.23 46.94 -12.06
C GLN B 113 39.14 45.76 -11.77
N LYS B 114 39.72 45.71 -10.57
CA LYS B 114 40.58 44.60 -10.18
C LYS B 114 39.76 43.40 -9.69
N ALA B 115 38.50 43.62 -9.30
CA ALA B 115 37.67 42.54 -8.79
C ALA B 115 37.02 41.73 -9.90
N GLN B 116 36.69 42.38 -11.02
CA GLN B 116 36.05 41.65 -12.11
C GLN B 116 36.97 40.57 -12.67
N ARG B 117 38.28 40.72 -12.51
CA ARG B 117 39.24 39.72 -12.96
C ARG B 117 39.52 38.66 -11.91
N GLY B 118 38.75 38.64 -10.82
CA GLY B 118 38.93 37.66 -9.76
C GLY B 118 38.35 36.29 -10.09
N ILE B 119 38.67 35.34 -9.23
CA ILE B 119 38.21 33.96 -9.35
C ILE B 119 37.34 33.63 -8.15
N VAL B 120 36.33 32.78 -8.39
CA VAL B 120 35.38 32.37 -7.37
C VAL B 120 35.39 30.86 -7.26
N TYR B 121 35.29 30.37 -6.01
CA TYR B 121 35.24 28.95 -5.72
C TYR B 121 34.08 28.68 -4.78
N ILE B 122 33.28 27.68 -5.11
CA ILE B 122 32.11 27.30 -4.32
C ILE B 122 32.15 25.79 -4.10
N ASP B 123 31.81 25.37 -2.89
CA ASP B 123 31.81 23.98 -2.49
C ASP B 123 30.40 23.56 -2.08
N GLN B 124 30.23 22.24 -1.96
CA GLN B 124 28.95 21.64 -1.56
C GLN B 124 27.82 22.05 -2.50
N ILE B 125 28.13 22.06 -3.80
CA ILE B 125 27.14 22.41 -4.80
C ILE B 125 26.00 21.41 -4.84
N ASP B 126 26.27 20.14 -4.51
CA ASP B 126 25.24 19.12 -4.55
C ASP B 126 24.11 19.39 -3.58
N LYS B 127 24.38 20.12 -2.49
CA LYS B 127 23.35 20.38 -1.49
C LYS B 127 22.22 21.26 -2.02
N ILE B 128 22.43 21.99 -3.10
CA ILE B 128 21.39 22.87 -3.64
C ILE B 128 20.62 22.20 -4.78
N SER B 129 20.73 20.88 -4.91
CA SER B 129 20.01 20.20 -5.97
C SER B 129 18.51 20.23 -5.72
N ARG B 130 17.76 20.09 -6.81
CA ARG B 130 16.31 20.09 -6.75
C ARG B 130 15.78 18.80 -6.14
N LYS B 131 14.68 18.93 -5.40
CA LYS B 131 14.00 17.81 -4.76
C LYS B 131 12.63 17.67 -5.41
N SER B 132 12.25 16.43 -5.74
CA SER B 132 10.97 16.20 -6.40
C SER B 132 9.81 16.66 -5.51
N ASP B 133 9.79 16.21 -4.26
CA ASP B 133 8.76 16.66 -3.33
C ASP B 133 9.04 18.12 -2.96
N ASN B 134 7.97 18.93 -2.91
CA ASN B 134 8.10 20.35 -2.61
C ASN B 134 7.28 20.82 -1.41
N PRO B 135 7.33 20.15 -0.25
CA PRO B 135 6.57 20.67 0.91
C PRO B 135 7.36 21.77 1.57
N SER B 136 6.84 22.99 1.52
CA SER B 136 7.52 24.14 2.11
C SER B 136 6.54 25.31 2.15
N ILE B 137 6.98 26.40 2.76
CA ILE B 137 6.19 27.63 2.88
C ILE B 137 7.13 28.80 2.58
N ASP B 140 11.70 25.12 -1.10
CA ASP B 140 13.10 24.83 -1.39
C ASP B 140 13.90 26.12 -1.45
N VAL B 141 14.00 26.78 -0.30
CA VAL B 141 14.75 28.04 -0.22
C VAL B 141 16.22 27.83 -0.54
N SER B 142 16.75 26.65 -0.25
CA SER B 142 18.15 26.32 -0.51
C SER B 142 18.35 25.47 -1.75
N GLY B 143 17.29 25.24 -2.54
CA GLY B 143 17.40 24.40 -3.73
C GLY B 143 17.32 25.13 -5.05
N GLU B 144 16.17 24.99 -5.73
CA GLU B 144 15.98 25.60 -7.04
C GLU B 144 16.09 27.12 -6.97
N GLY B 145 15.68 27.72 -5.86
CA GLY B 145 15.75 29.17 -5.74
C GLY B 145 17.17 29.70 -5.86
N VAL B 146 18.12 29.00 -5.24
CA VAL B 146 19.51 29.44 -5.29
C VAL B 146 20.06 29.34 -6.70
N GLN B 147 19.63 28.33 -7.46
CA GLN B 147 20.12 28.17 -8.83
C GLN B 147 19.74 29.36 -9.69
N GLN B 148 18.51 29.84 -9.57
CA GLN B 148 18.07 30.98 -10.38
C GLN B 148 18.86 32.23 -10.03
N ALA B 149 19.19 32.41 -8.75
CA ALA B 149 19.94 33.59 -8.35
C ALA B 149 21.36 33.56 -8.87
N LEU B 150 21.95 32.38 -9.01
CA LEU B 150 23.31 32.28 -9.51
C LEU B 150 23.39 32.54 -11.00
N LEU B 151 22.41 32.03 -11.76
CA LEU B 151 22.35 32.21 -13.21
C LEU B 151 22.62 33.66 -13.61
N LYS B 152 21.97 34.60 -12.92
CA LYS B 152 22.18 36.01 -13.20
C LYS B 152 23.63 36.39 -12.97
N LEU B 153 24.25 35.82 -11.92
CA LEU B 153 25.65 36.10 -11.65
C LEU B 153 26.56 35.51 -12.72
N ILE B 154 26.29 34.27 -13.13
CA ILE B 154 27.15 33.61 -14.11
C ILE B 154 26.98 34.22 -15.51
N GLU B 155 25.75 34.53 -15.91
CA GLU B 155 25.52 35.10 -17.23
C GLU B 155 26.22 36.45 -17.38
N GLY B 156 26.31 37.22 -16.30
CA GLY B 156 26.95 38.53 -16.31
C GLY B 156 25.98 39.67 -16.10
N THR B 157 25.99 40.22 -14.89
CA THR B 157 25.14 41.34 -14.52
C THR B 157 25.78 42.02 -13.32
N VAL B 158 25.19 43.15 -12.94
CA VAL B 158 25.67 43.92 -11.79
C VAL B 158 24.72 43.72 -10.62
N ALA B 159 25.28 43.56 -9.43
CA ALA B 159 24.53 43.36 -8.21
C ALA B 159 24.84 44.49 -7.23
N ALA B 160 23.81 44.99 -6.55
CA ALA B 160 24.02 46.05 -5.58
C ALA B 160 24.78 45.50 -4.38
N VAL B 161 25.81 46.23 -3.97
CA VAL B 161 26.65 45.82 -2.82
C VAL B 161 26.95 47.04 -1.97
N PRO B 162 26.50 47.14 -0.71
CA PRO B 162 26.84 48.30 0.11
C PRO B 162 28.33 48.34 0.38
N PRO B 163 29.07 49.35 -0.07
CA PRO B 163 30.52 49.36 0.20
C PRO B 163 30.79 49.69 1.65
N GLN B 164 31.49 48.78 2.34
CA GLN B 164 31.88 48.90 3.74
C GLN B 164 30.70 48.78 4.70
N GLY B 165 29.47 48.59 4.21
CA GLY B 165 28.30 48.52 5.05
C GLY B 165 27.65 49.86 5.32
N GLY B 166 28.38 50.96 5.16
CA GLY B 166 27.84 52.28 5.38
C GLY B 166 27.91 52.67 6.84
N ARG B 167 28.15 53.96 7.10
CA ARG B 167 28.22 54.40 8.50
C ARG B 167 26.83 54.40 9.12
N LYS B 168 25.82 54.85 8.37
CA LYS B 168 24.45 54.86 8.85
C LYS B 168 23.53 54.89 7.63
N HIS B 169 22.24 55.12 7.88
CA HIS B 169 21.25 55.19 6.80
C HIS B 169 21.56 56.30 5.81
N PRO B 170 22.25 57.36 6.26
CA PRO B 170 22.61 58.52 5.44
C PRO B 170 23.09 58.19 4.03
N GLN B 171 24.06 57.29 3.89
CA GLN B 171 24.60 56.99 2.57
C GLN B 171 23.53 56.36 1.67
N GLN B 172 22.94 55.24 2.09
CA GLN B 172 21.89 54.55 1.34
C GLN B 172 22.26 54.33 -0.12
N GLU B 173 23.51 53.91 -0.38
CA GLU B 173 23.99 53.66 -1.73
C GLU B 173 24.64 52.29 -1.81
N PHE B 174 24.80 51.83 -3.05
CA PHE B 174 25.40 50.54 -3.35
C PHE B 174 26.24 50.66 -4.61
N LEU B 175 27.27 49.83 -4.70
CA LEU B 175 28.17 49.82 -5.85
C LEU B 175 27.79 48.71 -6.81
N GLN B 176 27.91 48.99 -8.10
CA GLN B 176 27.63 48.03 -9.15
C GLN B 176 28.94 47.41 -9.60
N VAL B 177 28.98 46.08 -9.66
CA VAL B 177 30.17 45.34 -10.08
C VAL B 177 29.74 44.27 -11.07
N ASP B 178 30.07 44.49 -12.34
CA ASP B 178 29.76 43.53 -13.39
C ASP B 178 30.34 42.16 -13.05
N THR B 179 29.73 41.13 -13.64
CA THR B 179 30.14 39.74 -13.42
C THR B 179 30.29 38.96 -14.71
N SER B 180 30.12 39.60 -15.87
CA SER B 180 30.26 38.88 -17.13
C SER B 180 31.68 38.37 -17.33
N LYS B 181 32.68 39.13 -16.88
CA LYS B 181 34.07 38.72 -17.02
C LYS B 181 34.56 37.80 -15.90
N ILE B 182 33.89 37.79 -14.74
CA ILE B 182 34.34 36.98 -13.63
C ILE B 182 34.15 35.50 -13.91
N LEU B 183 35.16 34.71 -13.55
CA LEU B 183 35.13 33.27 -13.67
C LEU B 183 34.58 32.67 -12.39
N PHE B 184 33.91 31.53 -12.51
CA PHE B 184 33.34 30.84 -11.37
C PHE B 184 33.65 29.35 -11.45
N ILE B 185 34.12 28.78 -10.34
CA ILE B 185 34.42 27.36 -10.23
C ILE B 185 33.49 26.80 -9.16
N CYS B 186 32.40 26.18 -9.59
CA CYS B 186 31.41 25.58 -8.71
C CYS B 186 31.60 24.07 -8.77
N GLY B 187 32.06 23.48 -7.68
CA GLY B 187 32.28 22.05 -7.64
C GLY B 187 32.08 21.44 -6.26
N GLY B 188 31.47 20.25 -6.23
CA GLY B 188 31.24 19.56 -4.98
C GLY B 188 31.03 18.09 -5.22
N ALA B 189 31.36 17.28 -4.21
CA ALA B 189 31.24 15.83 -4.32
C ALA B 189 29.77 15.43 -4.32
N PHE B 190 29.29 14.94 -5.45
CA PHE B 190 27.92 14.49 -5.55
C PHE B 190 27.78 13.11 -4.94
N ALA B 191 26.68 12.90 -4.23
CA ALA B 191 26.39 11.63 -3.57
C ALA B 191 25.31 10.89 -4.33
N GLY B 192 25.53 9.59 -4.55
CA GLY B 192 24.53 8.78 -5.25
C GLY B 192 24.51 8.94 -6.75
N LEU B 193 25.44 9.70 -7.33
CA LEU B 193 25.42 9.89 -8.77
C LEU B 193 25.71 8.61 -9.52
N ASP B 194 26.47 7.70 -8.92
CA ASP B 194 26.79 6.44 -9.58
C ASP B 194 25.55 5.62 -9.87
N LYS B 195 24.54 5.69 -8.99
CA LYS B 195 23.33 4.92 -9.20
C LYS B 195 22.56 5.40 -10.43
N VAL B 196 22.50 6.71 -10.64
CA VAL B 196 21.78 7.23 -11.80
C VAL B 196 22.49 6.83 -13.07
N ILE B 197 23.82 6.95 -13.10
CA ILE B 197 24.59 6.56 -14.27
C ILE B 197 24.56 5.05 -14.44
N SER B 198 24.48 4.31 -13.33
CA SER B 198 24.49 2.85 -13.40
C SER B 198 23.27 2.32 -14.16
N HIS B 199 22.11 2.92 -13.95
CA HIS B 199 20.91 2.46 -14.64
C HIS B 199 21.06 2.59 -16.15
N ARG B 200 21.74 3.64 -16.60
CA ARG B 200 21.93 3.86 -18.03
C ARG B 200 22.90 2.85 -18.63
N VAL B 201 24.13 2.79 -18.11
CA VAL B 201 25.17 1.94 -18.70
C VAL B 201 25.03 0.47 -18.35
N GLU B 202 24.36 0.11 -17.26
CA GLU B 202 24.25 -1.31 -16.91
C GLU B 202 23.43 -2.08 -17.93
N THR B 203 22.37 -1.47 -18.46
CA THR B 203 21.47 -2.09 -19.43
C THR B 203 20.58 -3.16 -18.80
N GLY B 204 20.38 -3.09 -17.48
CA GLY B 204 19.57 -4.06 -16.77
C GLY B 204 20.37 -5.29 -16.40
N SER B 205 19.72 -6.15 -15.60
CA SER B 205 20.31 -7.41 -15.15
C SER B 205 19.32 -8.54 -15.43
N GLY B 206 19.40 -9.12 -16.63
CA GLY B 206 18.52 -10.22 -16.96
C GLY B 206 18.89 -11.46 -16.17
N ILE B 207 17.86 -12.21 -15.76
CA ILE B 207 18.07 -13.41 -14.95
C ILE B 207 18.43 -14.65 -15.77
N GLY B 208 18.27 -14.61 -17.09
CA GLY B 208 18.54 -15.79 -17.89
C GLY B 208 20.02 -16.07 -18.08
N PHE B 209 20.28 -17.10 -18.90
CA PHE B 209 21.64 -17.52 -19.17
C PHE B 209 22.41 -16.49 -19.98
N GLY B 210 21.85 -16.06 -21.11
CA GLY B 210 22.55 -15.11 -21.96
C GLY B 210 22.73 -13.74 -21.35
N ALA B 211 21.78 -13.32 -20.52
CA ALA B 211 21.87 -12.01 -19.90
C ALA B 211 23.03 -11.95 -18.92
N THR B 212 23.69 -10.80 -18.88
CA THR B 212 24.81 -10.60 -17.98
C THR B 212 24.31 -10.07 -16.64
N VAL B 213 24.91 -10.57 -15.57
CA VAL B 213 24.56 -10.18 -14.21
C VAL B 213 25.82 -9.62 -13.54
N LYS B 214 25.61 -9.00 -12.37
CA LYS B 214 26.74 -8.46 -11.62
C LYS B 214 27.43 -9.64 -10.95
N ALA B 215 28.37 -10.24 -11.67
CA ALA B 215 29.10 -11.39 -11.14
C ALA B 215 29.88 -11.01 -9.89
N LYS B 216 30.58 -9.88 -9.94
CA LYS B 216 31.37 -9.40 -8.83
C LYS B 216 30.49 -8.60 -7.86
N SER B 217 30.97 -8.45 -6.62
CA SER B 217 30.22 -7.67 -5.63
C SER B 217 30.15 -6.22 -6.06
N ASP B 218 31.28 -5.66 -6.46
CA ASP B 218 31.39 -4.30 -6.96
C ASP B 218 31.57 -4.35 -8.47
N LYS B 219 31.25 -3.24 -9.11
CA LYS B 219 31.35 -3.08 -10.55
C LYS B 219 31.07 -1.62 -10.84
N ALA B 220 31.48 -1.18 -12.02
CA ALA B 220 31.33 0.21 -12.43
C ALA B 220 31.95 1.14 -11.38
N SER B 221 33.26 0.95 -11.20
CA SER B 221 34.04 1.72 -10.24
C SER B 221 33.81 3.22 -10.42
N GLU B 222 33.53 3.90 -9.31
CA GLU B 222 33.26 5.33 -9.26
C GLU B 222 34.23 6.15 -10.10
N GLY B 223 35.52 5.83 -10.03
CA GLY B 223 36.49 6.57 -10.82
C GLY B 223 36.29 6.36 -12.31
N GLU B 224 36.05 5.10 -12.71
CA GLU B 224 35.81 4.80 -14.11
C GLU B 224 34.39 5.11 -14.54
N LEU B 225 33.47 5.27 -13.59
CA LEU B 225 32.07 5.54 -13.92
C LEU B 225 31.83 7.02 -14.17
N LEU B 226 32.42 7.88 -13.35
CA LEU B 226 32.22 9.31 -13.50
C LEU B 226 32.73 9.82 -14.85
N ALA B 227 33.72 9.15 -15.44
CA ALA B 227 34.22 9.56 -16.73
C ALA B 227 33.13 9.50 -17.80
N GLN B 228 32.18 8.58 -17.66
CA GLN B 228 31.09 8.43 -18.60
C GLN B 228 29.90 9.32 -18.26
N VAL B 229 30.10 10.33 -17.43
CA VAL B 229 29.03 11.24 -17.04
C VAL B 229 28.69 12.19 -18.18
N GLU B 230 27.45 12.63 -18.22
CA GLU B 230 26.97 13.56 -19.23
C GLU B 230 26.02 14.56 -18.58
N PRO B 231 25.73 15.67 -19.26
CA PRO B 231 24.81 16.65 -18.66
C PRO B 231 23.41 16.11 -18.44
N GLU B 232 22.92 15.26 -19.35
CA GLU B 232 21.57 14.73 -19.22
C GLU B 232 21.40 13.93 -17.94
N ASP B 233 22.47 13.29 -17.48
CA ASP B 233 22.37 12.51 -16.24
C ASP B 233 22.18 13.42 -15.04
N LEU B 234 22.82 14.58 -15.04
CA LEU B 234 22.70 15.53 -13.94
C LEU B 234 21.28 16.07 -13.82
N ILE B 235 20.52 16.08 -14.91
CA ILE B 235 19.14 16.57 -14.84
C ILE B 235 18.33 15.65 -13.95
N LYS B 236 18.51 14.34 -14.08
CA LYS B 236 17.80 13.40 -13.24
C LYS B 236 18.19 13.56 -11.79
N PHE B 237 19.42 14.04 -11.52
CA PHE B 237 19.85 14.23 -10.15
C PHE B 237 19.13 15.41 -9.50
N GLY B 238 18.73 16.40 -10.30
CA GLY B 238 17.99 17.55 -9.80
C GLY B 238 18.42 18.89 -10.38
N LEU B 239 19.61 18.97 -10.95
CA LEU B 239 20.07 20.23 -11.50
C LEU B 239 19.27 20.61 -12.74
N ILE B 240 19.07 21.91 -12.91
CA ILE B 240 18.33 22.45 -14.05
C ILE B 240 19.28 22.49 -15.25
N PRO B 241 18.82 22.22 -16.47
CA PRO B 241 19.76 22.27 -17.61
C PRO B 241 20.35 23.64 -17.85
N GLU B 242 19.60 24.70 -17.55
CA GLU B 242 20.12 26.05 -17.75
C GLU B 242 21.36 26.30 -16.93
N PHE B 243 21.36 25.85 -15.67
CA PHE B 243 22.53 26.04 -14.83
C PHE B 243 23.70 25.21 -15.35
N ILE B 244 23.42 24.00 -15.84
CA ILE B 244 24.49 23.17 -16.36
C ILE B 244 25.00 23.73 -17.68
N GLY B 245 24.11 24.37 -18.45
CA GLY B 245 24.55 24.95 -19.72
C GLY B 245 25.60 26.03 -19.52
N ARG B 246 25.53 26.75 -18.41
CA ARG B 246 26.51 27.79 -18.10
C ARG B 246 27.87 27.22 -17.72
N LEU B 247 27.96 25.91 -17.46
CA LEU B 247 29.21 25.24 -17.08
C LEU B 247 29.45 24.13 -18.09
N PRO B 248 30.04 24.46 -19.25
CA PRO B 248 30.28 23.41 -20.24
C PRO B 248 31.36 22.43 -19.81
N VAL B 249 32.46 22.94 -19.25
CA VAL B 249 33.57 22.07 -18.87
C VAL B 249 33.19 21.21 -17.68
N VAL B 250 33.73 19.99 -17.67
CA VAL B 250 33.48 19.03 -16.61
C VAL B 250 34.78 18.25 -16.38
N ALA B 251 35.12 18.04 -15.11
CA ALA B 251 36.32 17.31 -14.72
C ALA B 251 35.94 16.16 -13.81
N THR B 252 36.42 14.96 -14.14
CA THR B 252 36.18 13.76 -13.35
C THR B 252 37.46 13.40 -12.62
N LEU B 253 37.32 13.04 -11.34
CA LEU B 253 38.45 12.69 -10.49
C LEU B 253 38.38 11.26 -10.00
N ASN B 254 39.48 10.54 -10.12
CA ASN B 254 39.56 9.19 -9.60
C ASN B 254 39.67 9.30 -8.09
N GLU B 255 38.93 8.44 -7.37
CA GLU B 255 38.90 8.52 -5.92
C GLU B 255 40.31 8.42 -5.32
N LEU B 256 40.98 7.30 -5.52
CA LEU B 256 42.30 7.10 -4.95
C LEU B 256 42.92 5.85 -5.57
N SER B 257 44.23 5.90 -5.75
CA SER B 257 45.01 4.79 -6.27
C SER B 257 45.97 4.36 -5.19
N GLU B 258 45.99 3.05 -4.89
CA GLU B 258 46.87 2.47 -3.88
C GLU B 258 48.29 3.00 -3.97
N GLU B 259 48.81 3.16 -5.18
CA GLU B 259 50.14 3.70 -5.36
C GLU B 259 50.17 5.20 -5.14
N ALA B 260 49.08 5.90 -5.46
CA ALA B 260 49.02 7.34 -5.27
C ALA B 260 49.11 7.69 -3.79
N LEU B 261 48.46 6.89 -2.94
CA LEU B 261 48.47 7.15 -1.50
C LEU B 261 49.87 7.12 -0.93
N ILE B 262 50.72 6.23 -1.44
CA ILE B 262 52.09 6.14 -0.94
C ILE B 262 52.82 7.43 -1.23
N GLN B 263 52.59 8.01 -2.41
CA GLN B 263 53.23 9.27 -2.76
C GLN B 263 52.71 10.43 -1.90
N ILE B 264 51.44 10.39 -1.52
CA ILE B 264 50.84 11.47 -0.75
C ILE B 264 51.48 11.62 0.62
N LEU B 265 52.01 10.52 1.17
CA LEU B 265 52.61 10.59 2.49
C LEU B 265 54.05 11.08 2.47
N LYS B 266 54.71 11.08 1.31
CA LYS B 266 56.11 11.48 1.21
C LYS B 266 56.34 12.73 0.36
N GLU B 267 55.82 12.77 -0.86
CA GLU B 267 56.12 13.89 -1.75
C GLU B 267 55.50 15.21 -1.30
N PRO B 268 54.20 15.30 -1.02
CA PRO B 268 53.64 16.59 -0.61
C PRO B 268 54.28 17.13 0.66
N LYS B 269 54.33 18.46 0.74
CA LYS B 269 54.92 19.12 1.90
C LYS B 269 53.99 19.08 3.11
N ASN B 270 52.69 19.10 2.88
CA ASN B 270 51.69 19.07 3.95
C ASN B 270 51.24 17.65 4.28
N ALA B 271 52.05 16.64 3.97
CA ALA B 271 51.67 15.27 4.25
C ALA B 271 51.57 15.05 5.76
N LEU B 272 50.74 14.08 6.14
CA LEU B 272 50.55 13.77 7.55
C LEU B 272 51.85 13.31 8.18
N THR B 273 52.66 12.56 7.44
CA THR B 273 53.95 12.09 7.97
C THR B 273 54.83 13.28 8.33
N LYS B 274 54.88 14.29 7.46
CA LYS B 274 55.67 15.47 7.77
C LYS B 274 55.03 16.28 8.88
N GLN B 275 53.70 16.21 9.00
CA GLN B 275 53.03 16.93 10.07
C GLN B 275 53.39 16.32 11.41
N TYR B 276 53.23 15.01 11.52
CA TYR B 276 53.56 14.33 12.77
C TYR B 276 55.06 14.37 13.03
N GLN B 277 55.88 14.33 11.97
CA GLN B 277 57.32 14.41 12.16
C GLN B 277 57.71 15.73 12.80
N ALA B 278 57.08 16.82 12.36
CA ALA B 278 57.36 18.12 12.94
C ALA B 278 56.73 18.23 14.33
N LEU B 279 55.63 17.50 14.55
CA LEU B 279 54.98 17.52 15.85
C LEU B 279 55.91 16.97 16.92
N PHE B 280 56.69 15.95 16.56
CA PHE B 280 57.60 15.34 17.51
C PHE B 280 58.98 15.98 17.49
N ASN B 281 59.30 16.76 16.44
CA ASN B 281 60.59 17.44 16.39
C ASN B 281 60.75 18.39 17.55
N LEU B 282 59.70 19.16 17.86
CA LEU B 282 59.78 20.09 18.98
C LEU B 282 59.92 19.36 20.31
N GLU B 283 59.42 18.12 20.37
CA GLU B 283 59.54 17.30 21.56
C GLU B 283 60.89 16.59 21.64
N GLY B 284 61.78 16.82 20.68
CA GLY B 284 63.08 16.19 20.68
C GLY B 284 63.08 14.72 20.37
N VAL B 285 62.10 14.26 19.59
CA VAL B 285 62.00 12.86 19.18
C VAL B 285 61.77 12.80 17.69
N ASP B 286 62.44 11.87 17.02
CA ASP B 286 62.32 11.67 15.59
C ASP B 286 61.32 10.57 15.27
N LEU B 287 60.83 10.57 14.04
CA LEU B 287 59.87 9.60 13.56
C LEU B 287 60.33 9.02 12.23
N GLU B 288 60.04 7.73 12.03
CA GLU B 288 60.36 7.04 10.79
C GLU B 288 59.18 6.15 10.43
N PHE B 289 58.97 6.00 9.11
CA PHE B 289 57.90 5.17 8.58
C PHE B 289 58.48 4.26 7.51
N ARG B 290 58.43 2.96 7.76
CA ARG B 290 58.92 2.00 6.78
C ARG B 290 57.94 1.91 5.62
N ASP B 291 58.47 1.54 4.45
CA ASP B 291 57.61 1.40 3.27
C ASP B 291 56.61 0.28 3.45
N GLU B 292 56.98 -0.76 4.20
CA GLU B 292 56.07 -1.88 4.43
C GLU B 292 54.84 -1.44 5.20
N ALA B 293 54.95 -0.39 6.01
CA ALA B 293 53.83 0.10 6.80
C ALA B 293 52.86 0.91 5.95
N LEU B 294 53.37 1.62 4.94
CA LEU B 294 52.49 2.46 4.13
C LEU B 294 51.62 1.62 3.21
N ASP B 295 52.11 0.47 2.77
CA ASP B 295 51.31 -0.40 1.92
C ASP B 295 50.10 -0.92 2.68
N ALA B 296 50.29 -1.26 3.95
CA ALA B 296 49.18 -1.76 4.75
C ALA B 296 48.17 -0.67 5.07
N ILE B 297 48.65 0.56 5.27
CA ILE B 297 47.75 1.67 5.58
C ILE B 297 46.82 1.93 4.41
N ALA B 298 47.31 1.76 3.19
CA ALA B 298 46.47 1.99 2.02
C ALA B 298 45.30 1.02 1.99
N LYS B 299 45.55 -0.25 2.29
CA LYS B 299 44.48 -1.24 2.29
C LYS B 299 43.43 -0.92 3.34
N LYS B 300 43.87 -0.44 4.51
CA LYS B 300 42.93 -0.08 5.56
C LYS B 300 42.17 1.19 5.23
N ALA B 301 42.83 2.14 4.56
CA ALA B 301 42.18 3.40 4.21
C ALA B 301 41.09 3.20 3.18
N MET B 302 41.37 2.41 2.15
CA MET B 302 40.38 2.17 1.10
C MET B 302 39.15 1.45 1.65
N ALA B 303 39.34 0.62 2.67
CA ALA B 303 38.22 -0.09 3.25
C ALA B 303 37.22 0.85 3.91
N ARG B 304 37.67 2.02 4.35
CA ARG B 304 36.80 2.97 5.02
C ARG B 304 35.97 3.81 4.05
N LYS B 305 36.31 3.80 2.76
CA LYS B 305 35.60 4.57 1.73
C LYS B 305 35.37 6.01 2.17
N THR B 306 36.48 6.68 2.50
CA THR B 306 36.45 8.06 2.95
C THR B 306 37.52 8.91 2.29
N GLY B 307 38.35 8.34 1.42
CA GLY B 307 39.39 9.12 0.76
C GLY B 307 40.57 9.39 1.67
N ALA B 308 41.36 10.38 1.26
CA ALA B 308 42.55 10.75 2.02
C ALA B 308 42.19 11.29 3.39
N ARG B 309 41.02 11.91 3.54
CA ARG B 309 40.64 12.46 4.82
C ARG B 309 40.46 11.38 5.88
N GLY B 310 40.15 10.16 5.47
CA GLY B 310 39.99 9.06 6.39
C GLY B 310 41.28 8.35 6.75
N LEU B 311 42.42 8.93 6.39
CA LEU B 311 43.71 8.31 6.66
C LEU B 311 44.18 8.55 8.10
N ARG B 312 43.84 9.71 8.68
CA ARG B 312 44.29 10.01 10.04
C ARG B 312 43.75 9.01 11.05
N SER B 313 42.58 8.43 10.79
CA SER B 313 42.02 7.46 11.72
C SER B 313 42.93 6.26 11.90
N ILE B 314 43.59 5.85 10.82
CA ILE B 314 44.47 4.68 10.87
C ILE B 314 45.76 5.02 11.61
N VAL B 315 46.28 6.22 11.41
CA VAL B 315 47.54 6.60 12.05
C VAL B 315 47.32 6.84 13.54
N GLU B 316 46.37 7.71 13.88
CA GLU B 316 46.13 8.03 15.28
C GLU B 316 45.72 6.80 16.08
N ALA B 317 45.06 5.83 15.45
CA ALA B 317 44.66 4.63 16.17
C ALA B 317 45.87 3.85 16.66
N ALA B 318 46.98 3.91 15.92
CA ALA B 318 48.18 3.19 16.31
C ALA B 318 48.97 3.95 17.36
N LEU B 319 49.38 5.18 17.03
CA LEU B 319 50.18 6.02 17.91
C LEU B 319 49.47 6.49 19.18
N LEU B 320 48.18 6.18 19.33
CA LEU B 320 47.42 6.60 20.52
C LEU B 320 48.15 6.21 21.81
N ASP B 321 48.41 4.91 21.98
CA ASP B 321 49.09 4.44 23.18
C ASP B 321 50.44 5.11 23.34
N THR B 322 51.16 5.29 22.24
CA THR B 322 52.48 5.93 22.29
C THR B 322 52.37 7.37 22.78
N MET B 323 51.52 8.18 22.13
CA MET B 323 51.37 9.58 22.52
C MET B 323 50.90 9.75 23.96
N TYR B 324 50.23 8.75 24.52
CA TYR B 324 49.77 8.87 25.90
C TYR B 324 50.90 8.63 26.89
N ASP B 325 51.82 7.72 26.55
CA ASP B 325 52.95 7.40 27.41
C ASP B 325 54.26 8.02 26.95
N LEU B 326 54.26 8.75 25.83
CA LEU B 326 55.51 9.35 25.37
C LEU B 326 55.95 10.52 26.24
N PRO B 327 55.11 11.48 26.61
CA PRO B 327 55.60 12.59 27.45
C PRO B 327 56.09 12.13 28.80
N SER B 328 55.40 11.14 29.39
CA SER B 328 55.84 10.60 30.68
C SER B 328 57.21 9.96 30.55
N MET B 329 57.46 9.27 29.43
CA MET B 329 58.73 8.62 29.20
C MET B 329 59.84 9.66 29.04
N GLU B 330 61.05 9.26 29.46
CA GLU B 330 62.23 10.11 29.40
C GLU B 330 63.35 9.39 28.68
N ASP B 331 64.31 10.18 28.19
CA ASP B 331 65.46 9.67 27.46
C ASP B 331 65.04 8.86 26.23
N VAL B 332 64.05 9.37 25.51
CA VAL B 332 63.54 8.76 24.29
C VAL B 332 63.91 9.68 23.14
N GLU B 333 64.76 9.19 22.23
CA GLU B 333 65.26 10.00 21.12
C GLU B 333 64.72 9.63 19.75
N LYS B 334 64.10 8.45 19.58
CA LYS B 334 63.61 8.09 18.26
C LYS B 334 62.54 7.02 18.37
N VAL B 335 61.59 7.08 17.44
CA VAL B 335 60.48 6.14 17.35
C VAL B 335 60.43 5.56 15.95
N VAL B 336 60.23 4.24 15.87
CA VAL B 336 60.14 3.52 14.61
C VAL B 336 58.81 2.79 14.57
N ILE B 337 58.11 2.91 13.45
CA ILE B 337 56.80 2.29 13.24
C ILE B 337 56.94 1.19 12.20
N ASP B 338 56.60 -0.03 12.59
CA ASP B 338 56.64 -1.18 11.70
C ASP B 338 55.25 -1.48 11.16
N GLU B 339 55.19 -2.41 10.21
CA GLU B 339 53.91 -2.80 9.62
C GLU B 339 53.01 -3.49 10.65
N SER B 340 53.59 -4.30 11.54
CA SER B 340 52.81 -4.99 12.54
C SER B 340 52.10 -4.04 13.49
N VAL B 341 52.72 -2.89 13.77
CA VAL B 341 52.15 -1.91 14.69
C VAL B 341 50.79 -1.44 14.18
N ILE B 342 50.64 -1.30 12.86
CA ILE B 342 49.37 -0.85 12.29
C ILE B 342 48.28 -1.86 12.55
N ASP B 343 48.57 -3.14 12.39
CA ASP B 343 47.56 -4.17 12.62
C ASP B 343 47.17 -4.24 14.10
N GLY B 344 48.08 -3.85 14.99
CA GLY B 344 47.85 -3.88 16.42
C GLY B 344 48.46 -5.07 17.13
N GLN B 345 49.04 -6.01 16.38
CA GLN B 345 49.64 -7.19 16.98
C GLN B 345 50.87 -6.83 17.81
N SER B 346 51.67 -5.90 17.31
CA SER B 346 52.91 -5.47 17.94
C SER B 346 52.76 -4.07 18.52
N GLU B 347 53.82 -3.62 19.17
CA GLU B 347 53.94 -2.32 19.80
C GLU B 347 55.04 -1.52 19.12
N PRO B 348 54.87 -0.22 18.89
CA PRO B 348 55.93 0.55 18.21
C PRO B 348 57.23 0.56 19.00
N LEU B 349 58.32 0.39 18.29
CA LEU B 349 59.64 0.35 18.89
C LEU B 349 60.12 1.75 19.26
N LEU B 350 60.95 1.82 20.30
CA LEU B 350 61.51 3.06 20.78
C LEU B 350 63.02 2.90 20.91
N ILE B 351 63.73 4.02 20.79
CA ILE B 351 65.18 4.06 20.90
C ILE B 351 65.54 5.11 21.93
N TYR B 352 66.30 4.73 22.95
CA TYR B 352 66.72 5.63 24.01
C TYR B 352 68.13 6.16 23.73
N GLY B 353 68.50 7.18 24.48
CA GLY B 353 69.82 7.79 24.34
C GLY B 353 70.25 8.54 25.57
N LEU C 3 51.19 21.90 28.09
CA LEU C 3 51.94 21.67 29.32
C LEU C 3 51.40 20.52 30.20
N PRO C 4 50.09 20.39 30.40
CA PRO C 4 49.59 19.29 31.22
C PRO C 4 49.89 17.96 30.56
N THR C 5 50.14 16.94 31.39
CA THR C 5 50.49 15.62 30.90
C THR C 5 49.27 14.71 30.80
N PRO C 6 49.25 13.78 29.83
CA PRO C 6 48.11 12.84 29.75
C PRO C 6 47.83 12.10 31.05
N HIS C 7 48.87 11.75 31.80
CA HIS C 7 48.66 11.05 33.06
C HIS C 7 48.04 11.97 34.09
N GLU C 8 48.46 13.24 34.11
CA GLU C 8 47.90 14.18 35.08
C GLU C 8 46.46 14.52 34.75
N ILE C 9 46.16 14.76 33.47
CA ILE C 9 44.80 15.08 33.08
C ILE C 9 43.89 13.87 33.25
N ARG C 10 44.42 12.67 32.97
CA ARG C 10 43.62 11.47 33.13
C ARG C 10 43.37 11.18 34.60
N ASN C 11 44.35 11.48 35.46
CA ASN C 11 44.19 11.26 36.88
C ASN C 11 43.02 12.07 37.42
N HIS C 12 42.83 13.29 36.90
CA HIS C 12 41.72 14.12 37.36
C HIS C 12 40.38 13.54 36.90
N LEU C 13 40.33 13.07 35.65
CA LEU C 13 39.10 12.49 35.13
C LEU C 13 38.77 11.18 35.83
N ASP C 14 39.78 10.44 36.27
CA ASP C 14 39.54 9.18 36.96
C ASP C 14 38.74 9.39 38.23
N ASP C 15 38.87 10.55 38.86
CA ASP C 15 38.12 10.85 40.07
C ASP C 15 36.62 10.92 39.79
N TYR C 16 36.24 11.38 38.59
CA TYR C 16 34.84 11.55 38.23
C TYR C 16 34.30 10.49 37.29
N VAL C 17 35.16 9.72 36.63
CA VAL C 17 34.73 8.70 35.67
C VAL C 17 35.44 7.40 35.97
N ILE C 18 34.72 6.29 35.82
CA ILE C 18 35.24 4.96 36.08
C ILE C 18 34.88 4.02 34.94
N GLY C 19 35.82 3.15 34.59
CA GLY C 19 35.62 2.12 33.58
C GLY C 19 35.56 2.57 32.14
N GLN C 20 36.19 3.68 31.81
CA GLN C 20 36.24 4.22 30.45
C GLN C 20 37.68 4.54 30.07
N GLU C 21 38.56 3.59 30.37
CA GLU C 21 40.00 3.75 30.14
C GLU C 21 40.34 4.11 28.70
N GLN C 22 39.67 3.51 27.72
CA GLN C 22 40.00 3.80 26.33
C GLN C 22 39.58 5.21 25.94
N ALA C 23 38.38 5.62 26.34
CA ALA C 23 37.90 6.96 26.01
C ALA C 23 38.81 8.04 26.57
N LYS C 24 39.22 7.90 27.84
CA LYS C 24 40.07 8.88 28.48
C LYS C 24 41.36 9.11 27.70
N LYS C 25 41.93 8.05 27.14
CA LYS C 25 43.17 8.19 26.38
C LYS C 25 42.96 9.08 25.15
N VAL C 26 41.85 8.89 24.45
CA VAL C 26 41.58 9.66 23.24
C VAL C 26 41.50 11.15 23.55
N LEU C 27 40.75 11.51 24.59
CA LEU C 27 40.59 12.92 24.93
C LEU C 27 41.90 13.52 25.42
N ALA C 28 42.65 12.79 26.24
CA ALA C 28 43.90 13.32 26.77
C ALA C 28 44.87 13.68 25.66
N VAL C 29 44.98 12.81 24.65
CA VAL C 29 45.88 13.10 23.53
C VAL C 29 45.42 14.35 22.80
N ALA C 30 44.11 14.46 22.56
CA ALA C 30 43.59 15.62 21.86
C ALA C 30 43.87 16.91 22.62
N VAL C 31 43.66 16.89 23.94
CA VAL C 31 43.93 18.07 24.75
C VAL C 31 45.41 18.43 24.68
N TYR C 32 46.26 17.43 24.81
CA TYR C 32 47.70 17.67 24.73
C TYR C 32 48.08 18.14 23.33
N ASN C 33 47.52 17.51 22.31
CA ASN C 33 47.80 17.90 20.94
C ASN C 33 47.30 19.32 20.67
N HIS C 34 46.13 19.67 21.20
CA HIS C 34 45.57 21.00 20.97
C HIS C 34 46.48 22.06 21.56
N TYR C 35 46.96 21.85 22.80
CA TYR C 35 47.89 22.80 23.39
C TYR C 35 49.18 22.85 22.58
N LYS C 36 49.66 21.68 22.16
CA LYS C 36 50.89 21.60 21.38
C LYS C 36 50.76 22.32 20.05
N ARG C 37 49.62 22.14 19.37
CA ARG C 37 49.40 22.78 18.08
C ARG C 37 49.44 24.29 18.19
N LEU C 38 48.70 24.84 19.15
CA LEU C 38 48.61 26.29 19.32
C LEU C 38 49.85 26.89 19.97
N ARG C 39 50.36 26.27 21.04
CA ARG C 39 51.49 26.83 21.77
C ARG C 39 52.68 27.09 20.87
N ASN C 40 52.95 26.19 19.92
CA ASN C 40 54.07 26.41 19.01
C ASN C 40 53.69 27.47 17.98
N GLY C 41 54.68 28.27 17.60
CA GLY C 41 54.45 29.32 16.62
C GLY C 41 53.91 28.80 15.30
N ASP C 42 54.20 27.54 14.96
CA ASP C 42 53.83 26.81 13.75
C ASP C 42 54.70 27.23 12.58
N THR C 43 55.69 28.12 12.77
CA THR C 43 56.60 28.52 11.70
C THR C 43 57.75 27.51 11.64
N SER C 44 57.41 26.33 11.13
CA SER C 44 58.33 25.22 11.00
C SER C 44 58.23 24.66 9.59
N ASN C 45 59.11 23.71 9.28
CA ASN C 45 59.10 23.07 7.96
C ASN C 45 57.71 22.51 7.67
N GLY C 46 57.15 21.77 8.63
CA GLY C 46 55.79 21.28 8.49
C GLY C 46 54.86 22.42 8.82
N VAL C 47 53.84 22.62 7.99
CA VAL C 47 52.88 23.69 8.18
C VAL C 47 51.46 23.14 8.07
N GLU C 48 50.52 23.95 8.53
CA GLU C 48 49.09 23.61 8.54
C GLU C 48 48.87 22.23 9.14
N LEU C 49 49.31 22.08 10.39
CA LEU C 49 49.17 20.83 11.10
C LEU C 49 47.71 20.40 11.16
N GLY C 50 47.48 19.11 10.95
CA GLY C 50 46.13 18.59 10.99
C GLY C 50 45.58 18.52 12.40
N LYS C 51 44.26 18.63 12.48
CA LYS C 51 43.52 18.55 13.74
C LYS C 51 42.65 17.31 13.68
N SER C 52 42.84 16.41 14.63
CA SER C 52 42.08 15.18 14.68
C SER C 52 40.88 15.38 15.60
N ASN C 53 39.70 15.40 15.01
CA ASN C 53 38.49 15.56 15.80
C ASN C 53 38.17 14.25 16.49
N ILE C 54 37.21 14.27 17.41
CA ILE C 54 36.84 13.10 18.19
C ILE C 54 35.36 12.82 18.06
N LEU C 55 35.02 11.54 17.89
CA LEU C 55 33.66 11.05 17.83
C LEU C 55 33.49 10.06 18.97
N LEU C 56 32.61 10.37 19.92
CA LEU C 56 32.37 9.50 21.06
C LEU C 56 31.12 8.68 20.83
N ILE C 57 31.23 7.38 21.05
CA ILE C 57 30.14 6.42 20.92
C ILE C 57 30.12 5.56 22.16
N GLY C 58 28.92 5.31 22.68
CA GLY C 58 28.77 4.48 23.84
C GLY C 58 27.31 4.32 24.22
N PRO C 59 26.99 3.33 25.05
CA PRO C 59 25.60 3.16 25.45
C PRO C 59 25.09 4.35 26.24
N THR C 60 23.79 4.33 26.45
CA THR C 60 23.12 5.41 27.18
C THR C 60 23.62 5.49 28.63
N GLY C 61 23.78 6.72 29.10
CA GLY C 61 24.22 6.94 30.47
C GLY C 61 25.57 6.37 30.82
N SER C 62 26.46 6.22 29.83
CA SER C 62 27.80 5.72 30.10
C SER C 62 28.73 6.80 30.61
N GLY C 63 28.34 8.07 30.53
CA GLY C 63 29.14 9.17 31.00
C GLY C 63 29.72 10.07 29.93
N LYS C 64 29.11 10.13 28.75
CA LYS C 64 29.60 11.02 27.71
C LYS C 64 29.43 12.47 28.11
N THR C 65 28.21 12.84 28.48
CA THR C 65 27.93 14.22 28.86
C THR C 65 28.69 14.61 30.12
N LEU C 66 28.97 13.65 30.98
CA LEU C 66 29.69 13.93 32.21
C LEU C 66 31.13 14.37 31.92
N LEU C 67 31.74 13.77 30.90
CA LEU C 67 33.12 14.12 30.57
C LEU C 67 33.24 15.56 30.11
N ALA C 68 32.28 16.03 29.33
CA ALA C 68 32.33 17.40 28.83
C ALA C 68 32.26 18.40 29.98
N GLU C 69 31.48 18.09 31.01
CA GLU C 69 31.37 19.00 32.14
C GLU C 69 32.65 19.01 32.96
N THR C 70 33.17 17.83 33.28
CA THR C 70 34.40 17.75 34.08
C THR C 70 35.59 18.29 33.32
N LEU C 71 35.61 18.10 32.00
CA LEU C 71 36.74 18.58 31.20
C LEU C 71 36.83 20.09 31.24
N ALA C 72 35.67 20.78 31.18
CA ALA C 72 35.68 22.24 31.20
C ALA C 72 36.23 22.79 32.51
N ARG C 73 36.06 22.06 33.60
CA ARG C 73 36.55 22.53 34.89
C ARG C 73 38.07 22.61 34.89
N LEU C 74 38.74 21.55 34.45
CA LEU C 74 40.19 21.53 34.40
C LEU C 74 40.75 22.28 33.20
N LEU C 75 39.97 22.41 32.14
CA LEU C 75 40.44 23.09 30.94
C LEU C 75 40.52 24.60 31.17
N ASP C 76 41.64 25.20 30.76
CA ASP C 76 41.84 26.64 30.89
C ASP C 76 41.26 27.39 29.70
N VAL C 77 41.46 26.87 28.49
CA VAL C 77 40.95 27.50 27.26
C VAL C 77 39.43 27.47 27.31
N PRO C 78 38.73 28.31 26.54
CA PRO C 78 37.27 28.31 26.62
C PRO C 78 36.65 27.01 26.15
N PHE C 79 35.51 26.69 26.75
CA PHE C 79 34.76 25.49 26.46
C PHE C 79 33.27 25.84 26.43
N THR C 80 32.54 25.14 25.58
CA THR C 80 31.10 25.35 25.44
C THR C 80 30.42 24.00 25.30
N MET C 81 29.15 23.95 25.72
CA MET C 81 28.33 22.75 25.68
C MET C 81 27.06 23.06 24.91
N ALA C 82 27.10 22.89 23.60
CA ALA C 82 25.98 23.13 22.72
C ALA C 82 25.22 21.83 22.47
N ASP C 83 24.17 21.91 21.66
CA ASP C 83 23.34 20.76 21.33
C ASP C 83 22.92 20.82 19.88
N ALA C 84 22.88 19.66 19.23
CA ALA C 84 22.50 19.54 17.83
C ALA C 84 21.00 19.39 17.60
N THR C 85 20.19 19.45 18.66
CA THR C 85 18.75 19.30 18.49
C THR C 85 18.10 20.55 17.91
N THR C 86 18.54 21.72 18.37
CA THR C 86 17.95 22.99 17.96
C THR C 86 18.53 23.55 16.66
N LEU C 87 19.61 22.97 16.14
CA LEU C 87 20.22 23.53 14.94
C LEU C 87 19.38 23.27 13.70
N THR C 88 19.23 24.31 12.89
CA THR C 88 18.48 24.26 11.64
C THR C 88 19.32 24.93 10.56
N GLU C 89 19.33 24.33 9.38
CA GLU C 89 20.11 24.85 8.28
C GLU C 89 19.38 25.97 7.52
N ALA C 90 20.17 26.73 6.77
CA ALA C 90 19.68 27.80 5.90
C ALA C 90 19.02 28.94 6.65
N GLY C 91 19.49 29.22 7.86
CA GLY C 91 18.94 30.34 8.61
C GLY C 91 17.47 30.28 8.91
N TYR C 92 16.97 29.11 9.29
CA TYR C 92 15.55 28.98 9.57
C TYR C 92 15.24 29.60 10.94
N VAL C 93 13.99 29.48 11.37
CA VAL C 93 13.56 30.09 12.63
C VAL C 93 14.12 29.35 13.83
N GLY C 94 14.43 28.06 13.70
CA GLY C 94 14.90 27.31 14.84
C GLY C 94 16.19 27.80 15.46
N GLU C 95 17.30 27.71 14.71
CA GLU C 95 18.60 28.14 15.19
C GLU C 95 19.58 28.06 14.04
N ASP C 96 20.69 28.76 14.18
CA ASP C 96 21.75 28.78 13.17
C ASP C 96 23.01 28.14 13.73
N VAL C 97 23.91 27.79 12.80
CA VAL C 97 25.16 27.14 13.20
C VAL C 97 26.09 28.13 13.88
N GLU C 98 25.98 29.41 13.54
CA GLU C 98 26.84 30.42 14.15
C GLU C 98 26.56 30.59 15.64
N ASN C 99 25.38 30.17 16.10
CA ASN C 99 25.05 30.28 17.51
C ASN C 99 26.07 29.55 18.38
N ILE C 100 26.64 28.46 17.88
CA ILE C 100 27.65 27.73 18.63
C ILE C 100 28.85 28.63 18.89
N ILE C 101 29.25 29.41 17.89
CA ILE C 101 30.37 30.32 18.05
C ILE C 101 29.97 31.46 18.97
N GLN C 102 28.77 32.01 18.77
CA GLN C 102 28.30 33.12 19.60
C GLN C 102 28.23 32.69 21.06
N LYS C 103 27.86 31.43 21.31
CA LYS C 103 27.81 30.94 22.68
C LYS C 103 29.21 30.85 23.26
N LEU C 104 30.21 30.58 22.42
CA LEU C 104 31.59 30.47 22.90
C LEU C 104 32.11 31.81 23.40
N LEU C 105 31.76 32.90 22.71
CA LEU C 105 32.26 34.20 23.11
C LEU C 105 31.74 34.62 24.48
N GLN C 106 30.54 34.19 24.84
CA GLN C 106 30.01 34.54 26.16
C GLN C 106 30.91 34.01 27.25
N LYS C 107 31.43 32.80 27.07
CA LYS C 107 32.37 32.22 28.02
C LYS C 107 33.75 32.85 27.89
N SER C 108 34.11 33.27 26.67
CA SER C 108 35.40 33.85 26.35
C SER C 108 35.43 35.38 26.47
N ASP C 109 34.29 36.01 26.78
CA ASP C 109 34.21 37.47 26.95
C ASP C 109 34.51 38.22 25.65
N TYR C 110 34.08 37.66 24.52
CA TYR C 110 34.22 38.29 23.20
C TYR C 110 35.67 38.57 22.84
N ASP C 111 36.49 37.52 22.88
CA ASP C 111 37.90 37.60 22.50
C ASP C 111 38.06 36.64 21.32
N VAL C 112 38.19 37.21 20.13
CA VAL C 112 38.25 36.41 18.91
C VAL C 112 39.53 35.58 18.87
N GLN C 113 40.67 36.21 19.16
CA GLN C 113 41.93 35.45 19.12
C GLN C 113 41.94 34.34 20.15
N LYS C 114 41.30 34.56 21.29
CA LYS C 114 41.23 33.54 22.32
C LYS C 114 40.12 32.52 22.07
N ALA C 115 39.14 32.87 21.25
CA ALA C 115 38.03 31.96 20.98
C ALA C 115 38.37 30.89 19.95
N GLN C 116 39.23 31.23 18.98
CA GLN C 116 39.60 30.26 17.95
C GLN C 116 40.30 29.05 18.56
N ARG C 117 41.00 29.23 19.67
CA ARG C 117 41.69 28.14 20.34
C ARG C 117 40.80 27.36 21.29
N GLY C 118 39.49 27.63 21.30
CA GLY C 118 38.58 26.96 22.20
C GLY C 118 38.18 25.57 21.74
N ILE C 119 37.49 24.87 22.64
CA ILE C 119 37.02 23.51 22.44
C ILE C 119 35.50 23.52 22.46
N VAL C 120 34.91 22.65 21.63
CA VAL C 120 33.45 22.55 21.49
C VAL C 120 32.99 21.13 21.71
N TYR C 121 31.80 21.01 22.30
CA TYR C 121 31.15 19.74 22.57
C TYR C 121 29.72 19.82 22.07
N ILE C 122 29.27 18.75 21.41
CA ILE C 122 27.92 18.68 20.85
C ILE C 122 27.31 17.34 21.27
N ASP C 123 26.30 17.40 22.13
CA ASP C 123 25.61 16.21 22.60
C ASP C 123 24.49 15.82 21.63
N GLN C 124 24.09 14.55 21.72
CA GLN C 124 23.00 14.00 20.92
C GLN C 124 23.23 14.20 19.42
N ILE C 125 24.41 13.78 18.96
CA ILE C 125 24.74 13.91 17.55
C ILE C 125 23.94 12.94 16.69
N ASP C 126 23.48 11.83 17.26
CA ASP C 126 22.73 10.85 16.50
C ASP C 126 21.38 11.37 16.01
N LYS C 127 20.84 12.39 16.66
CA LYS C 127 19.53 12.90 16.28
C LYS C 127 19.48 13.43 14.85
N ILE C 128 20.61 13.89 14.31
CA ILE C 128 20.62 14.43 12.94
C ILE C 128 20.93 13.36 11.91
N SER C 129 20.99 12.11 12.31
CA SER C 129 21.29 11.05 11.37
C SER C 129 20.11 10.79 10.45
N ARG C 130 20.41 10.50 9.18
CA ARG C 130 19.36 10.21 8.22
C ARG C 130 18.61 8.95 8.62
N LYS C 131 17.28 9.00 8.47
CA LYS C 131 16.47 7.84 8.81
C LYS C 131 16.76 6.68 7.87
N SER C 132 16.95 6.94 6.58
CA SER C 132 17.21 5.92 5.58
C SER C 132 18.57 6.14 4.93
N ASP C 133 19.08 5.05 4.34
CA ASP C 133 20.37 5.08 3.67
C ASP C 133 20.37 6.03 2.48
N ASN C 134 19.28 6.03 1.71
CA ASN C 134 19.18 6.88 0.53
C ASN C 134 18.92 8.33 0.93
N PRO C 135 19.28 9.29 0.07
CA PRO C 135 19.02 10.69 0.41
C PRO C 135 17.54 10.94 0.54
N SER C 136 17.17 11.77 1.53
CA SER C 136 15.77 12.05 1.78
C SER C 136 15.13 12.69 0.56
N ILE C 137 13.90 12.27 0.27
CA ILE C 137 13.15 12.81 -0.86
C ILE C 137 12.91 14.30 -0.65
N THR C 138 12.54 14.69 0.57
CA THR C 138 12.36 16.09 0.94
C THR C 138 13.66 16.57 1.57
N ARG C 139 13.72 17.87 1.85
CA ARG C 139 14.92 18.46 2.43
C ARG C 139 14.75 18.51 3.95
N ASP C 140 15.46 17.62 4.64
CA ASP C 140 15.40 17.59 6.09
C ASP C 140 16.07 18.83 6.65
N VAL C 141 15.39 19.51 7.58
CA VAL C 141 15.92 20.71 8.20
C VAL C 141 16.68 20.40 9.49
N SER C 142 16.59 19.16 9.99
CA SER C 142 17.31 18.77 11.20
C SER C 142 17.96 17.40 11.04
N GLY C 143 18.19 16.97 9.79
CA GLY C 143 18.83 15.71 9.49
C GLY C 143 20.07 15.93 8.66
N GLU C 144 20.07 15.31 7.47
CA GLU C 144 21.17 15.43 6.52
C GLU C 144 21.62 16.87 6.31
N GLY C 145 20.64 17.79 6.25
CA GLY C 145 20.96 19.19 6.00
C GLY C 145 21.92 19.79 7.01
N VAL C 146 21.80 19.41 8.27
CA VAL C 146 22.66 19.99 9.29
C VAL C 146 24.09 19.50 9.13
N GLN C 147 24.26 18.22 8.78
CA GLN C 147 25.59 17.68 8.59
C GLN C 147 26.31 18.42 7.47
N GLN C 148 25.59 18.74 6.40
CA GLN C 148 26.18 19.44 5.27
C GLN C 148 26.74 20.80 5.69
N ALA C 149 26.00 21.53 6.53
CA ALA C 149 26.46 22.85 6.96
C ALA C 149 27.65 22.80 7.89
N LEU C 150 27.86 21.68 8.58
CA LEU C 150 29.00 21.56 9.49
C LEU C 150 30.30 21.23 8.78
N LEU C 151 30.21 20.64 7.57
CA LEU C 151 31.39 20.26 6.81
C LEU C 151 32.41 21.38 6.71
N LYS C 152 32.01 22.52 6.15
CA LYS C 152 32.93 23.63 6.00
C LYS C 152 33.34 24.22 7.34
N LEU C 153 32.54 24.02 8.39
CA LEU C 153 32.88 24.56 9.70
C LEU C 153 34.03 23.79 10.33
N ILE C 154 33.91 22.46 10.35
CA ILE C 154 34.94 21.64 10.98
C ILE C 154 36.24 21.70 10.19
N GLU C 155 36.15 21.79 8.87
CA GLU C 155 37.37 21.84 8.06
C GLU C 155 38.09 23.17 8.24
N GLY C 156 37.33 24.25 8.36
CA GLY C 156 37.85 25.59 8.52
C GLY C 156 37.20 26.55 7.57
N THR C 157 36.69 27.65 8.11
CA THR C 157 36.00 28.69 7.32
C THR C 157 35.89 29.91 8.20
N VAL C 158 35.15 30.91 7.73
CA VAL C 158 34.91 32.15 8.44
C VAL C 158 33.41 32.35 8.51
N ALA C 159 32.90 32.64 9.71
CA ALA C 159 31.47 32.79 9.96
C ALA C 159 31.16 34.12 10.62
N ALA C 160 30.04 34.71 10.20
CA ALA C 160 29.57 35.97 10.75
C ALA C 160 29.10 35.77 12.19
N VAL C 161 29.49 36.70 13.06
CA VAL C 161 29.14 36.64 14.48
C VAL C 161 28.72 38.01 14.98
N PRO C 162 27.46 38.24 15.39
CA PRO C 162 27.08 39.56 15.90
C PRO C 162 27.77 39.83 17.22
N PRO C 163 28.64 40.84 17.31
CA PRO C 163 29.32 41.08 18.60
C PRO C 163 28.37 41.69 19.61
N GLN C 164 28.20 41.02 20.75
CA GLN C 164 27.38 41.46 21.88
C GLN C 164 25.88 41.47 21.58
N GLY C 165 25.46 41.07 20.38
CA GLY C 165 24.07 41.12 20.00
C GLY C 165 23.66 42.43 19.35
N GLY C 166 24.42 43.49 19.58
CA GLY C 166 24.13 44.79 19.02
C GLY C 166 23.15 45.59 19.84
N ARG C 167 23.38 46.91 19.93
CA ARG C 167 22.49 47.77 20.69
C ARG C 167 21.17 47.97 19.95
N LYS C 168 21.23 48.14 18.64
CA LYS C 168 20.04 48.35 17.82
C LYS C 168 20.38 47.96 16.38
N HIS C 169 19.47 48.25 15.46
CA HIS C 169 19.69 47.97 14.05
C HIS C 169 20.86 48.79 13.49
N PRO C 170 21.19 49.91 14.14
CA PRO C 170 22.27 50.81 13.72
C PRO C 170 23.54 50.11 13.23
N GLN C 171 24.09 49.21 14.04
CA GLN C 171 25.33 48.54 13.66
C GLN C 171 25.15 47.65 12.43
N GLN C 172 24.26 46.65 12.53
CA GLN C 172 23.97 45.73 11.42
C GLN C 172 25.23 45.12 10.81
N GLU C 173 26.20 44.78 11.67
CA GLU C 173 27.46 44.20 11.24
C GLU C 173 27.73 42.92 12.02
N PHE C 174 28.70 42.15 11.53
CA PHE C 174 29.08 40.88 12.11
C PHE C 174 30.58 40.72 12.08
N LEU C 175 31.11 39.96 13.04
CA LEU C 175 32.53 39.68 13.15
C LEU C 175 32.84 38.33 12.53
N GLN C 176 33.99 38.25 11.86
CA GLN C 176 34.45 37.04 11.22
C GLN C 176 35.43 36.32 12.13
N VAL C 177 35.22 35.02 12.33
CA VAL C 177 36.07 34.20 13.17
C VAL C 177 36.42 32.92 12.41
N ASP C 178 37.64 32.44 12.63
CA ASP C 178 38.13 31.24 11.96
C ASP C 178 37.78 30.01 12.78
N THR C 179 37.70 28.88 12.07
CA THR C 179 37.41 27.58 12.68
C THR C 179 38.35 26.50 12.21
N SER C 180 39.37 26.84 11.41
CA SER C 180 40.31 25.83 10.94
C SER C 180 41.07 25.21 12.09
N LYS C 181 41.36 25.98 13.13
CA LYS C 181 42.08 25.48 14.30
C LYS C 181 41.15 24.93 15.38
N ILE C 182 39.86 25.28 15.37
CA ILE C 182 38.95 24.83 16.41
C ILE C 182 38.75 23.32 16.35
N LEU C 183 38.80 22.70 17.52
CA LEU C 183 38.55 21.28 17.69
C LEU C 183 37.06 21.07 17.94
N PHE C 184 36.56 19.91 17.55
CA PHE C 184 35.15 19.57 17.72
C PHE C 184 35.02 18.19 18.32
N ILE C 185 34.18 18.07 19.33
CA ILE C 185 33.91 16.80 20.00
C ILE C 185 32.41 16.55 19.82
N CYS C 186 32.07 15.79 18.79
CA CYS C 186 30.69 15.45 18.46
C CYS C 186 30.47 13.99 18.83
N GLY C 187 29.64 13.74 19.82
CA GLY C 187 29.36 12.38 20.23
C GLY C 187 27.99 12.19 20.82
N GLY C 188 27.36 11.08 20.49
CA GLY C 188 26.02 10.78 20.98
C GLY C 188 25.75 9.30 20.89
N ALA C 189 24.91 8.81 21.79
CA ALA C 189 24.56 7.40 21.83
C ALA C 189 23.69 7.08 20.62
N PHE C 190 24.21 6.28 19.71
CA PHE C 190 23.46 5.88 18.53
C PHE C 190 22.51 4.74 18.87
N ALA C 191 21.32 4.78 18.27
CA ALA C 191 20.28 3.79 18.48
C ALA C 191 20.16 2.91 17.25
N GLY C 192 20.11 1.59 17.48
CA GLY C 192 19.98 0.65 16.38
C GLY C 192 21.25 0.37 15.63
N LEU C 193 22.40 0.90 16.08
CA LEU C 193 23.64 0.67 15.38
C LEU C 193 24.07 -0.80 15.45
N ASP C 194 23.69 -1.50 16.53
CA ASP C 194 24.07 -2.89 16.67
C ASP C 194 23.46 -3.76 15.58
N LYS C 195 22.24 -3.44 15.15
CA LYS C 195 21.58 -4.25 14.13
C LYS C 195 22.31 -4.16 12.80
N VAL C 196 22.82 -2.97 12.47
CA VAL C 196 23.53 -2.79 11.21
C VAL C 196 24.84 -3.54 11.21
N ILE C 197 25.57 -3.48 12.31
CA ILE C 197 26.88 -4.14 12.38
C ILE C 197 26.73 -5.65 12.37
N SER C 198 25.63 -6.19 12.91
CA SER C 198 25.45 -7.63 12.93
C SER C 198 25.30 -8.17 11.51
N HIS C 199 24.53 -7.48 10.67
CA HIS C 199 24.34 -7.92 9.29
C HIS C 199 25.67 -7.98 8.55
N ARG C 200 26.57 -7.04 8.84
CA ARG C 200 27.86 -6.96 8.15
C ARG C 200 28.97 -7.76 8.82
N VAL C 201 28.85 -8.07 10.10
CA VAL C 201 29.91 -8.83 10.78
C VAL C 201 29.68 -10.32 10.66
N GLU C 202 28.47 -10.78 10.97
CA GLU C 202 28.08 -12.17 10.88
C GLU C 202 27.08 -12.28 9.74
N THR C 203 27.41 -13.07 8.72
CA THR C 203 26.49 -13.20 7.61
C THR C 203 25.18 -13.82 8.08
N GLY C 204 25.26 -14.99 8.72
CA GLY C 204 24.13 -15.68 9.32
C GLY C 204 22.84 -15.65 8.54
N SER C 205 21.78 -15.22 9.24
CA SER C 205 20.43 -15.06 8.73
C SER C 205 19.98 -16.20 7.83
N GLY C 206 20.29 -17.43 8.24
CA GLY C 206 19.90 -18.62 7.51
C GLY C 206 19.06 -19.53 8.39
N ILE C 207 18.41 -20.49 7.74
CA ILE C 207 17.53 -21.44 8.43
C ILE C 207 18.01 -22.88 8.24
N GLY C 208 18.74 -23.13 7.16
CA GLY C 208 19.19 -24.48 6.87
C GLY C 208 20.24 -24.99 7.83
N PHE C 209 20.71 -26.20 7.50
CA PHE C 209 21.74 -26.87 8.29
C PHE C 209 23.07 -26.11 8.23
N GLY C 210 23.51 -25.80 7.01
CA GLY C 210 24.79 -25.14 6.84
C GLY C 210 24.86 -23.78 7.51
N ALA C 211 23.74 -23.06 7.55
CA ALA C 211 23.73 -21.75 8.18
C ALA C 211 23.95 -21.88 9.67
N THR C 212 24.66 -20.89 10.23
CA THR C 212 24.98 -20.88 11.66
C THR C 212 24.00 -19.96 12.38
N VAL C 213 22.98 -20.56 12.98
CA VAL C 213 22.03 -19.80 13.77
C VAL C 213 22.71 -19.42 15.08
N LYS C 214 22.25 -18.33 15.68
CA LYS C 214 22.85 -17.88 16.94
C LYS C 214 22.70 -18.99 17.97
N ALA C 215 23.81 -19.26 18.67
CA ALA C 215 23.83 -20.35 19.65
C ALA C 215 22.87 -20.07 20.80
N LYS C 216 22.81 -18.82 21.26
CA LYS C 216 21.96 -18.44 22.38
C LYS C 216 21.08 -17.26 22.00
N SER C 217 20.04 -17.06 22.80
CA SER C 217 19.16 -15.92 22.59
C SER C 217 19.92 -14.63 22.85
N ASP C 218 20.76 -14.63 23.89
CA ASP C 218 21.58 -13.48 24.25
C ASP C 218 22.99 -13.74 23.73
N LYS C 219 23.31 -13.13 22.60
CA LYS C 219 24.60 -13.27 21.95
C LYS C 219 24.89 -11.98 21.20
N ALA C 220 26.16 -11.78 20.88
CA ALA C 220 26.61 -10.57 20.17
C ALA C 220 26.16 -9.32 20.91
N SER C 221 26.66 -9.21 22.14
CA SER C 221 26.32 -8.09 23.03
C SER C 221 26.59 -6.75 22.37
N GLU C 222 25.81 -5.75 22.79
CA GLU C 222 25.91 -4.39 22.27
C GLU C 222 27.32 -3.84 22.40
N GLY C 223 27.97 -4.08 23.55
CA GLY C 223 29.30 -3.53 23.78
C GLY C 223 30.34 -4.06 22.80
N GLU C 224 30.29 -5.35 22.51
CA GLU C 224 31.28 -5.95 21.62
C GLU C 224 31.18 -5.39 20.21
N LEU C 225 29.96 -5.15 19.73
CA LEU C 225 29.77 -4.68 18.35
C LEU C 225 30.41 -3.32 18.13
N LEU C 226 30.31 -2.42 19.11
CA LEU C 226 30.89 -1.09 18.94
C LEU C 226 32.40 -1.16 18.77
N ALA C 227 33.04 -2.13 19.44
CA ALA C 227 34.49 -2.28 19.32
C ALA C 227 34.91 -2.53 17.88
N GLN C 228 34.07 -3.21 17.09
CA GLN C 228 34.37 -3.54 15.70
C GLN C 228 33.68 -2.58 14.73
N VAL C 229 33.40 -1.37 15.17
CA VAL C 229 32.74 -0.38 14.32
C VAL C 229 33.71 0.17 13.29
N GLU C 230 33.18 0.56 12.14
CA GLU C 230 33.95 1.15 11.06
C GLU C 230 33.11 2.25 10.43
N PRO C 231 33.72 3.13 9.62
CA PRO C 231 32.94 4.20 8.99
C PRO C 231 31.89 3.70 8.03
N GLU C 232 32.15 2.60 7.31
CA GLU C 232 31.20 2.09 6.34
C GLU C 232 29.89 1.70 7.01
N ASP C 233 29.93 1.27 8.27
CA ASP C 233 28.71 0.89 8.96
C ASP C 233 27.83 2.11 9.19
N LEU C 234 28.43 3.25 9.51
CA LEU C 234 27.67 4.47 9.72
C LEU C 234 26.99 4.96 8.47
N ILE C 235 27.50 4.59 7.29
CA ILE C 235 26.88 5.02 6.05
C ILE C 235 25.49 4.43 5.94
N LYS C 236 25.35 3.14 6.27
CA LYS C 236 24.04 2.52 6.26
C LYS C 236 23.16 3.09 7.36
N PHE C 237 23.77 3.61 8.43
CA PHE C 237 23.01 4.19 9.51
C PHE C 237 22.36 5.50 9.10
N GLY C 238 23.01 6.24 8.19
CA GLY C 238 22.46 7.49 7.69
C GLY C 238 23.47 8.61 7.54
N LEU C 239 24.60 8.51 8.23
CA LEU C 239 25.60 9.57 8.14
C LEU C 239 26.25 9.60 6.77
N ILE C 240 26.60 10.81 6.34
CA ILE C 240 27.23 11.06 5.05
C ILE C 240 28.72 10.77 5.19
N PRO C 241 29.40 10.21 4.18
CA PRO C 241 30.85 9.99 4.33
C PRO C 241 31.60 11.29 4.49
N GLU C 242 31.10 12.37 3.90
CA GLU C 242 31.74 13.66 3.99
C GLU C 242 31.89 14.10 5.44
N PHE C 243 30.83 13.95 6.23
CA PHE C 243 30.88 14.35 7.62
C PHE C 243 31.81 13.44 8.42
N ILE C 244 31.78 12.15 8.13
CA ILE C 244 32.63 11.21 8.87
C ILE C 244 34.10 11.45 8.55
N GLY C 245 34.40 11.83 7.30
CA GLY C 245 35.78 12.12 6.96
C GLY C 245 36.34 13.27 7.78
N ARG C 246 35.47 14.21 8.16
CA ARG C 246 35.90 15.32 9.00
C ARG C 246 36.18 14.88 10.42
N LEU C 247 35.72 13.68 10.81
CA LEU C 247 35.89 13.12 12.15
C LEU C 247 36.60 11.78 12.01
N PRO C 248 37.92 11.77 11.89
CA PRO C 248 38.63 10.49 11.75
C PRO C 248 38.57 9.59 12.98
N VAL C 249 38.81 10.17 14.15
CA VAL C 249 38.84 9.36 15.37
C VAL C 249 37.44 8.93 15.76
N VAL C 250 37.33 7.71 16.27
CA VAL C 250 36.06 7.16 16.74
C VAL C 250 36.31 6.42 18.05
N ALA C 251 35.93 7.04 19.15
CA ALA C 251 36.10 6.42 20.46
C ALA C 251 34.99 5.43 20.71
N THR C 252 35.19 4.60 21.75
CA THR C 252 34.21 3.60 22.15
C THR C 252 34.17 3.53 23.67
N LEU C 253 32.96 3.54 24.22
CA LEU C 253 32.76 3.43 25.66
C LEU C 253 32.04 2.13 25.95
N ASN C 254 32.74 1.20 26.59
CA ASN C 254 32.16 -0.08 26.95
C ASN C 254 31.01 0.14 27.93
N GLU C 255 30.03 -0.74 27.87
CA GLU C 255 28.88 -0.60 28.75
C GLU C 255 29.27 -0.90 30.19
N LEU C 256 28.49 -0.32 31.11
CA LEU C 256 28.75 -0.48 32.53
C LEU C 256 28.65 -1.94 32.97
N SER C 257 29.50 -2.29 33.93
CA SER C 257 29.57 -3.61 34.52
C SER C 257 29.21 -3.52 36.00
N GLU C 258 28.55 -4.57 36.49
CA GLU C 258 28.11 -4.69 37.88
C GLU C 258 29.16 -4.23 38.90
N GLU C 259 30.43 -4.58 38.67
CA GLU C 259 31.46 -4.18 39.61
C GLU C 259 31.77 -2.69 39.49
N ALA C 260 31.59 -2.12 38.30
CA ALA C 260 31.86 -0.70 38.11
C ALA C 260 30.85 0.15 38.87
N LEU C 261 29.58 -0.26 38.90
CA LEU C 261 28.56 0.52 39.58
C LEU C 261 28.83 0.60 41.07
N ILE C 262 29.34 -0.47 41.66
CA ILE C 262 29.65 -0.44 43.09
C ILE C 262 30.71 0.61 43.35
N GLN C 263 31.69 0.71 42.45
CA GLN C 263 32.73 1.73 42.59
C GLN C 263 32.16 3.12 42.36
N ILE C 264 31.16 3.23 41.47
CA ILE C 264 30.58 4.52 41.16
C ILE C 264 29.85 5.11 42.35
N LEU C 265 29.35 4.26 43.26
CA LEU C 265 28.63 4.77 44.42
C LEU C 265 29.53 5.17 45.57
N LYS C 266 30.80 4.78 45.56
CA LYS C 266 31.74 5.07 46.63
C LYS C 266 32.90 5.97 46.23
N GLU C 267 33.60 5.66 45.15
CA GLU C 267 34.77 6.44 44.77
C GLU C 267 34.43 7.84 44.27
N PRO C 268 33.53 8.03 43.30
CA PRO C 268 33.22 9.38 42.84
C PRO C 268 32.69 10.28 43.95
N LYS C 269 33.01 11.57 43.82
CA LYS C 269 32.56 12.53 44.82
C LYS C 269 31.08 12.84 44.70
N ASN C 270 30.52 12.78 43.48
CA ASN C 270 29.12 13.07 43.24
C ASN C 270 28.25 11.83 43.23
N ALA C 271 28.66 10.76 43.91
CA ALA C 271 27.88 9.53 43.95
C ALA C 271 26.56 9.77 44.66
N LEU C 272 25.57 8.94 44.32
CA LEU C 272 24.25 9.05 44.92
C LEU C 272 24.31 8.89 46.44
N THR C 273 25.20 8.02 46.92
CA THR C 273 25.33 7.82 48.36
C THR C 273 25.76 9.11 49.05
N LYS C 274 26.70 9.83 48.43
CA LYS C 274 27.17 11.08 49.03
C LYS C 274 26.13 12.18 48.91
N GLN C 275 25.28 12.11 47.89
CA GLN C 275 24.25 13.14 47.73
C GLN C 275 23.23 13.05 48.87
N TYR C 276 22.63 11.88 49.04
CA TYR C 276 21.65 11.71 50.12
C TYR C 276 22.30 11.83 51.48
N GLN C 277 23.57 11.43 51.61
CA GLN C 277 24.26 11.57 52.88
C GLN C 277 24.33 13.03 53.27
N ALA C 278 24.55 13.91 52.29
CA ALA C 278 24.57 15.33 52.55
C ALA C 278 23.16 15.87 52.74
N LEU C 279 22.17 15.25 52.11
CA LEU C 279 20.79 15.71 52.25
C LEU C 279 20.31 15.52 53.68
N PHE C 280 20.71 14.42 54.32
CA PHE C 280 20.34 14.16 55.70
C PHE C 280 21.34 14.75 56.68
N ASN C 281 22.54 15.10 56.22
CA ASN C 281 23.53 15.69 57.10
C ASN C 281 23.04 17.00 57.68
N LEU C 282 22.42 17.84 56.85
CA LEU C 282 21.89 19.11 57.35
C LEU C 282 20.73 18.87 58.31
N GLU C 283 20.02 17.75 58.14
CA GLU C 283 18.91 17.40 59.00
C GLU C 283 19.36 16.76 60.32
N GLY C 284 20.66 16.67 60.56
CA GLY C 284 21.14 16.05 61.77
C GLY C 284 20.94 14.56 61.80
N VAL C 285 20.95 13.91 60.64
CA VAL C 285 20.76 12.47 60.52
C VAL C 285 21.82 11.92 59.59
N ASP C 286 22.37 10.76 59.96
CA ASP C 286 23.40 10.08 59.18
C ASP C 286 22.79 8.95 58.37
N LEU C 287 23.54 8.49 57.37
CA LEU C 287 23.12 7.41 56.49
C LEU C 287 24.27 6.43 56.31
N GLU C 288 23.92 5.16 56.13
CA GLU C 288 24.89 4.09 55.94
C GLU C 288 24.44 3.15 54.84
N PHE C 289 25.40 2.64 54.07
CA PHE C 289 25.13 1.70 52.99
C PHE C 289 26.16 0.59 53.08
N ARG C 290 25.74 -0.60 53.48
CA ARG C 290 26.66 -1.71 53.59
C ARG C 290 26.99 -2.30 52.23
N ASP C 291 28.13 -3.00 52.17
CA ASP C 291 28.57 -3.61 50.92
C ASP C 291 27.60 -4.67 50.42
N GLU C 292 26.91 -5.36 51.34
CA GLU C 292 25.97 -6.40 50.93
C GLU C 292 24.81 -5.82 50.16
N ALA C 293 24.47 -4.55 50.41
CA ALA C 293 23.37 -3.90 49.71
C ALA C 293 23.77 -3.48 48.30
N LEU C 294 25.05 -3.16 48.09
CA LEU C 294 25.48 -2.71 46.77
C LEU C 294 25.52 -3.83 45.76
N ASP C 295 25.83 -5.05 46.20
CA ASP C 295 25.90 -6.17 45.26
C ASP C 295 24.52 -6.49 44.70
N ALA C 296 23.48 -6.34 45.52
CA ALA C 296 22.13 -6.61 45.05
C ALA C 296 21.65 -5.51 44.12
N ILE C 297 22.06 -4.26 44.37
CA ILE C 297 21.63 -3.14 43.55
C ILE C 297 22.20 -3.26 42.14
N ALA C 298 23.41 -3.78 42.01
CA ALA C 298 24.02 -3.92 40.69
C ALA C 298 23.22 -4.84 39.80
N LYS C 299 22.70 -5.93 40.36
CA LYS C 299 21.90 -6.86 39.57
C LYS C 299 20.64 -6.18 39.05
N LYS C 300 20.04 -5.33 39.87
CA LYS C 300 18.81 -4.65 39.50
C LYS C 300 19.03 -3.57 38.47
N ALA C 301 20.17 -2.88 38.53
CA ALA C 301 20.40 -1.76 37.62
C ALA C 301 20.58 -2.23 36.17
N MET C 302 21.42 -3.24 35.95
CA MET C 302 21.64 -3.72 34.59
C MET C 302 20.35 -4.24 33.96
N ALA C 303 19.44 -4.76 34.79
CA ALA C 303 18.17 -5.27 34.27
C ALA C 303 17.33 -4.17 33.64
N ARG C 304 17.54 -2.91 34.03
CA ARG C 304 16.76 -1.81 33.50
C ARG C 304 17.26 -1.32 32.15
N LYS C 305 18.42 -1.78 31.69
CA LYS C 305 19.03 -1.37 30.43
C LYS C 305 18.95 0.14 30.23
N THR C 306 19.45 0.86 31.23
CA THR C 306 19.43 2.32 31.22
C THR C 306 20.75 2.94 31.68
N GLY C 307 21.74 2.15 32.04
CA GLY C 307 22.99 2.71 32.49
C GLY C 307 22.92 3.24 33.91
N ALA C 308 23.89 4.08 34.23
CA ALA C 308 23.99 4.65 35.57
C ALA C 308 22.83 5.58 35.88
N ARG C 309 22.26 6.22 34.87
CA ARG C 309 21.16 7.15 35.12
C ARG C 309 19.94 6.45 35.69
N GLY C 310 19.78 5.15 35.42
CA GLY C 310 18.69 4.39 35.96
C GLY C 310 18.96 3.84 37.35
N LEU C 311 20.02 4.31 37.99
CA LEU C 311 20.39 3.83 39.32
C LEU C 311 19.55 4.45 40.42
N ARG C 312 19.13 5.71 40.25
CA ARG C 312 18.36 6.38 41.29
C ARG C 312 17.02 5.70 41.54
N SER C 313 16.43 5.09 40.51
CA SER C 313 15.14 4.44 40.66
C SER C 313 15.18 3.33 41.70
N ILE C 314 16.31 2.62 41.80
CA ILE C 314 16.40 1.53 42.76
C ILE C 314 16.51 2.06 44.18
N VAL C 315 17.26 3.13 44.37
CA VAL C 315 17.46 3.68 45.70
C VAL C 315 16.21 4.40 46.20
N GLU C 316 15.74 5.37 45.43
CA GLU C 316 14.62 6.21 45.87
C GLU C 316 13.33 5.41 46.08
N ALA C 317 13.12 4.34 45.33
CA ALA C 317 11.92 3.54 45.55
C ALA C 317 11.93 2.90 46.92
N ALA C 318 13.13 2.62 47.45
CA ALA C 318 13.26 2.04 48.77
C ALA C 318 13.09 3.11 49.85
N LEU C 319 13.91 4.16 49.79
CA LEU C 319 13.88 5.23 50.76
C LEU C 319 12.65 6.14 50.65
N LEU C 320 11.70 5.86 49.75
CA LEU C 320 10.51 6.67 49.63
C LEU C 320 9.79 6.79 50.97
N ASP C 321 9.38 5.65 51.53
CA ASP C 321 8.70 5.65 52.82
C ASP C 321 9.55 6.25 53.93
N THR C 322 10.85 5.95 53.93
CA THR C 322 11.74 6.45 54.97
C THR C 322 11.78 7.97 55.00
N MET C 323 12.02 8.59 53.84
CA MET C 323 12.10 10.05 53.78
C MET C 323 10.78 10.71 54.16
N TYR C 324 9.66 10.00 53.98
CA TYR C 324 8.36 10.57 54.30
C TYR C 324 8.12 10.63 55.81
N ASP C 325 8.63 9.66 56.57
CA ASP C 325 8.41 9.60 58.01
C ASP C 325 9.54 10.18 58.85
N LEU C 326 10.75 10.34 58.32
CA LEU C 326 11.84 10.87 59.12
C LEU C 326 11.62 12.28 59.64
N PRO C 327 11.15 13.26 58.83
CA PRO C 327 10.98 14.60 59.39
C PRO C 327 9.99 14.65 60.55
N SER C 328 8.88 13.91 60.46
CA SER C 328 7.93 13.88 61.56
C SER C 328 8.55 13.24 62.79
N MET C 329 9.35 12.20 62.59
CA MET C 329 10.01 11.51 63.69
C MET C 329 11.05 12.42 64.35
N GLU C 330 11.27 12.18 65.63
CA GLU C 330 12.23 12.94 66.43
C GLU C 330 13.19 11.99 67.13
N ASP C 331 14.34 12.54 67.51
CA ASP C 331 15.39 11.79 68.21
C ASP C 331 15.91 10.64 67.35
N VAL C 332 16.09 10.89 66.05
CA VAL C 332 16.62 9.92 65.11
C VAL C 332 17.99 10.44 64.68
N GLU C 333 19.04 9.66 64.98
CA GLU C 333 20.41 10.07 64.70
C GLU C 333 21.10 9.29 63.60
N LYS C 334 20.68 8.07 63.29
CA LYS C 334 21.34 7.28 62.27
C LYS C 334 20.38 6.30 61.64
N VAL C 335 20.59 6.03 60.35
CA VAL C 335 19.77 5.12 59.55
C VAL C 335 20.67 4.10 58.88
N VAL C 336 20.25 2.84 58.90
CA VAL C 336 20.97 1.73 58.29
C VAL C 336 20.05 1.04 57.30
N ILE C 337 20.58 0.74 56.11
CA ILE C 337 19.83 0.10 55.04
C ILE C 337 20.55 -1.19 54.68
N ASP C 338 20.03 -2.32 55.15
CA ASP C 338 20.62 -3.60 54.85
C ASP C 338 20.15 -4.11 53.48
N GLU C 339 20.73 -5.23 53.06
CA GLU C 339 20.41 -5.81 51.75
C GLU C 339 18.93 -6.15 51.61
N SER C 340 18.31 -6.68 52.66
CA SER C 340 16.90 -7.08 52.60
C SER C 340 16.00 -5.91 52.21
N VAL C 341 16.26 -4.72 52.74
CA VAL C 341 15.45 -3.54 52.46
C VAL C 341 15.35 -3.30 50.95
N ILE C 342 16.44 -3.54 50.22
CA ILE C 342 16.44 -3.31 48.78
C ILE C 342 15.43 -4.22 48.10
N ASP C 343 15.38 -5.49 48.52
CA ASP C 343 14.45 -6.44 47.93
C ASP C 343 13.00 -6.10 48.26
N GLY C 344 12.77 -5.40 49.38
CA GLY C 344 11.44 -5.04 49.80
C GLY C 344 10.82 -5.95 50.83
N GLN C 345 11.57 -6.93 51.33
CA GLN C 345 11.10 -7.88 52.33
C GLN C 345 11.37 -7.44 53.76
N SER C 346 11.98 -6.28 53.96
CA SER C 346 12.32 -5.79 55.28
C SER C 346 12.16 -4.27 55.34
N GLU C 347 12.36 -3.74 56.54
CA GLU C 347 12.24 -2.32 56.85
C GLU C 347 13.60 -1.79 57.34
N PRO C 348 14.00 -0.57 56.97
CA PRO C 348 15.30 -0.07 57.43
C PRO C 348 15.35 0.10 58.94
N LEU C 349 16.48 -0.32 59.52
CA LEU C 349 16.70 -0.18 60.95
C LEU C 349 16.98 1.27 61.29
N LEU C 350 16.46 1.72 62.43
CA LEU C 350 16.62 3.10 62.90
C LEU C 350 17.31 3.12 64.25
N ILE C 351 18.16 4.12 64.44
CA ILE C 351 18.93 4.32 65.67
C ILE C 351 18.50 5.64 66.27
N TYR C 352 18.11 5.60 67.55
CA TYR C 352 17.66 6.78 68.26
C TYR C 352 18.72 7.26 69.25
N GLY C 353 18.66 8.54 69.57
CA GLY C 353 19.59 9.15 70.50
C GLY C 353 19.15 9.01 71.94
N ALA D 2 10.30 27.47 60.21
CA ALA D 2 10.11 26.05 59.98
C ALA D 2 9.98 25.75 58.49
N LEU D 3 9.61 24.53 58.14
CA LEU D 3 9.46 24.09 56.77
C LEU D 3 8.29 23.14 56.67
N PRO D 4 7.62 23.05 55.50
CA PRO D 4 6.52 22.09 55.39
C PRO D 4 7.02 20.66 55.50
N THR D 5 6.21 19.81 56.16
CA THR D 5 6.55 18.42 56.38
C THR D 5 5.75 17.50 55.45
N PRO D 6 6.31 16.35 55.06
CA PRO D 6 5.54 15.40 54.22
C PRO D 6 4.17 15.05 54.79
N HIS D 7 4.08 14.88 56.10
CA HIS D 7 2.80 14.55 56.71
C HIS D 7 1.85 15.74 56.66
N GLU D 8 2.37 16.95 56.88
CA GLU D 8 1.52 18.14 56.88
C GLU D 8 1.05 18.47 55.47
N ILE D 9 1.92 18.34 54.48
CA ILE D 9 1.55 18.66 53.11
C ILE D 9 0.54 17.66 52.58
N ARG D 10 0.65 16.39 52.99
CA ARG D 10 -0.28 15.38 52.51
C ARG D 10 -1.68 15.61 53.05
N ASN D 11 -1.80 16.11 54.27
CA ASN D 11 -3.12 16.36 54.84
C ASN D 11 -3.88 17.40 54.00
N HIS D 12 -3.16 18.37 53.45
CA HIS D 12 -3.80 19.36 52.60
C HIS D 12 -4.31 18.71 51.32
N LEU D 13 -3.50 17.82 50.74
CA LEU D 13 -3.90 17.12 49.53
C LEU D 13 -5.06 16.18 49.77
N ASP D 14 -5.17 15.63 50.98
CA ASP D 14 -6.25 14.70 51.29
C ASP D 14 -7.61 15.36 51.13
N ASP D 15 -7.69 16.67 51.37
CA ASP D 15 -8.97 17.36 51.22
C ASP D 15 -9.45 17.34 49.78
N TYR D 16 -8.54 17.34 48.82
CA TYR D 16 -8.88 17.34 47.41
C TYR D 16 -8.66 15.99 46.74
N VAL D 17 -7.93 15.07 47.37
CA VAL D 17 -7.64 13.76 46.79
C VAL D 17 -7.94 12.67 47.81
N ILE D 18 -8.50 11.56 47.33
CA ILE D 18 -8.85 10.42 48.17
C ILE D 18 -8.37 9.13 47.51
N GLY D 19 -7.85 8.22 48.32
CA GLY D 19 -7.44 6.91 47.83
C GLY D 19 -6.18 6.87 47.00
N GLN D 20 -5.25 7.79 47.23
CA GLN D 20 -4.00 7.87 46.48
C GLN D 20 -2.81 8.05 47.41
N GLU D 21 -2.77 7.24 48.47
CA GLU D 21 -1.70 7.33 49.46
C GLU D 21 -0.33 7.12 48.84
N GLN D 22 -0.22 6.19 47.89
CA GLN D 22 1.08 5.92 47.27
C GLN D 22 1.61 7.14 46.52
N ALA D 23 0.75 7.77 45.72
CA ALA D 23 1.19 8.91 44.92
C ALA D 23 1.50 10.13 45.79
N LYS D 24 0.65 10.42 46.76
CA LYS D 24 0.83 11.60 47.62
C LYS D 24 2.21 11.61 48.27
N LYS D 25 2.65 10.47 48.77
CA LYS D 25 3.95 10.41 49.44
C LYS D 25 5.08 10.76 48.48
N VAL D 26 5.03 10.23 47.26
CA VAL D 26 6.09 10.49 46.28
C VAL D 26 6.17 11.98 45.98
N LEU D 27 5.02 12.61 45.76
CA LEU D 27 5.03 14.04 45.44
C LEU D 27 5.50 14.86 46.62
N ALA D 28 5.07 14.50 47.83
CA ALA D 28 5.48 15.23 49.02
C ALA D 28 7.00 15.19 49.20
N VAL D 29 7.61 14.03 48.98
CA VAL D 29 9.05 13.89 49.16
C VAL D 29 9.80 14.75 48.16
N ALA D 30 9.39 14.71 46.90
CA ALA D 30 10.07 15.50 45.87
C ALA D 30 9.96 16.99 46.19
N VAL D 31 8.76 17.44 46.55
CA VAL D 31 8.55 18.84 46.89
C VAL D 31 9.40 19.21 48.10
N TYR D 32 9.41 18.35 49.12
CA TYR D 32 10.20 18.64 50.30
C TYR D 32 11.68 18.60 49.96
N ASN D 33 12.10 17.63 49.15
CA ASN D 33 13.49 17.57 48.73
C ASN D 33 13.87 18.79 47.91
N HIS D 34 12.97 19.24 47.04
CA HIS D 34 13.25 20.41 46.22
C HIS D 34 13.44 21.64 47.08
N TYR D 35 12.57 21.84 48.07
CA TYR D 35 12.70 22.96 48.98
C TYR D 35 13.99 22.84 49.76
N LYS D 36 14.35 21.62 50.16
CA LYS D 36 15.55 21.40 50.95
C LYS D 36 16.80 21.74 50.15
N ARG D 37 16.88 21.27 48.90
CA ARG D 37 18.03 21.55 48.06
C ARG D 37 18.21 23.04 47.85
N LEU D 38 17.11 23.76 47.63
CA LEU D 38 17.19 25.20 47.41
C LEU D 38 17.52 25.93 48.71
N ARG D 39 16.94 25.48 49.82
CA ARG D 39 17.25 26.11 51.11
C ARG D 39 18.72 25.97 51.41
N ASN D 40 19.30 24.82 51.08
CA ASN D 40 20.72 24.59 51.26
C ASN D 40 21.52 25.51 50.35
N GLY D 41 22.57 26.10 50.91
CA GLY D 41 23.43 26.97 50.11
C GLY D 41 24.11 26.23 48.98
N ASP D 42 24.31 24.93 49.14
CA ASP D 42 24.95 23.99 48.23
C ASP D 42 26.47 24.12 48.27
N THR D 43 27.03 25.03 49.05
CA THR D 43 28.48 25.18 49.21
C THR D 43 28.89 24.40 50.46
N SER D 44 28.72 23.08 50.37
CA SER D 44 29.01 22.14 51.45
C SER D 44 29.81 20.98 50.88
N ASN D 45 30.15 20.04 51.76
CA ASN D 45 30.90 18.84 51.33
C ASN D 45 30.17 18.14 50.19
N GLY D 46 28.87 17.93 50.34
CA GLY D 46 28.09 17.35 49.27
C GLY D 46 27.72 18.45 48.30
N VAL D 47 27.92 18.19 47.01
CA VAL D 47 27.65 19.18 45.97
C VAL D 47 27.04 18.49 44.76
N GLU D 48 26.55 19.32 43.84
CA GLU D 48 25.90 18.87 42.60
C GLU D 48 24.84 17.81 42.90
N LEU D 49 23.99 18.13 43.87
CA LEU D 49 22.92 17.24 44.27
C LEU D 49 22.01 16.91 43.10
N GLY D 50 21.61 15.64 43.01
CA GLY D 50 20.72 15.23 41.95
C GLY D 50 19.28 15.62 42.22
N LYS D 51 18.53 15.70 41.13
CA LYS D 51 17.11 16.04 41.16
C LYS D 51 16.33 14.83 40.70
N SER D 52 15.41 14.38 41.54
CA SER D 52 14.61 13.19 41.24
C SER D 52 13.29 13.62 40.61
N ASN D 53 13.14 13.32 39.32
CA ASN D 53 11.91 13.63 38.63
C ASN D 53 10.89 12.53 38.87
N ILE D 54 9.63 12.83 38.59
CA ILE D 54 8.52 11.90 38.82
C ILE D 54 7.81 11.63 37.50
N LEU D 55 7.41 10.37 37.33
CA LEU D 55 6.69 9.91 36.14
C LEU D 55 5.42 9.24 36.64
N LEU D 56 4.27 9.87 36.36
CA LEU D 56 2.97 9.39 36.82
C LEU D 56 2.24 8.60 35.73
N ILE D 57 2.06 7.30 35.96
CA ILE D 57 1.34 6.42 35.05
C ILE D 57 0.03 6.05 35.72
N GLY D 58 -1.08 6.44 35.12
CA GLY D 58 -2.37 6.10 35.65
C GLY D 58 -3.47 6.18 34.62
N PRO D 59 -4.55 5.40 34.78
CA PRO D 59 -5.64 5.46 33.81
C PRO D 59 -6.32 6.81 33.79
N THR D 60 -7.23 6.94 32.84
CA THR D 60 -7.98 8.17 32.67
C THR D 60 -8.83 8.47 33.91
N GLY D 61 -8.91 9.75 34.26
CA GLY D 61 -9.72 10.16 35.39
C GLY D 61 -9.30 9.63 36.73
N SER D 62 -8.06 9.20 36.87
CA SER D 62 -7.58 8.68 38.14
C SER D 62 -7.11 9.77 39.10
N GLY D 63 -6.96 11.00 38.63
CA GLY D 63 -6.56 12.11 39.45
C GLY D 63 -5.16 12.66 39.22
N LYS D 64 -4.56 12.42 38.06
CA LYS D 64 -3.22 12.94 37.79
C LYS D 64 -3.25 14.46 37.69
N THR D 65 -4.12 14.99 36.82
CA THR D 65 -4.22 16.43 36.63
C THR D 65 -4.66 17.14 37.90
N LEU D 66 -5.43 16.45 38.75
CA LEU D 66 -5.92 17.07 39.97
C LEU D 66 -4.79 17.37 40.94
N LEU D 67 -3.79 16.49 41.01
CA LEU D 67 -2.69 16.69 41.95
C LEU D 67 -1.88 17.93 41.60
N ALA D 68 -1.64 18.16 40.32
CA ALA D 68 -0.85 19.31 39.90
C ALA D 68 -1.51 20.63 40.30
N GLU D 69 -2.84 20.72 40.16
CA GLU D 69 -3.52 21.96 40.49
C GLU D 69 -3.54 22.19 41.99
N THR D 70 -3.84 21.16 42.78
CA THR D 70 -3.87 21.31 44.23
C THR D 70 -2.48 21.66 44.75
N LEU D 71 -1.45 21.11 44.14
CA LEU D 71 -0.09 21.38 44.58
C LEU D 71 0.27 22.85 44.40
N ALA D 72 -0.13 23.44 43.27
CA ALA D 72 0.21 24.83 43.01
C ALA D 72 -0.41 25.78 44.03
N ARG D 73 -1.58 25.43 44.56
CA ARG D 73 -2.23 26.31 45.53
C ARG D 73 -1.41 26.41 46.81
N LEU D 74 -1.01 25.26 47.36
CA LEU D 74 -0.22 25.25 48.58
C LEU D 74 1.25 25.55 48.34
N LEU D 75 1.75 25.29 47.14
CA LEU D 75 3.14 25.54 46.81
C LEU D 75 3.42 27.03 46.68
N ASP D 76 4.53 27.46 47.28
CA ASP D 76 4.93 28.87 47.23
C ASP D 76 5.69 29.19 45.95
N VAL D 77 6.63 28.32 45.58
CA VAL D 77 7.44 28.53 44.39
C VAL D 77 6.53 28.47 43.15
N PRO D 78 6.93 29.07 42.02
CA PRO D 78 6.06 29.07 40.84
C PRO D 78 5.80 27.69 40.26
N PHE D 79 4.63 27.56 39.64
CA PHE D 79 4.19 26.33 39.00
C PHE D 79 3.53 26.66 37.67
N THR D 80 3.66 25.74 36.72
CA THR D 80 3.09 25.87 35.39
C THR D 80 2.52 24.54 34.95
N MET D 81 1.52 24.59 34.08
CA MET D 81 0.86 23.41 33.53
C MET D 81 1.01 23.45 32.01
N ALA D 82 2.09 22.87 31.52
CA ALA D 82 2.39 22.81 30.10
C ALA D 82 1.95 21.46 29.53
N ASP D 83 2.13 21.30 28.22
CA ASP D 83 1.75 20.08 27.53
C ASP D 83 2.69 19.83 26.37
N ALA D 84 3.02 18.56 26.15
CA ALA D 84 3.90 18.14 25.07
C ALA D 84 3.17 17.87 23.77
N THR D 85 1.86 18.09 23.71
CA THR D 85 1.12 17.81 22.49
C THR D 85 1.45 18.82 21.39
N THR D 86 1.58 20.08 21.75
CA THR D 86 1.84 21.15 20.79
C THR D 86 3.31 21.30 20.42
N LEU D 87 4.22 20.61 21.10
CA LEU D 87 5.64 20.76 20.83
C LEU D 87 6.07 20.08 19.54
N THR D 88 6.92 20.79 18.78
CA THR D 88 7.50 20.32 17.54
C THR D 88 9.00 20.59 17.60
N GLU D 89 9.78 19.65 17.08
CA GLU D 89 11.23 19.77 17.12
C GLU D 89 11.77 20.67 16.01
N ALA D 90 13.02 21.10 16.20
CA ALA D 90 13.77 21.87 15.23
C ALA D 90 13.11 23.20 14.88
N GLY D 91 12.42 23.81 15.84
CA GLY D 91 11.79 25.09 15.60
C GLY D 91 10.81 25.11 14.45
N TYR D 92 9.89 24.15 14.39
CA TYR D 92 8.90 24.14 13.33
C TYR D 92 7.81 25.16 13.64
N VAL D 93 6.80 25.21 12.77
CA VAL D 93 5.73 26.20 12.94
C VAL D 93 4.83 25.90 14.12
N GLY D 94 4.76 24.65 14.56
CA GLY D 94 3.88 24.32 15.67
C GLY D 94 4.20 25.01 16.98
N GLU D 95 5.34 24.69 17.56
CA GLU D 95 5.79 25.25 18.83
C GLU D 95 7.18 24.71 19.10
N ASP D 96 7.88 25.35 20.02
CA ASP D 96 9.22 24.96 20.43
C ASP D 96 9.19 24.56 21.90
N VAL D 97 10.21 23.81 22.30
CA VAL D 97 10.30 23.35 23.67
C VAL D 97 10.60 24.49 24.62
N GLU D 98 11.24 25.55 24.12
CA GLU D 98 11.58 26.69 24.97
C GLU D 98 10.35 27.44 25.45
N ASN D 99 9.21 27.29 24.76
CA ASN D 99 7.99 27.98 25.16
C ASN D 99 7.60 27.66 26.59
N ILE D 100 7.93 26.46 27.06
CA ILE D 100 7.61 26.06 28.43
C ILE D 100 8.32 26.99 29.42
N ILE D 101 9.53 27.41 29.09
CA ILE D 101 10.31 28.23 30.02
C ILE D 101 9.68 29.62 30.14
N GLN D 102 9.32 30.26 29.04
CA GLN D 102 8.76 31.60 29.13
C GLN D 102 7.43 31.58 29.89
N LYS D 103 6.66 30.51 29.77
CA LYS D 103 5.40 30.43 30.51
C LYS D 103 5.66 30.42 32.00
N LEU D 104 6.78 29.83 32.42
CA LEU D 104 7.12 29.79 33.84
C LEU D 104 7.40 31.20 34.36
N LEU D 105 8.05 32.03 33.56
CA LEU D 105 8.39 33.38 34.00
C LEU D 105 7.15 34.24 34.18
N GLN D 106 6.09 33.99 33.41
CA GLN D 106 4.87 34.78 33.57
C GLN D 106 4.35 34.66 34.99
N LYS D 107 4.43 33.46 35.56
CA LYS D 107 4.02 33.25 36.94
C LYS D 107 5.04 33.84 37.91
N SER D 108 6.30 33.88 37.51
CA SER D 108 7.38 34.37 38.33
C SER D 108 7.70 35.85 38.13
N ASP D 109 7.00 36.52 37.21
CA ASP D 109 7.20 37.96 36.95
C ASP D 109 8.61 38.26 36.43
N TYR D 110 9.15 37.36 35.60
CA TYR D 110 10.44 37.54 34.96
C TYR D 110 11.59 37.70 35.97
N ASP D 111 11.70 36.72 36.85
CA ASP D 111 12.77 36.66 37.86
C ASP D 111 13.53 35.37 37.54
N VAL D 112 14.71 35.54 36.95
CA VAL D 112 15.50 34.39 36.52
C VAL D 112 15.99 33.58 37.72
N GLN D 113 16.54 34.25 38.72
CA GLN D 113 17.04 33.52 39.88
C GLN D 113 15.91 32.81 40.61
N LYS D 114 14.72 33.40 40.60
CA LYS D 114 13.56 32.79 41.24
C LYS D 114 12.86 31.79 40.33
N ALA D 115 13.11 31.84 39.02
CA ALA D 115 12.43 30.95 38.09
C ALA D 115 13.05 29.57 38.00
N GLN D 116 14.38 29.46 38.17
CA GLN D 116 15.02 28.15 38.06
C GLN D 116 14.51 27.18 39.12
N ARG D 117 14.06 27.70 40.25
CA ARG D 117 13.53 26.86 41.33
C ARG D 117 12.05 26.48 41.13
N GLY D 118 11.47 26.77 39.96
CA GLY D 118 10.08 26.45 39.73
C GLY D 118 9.84 24.99 39.41
N ILE D 119 8.56 24.64 39.37
CA ILE D 119 8.08 23.29 39.11
C ILE D 119 7.27 23.30 37.82
N VAL D 120 7.37 22.21 37.07
CA VAL D 120 6.67 22.07 35.79
C VAL D 120 5.98 20.71 35.73
N TYR D 121 4.80 20.69 35.10
CA TYR D 121 4.00 19.50 34.91
C TYR D 121 3.67 19.39 33.43
N ILE D 122 4.10 18.31 32.81
CA ILE D 122 3.91 18.06 31.39
C ILE D 122 2.90 16.93 31.24
N ASP D 123 1.70 17.26 30.78
CA ASP D 123 0.66 16.27 30.56
C ASP D 123 0.73 15.74 29.12
N GLN D 124 -0.02 14.67 28.88
CA GLN D 124 -0.08 14.05 27.55
C GLN D 124 1.31 13.63 27.06
N ILE D 125 2.14 13.13 27.99
CA ILE D 125 3.50 12.76 27.62
C ILE D 125 3.54 11.51 26.77
N ASP D 126 2.59 10.60 26.93
CA ASP D 126 2.63 9.38 26.14
C ASP D 126 2.33 9.61 24.66
N LYS D 127 1.64 10.69 24.33
CA LYS D 127 1.24 10.97 22.96
C LYS D 127 2.40 11.30 22.01
N ILE D 128 3.65 11.35 22.48
CA ILE D 128 4.79 11.68 21.61
C ILE D 128 5.71 10.49 21.43
N SER D 129 5.19 9.28 21.55
CA SER D 129 5.97 8.06 21.39
C SER D 129 5.65 7.36 20.08
N ARG D 130 6.69 6.89 19.40
CA ARG D 130 6.51 6.12 18.17
C ARG D 130 5.98 4.75 18.61
N LYS D 131 4.93 4.25 17.95
CA LYS D 131 4.37 3.01 18.46
C LYS D 131 5.27 1.82 18.12
N SER D 132 5.44 1.53 16.82
CA SER D 132 6.41 0.52 16.40
C SER D 132 6.38 0.40 14.88
N ASP D 133 7.47 -0.12 14.34
CA ASP D 133 7.62 -0.51 12.93
C ASP D 133 6.93 0.44 11.94
N ASN D 134 7.31 1.72 12.00
CA ASN D 134 6.67 2.70 11.12
C ASN D 134 7.58 3.07 9.97
N PRO D 135 7.05 3.65 8.89
CA PRO D 135 7.89 4.05 7.77
C PRO D 135 8.96 5.05 8.21
N SER D 136 10.20 4.80 7.79
CA SER D 136 11.31 5.66 8.13
C SER D 136 11.66 6.65 7.03
N ILE D 137 10.88 6.69 5.94
CA ILE D 137 11.16 7.66 4.88
C ILE D 137 11.02 9.08 5.42
N THR D 138 10.01 9.31 6.25
CA THR D 138 9.77 10.60 6.89
C THR D 138 10.06 10.45 8.38
N ARG D 139 10.85 11.36 8.93
CA ARG D 139 11.17 11.30 10.35
C ARG D 139 10.02 11.86 11.18
N ASP D 140 9.84 11.27 12.36
CA ASP D 140 8.80 11.73 13.26
C ASP D 140 9.15 13.11 13.81
N VAL D 141 8.16 13.99 13.84
CA VAL D 141 8.34 15.35 14.31
C VAL D 141 7.75 15.55 15.69
N SER D 142 6.62 14.90 15.97
CA SER D 142 5.98 14.95 17.28
C SER D 142 6.10 13.64 18.02
N GLY D 143 6.96 12.74 17.56
CA GLY D 143 7.17 11.45 18.19
C GLY D 143 8.57 11.30 18.75
N GLU D 144 9.37 10.46 18.10
CA GLU D 144 10.75 10.21 18.53
C GLU D 144 11.60 11.47 18.53
N GLY D 145 11.20 12.50 17.80
CA GLY D 145 11.99 13.71 17.71
C GLY D 145 11.78 14.74 18.78
N VAL D 146 10.74 14.59 19.60
CA VAL D 146 10.47 15.55 20.67
C VAL D 146 11.15 15.12 21.96
N GLN D 147 11.21 13.81 22.21
CA GLN D 147 11.86 13.32 23.41
C GLN D 147 13.34 13.69 23.42
N GLN D 148 13.97 13.64 22.26
CA GLN D 148 15.38 14.01 22.15
C GLN D 148 15.61 15.44 22.58
N ALA D 149 14.66 16.34 22.27
CA ALA D 149 14.84 17.74 22.64
C ALA D 149 14.71 17.96 24.13
N LEU D 150 13.90 17.15 24.81
CA LEU D 150 13.72 17.33 26.24
C LEU D 150 14.86 16.74 27.06
N LEU D 151 15.68 15.87 26.45
CA LEU D 151 16.80 15.27 27.17
C LEU D 151 17.72 16.32 27.75
N LYS D 152 18.20 17.23 26.91
CA LYS D 152 19.12 18.26 27.38
C LYS D 152 18.43 19.23 28.33
N LEU D 153 17.15 19.51 28.07
CA LEU D 153 16.43 20.44 28.93
C LEU D 153 16.30 19.87 30.34
N ILE D 154 15.92 18.61 30.46
CA ILE D 154 15.75 17.99 31.77
C ILE D 154 17.07 17.85 32.49
N GLU D 155 18.12 17.41 31.78
CA GLU D 155 19.42 17.21 32.41
C GLU D 155 20.01 18.52 32.92
N GLY D 156 19.69 19.62 32.26
CA GLY D 156 20.18 20.94 32.64
C GLY D 156 21.07 21.56 31.59
N THR D 157 20.53 22.59 30.93
CA THR D 157 21.23 23.34 29.90
C THR D 157 20.65 24.75 29.90
N VAL D 158 21.32 25.63 29.17
CA VAL D 158 20.89 27.02 29.06
C VAL D 158 20.15 27.19 27.75
N ALA D 159 18.92 27.69 27.84
CA ALA D 159 18.05 27.90 26.68
C ALA D 159 17.74 29.38 26.53
N ALA D 160 17.89 29.89 25.31
CA ALA D 160 17.62 31.30 25.05
C ALA D 160 16.11 31.55 25.10
N VAL D 161 15.72 32.61 25.81
CA VAL D 161 14.31 32.99 25.95
C VAL D 161 14.15 34.49 25.71
N PRO D 162 13.21 34.95 24.87
CA PRO D 162 13.05 36.40 24.68
C PRO D 162 12.43 37.04 25.91
N PRO D 163 12.87 38.26 26.31
CA PRO D 163 12.28 38.90 27.49
C PRO D 163 10.96 39.57 27.14
N GLN D 164 9.86 39.01 27.65
CA GLN D 164 8.51 39.52 27.45
C GLN D 164 8.06 39.46 25.99
N GLY D 165 8.76 38.72 25.14
CA GLY D 165 8.44 38.62 23.74
C GLY D 165 9.09 39.67 22.87
N GLY D 166 9.68 40.70 23.47
CA GLY D 166 10.35 41.75 22.75
C GLY D 166 9.44 42.93 22.45
N ARG D 167 9.82 44.11 22.95
CA ARG D 167 9.04 45.32 22.67
C ARG D 167 9.11 45.69 21.19
N LYS D 168 10.30 45.57 20.61
CA LYS D 168 10.53 45.86 19.20
C LYS D 168 11.81 45.14 18.80
N HIS D 169 12.14 45.21 17.51
CA HIS D 169 13.35 44.58 17.00
C HIS D 169 14.62 45.18 17.61
N PRO D 170 14.53 46.39 18.19
CA PRO D 170 15.70 47.05 18.75
C PRO D 170 16.44 46.19 19.79
N GLN D 171 15.71 45.53 20.69
CA GLN D 171 16.37 44.73 21.71
C GLN D 171 17.15 43.57 21.09
N GLN D 172 16.46 42.71 20.33
CA GLN D 172 17.03 41.53 19.66
C GLN D 172 18.00 40.77 20.57
N GLU D 173 17.53 40.46 21.79
CA GLU D 173 18.33 39.73 22.77
C GLU D 173 17.47 38.65 23.41
N PHE D 174 18.15 37.70 24.04
CA PHE D 174 17.52 36.59 24.73
C PHE D 174 18.08 36.45 26.13
N LEU D 175 17.37 35.68 26.95
CA LEU D 175 17.75 35.40 28.33
C LEU D 175 18.19 33.95 28.47
N GLN D 176 19.28 33.74 29.21
CA GLN D 176 19.82 32.41 29.45
C GLN D 176 19.37 31.95 30.83
N VAL D 177 18.73 30.79 30.89
CA VAL D 177 18.19 30.24 32.14
C VAL D 177 18.68 28.82 32.34
N ASP D 178 19.45 28.60 33.39
CA ASP D 178 19.88 27.24 33.73
C ASP D 178 18.68 26.42 34.15
N THR D 179 18.67 25.14 33.78
CA THR D 179 17.56 24.25 34.09
C THR D 179 17.95 23.01 34.87
N SER D 180 19.24 22.82 35.20
CA SER D 180 19.67 21.66 35.95
C SER D 180 18.91 21.49 37.26
N LYS D 181 18.50 22.59 37.89
CA LYS D 181 17.78 22.55 39.14
C LYS D 181 16.28 22.39 38.97
N ILE D 182 15.74 22.69 37.79
CA ILE D 182 14.31 22.62 37.58
C ILE D 182 13.81 21.18 37.68
N LEU D 183 12.69 21.03 38.36
CA LEU D 183 12.01 19.75 38.51
C LEU D 183 11.04 19.57 37.37
N PHE D 184 10.83 18.31 36.96
CA PHE D 184 9.87 18.00 35.90
C PHE D 184 9.04 16.80 36.31
N ILE D 185 7.73 16.95 36.18
CA ILE D 185 6.76 15.90 36.50
C ILE D 185 6.02 15.62 35.20
N CYS D 186 6.45 14.58 34.50
CA CYS D 186 5.89 14.20 33.21
C CYS D 186 5.04 12.96 33.40
N GLY D 187 3.73 13.10 33.19
CA GLY D 187 2.83 11.98 33.35
C GLY D 187 1.60 12.05 32.48
N GLY D 188 1.22 10.90 31.96
CA GLY D 188 0.04 10.80 31.11
C GLY D 188 -0.45 9.38 31.08
N ALA D 189 -1.76 9.22 30.89
CA ALA D 189 -2.37 7.90 30.85
C ALA D 189 -1.93 7.15 29.60
N PHE D 190 -1.13 6.11 29.79
CA PHE D 190 -0.67 5.31 28.68
C PHE D 190 -1.75 4.33 28.26
N ALA D 191 -1.93 4.19 26.95
CA ALA D 191 -2.92 3.28 26.37
C ALA D 191 -2.24 2.02 25.84
N GLY D 192 -2.82 0.87 26.15
CA GLY D 192 -2.28 -0.38 25.66
C GLY D 192 -1.06 -0.88 26.40
N LEU D 193 -0.66 -0.22 27.48
CA LEU D 193 0.52 -0.67 28.20
C LEU D 193 0.31 -2.02 28.87
N ASP D 194 -0.93 -2.33 29.24
CA ASP D 194 -1.21 -3.61 29.90
C ASP D 194 -0.90 -4.78 28.99
N LYS D 195 -1.13 -4.65 27.69
CA LYS D 195 -0.89 -5.76 26.78
C LYS D 195 0.59 -6.12 26.69
N VAL D 196 1.46 -5.10 26.62
CA VAL D 196 2.88 -5.38 26.54
C VAL D 196 3.41 -5.97 27.84
N ILE D 197 2.90 -5.48 28.98
CA ILE D 197 3.36 -5.99 30.25
C ILE D 197 2.93 -7.44 30.45
N SER D 198 1.79 -7.82 29.87
CA SER D 198 1.33 -9.19 30.02
C SER D 198 2.26 -10.18 29.34
N HIS D 199 2.76 -9.84 28.15
CA HIS D 199 3.61 -10.75 27.39
C HIS D 199 4.82 -11.20 28.21
N ARG D 200 5.40 -10.28 28.96
CA ARG D 200 6.55 -10.61 29.79
C ARG D 200 6.19 -11.39 31.05
N VAL D 201 5.02 -11.12 31.65
CA VAL D 201 4.62 -11.72 32.91
C VAL D 201 3.49 -12.74 32.76
N GLU D 202 3.13 -13.12 31.53
CA GLU D 202 2.07 -14.11 31.33
C GLU D 202 2.63 -15.43 30.82
N THR D 203 3.35 -15.42 29.69
CA THR D 203 3.97 -16.60 29.10
C THR D 203 3.03 -17.80 29.12
N GLY D 204 1.77 -17.57 28.75
CA GLY D 204 0.74 -18.58 28.84
C GLY D 204 -0.19 -18.84 27.68
N SER D 205 0.25 -18.66 26.43
CA SER D 205 -0.62 -18.98 25.31
C SER D 205 -1.07 -20.43 25.41
N GLY D 206 -0.10 -21.34 25.56
CA GLY D 206 -0.33 -22.74 25.85
C GLY D 206 -1.35 -23.56 25.09
N ILE D 207 -1.16 -23.80 23.80
CA ILE D 207 -2.09 -24.65 23.06
C ILE D 207 -1.65 -26.11 23.14
N GLY D 208 -0.39 -26.38 23.46
CA GLY D 208 0.10 -27.73 23.57
C GLY D 208 -0.26 -28.39 24.90
N PHE D 209 -0.06 -29.72 24.92
CA PHE D 209 -0.32 -30.50 26.12
C PHE D 209 0.53 -30.02 27.30
N GLY D 210 1.84 -29.87 27.08
CA GLY D 210 2.73 -29.51 28.17
C GLY D 210 2.48 -28.11 28.72
N ALA D 211 2.33 -27.13 27.83
CA ALA D 211 2.11 -25.77 28.29
C ALA D 211 0.79 -25.66 29.03
N THR D 212 0.74 -24.73 29.99
CA THR D 212 -0.45 -24.54 30.80
C THR D 212 -1.43 -23.57 30.15
N VAL D 213 -2.60 -23.48 30.77
CA VAL D 213 -3.65 -22.56 30.37
C VAL D 213 -3.74 -21.49 31.45
N LYS D 214 -3.76 -20.25 31.04
CA LYS D 214 -3.80 -19.14 31.98
C LYS D 214 -5.18 -18.93 32.64
N ALA D 215 -6.28 -19.71 32.47
CA ALA D 215 -7.63 -19.42 33.01
C ALA D 215 -8.01 -17.97 32.70
N LYS D 216 -8.23 -17.69 31.40
CA LYS D 216 -8.54 -16.35 30.83
C LYS D 216 -9.86 -15.79 31.41
N SER D 217 -9.94 -14.44 31.59
CA SER D 217 -11.03 -13.54 32.07
C SER D 217 -10.92 -13.22 33.57
N ASP D 218 -10.07 -13.92 34.33
CA ASP D 218 -9.87 -13.65 35.78
C ASP D 218 -8.42 -13.21 36.05
N LYS D 219 -7.63 -12.92 35.01
CA LYS D 219 -6.19 -12.54 35.16
C LYS D 219 -5.90 -11.15 34.60
N ALA D 220 -6.91 -10.37 34.21
CA ALA D 220 -6.71 -9.03 33.66
C ALA D 220 -6.76 -7.97 34.75
N SER D 221 -5.84 -8.13 35.70
CA SER D 221 -5.70 -7.23 36.84
C SER D 221 -4.96 -5.94 36.42
N GLU D 222 -5.56 -5.19 35.49
CA GLU D 222 -5.03 -3.95 34.93
C GLU D 222 -4.36 -3.02 35.92
N GLY D 223 -5.06 -2.65 37.00
CA GLY D 223 -4.45 -1.74 37.96
C GLY D 223 -3.24 -2.35 38.65
N GLU D 224 -3.37 -3.59 39.10
CA GLU D 224 -2.25 -4.27 39.74
C GLU D 224 -1.12 -4.52 38.76
N LEU D 225 -1.45 -4.72 37.48
CA LEU D 225 -0.43 -5.00 36.47
C LEU D 225 0.60 -3.89 36.37
N LEU D 226 0.17 -2.64 36.50
CA LEU D 226 1.08 -1.52 36.41
C LEU D 226 2.11 -1.55 37.54
N ALA D 227 1.74 -2.08 38.70
CA ALA D 227 2.64 -2.13 39.84
C ALA D 227 3.94 -2.88 39.56
N GLN D 228 3.95 -3.77 38.57
CA GLN D 228 5.15 -4.51 38.21
C GLN D 228 5.85 -3.93 36.99
N VAL D 229 5.50 -2.70 36.61
CA VAL D 229 6.10 -2.07 35.44
C VAL D 229 7.59 -1.82 35.68
N GLU D 230 8.35 -1.84 34.58
CA GLU D 230 9.79 -1.58 34.60
C GLU D 230 10.13 -0.77 33.35
N PRO D 231 11.32 -0.17 33.29
CA PRO D 231 11.66 0.64 32.11
C PRO D 231 11.73 -0.12 30.80
N GLU D 232 12.17 -1.38 30.81
CA GLU D 232 12.29 -2.13 29.57
C GLU D 232 10.94 -2.29 28.87
N ASP D 233 9.84 -2.28 29.63
CA ASP D 233 8.53 -2.41 29.00
C ASP D 233 8.20 -1.16 28.20
N LEU D 234 8.61 0.00 28.69
CA LEU D 234 8.32 1.25 28.00
C LEU D 234 9.09 1.38 26.69
N ILE D 235 10.20 0.67 26.54
CA ILE D 235 10.96 0.75 25.30
C ILE D 235 10.13 0.21 24.16
N LYS D 236 9.46 -0.92 24.39
CA LYS D 236 8.59 -1.47 23.37
C LYS D 236 7.39 -0.57 23.11
N PHE D 237 7.01 0.25 24.08
CA PHE D 237 5.90 1.16 23.91
C PHE D 237 6.25 2.31 22.97
N GLY D 238 7.52 2.70 22.94
CA GLY D 238 7.96 3.78 22.08
C GLY D 238 8.94 4.74 22.71
N LEU D 239 9.00 4.77 24.04
CA LEU D 239 9.92 5.68 24.70
C LEU D 239 11.36 5.25 24.48
N ILE D 240 12.23 6.24 24.40
CA ILE D 240 13.66 6.04 24.20
C ILE D 240 14.26 5.76 25.58
N PRO D 241 15.27 4.89 25.72
CA PRO D 241 15.82 4.65 27.06
C PRO D 241 16.45 5.90 27.67
N GLU D 242 16.98 6.79 26.84
CA GLU D 242 17.58 8.02 27.34
C GLU D 242 16.55 8.86 28.09
N PHE D 243 15.35 9.00 27.52
CA PHE D 243 14.32 9.80 28.15
C PHE D 243 13.86 9.17 29.46
N ILE D 244 13.80 7.84 29.50
CA ILE D 244 13.39 7.17 30.73
C ILE D 244 14.48 7.27 31.77
N GLY D 245 15.75 7.25 31.36
CA GLY D 245 16.83 7.36 32.31
C GLY D 245 16.79 8.67 33.08
N ARG D 246 16.29 9.73 32.44
CA ARG D 246 16.16 11.02 33.09
C ARG D 246 15.05 11.03 34.13
N LEU D 247 14.15 10.06 34.08
CA LEU D 247 12.99 9.98 34.97
C LEU D 247 13.04 8.65 35.72
N PRO D 248 13.87 8.54 36.75
CA PRO D 248 13.97 7.25 37.45
C PRO D 248 12.72 6.86 38.22
N VAL D 249 12.13 7.80 38.95
CA VAL D 249 10.99 7.47 39.80
C VAL D 249 9.72 7.27 38.97
N VAL D 250 8.86 6.39 39.48
CA VAL D 250 7.58 6.04 38.88
C VAL D 250 6.60 5.86 40.01
N ALA D 251 5.34 6.19 39.76
CA ALA D 251 4.30 6.11 40.80
C ALA D 251 3.00 5.54 40.24
N THR D 252 2.78 4.26 40.47
CA THR D 252 1.53 3.61 40.07
C THR D 252 0.39 4.28 40.80
N LEU D 253 -0.72 4.49 40.08
CA LEU D 253 -1.84 5.24 40.64
C LEU D 253 -2.86 4.45 41.44
N ASN D 254 -3.05 3.14 41.23
CA ASN D 254 -4.09 2.42 41.97
C ASN D 254 -5.43 3.10 41.68
N GLU D 255 -5.81 3.02 40.41
CA GLU D 255 -6.90 3.78 39.82
C GLU D 255 -8.17 3.96 40.64
N LEU D 256 -8.88 2.88 41.00
CA LEU D 256 -10.13 3.14 41.69
C LEU D 256 -10.68 1.93 42.41
N SER D 257 -11.31 2.22 43.56
CA SER D 257 -12.02 1.26 44.38
C SER D 257 -13.46 1.75 44.46
N GLU D 258 -14.41 0.83 44.29
CA GLU D 258 -15.85 1.13 44.32
C GLU D 258 -16.24 2.07 45.46
N GLU D 259 -15.69 1.83 46.65
CA GLU D 259 -16.03 2.67 47.79
C GLU D 259 -15.38 4.04 47.72
N ALA D 260 -14.23 4.15 47.05
CA ALA D 260 -13.53 5.42 46.96
C ALA D 260 -14.39 6.48 46.28
N LEU D 261 -15.16 6.09 45.26
CA LEU D 261 -15.99 7.05 44.55
C LEU D 261 -17.01 7.69 45.47
N ILE D 262 -17.59 6.92 46.39
CA ILE D 262 -18.56 7.47 47.31
C ILE D 262 -17.91 8.51 48.20
N GLN D 263 -16.68 8.26 48.64
CA GLN D 263 -16.00 9.22 49.49
C GLN D 263 -15.67 10.50 48.76
N ILE D 264 -15.38 10.40 47.46
CA ILE D 264 -15.04 11.58 46.67
C ILE D 264 -16.24 12.51 46.52
N LEU D 265 -17.45 11.98 46.59
CA LEU D 265 -18.64 12.81 46.43
C LEU D 265 -19.06 13.54 47.70
N LYS D 266 -18.58 13.11 48.88
CA LYS D 266 -18.95 13.72 50.14
C LYS D 266 -17.82 14.44 50.86
N GLU D 267 -16.69 13.76 51.07
CA GLU D 267 -15.62 14.37 51.85
C GLU D 267 -14.96 15.56 51.17
N PRO D 268 -14.54 15.49 49.91
CA PRO D 268 -13.87 16.65 49.29
C PRO D 268 -14.71 17.91 49.26
N LYS D 269 -14.03 19.05 49.32
CA LYS D 269 -14.69 20.33 49.27
C LYS D 269 -15.21 20.64 47.87
N ASN D 270 -14.47 20.22 46.84
CA ASN D 270 -14.85 20.44 45.45
C ASN D 270 -15.61 19.28 44.85
N ALA D 271 -16.23 18.45 45.69
CA ALA D 271 -16.99 17.32 45.18
C ALA D 271 -18.15 17.80 44.33
N LEU D 272 -18.61 16.92 43.44
CA LEU D 272 -19.73 17.26 42.57
C LEU D 272 -20.99 17.56 43.38
N THR D 273 -21.20 16.82 44.47
CA THR D 273 -22.38 17.05 45.30
C THR D 273 -22.38 18.46 45.87
N LYS D 274 -21.24 18.94 46.33
CA LYS D 274 -21.17 20.29 46.88
C LYS D 274 -21.36 21.34 45.79
N GLN D 275 -20.99 21.00 44.55
CA GLN D 275 -21.14 21.95 43.45
C GLN D 275 -22.61 22.22 43.17
N TYR D 276 -23.39 21.16 42.94
CA TYR D 276 -24.80 21.33 42.66
C TYR D 276 -25.52 21.90 43.88
N GLN D 277 -25.05 21.57 45.08
CA GLN D 277 -25.66 22.13 46.29
C GLN D 277 -25.55 23.65 46.28
N ALA D 278 -24.39 24.16 45.84
CA ALA D 278 -24.21 25.60 45.75
C ALA D 278 -24.97 26.15 44.54
N LEU D 279 -25.13 25.34 43.50
CA LEU D 279 -25.84 25.79 42.32
C LEU D 279 -27.29 26.11 42.64
N PHE D 280 -27.91 25.30 43.49
CA PHE D 280 -29.29 25.51 43.91
C PHE D 280 -29.38 26.36 45.16
N ASN D 281 -28.27 26.51 45.89
CA ASN D 281 -28.29 27.32 47.11
C ASN D 281 -28.67 28.75 46.81
N LEU D 282 -28.16 29.30 45.71
CA LEU D 282 -28.50 30.68 45.35
C LEU D 282 -29.97 30.81 44.99
N GLU D 283 -30.58 29.74 44.49
CA GLU D 283 -32.00 29.74 44.17
C GLU D 283 -32.89 29.50 45.38
N GLY D 284 -32.31 29.44 46.58
CA GLY D 284 -33.10 29.20 47.77
C GLY D 284 -33.59 27.78 47.89
N VAL D 285 -32.84 26.82 47.33
CA VAL D 285 -33.20 25.41 47.37
C VAL D 285 -31.99 24.58 47.73
N ASP D 286 -32.20 23.57 48.58
CA ASP D 286 -31.16 22.65 49.01
C ASP D 286 -31.58 21.24 48.63
N LEU D 287 -30.63 20.45 48.13
CA LEU D 287 -30.87 19.07 47.74
C LEU D 287 -29.98 18.14 48.54
N GLU D 288 -30.54 17.02 48.97
CA GLU D 288 -29.83 16.01 49.75
C GLU D 288 -29.69 14.74 48.94
N PHE D 289 -28.55 14.07 49.14
CA PHE D 289 -28.23 12.82 48.47
C PHE D 289 -27.97 11.76 49.54
N ARG D 290 -28.88 10.80 49.65
CA ARG D 290 -28.71 9.75 50.63
C ARG D 290 -27.68 8.73 50.17
N ASP D 291 -27.12 8.00 51.13
CA ASP D 291 -26.09 7.01 50.82
C ASP D 291 -26.64 5.89 49.96
N GLU D 292 -27.93 5.55 50.12
CA GLU D 292 -28.50 4.47 49.33
C GLU D 292 -28.51 4.81 47.84
N ALA D 293 -28.56 6.09 47.50
CA ALA D 293 -28.56 6.51 46.10
C ALA D 293 -27.15 6.50 45.51
N LEU D 294 -26.14 6.78 46.33
CA LEU D 294 -24.77 6.84 45.81
C LEU D 294 -24.21 5.46 45.50
N ASP D 295 -24.65 4.43 46.20
CA ASP D 295 -24.13 3.09 45.93
C ASP D 295 -24.50 2.66 44.52
N ALA D 296 -25.69 3.03 44.06
CA ALA D 296 -26.08 2.71 42.70
C ALA D 296 -25.31 3.54 41.69
N ILE D 297 -24.99 4.79 42.04
CA ILE D 297 -24.27 5.66 41.13
C ILE D 297 -22.85 5.15 40.91
N ALA D 298 -22.24 4.57 41.94
CA ALA D 298 -20.89 4.07 41.79
C ALA D 298 -20.82 2.91 40.80
N LYS D 299 -21.79 2.01 40.87
CA LYS D 299 -21.79 0.87 39.96
C LYS D 299 -22.00 1.31 38.51
N LYS D 300 -22.78 2.36 38.29
CA LYS D 300 -23.02 2.82 36.94
C LYS D 300 -21.79 3.49 36.34
N ALA D 301 -21.02 4.19 37.17
CA ALA D 301 -19.85 4.89 36.65
C ALA D 301 -18.75 3.91 36.22
N MET D 302 -18.48 2.91 37.07
CA MET D 302 -17.44 1.93 36.73
C MET D 302 -17.79 1.16 35.47
N ALA D 303 -19.08 0.99 35.19
CA ALA D 303 -19.50 0.29 33.98
C ALA D 303 -19.12 1.06 32.73
N ARG D 304 -19.00 2.38 32.83
CA ARG D 304 -18.66 3.20 31.68
C ARG D 304 -17.16 3.22 31.36
N LYS D 305 -16.32 2.71 32.26
CA LYS D 305 -14.87 2.67 32.08
C LYS D 305 -14.32 4.02 31.60
N THR D 306 -14.66 5.06 32.35
CA THR D 306 -14.22 6.42 32.06
C THR D 306 -13.71 7.15 33.29
N GLY D 307 -13.73 6.52 34.46
CA GLY D 307 -13.23 7.14 35.66
C GLY D 307 -14.19 8.12 36.28
N ALA D 308 -13.63 8.91 37.21
CA ALA D 308 -14.42 9.90 37.92
C ALA D 308 -14.94 10.98 37.00
N ARG D 309 -14.20 11.30 35.93
CA ARG D 309 -14.65 12.35 35.03
C ARG D 309 -15.93 11.97 34.32
N GLY D 310 -16.20 10.67 34.16
CA GLY D 310 -17.42 10.22 33.55
C GLY D 310 -18.57 10.09 34.51
N LEU D 311 -18.44 10.65 35.72
CA LEU D 311 -19.48 10.56 36.72
C LEU D 311 -20.60 11.56 36.50
N ARG D 312 -20.29 12.73 35.95
CA ARG D 312 -21.31 13.75 35.74
C ARG D 312 -22.40 13.28 34.80
N SER D 313 -22.07 12.37 33.86
CA SER D 313 -23.07 11.85 32.94
C SER D 313 -24.21 11.18 33.67
N ILE D 314 -23.92 10.52 34.79
CA ILE D 314 -24.96 9.84 35.55
C ILE D 314 -25.85 10.84 36.27
N VAL D 315 -25.25 11.91 36.79
CA VAL D 315 -26.00 12.90 37.55
C VAL D 315 -26.87 13.74 36.63
N GLU D 316 -26.26 14.36 35.61
CA GLU D 316 -27.01 15.26 34.74
C GLU D 316 -28.10 14.54 33.97
N ALA D 317 -27.93 13.26 33.66
CA ALA D 317 -28.97 12.55 32.93
C ALA D 317 -30.22 12.40 33.78
N ALA D 318 -30.06 12.32 35.10
CA ALA D 318 -31.20 12.21 36.01
C ALA D 318 -31.87 13.55 36.24
N LEU D 319 -31.10 14.52 36.70
CA LEU D 319 -31.53 15.88 37.04
C LEU D 319 -31.82 16.74 35.83
N LEU D 320 -31.80 16.21 34.61
CA LEU D 320 -32.08 17.03 33.42
C LEU D 320 -33.48 17.63 33.50
N ASP D 321 -34.50 16.77 33.55
CA ASP D 321 -35.87 17.27 33.59
C ASP D 321 -36.13 18.13 34.83
N THR D 322 -35.48 17.80 35.95
CA THR D 322 -35.68 18.59 37.16
C THR D 322 -35.16 20.00 37.00
N MET D 323 -33.90 20.14 36.57
CA MET D 323 -33.31 21.46 36.39
C MET D 323 -34.00 22.25 35.29
N TYR D 324 -34.69 21.59 34.37
CA TYR D 324 -35.35 22.30 33.29
C TYR D 324 -36.61 23.00 33.77
N ASP D 325 -37.36 22.38 34.70
CA ASP D 325 -38.61 22.94 35.20
C ASP D 325 -38.51 23.43 36.64
N LEU D 326 -37.32 23.60 37.19
CA LEU D 326 -37.18 24.06 38.57
C LEU D 326 -37.42 25.55 38.76
N PRO D 327 -36.89 26.43 37.90
CA PRO D 327 -37.12 27.87 38.13
C PRO D 327 -38.58 28.28 38.04
N SER D 328 -39.32 27.72 37.08
CA SER D 328 -40.74 28.05 36.94
C SER D 328 -41.50 27.71 38.22
N MET D 329 -41.12 26.63 38.88
CA MET D 329 -41.78 26.24 40.12
C MET D 329 -41.56 27.30 41.19
N GLU D 330 -42.55 27.44 42.06
CA GLU D 330 -42.52 28.42 43.15
C GLU D 330 -42.81 27.73 44.47
N ASP D 331 -42.29 28.33 45.54
CA ASP D 331 -42.47 27.83 46.90
C ASP D 331 -41.72 26.53 47.16
N VAL D 332 -40.79 26.16 46.30
CA VAL D 332 -40.02 24.93 46.44
C VAL D 332 -38.75 25.26 47.20
N GLU D 333 -38.58 24.65 48.38
CA GLU D 333 -37.42 24.89 49.23
C GLU D 333 -36.47 23.71 49.37
N LYS D 334 -36.92 22.48 49.12
CA LYS D 334 -36.04 21.32 49.27
C LYS D 334 -36.41 20.24 48.27
N VAL D 335 -35.39 19.49 47.86
CA VAL D 335 -35.53 18.39 46.91
C VAL D 335 -34.79 17.18 47.47
N VAL D 336 -35.40 16.00 47.31
CA VAL D 336 -34.81 14.74 47.77
C VAL D 336 -34.71 13.80 46.57
N ILE D 337 -33.55 13.18 46.43
CA ILE D 337 -33.26 12.26 45.33
C ILE D 337 -33.06 10.86 45.92
N ASP D 338 -33.93 9.94 45.53
CA ASP D 338 -33.88 8.56 46.00
C ASP D 338 -33.17 7.68 44.98
N GLU D 339 -32.84 6.46 45.42
CA GLU D 339 -32.17 5.48 44.56
C GLU D 339 -32.96 5.24 43.28
N SER D 340 -34.29 5.22 43.38
CA SER D 340 -35.13 5.00 42.22
C SER D 340 -34.93 6.09 41.17
N VAL D 341 -34.62 7.31 41.60
CA VAL D 341 -34.41 8.42 40.66
C VAL D 341 -33.26 8.10 39.73
N ILE D 342 -32.18 7.50 40.27
CA ILE D 342 -31.04 7.16 39.44
C ILE D 342 -31.42 6.07 38.44
N ASP D 343 -32.21 5.09 38.88
CA ASP D 343 -32.65 4.04 37.99
C ASP D 343 -33.58 4.59 36.91
N GLY D 344 -34.31 5.65 37.21
CA GLY D 344 -35.24 6.25 36.28
C GLY D 344 -36.68 5.79 36.44
N GLN D 345 -36.94 4.86 37.35
CA GLN D 345 -38.30 4.37 37.53
C GLN D 345 -39.21 5.45 38.09
N SER D 346 -38.73 6.20 39.07
CA SER D 346 -39.50 7.27 39.71
C SER D 346 -38.82 8.62 39.46
N GLU D 347 -39.44 9.66 40.01
CA GLU D 347 -38.99 11.03 39.90
C GLU D 347 -38.55 11.57 41.26
N PRO D 348 -37.70 12.60 41.29
CA PRO D 348 -37.25 13.14 42.57
C PRO D 348 -38.36 13.88 43.30
N LEU D 349 -38.58 13.50 44.55
CA LEU D 349 -39.60 14.13 45.37
C LEU D 349 -39.29 15.61 45.58
N LEU D 350 -40.33 16.43 45.52
CA LEU D 350 -40.22 17.87 45.70
C LEU D 350 -40.94 18.30 46.97
N ILE D 351 -40.37 19.28 47.66
CA ILE D 351 -40.91 19.81 48.91
C ILE D 351 -41.41 21.23 48.65
N TYR D 352 -42.47 21.60 49.35
CA TYR D 352 -43.07 22.92 49.25
C TYR D 352 -43.00 23.60 50.62
N GLY D 353 -42.53 24.85 50.62
CA GLY D 353 -42.40 25.61 51.85
C GLY D 353 -43.62 26.44 52.16
N LEU E 3 -32.20 37.59 32.78
CA LEU E 3 -32.56 36.45 33.61
C LEU E 3 -33.34 35.42 32.79
N PRO E 4 -32.69 34.81 31.81
CA PRO E 4 -33.37 33.82 30.98
C PRO E 4 -33.66 32.54 31.75
N THR E 5 -34.71 31.85 31.33
CA THR E 5 -35.17 30.61 31.94
C THR E 5 -35.31 29.50 30.89
N PRO E 6 -35.09 28.23 31.28
CA PRO E 6 -35.26 27.12 30.32
C PRO E 6 -36.55 27.14 29.54
N HIS E 7 -37.66 27.54 30.16
CA HIS E 7 -38.92 27.56 29.44
C HIS E 7 -38.94 28.67 28.40
N GLU E 8 -38.37 29.84 28.74
CA GLU E 8 -38.34 30.94 27.79
C GLU E 8 -37.37 30.66 26.66
N ILE E 9 -36.20 30.12 26.97
CA ILE E 9 -35.21 29.82 25.94
C ILE E 9 -35.69 28.68 25.06
N ARG E 10 -36.39 27.69 25.65
CA ARG E 10 -36.88 26.58 24.86
C ARG E 10 -38.00 27.03 23.95
N ASN E 11 -38.84 27.95 24.41
CA ASN E 11 -39.92 28.46 23.58
C ASN E 11 -39.34 29.15 22.35
N HIS E 12 -38.23 29.85 22.53
CA HIS E 12 -37.59 30.51 21.39
C HIS E 12 -36.98 29.49 20.44
N LEU E 13 -36.32 28.47 20.99
CA LEU E 13 -35.72 27.45 20.15
C LEU E 13 -36.78 26.59 19.48
N ASP E 14 -37.91 26.36 20.15
CA ASP E 14 -38.99 25.56 19.57
C ASP E 14 -39.51 26.19 18.29
N ASP E 15 -39.42 27.52 18.17
CA ASP E 15 -39.90 28.20 16.99
C ASP E 15 -39.11 27.82 15.75
N TYR E 16 -37.82 27.48 15.91
CA TYR E 16 -36.97 27.14 14.79
C TYR E 16 -36.68 25.64 14.64
N VAL E 17 -36.95 24.84 15.68
CA VAL E 17 -36.69 23.40 15.64
C VAL E 17 -37.91 22.65 16.13
N ILE E 18 -38.17 21.49 15.51
CA ILE E 18 -39.32 20.66 15.85
C ILE E 18 -38.88 19.21 16.00
N GLY E 19 -39.48 18.52 16.96
CA GLY E 19 -39.23 17.11 17.21
C GLY E 19 -37.91 16.78 17.87
N GLN E 20 -37.36 17.69 18.66
CA GLN E 20 -36.09 17.52 19.35
C GLN E 20 -36.23 17.90 20.81
N GLU E 21 -37.30 17.41 21.45
CA GLU E 21 -37.57 17.76 22.84
C GLU E 21 -36.43 17.36 23.77
N GLN E 22 -35.83 16.17 23.56
CA GLN E 22 -34.75 15.74 24.42
C GLN E 22 -33.51 16.62 24.24
N ALA E 23 -33.17 16.93 22.99
CA ALA E 23 -32.00 17.75 22.72
C ALA E 23 -32.14 19.15 23.31
N LYS E 24 -33.32 19.75 23.15
CA LYS E 24 -33.54 21.12 23.62
C LYS E 24 -33.33 21.24 25.13
N LYS E 25 -33.78 20.25 25.90
CA LYS E 25 -33.65 20.31 27.35
C LYS E 25 -32.20 20.40 27.78
N VAL E 26 -31.32 19.62 27.14
CA VAL E 26 -29.91 19.63 27.51
C VAL E 26 -29.30 21.00 27.30
N LEU E 27 -29.60 21.65 26.17
CA LEU E 27 -29.01 22.96 25.89
C LEU E 27 -29.53 23.99 26.87
N ALA E 28 -30.82 23.95 27.19
CA ALA E 28 -31.39 24.92 28.12
C ALA E 28 -30.70 24.85 29.47
N VAL E 29 -30.45 23.65 29.97
CA VAL E 29 -29.81 23.50 31.27
C VAL E 29 -28.38 24.05 31.23
N ALA E 30 -27.63 23.68 30.21
CA ALA E 30 -26.25 24.15 30.10
C ALA E 30 -26.21 25.66 29.95
N VAL E 31 -27.06 26.21 29.07
CA VAL E 31 -27.10 27.65 28.88
C VAL E 31 -27.49 28.34 30.18
N TYR E 32 -28.51 27.81 30.86
CA TYR E 32 -28.94 28.41 32.12
C TYR E 32 -27.87 28.25 33.19
N ASN E 33 -27.27 27.07 33.27
CA ASN E 33 -26.21 26.83 34.25
C ASN E 33 -24.97 27.65 33.93
N HIS E 34 -24.61 27.74 32.65
CA HIS E 34 -23.42 28.50 32.28
C HIS E 34 -23.55 29.96 32.65
N TYR E 35 -24.70 30.56 32.37
CA TYR E 35 -24.91 31.95 32.78
C TYR E 35 -24.86 32.04 34.29
N LYS E 36 -25.46 31.06 34.97
CA LYS E 36 -25.46 31.03 36.42
C LYS E 36 -24.06 30.84 36.98
N ARG E 37 -23.27 29.96 36.35
CA ARG E 37 -21.90 29.74 36.81
C ARG E 37 -21.08 31.01 36.73
N LEU E 38 -21.12 31.68 35.58
CA LEU E 38 -20.34 32.90 35.43
C LEU E 38 -20.87 34.01 36.31
N ARG E 39 -22.18 34.04 36.56
CA ARG E 39 -22.74 35.08 37.43
C ARG E 39 -22.15 34.98 38.83
N ASN E 40 -21.96 33.77 39.31
CA ASN E 40 -21.42 33.58 40.65
C ASN E 40 -20.01 34.16 40.76
N GLY E 41 -19.77 34.86 41.87
CA GLY E 41 -18.46 35.43 42.12
C GLY E 41 -17.37 34.37 42.25
N ASP E 42 -17.75 33.15 42.61
CA ASP E 42 -16.91 31.97 42.86
C ASP E 42 -16.24 32.05 44.22
N THR E 43 -16.44 33.13 44.99
CA THR E 43 -15.89 33.27 46.34
C THR E 43 -16.93 32.79 47.33
N SER E 44 -17.20 31.48 47.28
CA SER E 44 -18.20 30.85 48.12
C SER E 44 -17.72 29.45 48.48
N ASN E 45 -18.55 28.73 49.23
CA ASN E 45 -18.22 27.36 49.60
C ASN E 45 -17.90 26.51 48.38
N GLY E 46 -18.73 26.61 47.35
CA GLY E 46 -18.47 25.90 46.12
C GLY E 46 -17.26 26.50 45.45
N VAL E 47 -16.24 25.69 45.20
CA VAL E 47 -14.99 26.15 44.59
C VAL E 47 -14.74 25.30 43.34
N GLU E 48 -14.31 25.97 42.27
CA GLU E 48 -14.04 25.33 40.98
C GLU E 48 -15.22 24.49 40.53
N LEU E 49 -16.35 25.18 40.36
CA LEU E 49 -17.59 24.54 39.94
C LEU E 49 -17.37 23.78 38.64
N GLY E 50 -18.00 22.61 38.55
CA GLY E 50 -17.84 21.79 37.37
C GLY E 50 -18.57 22.36 36.16
N LYS E 51 -18.07 22.01 34.99
CA LYS E 51 -18.63 22.41 33.71
C LYS E 51 -19.05 21.16 32.96
N SER E 52 -20.31 21.12 32.53
CA SER E 52 -20.84 19.99 31.80
C SER E 52 -20.80 20.30 30.31
N ASN E 53 -20.02 19.51 29.57
CA ASN E 53 -19.92 19.66 28.13
C ASN E 53 -21.09 18.94 27.49
N ILE E 54 -21.21 19.10 26.16
CA ILE E 54 -22.31 18.52 25.41
C ILE E 54 -21.77 17.83 24.16
N LEU E 55 -22.36 16.68 23.84
CA LEU E 55 -22.02 15.90 22.66
C LEU E 55 -23.31 15.63 21.91
N LEU E 56 -23.49 16.29 20.76
CA LEU E 56 -24.70 16.17 19.95
C LEU E 56 -24.48 15.15 18.82
N ILE E 57 -25.00 13.94 19.01
CA ILE E 57 -24.94 12.89 18.01
C ILE E 57 -26.34 12.71 17.45
N GLY E 58 -26.43 12.61 16.13
CA GLY E 58 -27.71 12.41 15.49
C GLY E 58 -27.57 11.98 14.04
N PRO E 59 -28.68 11.56 13.42
CA PRO E 59 -28.62 11.18 12.00
C PRO E 59 -28.30 12.38 11.12
N THR E 60 -28.04 12.08 9.85
CA THR E 60 -27.72 13.12 8.89
C THR E 60 -28.91 14.03 8.62
N GLY E 61 -28.64 15.32 8.52
CA GLY E 61 -29.67 16.30 8.22
C GLY E 61 -30.79 16.38 9.23
N SER E 62 -30.57 15.95 10.47
CA SER E 62 -31.60 15.99 11.48
C SER E 62 -31.76 17.36 12.13
N GLY E 63 -30.84 18.28 11.90
CA GLY E 63 -30.90 19.62 12.46
C GLY E 63 -29.91 19.93 13.56
N LYS E 64 -28.78 19.21 13.63
CA LYS E 64 -27.80 19.48 14.67
C LYS E 64 -27.12 20.82 14.44
N THR E 65 -26.63 21.04 13.22
CA THR E 65 -25.94 22.29 12.91
C THR E 65 -26.86 23.49 13.04
N LEU E 66 -28.16 23.29 12.84
CA LEU E 66 -29.11 24.38 12.93
C LEU E 66 -29.28 24.87 14.36
N LEU E 67 -29.23 23.95 15.32
CA LEU E 67 -29.43 24.34 16.72
C LEU E 67 -28.35 25.30 17.18
N ALA E 68 -27.10 25.05 16.78
CA ALA E 68 -26.01 25.94 17.19
C ALA E 68 -26.17 27.32 16.55
N GLU E 69 -26.66 27.37 15.32
CA GLU E 69 -26.82 28.65 14.63
C GLU E 69 -27.90 29.50 15.27
N THR E 70 -29.06 28.89 15.57
CA THR E 70 -30.15 29.63 16.19
C THR E 70 -29.79 30.11 17.58
N LEU E 71 -28.97 29.34 18.29
CA LEU E 71 -28.59 29.71 19.65
C LEU E 71 -27.82 31.01 19.70
N ALA E 72 -26.92 31.23 18.74
CA ALA E 72 -26.09 32.44 18.75
C ALA E 72 -26.93 33.70 18.60
N ARG E 73 -28.05 33.63 17.89
CA ARG E 73 -28.90 34.81 17.73
C ARG E 73 -29.45 35.23 19.08
N LEU E 74 -29.97 34.27 19.84
CA LEU E 74 -30.53 34.55 21.16
C LEU E 74 -29.45 34.73 22.21
N LEU E 75 -28.29 34.11 22.03
CA LEU E 75 -27.22 34.21 23.01
C LEU E 75 -26.57 35.58 22.99
N ASP E 76 -26.32 36.11 24.19
CA ASP E 76 -25.69 37.41 24.33
C ASP E 76 -24.17 37.29 24.26
N VAL E 77 -23.62 36.31 24.97
CA VAL E 77 -22.18 36.06 25.03
C VAL E 77 -21.68 35.63 23.66
N PRO E 78 -20.39 35.78 23.36
CA PRO E 78 -19.90 35.40 22.02
C PRO E 78 -20.04 33.92 21.73
N PHE E 79 -20.19 33.62 20.44
CA PHE E 79 -20.34 32.27 19.93
C PHE E 79 -19.53 32.14 18.66
N THR E 80 -18.92 30.98 18.47
CA THR E 80 -18.11 30.70 17.30
C THR E 80 -18.39 29.28 16.84
N MET E 81 -18.38 29.08 15.52
CA MET E 81 -18.67 27.79 14.90
C MET E 81 -17.51 27.40 14.00
N ALA E 82 -16.65 26.53 14.49
CA ALA E 82 -15.49 26.02 13.78
C ALA E 82 -15.78 24.62 13.24
N ASP E 83 -14.76 23.99 12.66
CA ASP E 83 -14.88 22.64 12.12
C ASP E 83 -13.55 21.92 12.30
N ALA E 84 -13.63 20.61 12.59
CA ALA E 84 -12.45 19.79 12.80
C ALA E 84 -11.89 19.20 11.52
N THR E 85 -12.37 19.63 10.36
CA THR E 85 -11.86 19.08 9.11
C THR E 85 -10.46 19.59 8.80
N THR E 86 -10.23 20.88 9.05
CA THR E 86 -8.95 21.51 8.77
C THR E 86 -7.91 21.34 9.87
N LEU E 87 -8.28 20.81 11.02
CA LEU E 87 -7.33 20.71 12.12
C LEU E 87 -6.30 19.61 11.89
N THR E 88 -5.03 19.94 12.14
CA THR E 88 -3.91 19.02 12.03
C THR E 88 -3.05 19.16 13.27
N GLU E 89 -2.60 18.02 13.80
CA GLU E 89 -1.78 18.01 14.99
C GLU E 89 -0.31 18.17 14.64
N ALA E 90 0.48 18.51 15.67
CA ALA E 90 1.93 18.65 15.56
C ALA E 90 2.34 19.79 14.65
N GLY E 91 1.56 20.86 14.62
CA GLY E 91 1.93 22.01 13.81
C GLY E 91 2.11 21.75 12.33
N TYR E 92 1.21 20.98 11.72
CA TYR E 92 1.34 20.69 10.29
C TYR E 92 0.82 21.87 9.48
N VAL E 93 0.80 21.70 8.16
CA VAL E 93 0.40 22.78 7.26
C VAL E 93 -1.10 23.04 7.28
N GLY E 94 -1.91 22.05 7.63
CA GLY E 94 -3.34 22.25 7.59
C GLY E 94 -3.90 23.33 8.49
N GLU E 95 -3.83 23.14 9.80
CA GLU E 95 -4.33 24.10 10.77
C GLU E 95 -3.97 23.58 12.16
N ASP E 96 -4.00 24.49 13.13
CA ASP E 96 -3.73 24.19 14.52
C ASP E 96 -5.01 24.36 15.31
N VAL E 97 -5.00 23.84 16.54
CA VAL E 97 -6.19 23.92 17.39
C VAL E 97 -6.41 25.33 17.90
N GLU E 98 -5.35 26.14 17.97
CA GLU E 98 -5.51 27.52 18.43
C GLU E 98 -6.37 28.35 17.48
N ASN E 99 -6.53 27.89 16.24
CA ASN E 99 -7.37 28.59 15.27
C ASN E 99 -8.78 28.81 15.80
N ILE E 100 -9.28 27.87 16.61
CA ILE E 100 -10.64 27.99 17.15
C ILE E 100 -10.75 29.21 18.06
N ILE E 101 -9.73 29.47 18.86
CA ILE E 101 -9.80 30.56 19.82
C ILE E 101 -9.76 31.91 19.12
N GLN E 102 -8.85 32.07 18.16
CA GLN E 102 -8.78 33.37 17.47
C GLN E 102 -10.06 33.67 16.71
N LYS E 103 -10.74 32.63 16.21
CA LYS E 103 -12.00 32.86 15.51
C LYS E 103 -13.06 33.41 16.45
N LEU E 104 -12.97 33.04 17.73
CA LEU E 104 -13.93 33.55 18.71
C LEU E 104 -13.75 35.04 18.93
N LEU E 105 -12.50 35.52 18.94
CA LEU E 105 -12.27 36.94 19.17
C LEU E 105 -12.80 37.78 18.03
N GLN E 106 -12.83 37.24 16.81
CA GLN E 106 -13.38 37.99 15.69
C GLN E 106 -14.83 38.35 15.95
N LYS E 107 -15.58 37.42 16.55
CA LYS E 107 -16.96 37.66 16.92
C LYS E 107 -17.04 38.53 18.16
N SER E 108 -16.06 38.42 19.04
CA SER E 108 -16.01 39.16 20.29
C SER E 108 -15.25 40.47 20.19
N ASP E 109 -14.68 40.78 19.03
CA ASP E 109 -13.93 42.03 18.82
C ASP E 109 -12.69 42.09 19.71
N TYR E 110 -12.04 40.94 19.90
CA TYR E 110 -10.79 40.85 20.66
C TYR E 110 -10.95 41.35 22.10
N ASP E 111 -11.90 40.76 22.80
CA ASP E 111 -12.19 41.06 24.21
C ASP E 111 -11.92 39.77 24.98
N VAL E 112 -10.82 39.75 25.72
CA VAL E 112 -10.41 38.54 26.44
C VAL E 112 -11.38 38.21 27.57
N GLN E 113 -11.74 39.22 28.37
CA GLN E 113 -12.65 38.95 29.49
C GLN E 113 -14.01 38.48 29.01
N LYS E 114 -14.46 38.99 27.86
CA LYS E 114 -15.74 38.61 27.31
C LYS E 114 -15.67 37.31 26.50
N ALA E 115 -14.48 36.93 26.03
CA ALA E 115 -14.34 35.73 25.23
C ALA E 115 -14.28 34.46 26.06
N GLN E 116 -13.69 34.52 27.26
CA GLN E 116 -13.61 33.31 28.07
C GLN E 116 -14.99 32.80 28.46
N ARG E 117 -15.95 33.70 28.58
CA ARG E 117 -17.33 33.31 28.89
C ARG E 117 -18.12 32.89 27.66
N GLY E 118 -17.47 32.77 26.50
CA GLY E 118 -18.13 32.38 25.27
C GLY E 118 -18.39 30.89 25.17
N ILE E 119 -19.15 30.54 24.13
CA ILE E 119 -19.53 29.16 23.82
C ILE E 119 -18.91 28.79 22.48
N VAL E 120 -18.53 27.53 22.36
CA VAL E 120 -17.87 27.01 21.16
C VAL E 120 -18.65 25.81 20.62
N TYR E 121 -18.68 25.70 19.30
CA TYR E 121 -19.35 24.62 18.60
C TYR E 121 -18.41 24.03 17.55
N ILE E 122 -18.45 22.70 17.41
CA ILE E 122 -17.63 21.99 16.44
C ILE E 122 -18.52 21.04 15.66
N ASP E 123 -18.33 20.99 14.34
CA ASP E 123 -19.10 20.13 13.46
C ASP E 123 -18.22 19.02 12.89
N GLN E 124 -18.88 17.93 12.49
CA GLN E 124 -18.21 16.79 11.85
C GLN E 124 -17.14 16.18 12.74
N ILE E 125 -17.47 16.03 14.04
CA ILE E 125 -16.51 15.48 15.00
C ILE E 125 -16.16 14.03 14.67
N ASP E 126 -17.06 13.30 14.00
CA ASP E 126 -16.77 11.91 13.69
C ASP E 126 -15.63 11.76 12.70
N LYS E 127 -15.29 12.81 11.95
CA LYS E 127 -14.21 12.76 10.97
C LYS E 127 -12.86 12.40 11.58
N ILE E 128 -12.69 12.52 12.89
CA ILE E 128 -11.41 12.26 13.55
C ILE E 128 -11.45 10.97 14.36
N SER E 129 -12.47 10.14 14.19
CA SER E 129 -12.53 8.88 14.89
C SER E 129 -11.63 7.86 14.20
N ARG E 130 -10.98 7.01 14.99
CA ARG E 130 -10.16 5.97 14.39
C ARG E 130 -11.05 5.07 13.56
N LYS E 131 -10.48 4.44 12.54
CA LYS E 131 -11.26 3.60 11.63
C LYS E 131 -11.49 2.20 12.20
N SER E 132 -12.17 2.18 13.36
CA SER E 132 -12.55 0.95 14.06
C SER E 132 -11.37 -0.02 14.20
N ASP E 133 -10.22 0.53 14.58
CA ASP E 133 -9.00 -0.24 14.75
C ASP E 133 -8.44 -0.08 16.16
N ASN E 134 -7.40 -0.86 16.42
CA ASN E 134 -6.66 -0.82 17.67
C ASN E 134 -5.66 0.32 17.54
N PRO E 135 -4.85 0.61 18.57
CA PRO E 135 -3.86 1.68 18.42
C PRO E 135 -3.03 1.50 17.16
N SER E 136 -2.86 2.59 16.43
CA SER E 136 -2.19 2.56 15.13
C SER E 136 -0.72 2.20 15.24
N ILE E 137 -0.17 1.79 14.10
CA ILE E 137 1.25 1.46 13.96
C ILE E 137 2.05 2.64 13.43
N THR E 138 1.39 3.76 13.12
CA THR E 138 2.04 4.95 12.59
C THR E 138 1.27 6.16 13.09
N ARG E 139 1.79 7.34 12.76
CA ARG E 139 1.17 8.57 13.20
C ARG E 139 -0.01 8.93 12.31
N ASP E 140 -1.16 9.19 12.94
CA ASP E 140 -2.40 9.58 12.27
C ASP E 140 -2.61 11.06 12.58
N VAL E 141 -2.06 11.92 11.72
CA VAL E 141 -2.16 13.37 11.91
C VAL E 141 -3.59 13.81 12.08
N SER E 142 -4.50 13.29 11.26
CA SER E 142 -5.93 13.60 11.34
C SER E 142 -6.60 12.35 11.87
N GLY E 143 -7.13 12.44 13.08
CA GLY E 143 -7.76 11.31 13.73
C GLY E 143 -7.32 11.22 15.18
N GLU E 144 -6.74 10.07 15.54
CA GLU E 144 -6.27 9.84 16.91
C GLU E 144 -5.37 10.97 17.39
N GLY E 145 -4.59 11.57 16.50
CA GLY E 145 -3.72 12.66 16.90
C GLY E 145 -4.48 13.91 17.31
N VAL E 146 -5.53 14.24 16.58
CA VAL E 146 -6.29 15.45 16.85
C VAL E 146 -6.99 15.37 18.19
N GLN E 147 -7.52 14.19 18.54
CA GLN E 147 -8.22 14.03 19.80
C GLN E 147 -7.29 14.28 20.97
N GLN E 148 -6.05 13.79 20.87
CA GLN E 148 -5.06 13.98 21.92
C GLN E 148 -4.84 15.46 22.23
N ALA E 149 -4.87 16.31 21.20
CA ALA E 149 -4.63 17.74 21.41
C ALA E 149 -5.80 18.46 22.05
N LEU E 150 -7.02 18.02 21.78
CA LEU E 150 -8.19 18.69 22.32
C LEU E 150 -8.44 18.38 23.79
N LEU E 151 -7.88 17.28 24.31
CA LEU E 151 -8.08 16.88 25.70
C LEU E 151 -7.80 18.02 26.67
N LYS E 152 -6.58 18.55 26.64
CA LYS E 152 -6.21 19.62 27.57
C LYS E 152 -7.02 20.87 27.33
N LEU E 153 -7.43 21.12 26.08
CA LEU E 153 -8.20 22.33 25.79
C LEU E 153 -9.57 22.28 26.45
N ILE E 154 -10.20 21.11 26.46
CA ILE E 154 -11.54 21.01 27.02
C ILE E 154 -11.51 21.13 28.54
N GLU E 155 -10.49 20.57 29.18
CA GLU E 155 -10.44 20.61 30.64
C GLU E 155 -10.17 22.02 31.16
N GLY E 156 -9.33 22.77 30.45
CA GLY E 156 -9.01 24.13 30.84
C GLY E 156 -7.51 24.37 30.78
N THR E 157 -7.10 25.41 30.06
CA THR E 157 -5.70 25.76 29.92
C THR E 157 -5.63 27.08 29.16
N VAL E 158 -4.42 27.60 29.03
CA VAL E 158 -4.14 28.85 28.33
C VAL E 158 -3.39 28.53 27.05
N ALA E 159 -3.88 29.06 25.93
CA ALA E 159 -3.28 28.86 24.62
C ALA E 159 -2.86 30.19 24.03
N ALA E 160 -1.67 30.21 23.41
CA ALA E 160 -1.16 31.41 22.78
C ALA E 160 -1.99 31.76 21.55
N VAL E 161 -2.44 33.01 21.47
CA VAL E 161 -3.25 33.49 20.36
C VAL E 161 -2.84 34.90 19.95
N PRO E 162 -2.31 35.13 18.74
CA PRO E 162 -1.94 36.49 18.35
C PRO E 162 -3.18 37.37 18.20
N PRO E 163 -3.32 38.46 18.95
CA PRO E 163 -4.52 39.29 18.78
C PRO E 163 -4.50 40.00 17.44
N GLN E 164 -5.56 39.80 16.65
CA GLN E 164 -5.71 40.35 15.31
C GLN E 164 -4.74 39.71 14.33
N GLY E 165 -4.00 38.68 14.75
CA GLY E 165 -2.96 38.09 13.96
C GLY E 165 -1.62 38.74 14.20
N GLY E 166 -1.58 39.84 14.94
CA GLY E 166 -0.40 40.63 15.22
C GLY E 166 -0.31 41.78 14.24
N ARG E 167 -0.04 42.98 14.73
CA ARG E 167 0.04 44.14 13.86
C ARG E 167 1.29 44.09 12.99
N LYS E 168 2.44 43.84 13.60
CA LYS E 168 3.69 43.75 12.89
C LYS E 168 4.69 43.02 13.78
N HIS E 169 5.95 43.00 13.36
CA HIS E 169 7.01 42.37 14.14
C HIS E 169 7.15 42.98 15.53
N PRO E 170 6.82 44.27 15.66
CA PRO E 170 6.94 45.02 16.92
C PRO E 170 6.44 44.28 18.16
N GLN E 171 5.19 43.82 18.13
CA GLN E 171 4.64 43.16 19.31
C GLN E 171 5.30 41.80 19.56
N GLN E 172 5.21 40.88 18.60
CA GLN E 172 5.80 39.55 18.70
C GLN E 172 5.39 38.84 19.99
N GLU E 173 4.13 39.01 20.40
CA GLU E 173 3.60 38.41 21.62
C GLU E 173 2.31 37.67 21.32
N PHE E 174 1.85 36.94 22.33
CA PHE E 174 0.62 36.16 22.26
C PHE E 174 -0.16 36.38 23.54
N LEU E 175 -1.49 36.43 23.41
CA LEU E 175 -2.37 36.65 24.54
C LEU E 175 -2.88 35.33 25.11
N GLN E 176 -2.66 35.14 26.41
CA GLN E 176 -3.12 33.93 27.08
C GLN E 176 -4.63 33.95 27.17
N VAL E 177 -5.26 32.84 26.83
CA VAL E 177 -6.72 32.73 26.81
C VAL E 177 -7.13 31.51 27.64
N ASP E 178 -7.63 31.76 28.85
CA ASP E 178 -8.09 30.67 29.70
C ASP E 178 -9.25 29.94 29.03
N THR E 179 -9.40 28.66 29.37
CA THR E 179 -10.46 27.83 28.82
C THR E 179 -11.18 27.00 29.86
N SER E 180 -10.85 27.16 31.14
CA SER E 180 -11.51 26.36 32.17
C SER E 180 -13.01 26.64 32.23
N LYS E 181 -13.42 27.87 31.96
CA LYS E 181 -14.82 28.24 31.97
C LYS E 181 -15.53 28.05 30.65
N ILE E 182 -14.79 27.91 29.55
CA ILE E 182 -15.41 27.80 28.24
C ILE E 182 -16.13 26.47 28.08
N LEU E 183 -17.34 26.54 27.54
CA LEU E 183 -18.16 25.39 27.23
C LEU E 183 -17.85 24.94 25.81
N PHE E 184 -18.02 23.64 25.56
CA PHE E 184 -17.75 23.07 24.24
C PHE E 184 -18.87 22.14 23.82
N ILE E 185 -19.37 22.32 22.60
CA ILE E 185 -20.41 21.51 22.02
C ILE E 185 -19.83 20.87 20.77
N CYS E 186 -19.41 19.62 20.89
CA CYS E 186 -18.83 18.85 19.79
C CYS E 186 -19.89 17.89 19.28
N GLY E 187 -20.35 18.09 18.05
CA GLY E 187 -21.37 17.22 17.49
C GLY E 187 -21.32 17.08 15.99
N GLY E 188 -21.48 15.83 15.54
CA GLY E 188 -21.46 15.53 14.13
C GLY E 188 -22.17 14.23 13.87
N ALA E 189 -22.75 14.10 12.68
CA ALA E 189 -23.50 12.90 12.33
C ALA E 189 -22.56 11.71 12.17
N PHE E 190 -22.65 10.76 13.10
CA PHE E 190 -21.83 9.57 13.03
C PHE E 190 -22.49 8.55 12.10
N ALA E 191 -21.66 7.86 11.31
CA ALA E 191 -22.12 6.86 10.37
C ALA E 191 -21.78 5.46 10.88
N GLY E 192 -22.76 4.56 10.82
CA GLY E 192 -22.55 3.20 11.23
C GLY E 192 -22.56 2.95 12.72
N LEU E 193 -22.88 3.96 13.53
CA LEU E 193 -22.89 3.76 14.97
C LEU E 193 -23.96 2.77 15.39
N ASP E 194 -25.08 2.72 14.66
CA ASP E 194 -26.15 1.80 14.99
C ASP E 194 -25.69 0.35 14.92
N LYS E 195 -24.86 0.01 13.93
CA LYS E 195 -24.36 -1.35 13.82
C LYS E 195 -23.56 -1.74 15.05
N VAL E 196 -22.76 -0.80 15.57
CA VAL E 196 -21.97 -1.06 16.77
C VAL E 196 -22.89 -1.16 17.98
N ILE E 197 -23.86 -0.24 18.05
CA ILE E 197 -24.80 -0.25 19.18
C ILE E 197 -25.62 -1.53 19.14
N SER E 198 -25.96 -2.00 17.94
CA SER E 198 -26.74 -3.22 17.80
C SER E 198 -26.02 -4.40 18.42
N HIS E 199 -24.72 -4.52 18.15
CA HIS E 199 -23.94 -5.62 18.68
C HIS E 199 -23.90 -5.59 20.21
N ARG E 200 -23.69 -4.40 20.80
CA ARG E 200 -23.64 -4.31 22.25
C ARG E 200 -25.03 -4.45 22.87
N VAL E 201 -26.03 -3.76 22.32
CA VAL E 201 -27.37 -3.84 22.91
C VAL E 201 -27.88 -5.26 22.85
N GLU E 202 -27.63 -5.96 21.74
CA GLU E 202 -28.03 -7.35 21.66
C GLU E 202 -27.23 -8.13 22.69
N THR E 203 -27.93 -8.98 23.44
CA THR E 203 -27.27 -9.76 24.48
C THR E 203 -26.22 -10.70 23.89
N GLY E 204 -26.54 -11.33 22.77
CA GLY E 204 -25.65 -12.29 22.14
C GLY E 204 -26.00 -13.69 22.60
N SER E 205 -25.68 -14.67 21.76
CA SER E 205 -26.01 -16.05 22.12
C SER E 205 -25.14 -17.01 21.36
N GLY E 206 -25.00 -18.20 21.93
CA GLY E 206 -24.26 -19.26 21.29
C GLY E 206 -25.13 -19.97 20.27
N ILE E 207 -24.49 -20.48 19.23
CA ILE E 207 -25.21 -21.13 18.14
C ILE E 207 -25.53 -22.59 18.41
N GLY E 208 -24.92 -23.19 19.44
CA GLY E 208 -25.16 -24.59 19.73
C GLY E 208 -26.52 -24.84 20.37
N PHE E 209 -26.76 -26.13 20.64
CA PHE E 209 -28.01 -26.56 21.24
C PHE E 209 -28.18 -26.02 22.66
N GLY E 210 -27.19 -26.24 23.51
CA GLY E 210 -27.31 -25.83 24.90
C GLY E 210 -27.38 -24.33 25.08
N ALA E 211 -26.65 -23.58 24.26
CA ALA E 211 -26.68 -22.13 24.37
C ALA E 211 -28.07 -21.63 24.03
N THR E 212 -28.61 -20.75 24.87
CA THR E 212 -29.94 -20.24 24.62
C THR E 212 -29.91 -19.21 23.51
N VAL E 213 -31.07 -19.02 22.87
CA VAL E 213 -31.24 -18.05 21.80
C VAL E 213 -32.15 -16.96 22.31
N LYS E 214 -31.81 -15.72 21.97
CA LYS E 214 -32.55 -14.53 22.38
C LYS E 214 -33.11 -13.84 21.15
N ALA E 215 -34.42 -13.64 21.12
CA ALA E 215 -35.07 -12.98 20.00
C ALA E 215 -35.11 -11.49 20.33
N LYS E 216 -34.39 -10.69 19.53
CA LYS E 216 -34.27 -9.27 19.78
C LYS E 216 -34.05 -8.53 18.48
N SER E 217 -34.20 -7.21 18.55
CA SER E 217 -33.97 -6.31 17.41
C SER E 217 -34.87 -6.68 16.24
N ASP E 218 -36.17 -6.85 16.51
CA ASP E 218 -37.11 -7.17 15.45
C ASP E 218 -37.16 -6.04 14.42
N LYS E 219 -37.19 -4.79 14.89
CA LYS E 219 -37.18 -3.61 14.04
C LYS E 219 -35.91 -2.83 14.35
N ALA E 220 -35.45 -2.03 13.39
CA ALA E 220 -34.22 -1.27 13.59
C ALA E 220 -34.34 -0.31 14.78
N SER E 221 -35.47 0.42 14.87
CA SER E 221 -35.72 1.34 15.97
C SER E 221 -34.55 2.31 16.19
N GLU E 222 -34.02 2.83 15.08
CA GLU E 222 -32.87 3.76 15.07
C GLU E 222 -32.96 4.83 16.16
N GLY E 223 -34.04 5.60 16.15
CA GLY E 223 -34.22 6.62 17.16
C GLY E 223 -34.16 6.07 18.57
N GLU E 224 -34.85 4.94 18.80
CA GLU E 224 -34.85 4.31 20.11
C GLU E 224 -33.56 3.55 20.38
N LEU E 225 -32.76 3.26 19.36
CA LEU E 225 -31.53 2.52 19.54
C LEU E 225 -30.39 3.44 19.99
N LEU E 226 -30.30 4.64 19.42
CA LEU E 226 -29.24 5.55 19.80
C LEU E 226 -29.36 5.99 21.25
N ALA E 227 -30.58 5.99 21.79
CA ALA E 227 -30.78 6.39 23.18
C ALA E 227 -30.03 5.48 24.14
N GLN E 228 -29.80 4.22 23.76
CA GLN E 228 -29.11 3.25 24.59
C GLN E 228 -27.59 3.32 24.43
N VAL E 229 -27.07 4.41 23.87
CA VAL E 229 -25.63 4.55 23.66
C VAL E 229 -24.93 4.78 24.99
N GLU E 230 -23.68 4.32 25.05
CA GLU E 230 -22.83 4.48 26.22
C GLU E 230 -21.41 4.76 25.74
N PRO E 231 -20.50 5.21 26.61
CA PRO E 231 -19.13 5.49 26.15
C PRO E 231 -18.39 4.28 25.63
N GLU E 232 -18.61 3.09 26.20
CA GLU E 232 -17.88 1.91 25.78
C GLU E 232 -18.11 1.57 24.31
N ASP E 233 -19.28 1.87 23.77
CA ASP E 233 -19.52 1.59 22.36
C ASP E 233 -18.68 2.49 21.47
N LEU E 234 -18.52 3.75 21.88
CA LEU E 234 -17.74 4.69 21.09
C LEU E 234 -16.27 4.31 21.06
N ILE E 235 -15.79 3.58 22.06
CA ILE E 235 -14.39 3.17 22.05
C ILE E 235 -14.14 2.22 20.89
N LYS E 236 -15.07 1.28 20.68
CA LYS E 236 -14.93 0.35 19.56
C LYS E 236 -15.07 1.08 18.23
N PHE E 237 -15.79 2.20 18.20
CA PHE E 237 -15.94 2.96 16.97
C PHE E 237 -14.66 3.68 16.59
N GLY E 238 -13.85 4.06 17.57
CA GLY E 238 -12.58 4.75 17.31
C GLY E 238 -12.26 5.87 18.26
N LEU E 239 -13.25 6.41 18.97
CA LEU E 239 -12.99 7.49 19.91
C LEU E 239 -12.20 6.98 21.11
N ILE E 240 -11.32 7.84 21.62
CA ILE E 240 -10.49 7.52 22.77
C ILE E 240 -11.33 7.78 24.02
N PRO E 241 -11.21 6.98 25.09
CA PRO E 241 -12.04 7.24 26.28
C PRO E 241 -11.75 8.59 26.91
N GLU E 242 -10.51 9.04 26.83
CA GLU E 242 -10.15 10.34 27.40
C GLU E 242 -10.98 11.45 26.79
N PHE E 243 -11.17 11.41 25.47
CA PHE E 243 -11.93 12.45 24.80
C PHE E 243 -13.40 12.43 25.22
N ILE E 244 -13.96 11.23 25.38
CA ILE E 244 -15.36 11.13 25.78
C ILE E 244 -15.52 11.50 27.25
N GLY E 245 -14.53 11.19 28.08
CA GLY E 245 -14.63 11.56 29.48
C GLY E 245 -14.75 13.06 29.65
N ARG E 246 -14.14 13.82 28.74
CA ARG E 246 -14.26 15.27 28.75
C ARG E 246 -15.65 15.73 28.34
N LEU E 247 -16.46 14.84 27.75
CA LEU E 247 -17.82 15.14 27.28
C LEU E 247 -18.77 14.23 28.04
N PRO E 248 -19.14 14.57 29.28
CA PRO E 248 -20.03 13.69 30.04
C PRO E 248 -21.42 13.56 29.43
N VAL E 249 -22.03 14.69 29.12
CA VAL E 249 -23.39 14.68 28.59
C VAL E 249 -23.35 14.22 27.13
N VAL E 250 -24.50 13.74 26.66
CA VAL E 250 -24.66 13.26 25.29
C VAL E 250 -26.11 13.51 24.92
N ALA E 251 -26.36 13.67 23.63
CA ALA E 251 -27.70 13.93 23.12
C ALA E 251 -27.97 13.04 21.93
N THR E 252 -29.12 12.36 21.97
CA THR E 252 -29.58 11.48 20.92
C THR E 252 -30.72 12.18 20.21
N LEU E 253 -30.63 12.31 18.89
CA LEU E 253 -31.64 13.00 18.10
C LEU E 253 -32.38 12.00 17.23
N ASN E 254 -33.71 12.01 17.34
CA ASN E 254 -34.54 11.15 16.53
C ASN E 254 -34.50 11.60 15.08
N GLU E 255 -34.78 10.68 14.17
CA GLU E 255 -34.81 10.98 12.76
C GLU E 255 -36.21 11.44 12.39
N LEU E 256 -36.28 12.54 11.64
CA LEU E 256 -37.57 13.08 11.25
C LEU E 256 -38.30 12.10 10.35
N SER E 257 -39.62 12.11 10.46
CA SER E 257 -40.51 11.24 9.70
C SER E 257 -41.42 12.09 8.82
N GLU E 258 -42.17 11.39 7.96
CA GLU E 258 -43.12 11.98 7.03
C GLU E 258 -43.96 13.08 7.65
N GLU E 259 -44.41 12.88 8.89
CA GLU E 259 -45.22 13.88 9.56
C GLU E 259 -44.40 15.04 10.07
N ALA E 260 -43.15 14.79 10.45
CA ALA E 260 -42.29 15.85 10.97
C ALA E 260 -42.03 16.92 9.92
N LEU E 261 -41.87 16.51 8.65
CA LEU E 261 -41.58 17.46 7.59
C LEU E 261 -42.75 18.41 7.36
N ILE E 262 -43.99 17.92 7.51
CA ILE E 262 -45.15 18.76 7.28
C ILE E 262 -45.17 19.94 8.25
N GLN E 263 -44.85 19.67 9.52
CA GLN E 263 -44.83 20.75 10.51
C GLN E 263 -43.68 21.71 10.25
N ILE E 264 -42.55 21.19 9.75
CA ILE E 264 -41.39 22.03 9.49
C ILE E 264 -41.66 23.04 8.38
N LEU E 265 -42.58 22.73 7.47
CA LEU E 265 -42.87 23.63 6.36
C LEU E 265 -43.85 24.75 6.72
N LYS E 266 -44.57 24.63 7.84
CA LYS E 266 -45.58 25.61 8.23
C LYS E 266 -45.26 26.36 9.51
N GLU E 267 -44.94 25.65 10.59
CA GLU E 267 -44.74 26.33 11.88
C GLU E 267 -43.48 27.18 11.94
N PRO E 268 -42.30 26.71 11.55
CA PRO E 268 -41.11 27.56 11.64
C PRO E 268 -41.24 28.85 10.83
N LYS E 269 -40.63 29.91 11.36
CA LYS E 269 -40.68 31.20 10.67
C LYS E 269 -39.76 31.24 9.46
N ASN E 270 -38.62 30.55 9.52
CA ASN E 270 -37.67 30.52 8.43
C ASN E 270 -37.89 29.33 7.50
N ALA E 271 -39.10 28.78 7.47
CA ALA E 271 -39.37 27.65 6.61
C ALA E 271 -39.26 28.05 5.14
N LEU E 272 -38.93 27.07 4.31
CA LEU E 272 -38.79 27.32 2.88
C LEU E 272 -40.09 27.82 2.27
N THR E 273 -41.22 27.32 2.76
CA THR E 273 -42.51 27.76 2.25
C THR E 273 -42.69 29.26 2.44
N LYS E 274 -42.31 29.76 3.61
CA LYS E 274 -42.46 31.18 3.89
C LYS E 274 -41.44 32.00 3.12
N GLN E 275 -40.29 31.41 2.78
CA GLN E 275 -39.27 32.12 2.02
C GLN E 275 -39.82 32.51 0.65
N TYR E 276 -40.36 31.53 -0.08
CA TYR E 276 -40.94 31.82 -1.39
C TYR E 276 -42.15 32.73 -1.27
N GLN E 277 -42.88 32.66 -0.15
CA GLN E 277 -44.02 33.54 0.04
C GLN E 277 -43.56 35.00 0.04
N ALA E 278 -42.41 35.26 0.65
CA ALA E 278 -41.85 36.61 0.64
C ALA E 278 -41.23 36.92 -0.71
N LEU E 279 -40.73 35.90 -1.41
CA LEU E 279 -40.13 36.12 -2.71
C LEU E 279 -41.15 36.65 -3.71
N PHE E 280 -42.39 36.18 -3.62
CA PHE E 280 -43.45 36.64 -4.50
C PHE E 280 -44.20 37.83 -3.93
N ASN E 281 -44.10 38.07 -2.62
CA ASN E 281 -44.79 39.21 -2.01
C ASN E 281 -44.25 40.51 -2.58
N LEU E 282 -42.93 40.60 -2.74
CA LEU E 282 -42.34 41.80 -3.32
C LEU E 282 -42.74 41.95 -4.78
N GLU E 283 -43.04 40.84 -5.45
CA GLU E 283 -43.45 40.83 -6.84
C GLU E 283 -44.94 41.12 -7.01
N GLY E 284 -45.67 41.39 -5.92
CA GLY E 284 -47.09 41.65 -6.03
C GLY E 284 -47.89 40.41 -6.35
N VAL E 285 -47.42 39.24 -5.93
CA VAL E 285 -48.08 37.97 -6.16
C VAL E 285 -48.09 37.19 -4.85
N ASP E 286 -49.17 36.44 -4.63
CA ASP E 286 -49.33 35.64 -3.43
C ASP E 286 -48.93 34.21 -3.72
N LEU E 287 -48.69 33.46 -2.65
CA LEU E 287 -48.29 32.06 -2.73
C LEU E 287 -49.08 31.26 -1.71
N GLU E 288 -49.40 30.02 -2.08
CA GLU E 288 -50.15 29.12 -1.22
C GLU E 288 -49.60 27.71 -1.34
N PHE E 289 -49.71 26.96 -0.25
CA PHE E 289 -49.26 25.57 -0.20
C PHE E 289 -50.37 24.76 0.45
N ARG E 290 -51.07 23.96 -0.35
CA ARG E 290 -52.14 23.14 0.18
C ARG E 290 -51.58 21.90 0.86
N ASP E 291 -52.39 21.32 1.74
CA ASP E 291 -51.93 20.15 2.49
C ASP E 291 -51.67 18.95 1.59
N GLU E 292 -52.42 18.83 0.49
CA GLU E 292 -52.22 17.69 -0.40
C GLU E 292 -50.85 17.72 -1.06
N ALA E 293 -50.29 18.91 -1.27
CA ALA E 293 -48.97 19.02 -1.90
C ALA E 293 -47.85 18.70 -0.94
N LEU E 294 -48.02 19.03 0.34
CA LEU E 294 -46.96 18.78 1.32
C LEU E 294 -46.86 17.30 1.64
N ASP E 295 -47.97 16.57 1.58
CA ASP E 295 -47.94 15.15 1.87
C ASP E 295 -47.11 14.41 0.83
N ALA E 296 -47.22 14.83 -0.43
CA ALA E 296 -46.45 14.19 -1.49
C ALA E 296 -44.96 14.52 -1.38
N ILE E 297 -44.62 15.73 -0.93
CA ILE E 297 -43.22 16.09 -0.80
C ILE E 297 -42.54 15.23 0.25
N ALA E 298 -43.28 14.88 1.30
CA ALA E 298 -42.73 14.06 2.36
C ALA E 298 -42.29 12.69 1.83
N LYS E 299 -43.16 12.07 1.03
CA LYS E 299 -42.83 10.76 0.47
C LYS E 299 -41.64 10.84 -0.48
N LYS E 300 -41.54 11.94 -1.23
CA LYS E 300 -40.43 12.10 -2.16
C LYS E 300 -39.15 12.44 -1.42
N ALA E 301 -39.25 13.14 -0.29
CA ALA E 301 -38.07 13.49 0.48
C ALA E 301 -37.41 12.25 1.06
N MET E 302 -38.22 11.36 1.65
CA MET E 302 -37.68 10.11 2.20
C MET E 302 -37.13 9.23 1.09
N ALA E 303 -37.70 9.30 -0.11
CA ALA E 303 -37.24 8.46 -1.21
C ALA E 303 -35.81 8.81 -1.63
N ARG E 304 -35.39 10.05 -1.40
CA ARG E 304 -34.04 10.48 -1.78
C ARG E 304 -33.02 10.31 -0.66
N LYS E 305 -33.44 9.86 0.51
CA LYS E 305 -32.56 9.64 1.68
C LYS E 305 -31.58 10.79 1.88
N THR E 306 -32.13 12.00 1.97
CA THR E 306 -31.33 13.20 2.13
C THR E 306 -31.81 14.10 3.27
N GLY E 307 -32.93 13.79 3.91
CA GLY E 307 -33.38 14.63 5.01
C GLY E 307 -34.00 15.93 4.54
N ALA E 308 -34.06 16.87 5.48
CA ALA E 308 -34.66 18.16 5.22
C ALA E 308 -33.87 18.97 4.19
N ARG E 309 -32.55 18.79 4.14
CA ARG E 309 -31.75 19.55 3.20
C ARG E 309 -32.06 19.18 1.75
N GLY E 310 -32.55 17.96 1.52
CA GLY E 310 -32.89 17.52 0.19
C GLY E 310 -34.29 17.91 -0.25
N LEU E 311 -34.95 18.80 0.50
CA LEU E 311 -36.31 19.20 0.18
C LEU E 311 -36.35 20.28 -0.90
N ARG E 312 -35.34 21.16 -0.95
CA ARG E 312 -35.33 22.20 -1.96
C ARG E 312 -35.29 21.64 -3.37
N SER E 313 -34.68 20.46 -3.54
CA SER E 313 -34.61 19.84 -4.86
C SER E 313 -36.00 19.56 -5.41
N ILE E 314 -36.91 19.16 -4.52
CA ILE E 314 -38.27 18.83 -4.94
C ILE E 314 -39.07 20.09 -5.23
N VAL E 315 -38.88 21.14 -4.43
CA VAL E 315 -39.64 22.37 -4.61
C VAL E 315 -39.21 23.10 -5.88
N GLU E 316 -37.91 23.37 -6.01
CA GLU E 316 -37.42 24.09 -7.17
C GLU E 316 -37.71 23.35 -8.47
N ALA E 317 -37.75 22.02 -8.42
CA ALA E 317 -38.05 21.26 -9.63
C ALA E 317 -39.48 21.49 -10.09
N ALA E 318 -40.39 21.75 -9.16
CA ALA E 318 -41.79 21.96 -9.52
C ALA E 318 -42.04 23.39 -10.00
N LEU E 319 -41.51 24.37 -9.31
CA LEU E 319 -41.71 25.78 -9.65
C LEU E 319 -40.76 26.28 -10.73
N LEU E 320 -39.94 25.39 -11.31
CA LEU E 320 -38.99 25.80 -12.34
C LEU E 320 -39.67 26.53 -13.48
N ASP E 321 -40.61 25.85 -14.15
CA ASP E 321 -41.35 26.44 -15.26
C ASP E 321 -41.99 27.77 -14.88
N THR E 322 -42.61 27.81 -13.70
CA THR E 322 -43.27 29.03 -13.25
C THR E 322 -42.28 30.18 -13.10
N MET E 323 -41.20 29.96 -12.37
CA MET E 323 -40.20 31.00 -12.13
C MET E 323 -39.55 31.51 -13.41
N TYR E 324 -39.64 30.76 -14.51
CA TYR E 324 -39.01 31.20 -15.74
C TYR E 324 -39.82 32.28 -16.45
N ASP E 325 -41.15 32.18 -16.42
CA ASP E 325 -42.03 33.16 -17.06
C ASP E 325 -42.79 34.03 -16.08
N LEU E 326 -42.47 34.00 -14.79
CA LEU E 326 -43.20 34.83 -13.83
C LEU E 326 -42.84 36.30 -13.92
N PRO E 327 -41.55 36.71 -13.91
CA PRO E 327 -41.26 38.16 -14.00
C PRO E 327 -41.84 38.81 -15.24
N SER E 328 -41.74 38.14 -16.39
CA SER E 328 -42.32 38.70 -17.61
C SER E 328 -43.84 38.73 -17.51
N MET E 329 -44.43 37.76 -16.82
CA MET E 329 -45.88 37.72 -16.68
C MET E 329 -46.36 38.89 -15.83
N GLU E 330 -47.52 39.43 -16.21
CA GLU E 330 -48.13 40.57 -15.53
C GLU E 330 -49.59 40.27 -15.24
N ASP E 331 -50.14 41.03 -14.29
CA ASP E 331 -51.54 40.91 -13.89
C ASP E 331 -51.84 39.59 -13.19
N VAL E 332 -50.84 38.97 -12.57
CA VAL E 332 -50.99 37.71 -11.85
C VAL E 332 -50.87 38.03 -10.37
N GLU E 333 -51.88 37.63 -9.60
CA GLU E 333 -51.96 37.94 -8.17
C GLU E 333 -51.88 36.73 -7.24
N LYS E 334 -51.96 35.50 -7.74
CA LYS E 334 -51.92 34.35 -6.85
C LYS E 334 -51.42 33.12 -7.58
N VAL E 335 -50.75 32.25 -6.81
CA VAL E 335 -50.19 31.00 -7.30
C VAL E 335 -50.53 29.89 -6.31
N VAL E 336 -51.10 28.80 -6.82
CA VAL E 336 -51.49 27.65 -6.00
C VAL E 336 -50.76 26.42 -6.53
N ILE E 337 -50.18 25.64 -5.61
CA ILE E 337 -49.43 24.43 -5.92
C ILE E 337 -50.24 23.24 -5.43
N ASP E 338 -50.74 22.44 -6.37
CA ASP E 338 -51.53 21.26 -6.06
C ASP E 338 -50.64 20.03 -6.00
N GLU E 339 -51.26 18.88 -5.68
CA GLU E 339 -50.51 17.63 -5.59
C GLU E 339 -50.06 17.14 -6.96
N SER E 340 -50.87 17.38 -7.99
CA SER E 340 -50.54 16.93 -9.34
C SER E 340 -49.26 17.57 -9.85
N VAL E 341 -49.00 18.82 -9.47
CA VAL E 341 -47.82 19.54 -9.94
C VAL E 341 -46.55 18.82 -9.53
N ILE E 342 -46.53 18.23 -8.33
CA ILE E 342 -45.34 17.53 -7.87
C ILE E 342 -45.05 16.33 -8.77
N ASP E 343 -46.09 15.57 -9.11
CA ASP E 343 -45.90 14.44 -10.00
C ASP E 343 -45.50 14.90 -11.40
N GLY E 344 -45.90 16.12 -11.78
CA GLY E 344 -45.59 16.69 -13.07
C GLY E 344 -46.72 16.58 -14.08
N GLN E 345 -47.81 15.90 -13.72
CA GLN E 345 -48.92 15.75 -14.65
C GLN E 345 -49.56 17.10 -14.96
N SER E 346 -49.69 17.96 -13.96
CA SER E 346 -50.31 19.27 -14.09
C SER E 346 -49.29 20.37 -13.83
N GLU E 347 -49.76 21.61 -14.04
CA GLU E 347 -49.01 22.83 -13.82
C GLU E 347 -49.68 23.64 -12.72
N PRO E 348 -48.92 24.45 -11.96
CA PRO E 348 -49.54 25.23 -10.89
C PRO E 348 -50.57 26.21 -11.42
N LEU E 349 -51.68 26.31 -10.69
CA LEU E 349 -52.77 27.20 -11.08
C LEU E 349 -52.43 28.65 -10.76
N LEU E 350 -52.54 29.51 -11.76
CA LEU E 350 -52.28 30.94 -11.64
C LEU E 350 -53.59 31.71 -11.77
N ILE E 351 -53.79 32.69 -10.89
CA ILE E 351 -54.98 33.53 -10.87
C ILE E 351 -54.56 34.91 -11.35
N TYR E 352 -55.35 35.48 -12.27
CA TYR E 352 -55.08 36.80 -12.85
C TYR E 352 -55.96 37.84 -12.17
N GLY E 353 -55.34 38.90 -11.68
CA GLY E 353 -56.06 39.97 -11.02
C GLY E 353 -55.31 41.29 -11.06
N LEU F 3 -32.98 42.69 -11.82
CA LEU F 3 -33.25 43.42 -13.05
C LEU F 3 -33.23 42.53 -14.31
N PRO F 4 -32.19 41.71 -14.49
CA PRO F 4 -32.17 40.84 -15.67
C PRO F 4 -33.33 39.86 -15.66
N THR F 5 -34.08 39.83 -16.74
CA THR F 5 -35.23 38.95 -16.87
C THR F 5 -34.80 37.58 -17.40
N PRO F 6 -35.25 36.46 -16.81
CA PRO F 6 -34.87 35.14 -17.33
C PRO F 6 -35.06 34.96 -18.82
N HIS F 7 -36.09 35.58 -19.40
CA HIS F 7 -36.28 35.47 -20.85
C HIS F 7 -35.19 36.24 -21.57
N GLU F 8 -34.81 37.41 -21.04
CA GLU F 8 -33.78 38.22 -21.67
C GLU F 8 -32.40 37.58 -21.52
N ILE F 9 -32.08 37.07 -20.32
CA ILE F 9 -30.78 36.45 -20.12
C ILE F 9 -30.67 35.17 -20.95
N ARG F 10 -31.78 34.44 -21.10
CA ARG F 10 -31.73 33.22 -21.90
C ARG F 10 -31.53 33.56 -23.37
N ASN F 11 -32.14 34.66 -23.82
CA ASN F 11 -31.97 35.08 -25.21
C ASN F 11 -30.52 35.42 -25.50
N HIS F 12 -29.84 36.05 -24.53
CA HIS F 12 -28.44 36.38 -24.70
C HIS F 12 -27.58 35.12 -24.70
N LEU F 13 -27.90 34.17 -23.82
CA LEU F 13 -27.14 32.94 -23.74
C LEU F 13 -27.30 32.09 -25.00
N ASP F 14 -28.46 32.16 -25.65
CA ASP F 14 -28.68 31.39 -26.86
C ASP F 14 -27.68 31.79 -27.95
N ASP F 15 -27.23 33.03 -27.93
CA ASP F 15 -26.24 33.49 -28.90
C ASP F 15 -24.91 32.76 -28.71
N TYR F 16 -24.60 32.36 -27.47
CA TYR F 16 -23.35 31.69 -27.15
C TYR F 16 -23.49 30.20 -26.91
N VAL F 17 -24.71 29.69 -26.76
CA VAL F 17 -24.97 28.26 -26.53
C VAL F 17 -25.92 27.75 -27.60
N ILE F 18 -25.67 26.54 -28.07
CA ILE F 18 -26.45 25.90 -29.13
C ILE F 18 -26.90 24.53 -28.67
N GLY F 19 -28.17 24.21 -28.93
CA GLY F 19 -28.74 22.91 -28.64
C GLY F 19 -28.91 22.54 -27.19
N GLN F 20 -28.82 23.49 -26.25
CA GLN F 20 -29.01 23.22 -24.83
C GLN F 20 -30.05 24.20 -24.32
N GLU F 21 -31.25 23.69 -24.03
CA GLU F 21 -32.37 24.50 -23.57
C GLU F 21 -32.72 24.26 -22.11
N GLN F 22 -32.81 22.99 -21.69
CA GLN F 22 -33.16 22.66 -20.31
C GLN F 22 -32.18 23.29 -19.33
N ALA F 23 -30.89 23.25 -19.65
CA ALA F 23 -29.89 23.82 -18.77
C ALA F 23 -30.04 25.33 -18.66
N LYS F 24 -30.49 26.00 -19.72
CA LYS F 24 -30.64 27.45 -19.65
C LYS F 24 -31.75 27.86 -18.70
N LYS F 25 -32.89 27.16 -18.75
CA LYS F 25 -33.99 27.51 -17.86
C LYS F 25 -33.59 27.32 -16.40
N VAL F 26 -32.87 26.24 -16.11
CA VAL F 26 -32.45 25.94 -14.74
C VAL F 26 -31.55 27.05 -14.20
N LEU F 27 -30.54 27.42 -14.97
CA LEU F 27 -29.58 28.42 -14.52
C LEU F 27 -30.20 29.80 -14.43
N ALA F 28 -31.06 30.15 -15.37
CA ALA F 28 -31.67 31.49 -15.38
C ALA F 28 -32.43 31.77 -14.10
N VAL F 29 -33.19 30.79 -13.61
CA VAL F 29 -33.96 31.00 -12.39
C VAL F 29 -33.02 31.21 -11.20
N ALA F 30 -31.97 30.41 -11.10
CA ALA F 30 -31.05 30.52 -9.97
C ALA F 30 -30.34 31.87 -9.95
N VAL F 31 -29.73 32.25 -11.08
CA VAL F 31 -28.99 33.52 -11.14
C VAL F 31 -29.93 34.69 -10.87
N TYR F 32 -31.14 34.66 -11.43
CA TYR F 32 -32.09 35.74 -11.20
C TYR F 32 -32.43 35.82 -9.72
N ASN F 33 -32.62 34.67 -9.09
CA ASN F 33 -32.90 34.66 -7.66
C ASN F 33 -31.70 35.17 -6.87
N HIS F 34 -30.49 34.81 -7.32
CA HIS F 34 -29.28 35.24 -6.63
C HIS F 34 -29.13 36.75 -6.66
N TYR F 35 -29.35 37.36 -7.83
CA TYR F 35 -29.28 38.81 -7.91
C TYR F 35 -30.34 39.43 -7.01
N LYS F 36 -31.55 38.86 -7.04
CA LYS F 36 -32.65 39.35 -6.23
C LYS F 36 -32.36 39.18 -4.75
N ARG F 37 -31.78 38.04 -4.38
CA ARG F 37 -31.46 37.78 -2.97
C ARG F 37 -30.45 38.81 -2.46
N LEU F 38 -29.37 39.02 -3.21
CA LEU F 38 -28.36 39.98 -2.79
C LEU F 38 -28.85 41.40 -2.94
N ARG F 39 -29.62 41.70 -3.99
CA ARG F 39 -30.11 43.05 -4.19
C ARG F 39 -31.12 43.42 -3.11
N ASN F 40 -32.19 42.65 -3.02
CA ASN F 40 -33.19 42.89 -1.99
C ASN F 40 -32.56 42.64 -0.62
N GLY F 41 -32.81 43.56 0.31
CA GLY F 41 -32.26 43.40 1.65
C GLY F 41 -32.78 42.16 2.33
N ASP F 42 -34.07 41.85 2.13
CA ASP F 42 -34.75 40.69 2.67
C ASP F 42 -35.04 40.84 4.17
N THR F 43 -34.98 42.06 4.69
CA THR F 43 -35.26 42.32 6.10
C THR F 43 -36.76 42.53 6.26
N SER F 44 -37.48 41.42 6.08
CA SER F 44 -38.93 41.37 6.17
C SER F 44 -39.30 40.26 7.16
N ASN F 45 -40.60 39.94 7.24
CA ASN F 45 -41.03 38.86 8.13
C ASN F 45 -40.24 37.59 7.85
N GLY F 46 -40.08 37.25 6.57
CA GLY F 46 -39.27 36.12 6.17
C GLY F 46 -37.86 36.62 5.97
N VAL F 47 -36.90 35.91 6.59
CA VAL F 47 -35.49 36.29 6.52
C VAL F 47 -34.64 35.06 6.25
N GLU F 48 -33.37 35.32 5.99
CA GLU F 48 -32.36 34.29 5.70
C GLU F 48 -32.85 33.32 4.63
N LEU F 49 -33.12 33.88 3.46
CA LEU F 49 -33.57 33.07 2.33
C LEU F 49 -32.52 32.02 1.99
N GLY F 50 -32.99 30.83 1.64
CA GLY F 50 -32.09 29.76 1.27
C GLY F 50 -31.47 29.99 -0.09
N LYS F 51 -30.32 29.37 -0.30
CA LYS F 51 -29.56 29.47 -1.54
C LYS F 51 -29.56 28.10 -2.22
N SER F 52 -30.11 28.07 -3.43
CA SER F 52 -30.15 26.83 -4.21
C SER F 52 -28.88 26.75 -5.05
N ASN F 53 -27.94 25.92 -4.60
CA ASN F 53 -26.70 25.73 -5.35
C ASN F 53 -26.97 24.84 -6.56
N ILE F 54 -26.21 25.07 -7.62
CA ILE F 54 -26.39 24.38 -8.89
C ILE F 54 -25.34 23.30 -9.08
N LEU F 55 -25.79 22.14 -9.55
CA LEU F 55 -24.95 20.99 -9.87
C LEU F 55 -25.08 20.73 -11.37
N LEU F 56 -23.99 20.89 -12.10
CA LEU F 56 -23.98 20.71 -13.55
C LEU F 56 -23.41 19.34 -13.91
N ILE F 57 -24.11 18.64 -14.78
CA ILE F 57 -23.70 17.33 -15.25
C ILE F 57 -23.76 17.34 -16.77
N GLY F 58 -22.75 16.80 -17.42
CA GLY F 58 -22.72 16.72 -18.85
C GLY F 58 -21.46 16.03 -19.35
N PRO F 59 -21.43 15.68 -20.63
CA PRO F 59 -20.24 15.03 -21.17
C PRO F 59 -19.08 16.00 -21.28
N THR F 60 -17.88 15.44 -21.42
CA THR F 60 -16.68 16.25 -21.55
C THR F 60 -16.72 17.05 -22.84
N GLY F 61 -16.27 18.29 -22.77
CA GLY F 61 -16.26 19.15 -23.93
C GLY F 61 -17.62 19.57 -24.41
N SER F 62 -18.62 19.57 -23.53
CA SER F 62 -19.98 19.95 -23.89
C SER F 62 -20.21 21.45 -23.87
N GLY F 63 -19.28 22.23 -23.34
CA GLY F 63 -19.42 23.67 -23.25
C GLY F 63 -19.74 24.18 -21.87
N LYS F 64 -19.42 23.42 -20.81
CA LYS F 64 -19.71 23.85 -19.46
C LYS F 64 -18.88 25.08 -19.09
N THR F 65 -17.58 25.04 -19.38
CA THR F 65 -16.71 26.15 -19.06
C THR F 65 -17.15 27.42 -19.81
N LEU F 66 -17.60 27.26 -21.06
CA LEU F 66 -18.05 28.42 -21.81
C LEU F 66 -19.32 28.99 -21.22
N LEU F 67 -20.19 28.13 -20.69
CA LEU F 67 -21.44 28.62 -20.12
C LEU F 67 -21.17 29.53 -18.95
N ALA F 68 -20.24 29.15 -18.09
CA ALA F 68 -19.89 29.99 -16.94
C ALA F 68 -19.11 31.22 -17.36
N GLU F 69 -18.18 31.05 -18.31
CA GLU F 69 -17.35 32.18 -18.75
C GLU F 69 -18.15 33.12 -19.64
N THR F 70 -18.90 32.59 -20.60
CA THR F 70 -19.69 33.45 -21.46
C THR F 70 -20.73 34.20 -20.64
N LEU F 71 -21.25 33.56 -19.60
CA LEU F 71 -22.17 34.24 -18.71
C LEU F 71 -21.44 35.32 -17.94
N ALA F 72 -20.22 35.01 -17.50
CA ALA F 72 -19.40 35.97 -16.77
C ALA F 72 -19.03 37.17 -17.62
N ARG F 73 -18.92 36.99 -18.94
CA ARG F 73 -18.53 38.09 -19.81
C ARG F 73 -19.59 39.18 -19.81
N LEU F 74 -20.85 38.81 -20.03
CA LEU F 74 -21.92 39.80 -20.01
C LEU F 74 -22.29 40.17 -18.59
N LEU F 75 -22.13 39.23 -17.66
CA LEU F 75 -22.42 39.48 -16.26
C LEU F 75 -21.37 40.40 -15.67
N ASP F 76 -21.82 41.30 -14.80
CA ASP F 76 -20.91 42.27 -14.17
C ASP F 76 -20.07 41.65 -13.07
N VAL F 77 -20.64 40.79 -12.24
CA VAL F 77 -19.93 40.22 -11.10
C VAL F 77 -18.76 39.35 -11.54
N PRO F 78 -17.71 39.21 -10.74
CA PRO F 78 -16.55 38.42 -11.15
C PRO F 78 -16.81 36.92 -11.16
N PHE F 79 -15.97 36.22 -11.91
CA PHE F 79 -16.03 34.77 -12.06
C PHE F 79 -14.65 34.16 -11.97
N THR F 80 -14.56 32.96 -11.39
CA THR F 80 -13.32 32.21 -11.25
C THR F 80 -13.55 30.77 -11.67
N MET F 81 -12.48 30.12 -12.09
CA MET F 81 -12.49 28.71 -12.54
C MET F 81 -11.50 27.91 -11.71
N ALA F 82 -11.99 27.29 -10.64
CA ALA F 82 -11.17 26.47 -9.75
C ALA F 82 -11.21 25.01 -10.19
N ASP F 83 -10.52 24.16 -9.42
CA ASP F 83 -10.45 22.72 -9.71
C ASP F 83 -10.47 21.95 -8.40
N ALA F 84 -11.14 20.80 -8.42
CA ALA F 84 -11.30 19.95 -7.25
C ALA F 84 -10.21 18.90 -7.09
N THR F 85 -9.57 18.46 -8.18
CA THR F 85 -8.57 17.41 -8.08
C THR F 85 -7.34 17.85 -7.30
N THR F 86 -6.99 19.13 -7.39
CA THR F 86 -5.82 19.63 -6.69
C THR F 86 -5.98 19.58 -5.18
N LEU F 87 -7.22 19.70 -4.69
CA LEU F 87 -7.46 19.74 -3.25
C LEU F 87 -7.09 18.44 -2.54
N THR F 88 -6.54 18.60 -1.33
CA THR F 88 -6.19 17.50 -0.45
C THR F 88 -6.54 17.94 0.97
N GLU F 89 -7.28 17.11 1.68
CA GLU F 89 -7.77 17.43 3.01
C GLU F 89 -6.68 17.28 4.09
N ALA F 90 -7.01 17.84 5.25
CA ALA F 90 -6.22 17.77 6.49
C ALA F 90 -4.74 18.07 6.32
N GLY F 91 -4.44 19.24 5.77
CA GLY F 91 -3.06 19.66 5.62
C GLY F 91 -2.15 18.71 4.86
N TYR F 92 -2.62 18.20 3.72
CA TYR F 92 -1.83 17.28 2.93
C TYR F 92 -1.07 18.03 1.84
N VAL F 93 -0.18 17.29 1.17
CA VAL F 93 0.72 17.85 0.17
C VAL F 93 -0.01 18.59 -0.94
N GLY F 94 -1.12 18.05 -1.44
CA GLY F 94 -1.74 18.66 -2.60
C GLY F 94 -2.22 20.10 -2.54
N GLU F 95 -3.24 20.44 -1.75
CA GLU F 95 -3.69 21.82 -1.70
C GLU F 95 -4.71 22.00 -0.59
N ASP F 96 -4.65 23.16 0.08
CA ASP F 96 -5.61 23.50 1.11
C ASP F 96 -6.88 24.04 0.46
N VAL F 97 -8.02 23.80 1.13
CA VAL F 97 -9.30 24.27 0.62
C VAL F 97 -9.32 25.78 0.49
N GLU F 98 -8.72 26.49 1.46
CA GLU F 98 -8.69 27.94 1.48
C GLU F 98 -8.14 28.57 0.19
N ASN F 99 -7.37 27.81 -0.60
CA ASN F 99 -6.82 28.35 -1.83
C ASN F 99 -7.88 28.90 -2.77
N ILE F 100 -9.07 28.29 -2.77
CA ILE F 100 -10.15 28.72 -3.65
C ILE F 100 -10.56 30.15 -3.34
N ILE F 101 -10.63 30.51 -2.06
CA ILE F 101 -11.10 31.84 -1.69
C ILE F 101 -10.10 32.91 -2.11
N GLN F 102 -8.82 32.70 -1.82
CA GLN F 102 -7.83 33.71 -2.19
C GLN F 102 -7.80 33.93 -3.70
N LYS F 103 -8.07 32.88 -4.49
CA LYS F 103 -8.10 33.05 -5.93
C LYS F 103 -9.24 33.94 -6.36
N LEU F 104 -10.34 33.93 -5.62
CA LEU F 104 -11.50 34.76 -5.94
C LEU F 104 -11.21 36.23 -5.76
N LEU F 105 -10.47 36.59 -4.70
CA LEU F 105 -10.20 37.99 -4.39
C LEU F 105 -9.48 38.71 -5.51
N GLN F 106 -8.62 38.03 -6.26
CA GLN F 106 -7.91 38.70 -7.35
C GLN F 106 -8.89 39.20 -8.39
N LYS F 107 -9.94 38.42 -8.66
CA LYS F 107 -10.96 38.85 -9.61
C LYS F 107 -11.79 40.00 -9.03
N SER F 108 -11.95 40.03 -7.71
CA SER F 108 -12.72 41.04 -7.02
C SER F 108 -11.90 42.23 -6.56
N ASP F 109 -10.62 42.32 -6.96
CA ASP F 109 -9.71 43.41 -6.62
C ASP F 109 -9.63 43.63 -5.11
N TYR F 110 -9.72 42.52 -4.36
CA TYR F 110 -9.63 42.54 -2.90
C TYR F 110 -10.73 43.41 -2.29
N ASP F 111 -11.96 43.18 -2.75
CA ASP F 111 -13.16 43.86 -2.26
C ASP F 111 -14.08 42.78 -1.72
N VAL F 112 -14.28 42.78 -0.40
CA VAL F 112 -15.11 41.75 0.23
C VAL F 112 -16.55 41.83 -0.28
N GLN F 113 -17.07 43.04 -0.44
CA GLN F 113 -18.45 43.19 -0.92
C GLN F 113 -18.62 42.58 -2.30
N LYS F 114 -17.59 42.65 -3.14
CA LYS F 114 -17.66 42.07 -4.47
C LYS F 114 -17.50 40.56 -4.47
N ALA F 115 -16.91 39.99 -3.41
CA ALA F 115 -16.73 38.54 -3.38
C ALA F 115 -18.05 37.82 -3.17
N GLN F 116 -18.95 38.41 -2.39
CA GLN F 116 -20.25 37.79 -2.19
C GLN F 116 -21.08 37.85 -3.47
N ARG F 117 -20.85 38.87 -4.29
CA ARG F 117 -21.57 39.04 -5.54
C ARG F 117 -21.15 38.01 -6.59
N GLY F 118 -19.86 37.68 -6.64
CA GLY F 118 -19.36 36.80 -7.68
C GLY F 118 -19.80 35.35 -7.52
N ILE F 119 -19.53 34.60 -8.60
CA ILE F 119 -19.89 33.19 -8.72
C ILE F 119 -18.61 32.37 -8.87
N VAL F 120 -18.67 31.13 -8.41
CA VAL F 120 -17.56 30.19 -8.46
C VAL F 120 -17.97 28.95 -9.25
N TYR F 121 -17.00 28.38 -9.97
CA TYR F 121 -17.19 27.20 -10.80
C TYR F 121 -16.09 26.20 -10.49
N ILE F 122 -16.46 24.91 -10.49
CA ILE F 122 -15.54 23.82 -10.22
C ILE F 122 -15.75 22.76 -11.29
N ASP F 123 -14.64 22.24 -11.80
CA ASP F 123 -14.64 21.21 -12.84
C ASP F 123 -14.07 19.90 -12.29
N GLN F 124 -14.42 18.81 -12.96
CA GLN F 124 -13.93 17.46 -12.60
C GLN F 124 -14.36 17.07 -11.18
N ILE F 125 -15.59 17.44 -10.81
CA ILE F 125 -16.08 17.11 -9.48
C ILE F 125 -16.24 15.60 -9.32
N ASP F 126 -16.52 14.88 -10.40
CA ASP F 126 -16.67 13.44 -10.30
C ASP F 126 -15.37 12.73 -9.98
N LYS F 127 -14.23 13.36 -10.24
CA LYS F 127 -12.94 12.74 -9.99
C LYS F 127 -12.70 12.46 -8.51
N ILE F 128 -13.40 13.13 -7.61
CA ILE F 128 -13.23 12.94 -6.17
C ILE F 128 -14.29 12.00 -5.60
N SER F 129 -14.93 11.19 -6.47
CA SER F 129 -15.95 10.17 -6.12
C SER F 129 -15.37 9.23 -5.06
N ARG F 130 -16.15 8.81 -4.08
CA ARG F 130 -15.64 7.97 -3.00
C ARG F 130 -15.17 6.64 -3.55
N LYS F 131 -13.86 6.48 -3.66
CA LYS F 131 -13.28 5.20 -4.04
C LYS F 131 -13.51 4.26 -2.88
N SER F 132 -14.05 3.07 -3.15
CA SER F 132 -14.38 2.13 -2.09
C SER F 132 -13.62 0.83 -2.24
N ASP F 133 -12.42 0.83 -1.66
CA ASP F 133 -11.55 -0.33 -1.52
C ASP F 133 -11.44 -0.50 -0.02
N ASN F 134 -11.96 -1.59 0.52
CA ASN F 134 -12.01 -1.71 1.98
C ASN F 134 -10.63 -1.87 2.62
N PRO F 135 -9.84 -2.95 2.34
CA PRO F 135 -8.56 -3.12 3.03
C PRO F 135 -7.34 -2.48 2.37
N SER F 136 -7.43 -1.17 2.04
CA SER F 136 -6.27 -0.48 1.50
C SER F 136 -5.77 0.65 2.39
N ILE F 137 -6.61 1.64 2.69
CA ILE F 137 -6.27 2.77 3.56
C ILE F 137 -7.32 2.92 4.65
N THR F 138 -8.57 3.00 4.20
CA THR F 138 -9.81 3.28 4.94
C THR F 138 -9.94 4.79 5.18
N ARG F 139 -8.96 5.60 4.76
CA ARG F 139 -9.00 7.07 4.85
C ARG F 139 -8.60 7.56 3.46
N ASP F 140 -9.56 7.70 2.55
CA ASP F 140 -9.27 8.14 1.18
C ASP F 140 -9.16 9.66 1.16
N VAL F 141 -7.92 10.16 1.07
CA VAL F 141 -7.72 11.60 1.00
C VAL F 141 -8.35 12.17 -0.27
N SER F 142 -8.04 11.55 -1.42
CA SER F 142 -8.61 12.00 -2.68
C SER F 142 -10.10 11.73 -2.77
N GLY F 143 -10.58 10.72 -2.05
CA GLY F 143 -11.97 10.32 -2.07
C GLY F 143 -12.88 11.14 -1.18
N GLU F 144 -13.76 10.42 -0.48
CA GLU F 144 -14.77 10.99 0.43
C GLU F 144 -14.27 12.17 1.25
N GLY F 145 -13.08 12.03 1.86
CA GLY F 145 -12.49 13.05 2.70
C GLY F 145 -12.57 14.49 2.20
N VAL F 146 -12.43 14.69 0.89
CA VAL F 146 -12.50 16.04 0.34
C VAL F 146 -13.91 16.60 0.48
N GLN F 147 -14.93 15.77 0.23
CA GLN F 147 -16.30 16.24 0.29
C GLN F 147 -16.66 16.76 1.69
N GLN F 148 -16.20 16.06 2.73
CA GLN F 148 -16.48 16.49 4.09
C GLN F 148 -15.98 17.90 4.36
N ALA F 149 -14.85 18.28 3.75
CA ALA F 149 -14.31 19.62 3.97
C ALA F 149 -15.12 20.69 3.25
N LEU F 150 -15.70 20.36 2.10
CA LEU F 150 -16.46 21.34 1.34
C LEU F 150 -17.85 21.60 1.91
N LEU F 151 -18.36 20.69 2.75
CA LEU F 151 -19.69 20.86 3.35
C LEU F 151 -19.83 22.20 4.04
N LYS F 152 -18.95 22.49 5.00
CA LYS F 152 -19.02 23.74 5.73
C LYS F 152 -18.77 24.93 4.81
N LEU F 153 -17.94 24.75 3.78
CA LEU F 153 -17.62 25.85 2.88
C LEU F 153 -18.85 26.30 2.10
N ILE F 154 -19.58 25.36 1.52
CA ILE F 154 -20.74 25.70 0.70
C ILE F 154 -21.86 26.28 1.55
N GLU F 155 -22.12 25.68 2.71
CA GLU F 155 -23.20 26.15 3.58
C GLU F 155 -22.98 27.60 3.98
N GLY F 156 -21.78 27.93 4.43
CA GLY F 156 -21.43 29.27 4.82
C GLY F 156 -20.60 29.33 6.09
N THR F 157 -19.48 30.05 6.01
CA THR F 157 -18.56 30.24 7.12
C THR F 157 -17.59 31.34 6.72
N VAL F 158 -16.84 31.83 7.69
CA VAL F 158 -15.86 32.88 7.48
C VAL F 158 -14.47 32.30 7.72
N ALA F 159 -13.58 32.46 6.75
CA ALA F 159 -12.22 31.97 6.82
C ALA F 159 -11.24 33.14 6.65
N ALA F 160 -10.18 33.12 7.45
CA ALA F 160 -9.16 34.16 7.36
C ALA F 160 -8.41 34.02 6.05
N VAL F 161 -8.22 35.15 5.36
CA VAL F 161 -7.52 35.18 4.07
C VAL F 161 -6.58 36.38 4.00
N PRO F 162 -5.26 36.21 3.91
CA PRO F 162 -4.37 37.38 3.81
C PRO F 162 -4.67 38.18 2.56
N PRO F 163 -5.09 39.44 2.65
CA PRO F 163 -5.41 40.20 1.44
C PRO F 163 -4.15 40.58 0.67
N GLN F 164 -4.12 40.20 -0.60
CA GLN F 164 -3.02 40.45 -1.54
C GLN F 164 -1.77 39.65 -1.23
N GLY F 165 -1.76 38.84 -0.16
CA GLY F 165 -0.59 38.08 0.22
C GLY F 165 0.34 38.86 1.13
N GLY F 166 0.26 40.19 1.11
CA GLY F 166 1.09 41.03 1.93
C GLY F 166 2.41 41.33 1.25
N ARG F 167 2.87 42.59 1.35
CA ARG F 167 4.16 42.93 0.77
C ARG F 167 5.26 42.22 1.53
N LYS F 168 5.17 42.23 2.85
CA LYS F 168 6.13 41.61 3.75
C LYS F 168 5.38 41.34 5.05
N HIS F 169 6.09 40.71 6.01
CA HIS F 169 5.54 40.40 7.33
C HIS F 169 4.81 41.57 7.98
N PRO F 170 5.22 42.81 7.67
CA PRO F 170 4.65 44.03 8.26
C PRO F 170 3.13 44.03 8.41
N GLN F 171 2.39 43.64 7.38
CA GLN F 171 0.93 43.65 7.48
C GLN F 171 0.44 42.65 8.53
N GLN F 172 0.73 41.36 8.34
CA GLN F 172 0.37 40.29 9.28
C GLN F 172 -1.11 40.35 9.70
N GLU F 173 -1.99 40.66 8.75
CA GLU F 173 -3.43 40.74 9.03
C GLU F 173 -4.19 39.90 8.01
N PHE F 174 -5.45 39.59 8.36
CA PHE F 174 -6.32 38.78 7.52
C PHE F 174 -7.72 39.38 7.50
N LEU F 175 -8.41 39.20 6.38
CA LEU F 175 -9.77 39.67 6.19
C LEU F 175 -10.77 38.54 6.40
N GLN F 176 -11.95 38.91 6.88
CA GLN F 176 -13.04 37.97 7.10
C GLN F 176 -13.95 38.02 5.88
N VAL F 177 -14.12 36.89 5.21
CA VAL F 177 -14.92 36.79 4.01
C VAL F 177 -16.07 35.82 4.26
N ASP F 178 -17.30 36.31 4.12
CA ASP F 178 -18.46 35.44 4.28
C ASP F 178 -18.54 34.52 3.08
N THR F 179 -19.22 33.38 3.26
CA THR F 179 -19.42 32.42 2.20
C THR F 179 -20.86 31.95 2.10
N SER F 180 -21.75 32.41 2.98
CA SER F 180 -23.14 32.00 2.90
C SER F 180 -23.77 32.51 1.61
N LYS F 181 -23.67 33.82 1.36
CA LYS F 181 -24.27 34.40 0.18
C LYS F 181 -23.58 33.99 -1.11
N ILE F 182 -22.36 33.47 -1.04
CA ILE F 182 -21.65 33.08 -2.26
C ILE F 182 -22.31 31.87 -2.89
N LEU F 183 -22.44 31.91 -4.22
CA LEU F 183 -22.98 30.80 -5.00
C LEU F 183 -21.84 29.87 -5.39
N PHE F 184 -22.17 28.58 -5.53
CA PHE F 184 -21.20 27.56 -5.90
C PHE F 184 -21.80 26.70 -7.00
N ILE F 185 -21.04 26.52 -8.07
CA ILE F 185 -21.45 25.70 -9.22
C ILE F 185 -20.42 24.58 -9.34
N CYS F 186 -20.77 23.40 -8.87
CA CYS F 186 -19.89 22.23 -8.91
C CYS F 186 -20.43 21.29 -9.98
N GLY F 187 -19.62 21.06 -11.02
CA GLY F 187 -20.02 20.17 -12.09
C GLY F 187 -18.88 19.46 -12.77
N GLY F 188 -19.09 18.21 -13.15
CA GLY F 188 -18.06 17.43 -13.82
C GLY F 188 -18.67 16.28 -14.58
N ALA F 189 -18.00 15.88 -15.66
CA ALA F 189 -18.48 14.77 -16.47
C ALA F 189 -18.27 13.45 -15.73
N PHE F 190 -19.37 12.85 -15.29
CA PHE F 190 -19.28 11.59 -14.57
C PHE F 190 -19.04 10.44 -15.54
N ALA F 191 -18.19 9.50 -15.12
CA ALA F 191 -17.84 8.34 -15.92
C ALA F 191 -18.56 7.11 -15.41
N GLY F 192 -19.15 6.35 -16.33
CA GLY F 192 -19.87 5.14 -15.97
C GLY F 192 -21.23 5.36 -15.37
N LEU F 193 -21.70 6.61 -15.32
CA LEU F 193 -23.01 6.90 -14.74
C LEU F 193 -24.13 6.32 -15.58
N ASP F 194 -23.95 6.24 -16.90
CA ASP F 194 -25.00 5.72 -17.78
C ASP F 194 -25.31 4.27 -17.46
N LYS F 195 -24.30 3.48 -17.13
CA LYS F 195 -24.52 2.08 -16.81
C LYS F 195 -25.30 1.92 -15.52
N VAL F 196 -25.09 2.82 -14.56
CA VAL F 196 -25.77 2.74 -13.27
C VAL F 196 -27.26 2.95 -13.44
N ILE F 197 -27.65 3.97 -14.20
CA ILE F 197 -29.07 4.29 -14.34
C ILE F 197 -29.78 3.31 -15.28
N SER F 198 -29.07 2.73 -16.25
CA SER F 198 -29.70 1.79 -17.16
C SER F 198 -30.19 0.55 -16.42
N HIS F 199 -29.38 0.05 -15.49
CA HIS F 199 -29.74 -1.15 -14.74
C HIS F 199 -31.02 -0.98 -13.95
N ARG F 200 -31.21 0.18 -13.33
CA ARG F 200 -32.34 0.42 -12.44
C ARG F 200 -33.56 1.05 -13.09
N VAL F 201 -33.48 1.61 -14.29
CA VAL F 201 -34.57 2.39 -14.86
C VAL F 201 -35.21 1.77 -16.09
N GLU F 202 -34.43 1.45 -17.13
CA GLU F 202 -35.08 1.09 -18.39
C GLU F 202 -35.35 -0.39 -18.65
N THR F 203 -34.34 -1.24 -18.67
CA THR F 203 -34.61 -2.63 -19.02
C THR F 203 -33.42 -3.51 -18.69
N GLY F 204 -33.59 -4.79 -18.99
CA GLY F 204 -32.57 -5.81 -18.81
C GLY F 204 -31.62 -5.79 -19.98
N SER F 205 -30.77 -4.77 -20.02
CA SER F 205 -29.79 -4.55 -21.06
C SER F 205 -28.50 -5.24 -20.66
N GLY F 206 -27.47 -5.12 -21.49
CA GLY F 206 -26.22 -5.82 -21.24
C GLY F 206 -25.87 -6.80 -22.33
N ILE F 207 -24.71 -7.48 -22.05
CA ILE F 207 -23.89 -8.45 -22.79
C ILE F 207 -24.75 -9.35 -23.64
N GLY F 208 -25.90 -9.94 -23.14
CA GLY F 208 -26.63 -10.99 -23.84
C GLY F 208 -27.27 -10.65 -25.18
N PHE F 209 -27.90 -11.65 -25.81
CA PHE F 209 -28.46 -11.48 -27.15
C PHE F 209 -29.66 -10.57 -27.16
N GLY F 210 -30.72 -10.94 -26.43
CA GLY F 210 -31.93 -10.14 -26.43
C GLY F 210 -31.72 -8.77 -25.82
N ALA F 211 -30.78 -8.65 -24.89
CA ALA F 211 -30.50 -7.37 -24.26
C ALA F 211 -30.04 -6.37 -25.31
N THR F 212 -30.49 -5.13 -25.16
CA THR F 212 -30.12 -4.09 -26.12
C THR F 212 -28.60 -3.86 -26.08
N VAL F 213 -27.97 -4.03 -27.23
CA VAL F 213 -26.54 -3.81 -27.33
C VAL F 213 -26.26 -2.32 -27.47
N LYS F 214 -25.01 -1.93 -27.25
CA LYS F 214 -24.62 -0.53 -27.39
C LYS F 214 -24.29 -0.21 -28.84
N ALA F 215 -25.23 -0.52 -29.74
CA ALA F 215 -25.03 -0.23 -31.15
C ALA F 215 -24.98 1.27 -31.40
N LYS F 216 -25.81 2.03 -30.69
CA LYS F 216 -25.86 3.48 -30.83
C LYS F 216 -24.79 4.15 -29.96
N SER F 217 -23.54 3.80 -30.23
CA SER F 217 -22.43 4.41 -29.50
C SER F 217 -22.33 5.89 -29.85
N ASP F 218 -22.42 6.20 -31.14
CA ASP F 218 -22.39 7.56 -31.65
C ASP F 218 -23.63 7.90 -32.47
N LYS F 219 -24.46 6.91 -32.83
CA LYS F 219 -25.65 7.17 -33.61
C LYS F 219 -26.69 7.95 -32.81
N ALA F 220 -26.85 7.61 -31.53
CA ALA F 220 -27.81 8.24 -30.64
C ALA F 220 -27.08 8.84 -29.43
N SER F 221 -27.76 9.79 -28.79
CA SER F 221 -27.21 10.49 -27.63
C SER F 221 -27.73 9.88 -26.33
N GLU F 222 -26.80 9.60 -25.41
CA GLU F 222 -27.14 9.06 -24.11
C GLU F 222 -27.86 10.06 -23.22
N GLY F 223 -27.78 11.36 -23.53
CA GLY F 223 -28.36 12.43 -22.76
C GLY F 223 -29.74 12.23 -22.17
N GLU F 224 -30.68 11.75 -22.99
CA GLU F 224 -32.05 11.51 -22.52
C GLU F 224 -32.09 10.67 -21.25
N LEU F 225 -31.13 9.78 -21.08
CA LEU F 225 -31.07 8.94 -19.88
C LEU F 225 -30.74 9.77 -18.65
N LEU F 226 -29.83 10.75 -18.80
CA LEU F 226 -29.42 11.59 -17.67
C LEU F 226 -30.56 12.40 -17.10
N ALA F 227 -31.61 12.68 -17.89
CA ALA F 227 -32.72 13.47 -17.39
C ALA F 227 -33.43 12.79 -16.24
N GLN F 228 -33.46 11.45 -16.22
CA GLN F 228 -34.09 10.70 -15.15
C GLN F 228 -33.16 10.45 -13.98
N VAL F 229 -32.09 11.23 -13.85
CA VAL F 229 -31.15 11.05 -12.74
C VAL F 229 -31.78 11.56 -11.45
N GLU F 230 -31.37 10.96 -10.33
CA GLU F 230 -31.85 11.34 -9.02
C GLU F 230 -30.72 11.24 -8.00
N PRO F 231 -30.90 11.80 -6.79
CA PRO F 231 -29.82 11.72 -5.78
C PRO F 231 -29.45 10.31 -5.38
N GLU F 232 -30.41 9.39 -5.33
CA GLU F 232 -30.12 8.02 -4.92
C GLU F 232 -29.12 7.36 -5.84
N ASP F 233 -29.15 7.70 -7.13
CA ASP F 233 -28.21 7.09 -8.08
C ASP F 233 -26.79 7.55 -7.81
N LEU F 234 -26.62 8.80 -7.38
CA LEU F 234 -25.29 9.32 -7.09
C LEU F 234 -24.68 8.63 -5.88
N ILE F 235 -25.49 8.08 -4.99
CA ILE F 235 -24.96 7.39 -3.82
C ILE F 235 -24.14 6.19 -4.26
N LYS F 236 -24.64 5.45 -5.25
CA LYS F 236 -23.89 4.33 -5.79
C LYS F 236 -22.61 4.78 -6.44
N PHE F 237 -22.58 6.03 -6.93
CA PHE F 237 -21.38 6.55 -7.58
C PHE F 237 -20.28 6.84 -6.55
N GLY F 238 -20.65 7.21 -5.33
CA GLY F 238 -19.69 7.48 -4.28
C GLY F 238 -19.98 8.72 -3.46
N LEU F 239 -20.80 9.62 -3.99
CA LEU F 239 -21.11 10.84 -3.27
C LEU F 239 -21.91 10.57 -2.02
N ILE F 240 -21.66 11.41 -1.00
CA ILE F 240 -22.31 11.33 0.30
C ILE F 240 -23.67 12.00 0.19
N PRO F 241 -24.73 11.51 0.86
CA PRO F 241 -26.02 12.21 0.74
C PRO F 241 -25.97 13.63 1.25
N GLU F 242 -25.15 13.88 2.28
CA GLU F 242 -25.02 15.23 2.82
C GLU F 242 -24.49 16.19 1.77
N PHE F 243 -23.52 15.75 0.98
CA PHE F 243 -22.97 16.60 -0.07
C PHE F 243 -24.01 16.88 -1.14
N ILE F 244 -24.84 15.89 -1.46
CA ILE F 244 -25.85 16.07 -2.49
C ILE F 244 -26.94 17.01 -2.00
N GLY F 245 -27.25 16.98 -0.70
CA GLY F 245 -28.25 17.89 -0.16
C GLY F 245 -27.86 19.33 -0.34
N ARG F 246 -26.55 19.61 -0.35
CA ARG F 246 -26.06 20.96 -0.53
C ARG F 246 -26.28 21.47 -1.95
N LEU F 247 -26.53 20.58 -2.91
CA LEU F 247 -26.75 20.94 -4.31
C LEU F 247 -28.09 20.36 -4.75
N PRO F 248 -29.19 21.05 -4.44
CA PRO F 248 -30.49 20.49 -4.85
C PRO F 248 -30.73 20.53 -6.35
N VAL F 249 -30.38 21.63 -7.01
CA VAL F 249 -30.63 21.76 -8.44
C VAL F 249 -29.70 20.86 -9.25
N VAL F 250 -30.18 20.42 -10.41
CA VAL F 250 -29.44 19.54 -11.31
C VAL F 250 -29.66 19.97 -12.76
N ALA F 251 -28.61 19.81 -13.57
CA ALA F 251 -28.63 20.12 -15.00
C ALA F 251 -28.26 18.87 -15.80
N THR F 252 -28.77 18.78 -17.02
CA THR F 252 -28.55 17.60 -17.87
C THR F 252 -27.45 17.76 -18.91
N LEU F 253 -27.53 18.79 -19.77
CA LEU F 253 -26.53 19.03 -20.84
C LEU F 253 -26.27 17.74 -21.63
N ASN F 254 -27.34 17.26 -22.27
CA ASN F 254 -27.34 15.98 -22.97
C ASN F 254 -26.11 15.67 -23.83
N GLU F 255 -25.86 16.45 -24.88
CA GLU F 255 -24.68 16.18 -25.71
C GLU F 255 -24.58 17.26 -26.79
N LEU F 256 -23.46 17.23 -27.50
CA LEU F 256 -23.22 18.06 -28.67
C LEU F 256 -23.36 17.16 -29.89
N SER F 257 -23.96 17.68 -30.96
CA SER F 257 -24.19 16.92 -32.18
C SER F 257 -23.32 17.43 -33.32
N GLU F 258 -22.98 16.50 -34.23
CA GLU F 258 -22.20 16.85 -35.41
C GLU F 258 -22.82 18.03 -36.15
N GLU F 259 -24.14 18.04 -36.26
CA GLU F 259 -24.82 19.16 -36.92
C GLU F 259 -24.69 20.43 -36.10
N ALA F 260 -24.63 20.30 -34.77
CA ALA F 260 -24.48 21.47 -33.92
C ALA F 260 -23.15 22.16 -34.16
N LEU F 261 -22.11 21.38 -34.50
CA LEU F 261 -20.81 21.98 -34.79
C LEU F 261 -20.92 22.96 -35.94
N ILE F 262 -21.73 22.63 -36.94
CA ILE F 262 -21.93 23.53 -38.07
C ILE F 262 -22.62 24.80 -37.58
N GLN F 263 -23.57 24.64 -36.67
CA GLN F 263 -24.26 25.80 -36.11
C GLN F 263 -23.29 26.66 -35.30
N ILE F 264 -22.37 26.02 -34.59
CA ILE F 264 -21.40 26.73 -33.76
C ILE F 264 -20.49 27.61 -34.60
N LEU F 265 -20.27 27.24 -35.85
CA LEU F 265 -19.39 28.00 -36.73
C LEU F 265 -20.09 29.13 -37.47
N LYS F 266 -21.42 29.14 -37.49
CA LYS F 266 -22.19 30.15 -38.20
C LYS F 266 -23.05 31.03 -37.29
N GLU F 267 -23.85 30.42 -36.41
CA GLU F 267 -24.76 31.22 -35.59
C GLU F 267 -24.08 32.05 -34.50
N PRO F 268 -23.18 31.51 -33.67
CA PRO F 268 -22.57 32.33 -32.62
C PRO F 268 -21.85 33.57 -33.11
N LYS F 269 -21.84 34.59 -32.25
CA LYS F 269 -21.15 35.84 -32.57
C LYS F 269 -19.65 35.63 -32.57
N ASN F 270 -19.14 34.77 -31.69
CA ASN F 270 -17.72 34.48 -31.57
C ASN F 270 -17.29 33.27 -32.39
N ALA F 271 -18.07 32.90 -33.40
CA ALA F 271 -17.72 31.75 -34.22
C ALA F 271 -16.43 32.02 -34.99
N LEU F 272 -15.68 30.94 -35.24
CA LEU F 272 -14.41 31.07 -35.94
C LEU F 272 -14.59 31.64 -37.33
N THR F 273 -15.69 31.30 -38.00
CA THR F 273 -15.93 31.81 -39.34
C THR F 273 -15.99 33.32 -39.35
N LYS F 274 -16.65 33.91 -38.35
CA LYS F 274 -16.77 35.36 -38.29
C LYS F 274 -15.45 36.01 -37.96
N GLN F 275 -14.58 35.31 -37.21
CA GLN F 275 -13.28 35.89 -36.88
C GLN F 275 -12.42 36.03 -38.13
N TYR F 276 -12.22 34.92 -38.84
CA TYR F 276 -11.41 34.96 -40.05
C TYR F 276 -12.07 35.80 -41.14
N GLN F 277 -13.42 35.83 -41.16
CA GLN F 277 -14.11 36.63 -42.18
C GLN F 277 -13.76 38.09 -42.04
N ALA F 278 -13.71 38.59 -40.79
CA ALA F 278 -13.38 39.99 -40.57
C ALA F 278 -11.89 40.23 -40.77
N LEU F 279 -11.08 39.21 -40.51
CA LEU F 279 -9.64 39.34 -40.70
C LEU F 279 -9.30 39.59 -42.17
N PHE F 280 -10.05 38.97 -43.08
CA PHE F 280 -9.84 39.14 -44.50
C PHE F 280 -10.69 40.24 -45.11
N ASN F 281 -11.80 40.62 -44.47
CA ASN F 281 -12.63 41.69 -45.00
C ASN F 281 -11.85 43.00 -45.10
N LEU F 282 -11.01 43.28 -44.10
CA LEU F 282 -10.22 44.49 -44.10
C LEU F 282 -9.27 44.54 -45.29
N GLU F 283 -8.87 43.39 -45.81
CA GLU F 283 -7.97 43.31 -46.95
C GLU F 283 -8.69 43.40 -48.27
N GLY F 284 -10.02 43.50 -48.27
CA GLY F 284 -10.77 43.53 -49.51
C GLY F 284 -10.95 42.15 -50.09
N VAL F 285 -11.04 41.14 -49.22
CA VAL F 285 -11.23 39.75 -49.62
C VAL F 285 -12.40 39.21 -48.82
N ASP F 286 -13.05 38.19 -49.37
CA ASP F 286 -14.18 37.54 -48.74
C ASP F 286 -13.87 36.08 -48.51
N LEU F 287 -14.38 35.55 -47.40
CA LEU F 287 -14.17 34.16 -47.02
C LEU F 287 -15.48 33.42 -47.15
N GLU F 288 -15.47 32.33 -47.93
CA GLU F 288 -16.64 31.51 -48.17
C GLU F 288 -16.40 30.10 -47.68
N PHE F 289 -17.32 29.60 -46.87
CA PHE F 289 -17.26 28.24 -46.34
C PHE F 289 -18.41 27.45 -46.93
N ARG F 290 -18.12 26.27 -47.46
CA ARG F 290 -19.12 25.41 -48.07
C ARG F 290 -19.56 24.33 -47.09
N ASP F 291 -20.76 23.80 -47.33
CA ASP F 291 -21.30 22.77 -46.45
C ASP F 291 -20.44 21.53 -46.47
N GLU F 292 -19.88 21.19 -47.64
CA GLU F 292 -19.01 20.02 -47.74
C GLU F 292 -17.77 20.20 -46.86
N ALA F 293 -17.21 21.41 -46.85
CA ALA F 293 -16.03 21.68 -46.04
C ALA F 293 -16.32 21.49 -44.55
N LEU F 294 -17.50 21.95 -44.11
CA LEU F 294 -17.85 21.81 -42.69
C LEU F 294 -18.01 20.35 -42.30
N ASP F 295 -18.58 19.53 -43.20
CA ASP F 295 -18.78 18.12 -42.89
C ASP F 295 -17.44 17.42 -42.66
N ALA F 296 -16.44 17.74 -43.47
CA ALA F 296 -15.12 17.13 -43.28
C ALA F 296 -14.53 17.50 -41.94
N ILE F 297 -14.73 18.76 -41.53
CA ILE F 297 -14.21 19.23 -40.24
C ILE F 297 -14.83 18.45 -39.10
N ALA F 298 -16.13 18.15 -39.21
CA ALA F 298 -16.83 17.42 -38.16
C ALA F 298 -16.24 16.04 -37.96
N LYS F 299 -15.99 15.32 -39.06
CA LYS F 299 -15.44 13.98 -38.96
C LYS F 299 -14.04 14.00 -38.35
N LYS F 300 -13.21 14.95 -38.77
CA LYS F 300 -11.85 15.02 -38.24
C LYS F 300 -11.87 15.35 -36.75
N ALA F 301 -12.72 16.30 -36.35
CA ALA F 301 -12.81 16.64 -34.93
C ALA F 301 -13.36 15.49 -34.12
N MET F 302 -14.34 14.78 -34.65
CA MET F 302 -14.93 13.64 -33.94
C MET F 302 -13.90 12.55 -33.71
N ALA F 303 -13.01 12.33 -34.69
CA ALA F 303 -12.00 11.29 -34.56
C ALA F 303 -11.09 11.55 -33.36
N ARG F 304 -10.67 12.80 -33.18
CA ARG F 304 -9.80 13.13 -32.07
C ARG F 304 -10.62 13.37 -30.80
N LYS F 305 -9.94 13.33 -29.67
CA LYS F 305 -10.60 13.56 -28.40
C LYS F 305 -10.93 15.04 -28.25
N THR F 306 -12.02 15.32 -27.52
CA THR F 306 -12.51 16.67 -27.29
C THR F 306 -12.60 17.45 -28.61
N GLY F 307 -13.43 16.92 -29.51
CA GLY F 307 -13.61 17.53 -30.82
C GLY F 307 -13.98 18.99 -30.76
N ALA F 308 -14.76 19.38 -29.75
CA ALA F 308 -15.19 20.77 -29.62
C ALA F 308 -14.00 21.71 -29.47
N ARG F 309 -12.96 21.28 -28.75
CA ARG F 309 -11.77 22.09 -28.53
C ARG F 309 -10.75 21.98 -29.66
N GLY F 310 -10.92 21.07 -30.60
CA GLY F 310 -9.99 20.86 -31.69
C GLY F 310 -10.30 21.59 -32.98
N LEU F 311 -11.36 22.39 -33.02
CA LEU F 311 -11.73 23.10 -34.24
C LEU F 311 -10.65 24.07 -34.68
N ARG F 312 -9.99 24.73 -33.72
CA ARG F 312 -8.96 25.71 -34.06
C ARG F 312 -7.81 25.08 -34.82
N SER F 313 -7.37 23.89 -34.41
CA SER F 313 -6.24 23.24 -35.07
C SER F 313 -6.57 22.89 -36.51
N ILE F 314 -7.75 22.32 -36.75
CA ILE F 314 -8.13 21.92 -38.10
C ILE F 314 -8.27 23.14 -39.00
N VAL F 315 -8.92 24.18 -38.51
CA VAL F 315 -9.14 25.38 -39.32
C VAL F 315 -7.85 26.14 -39.55
N GLU F 316 -7.02 26.27 -38.52
CA GLU F 316 -5.80 27.05 -38.66
C GLU F 316 -4.83 26.42 -39.65
N ALA F 317 -4.67 25.10 -39.59
CA ALA F 317 -3.77 24.42 -40.52
C ALA F 317 -4.23 24.58 -41.95
N ALA F 318 -5.54 24.52 -42.18
CA ALA F 318 -6.08 24.64 -43.52
C ALA F 318 -5.79 26.00 -44.15
N LEU F 319 -5.90 27.06 -43.37
CA LEU F 319 -5.69 28.43 -43.86
C LEU F 319 -4.31 28.99 -43.57
N LEU F 320 -3.44 28.24 -42.90
CA LEU F 320 -2.10 28.75 -42.60
C LEU F 320 -1.33 29.06 -43.89
N ASP F 321 -1.35 28.13 -44.84
CA ASP F 321 -0.62 28.34 -46.09
C ASP F 321 -1.23 29.47 -46.91
N THR F 322 -2.56 29.52 -47.00
CA THR F 322 -3.22 30.57 -47.77
C THR F 322 -2.98 31.94 -47.16
N MET F 323 -2.99 32.02 -45.82
CA MET F 323 -2.79 33.31 -45.16
C MET F 323 -1.41 33.88 -45.46
N TYR F 324 -0.40 33.00 -45.57
CA TYR F 324 0.95 33.46 -45.86
C TYR F 324 1.04 34.14 -47.22
N ASP F 325 0.34 33.61 -48.22
CA ASP F 325 0.39 34.13 -49.57
C ASP F 325 -0.66 35.18 -49.87
N LEU F 326 -1.63 35.42 -48.99
CA LEU F 326 -2.65 36.42 -49.28
C LEU F 326 -2.09 37.84 -49.38
N PRO F 327 -1.20 38.30 -48.49
CA PRO F 327 -0.67 39.66 -48.68
C PRO F 327 0.14 39.78 -49.97
N SER F 328 0.94 38.76 -50.26
CA SER F 328 1.74 38.75 -51.48
C SER F 328 0.84 38.82 -52.72
N MET F 329 -0.25 38.06 -52.72
CA MET F 329 -1.16 38.04 -53.85
C MET F 329 -1.93 39.34 -53.93
N GLU F 330 -2.24 39.75 -55.16
CA GLU F 330 -2.96 40.97 -55.44
C GLU F 330 -4.10 40.68 -56.40
N ASP F 331 -5.11 41.56 -56.38
CA ASP F 331 -6.29 41.44 -57.23
C ASP F 331 -7.05 40.14 -56.96
N VAL F 332 -7.07 39.71 -55.70
CA VAL F 332 -7.79 38.52 -55.26
C VAL F 332 -8.86 39.02 -54.31
N GLU F 333 -10.13 38.86 -54.69
CA GLU F 333 -11.25 39.35 -53.91
C GLU F 333 -12.03 38.27 -53.16
N LYS F 334 -11.85 36.99 -53.49
CA LYS F 334 -12.59 35.93 -52.82
C LYS F 334 -11.70 34.70 -52.64
N VAL F 335 -12.03 33.92 -51.61
CA VAL F 335 -11.34 32.68 -51.28
C VAL F 335 -12.41 31.61 -51.08
N VAL F 336 -12.20 30.45 -51.71
CA VAL F 336 -13.13 29.33 -51.62
C VAL F 336 -12.40 28.13 -51.02
N ILE F 337 -13.04 27.48 -50.06
CA ILE F 337 -12.51 26.31 -49.38
C ILE F 337 -13.40 25.12 -49.71
N ASP F 338 -12.79 23.97 -49.99
CA ASP F 338 -13.49 22.75 -50.35
C ASP F 338 -13.18 21.67 -49.33
N GLU F 339 -14.00 20.61 -49.34
CA GLU F 339 -13.79 19.50 -48.43
C GLU F 339 -12.45 18.81 -48.68
N SER F 340 -12.06 18.72 -49.95
CA SER F 340 -10.79 18.09 -50.29
C SER F 340 -9.62 18.84 -49.65
N VAL F 341 -9.72 20.16 -49.57
CA VAL F 341 -8.67 20.96 -48.96
C VAL F 341 -8.51 20.61 -47.49
N ILE F 342 -9.64 20.35 -46.81
CA ILE F 342 -9.58 20.00 -45.39
C ILE F 342 -8.79 18.72 -45.19
N ASP F 343 -8.96 17.75 -46.09
CA ASP F 343 -8.20 16.51 -46.01
C ASP F 343 -6.72 16.78 -46.25
N GLY F 344 -6.40 17.79 -47.06
CA GLY F 344 -5.03 18.15 -47.38
C GLY F 344 -4.58 17.71 -48.76
N GLN F 345 -5.43 17.07 -49.54
CA GLN F 345 -5.10 16.63 -50.89
C GLN F 345 -5.31 17.71 -51.94
N SER F 346 -5.96 18.81 -51.59
CA SER F 346 -6.26 19.89 -52.53
C SER F 346 -5.85 21.24 -51.94
N GLU F 347 -5.76 22.22 -52.83
CA GLU F 347 -5.42 23.60 -52.54
C GLU F 347 -6.66 24.48 -52.74
N PRO F 348 -6.94 25.44 -51.85
CA PRO F 348 -8.17 26.23 -52.03
C PRO F 348 -8.17 27.04 -53.31
N LEU F 349 -9.36 27.16 -53.90
CA LEU F 349 -9.54 27.92 -55.12
C LEU F 349 -9.45 29.41 -54.84
N LEU F 350 -8.86 30.14 -55.79
CA LEU F 350 -8.65 31.57 -55.68
C LEU F 350 -9.38 32.26 -56.83
N ILE F 351 -10.11 33.32 -56.50
CA ILE F 351 -10.89 34.09 -57.46
C ILE F 351 -10.28 35.48 -57.55
N TYR F 352 -10.08 35.95 -58.78
CA TYR F 352 -9.50 37.26 -59.04
C TYR F 352 -10.55 38.26 -59.50
N LEU G 16 -0.48 -25.67 -15.60
CA LEU G 16 -0.25 -24.41 -14.93
C LEU G 16 -0.40 -23.25 -15.91
N VAL G 17 -0.80 -22.09 -15.39
CA VAL G 17 -1.00 -20.88 -16.18
C VAL G 17 -0.13 -19.78 -15.57
N PRO G 18 0.77 -19.14 -16.34
CA PRO G 18 1.56 -18.06 -15.74
C PRO G 18 0.75 -16.80 -15.53
N MET G 19 1.17 -16.01 -14.54
CA MET G 19 0.56 -14.74 -14.21
C MET G 19 1.45 -13.60 -14.66
N VAL G 20 0.84 -12.55 -15.23
CA VAL G 20 1.55 -11.38 -15.70
C VAL G 20 0.99 -10.15 -15.01
N ILE G 21 1.71 -9.04 -15.14
CA ILE G 21 1.35 -7.76 -14.56
C ILE G 21 1.16 -6.75 -15.67
N GLU G 22 -0.01 -6.12 -15.70
CA GLU G 22 -0.34 -5.09 -16.67
C GLU G 22 -0.31 -3.75 -15.96
N GLN G 23 0.50 -2.83 -16.47
CA GLN G 23 0.65 -1.51 -15.86
C GLN G 23 -0.41 -0.57 -16.38
N THR G 24 -1.15 0.05 -15.46
CA THR G 24 -2.20 1.00 -15.77
C THR G 24 -1.98 2.26 -14.96
N SER G 25 -2.71 3.31 -15.32
CA SER G 25 -2.59 4.58 -14.60
C SER G 25 -3.05 4.43 -13.16
N ARG G 26 -4.14 3.69 -12.94
CA ARG G 26 -4.64 3.51 -11.58
C ARG G 26 -3.66 2.74 -10.72
N GLY G 27 -3.10 1.66 -11.26
CA GLY G 27 -2.15 0.86 -10.52
C GLY G 27 -1.84 -0.43 -11.25
N GLU G 28 -1.06 -1.28 -10.59
CA GLU G 28 -0.68 -2.56 -11.15
C GLU G 28 -1.77 -3.59 -10.91
N ARG G 29 -2.04 -4.40 -11.92
CA ARG G 29 -3.05 -5.45 -11.85
C ARG G 29 -2.47 -6.75 -12.37
N SER G 30 -2.77 -7.85 -11.68
CA SER G 30 -2.28 -9.17 -12.04
C SER G 30 -3.33 -9.90 -12.87
N PHE G 31 -2.91 -10.42 -14.01
CA PHE G 31 -3.78 -11.13 -14.93
C PHE G 31 -3.15 -12.43 -15.38
N ASP G 32 -4.00 -13.40 -15.70
CA ASP G 32 -3.52 -14.64 -16.25
C ASP G 32 -3.23 -14.41 -17.73
N ILE G 33 -2.43 -15.30 -18.32
CA ILE G 33 -2.02 -15.12 -19.71
C ILE G 33 -3.24 -15.15 -20.64
N TYR G 34 -4.23 -15.98 -20.32
CA TYR G 34 -5.40 -16.06 -21.19
C TYR G 34 -6.32 -14.85 -21.04
N SER G 35 -6.43 -14.33 -19.82
CA SER G 35 -7.30 -13.18 -19.60
C SER G 35 -6.69 -11.91 -20.16
N ARG G 36 -5.36 -11.80 -20.16
CA ARG G 36 -4.72 -10.61 -20.71
C ARG G 36 -5.02 -10.48 -22.20
N LEU G 37 -4.91 -11.59 -22.93
CA LEU G 37 -5.19 -11.56 -24.36
C LEU G 37 -6.68 -11.33 -24.61
N LEU G 38 -7.54 -11.79 -23.70
CA LEU G 38 -8.96 -11.55 -23.86
C LEU G 38 -9.26 -10.07 -23.82
N LYS G 39 -8.49 -9.30 -23.05
CA LYS G 39 -8.67 -7.87 -22.97
C LYS G 39 -8.43 -7.20 -24.32
N GLU G 40 -7.61 -7.82 -25.17
CA GLU G 40 -7.29 -7.31 -26.50
C GLU G 40 -8.14 -7.95 -27.59
N ARG G 41 -9.29 -8.51 -27.23
CA ARG G 41 -10.20 -9.12 -28.19
C ARG G 41 -9.56 -10.33 -28.88
N VAL G 42 -9.01 -11.22 -28.07
CA VAL G 42 -8.36 -12.44 -28.56
C VAL G 42 -8.89 -13.62 -27.77
N ILE G 43 -9.37 -14.64 -28.49
CA ILE G 43 -9.91 -15.85 -27.89
C ILE G 43 -9.15 -17.04 -28.44
N PHE G 44 -8.93 -18.04 -27.59
CA PHE G 44 -8.21 -19.25 -27.95
C PHE G 44 -9.17 -20.43 -28.00
N LEU G 45 -9.09 -21.19 -29.10
CA LEU G 45 -9.89 -22.40 -29.29
C LEU G 45 -8.88 -23.55 -29.35
N THR G 46 -8.74 -24.26 -28.23
CA THR G 46 -7.79 -25.35 -28.10
C THR G 46 -8.49 -26.67 -27.76
N GLY G 47 -7.95 -27.75 -28.28
CA GLY G 47 -8.44 -29.09 -28.03
C GLY G 47 -9.74 -29.40 -28.76
N GLN G 48 -10.33 -30.52 -28.34
CA GLN G 48 -11.55 -30.99 -28.95
C GLN G 48 -12.70 -30.04 -28.67
N VAL G 49 -13.59 -29.93 -29.66
CA VAL G 49 -14.75 -29.06 -29.57
C VAL G 49 -15.87 -29.86 -28.90
N GLU G 50 -16.28 -29.41 -27.73
CA GLU G 50 -17.32 -30.05 -26.94
C GLU G 50 -18.32 -29.00 -26.50
N ASP G 51 -19.35 -29.45 -25.78
CA ASP G 51 -20.40 -28.54 -25.32
C ASP G 51 -19.89 -27.54 -24.29
N HIS G 52 -18.95 -27.96 -23.43
CA HIS G 52 -18.44 -27.06 -22.41
C HIS G 52 -17.48 -26.03 -23.01
N MET G 53 -16.53 -26.49 -23.83
CA MET G 53 -15.57 -25.58 -24.42
C MET G 53 -16.24 -24.59 -25.36
N ALA G 54 -17.26 -25.05 -26.11
CA ALA G 54 -17.94 -24.16 -27.03
C ALA G 54 -18.77 -23.12 -26.29
N ASN G 55 -19.48 -23.54 -25.24
CA ASN G 55 -20.30 -22.62 -24.48
C ASN G 55 -19.47 -21.56 -23.77
N LEU G 56 -18.19 -21.83 -23.54
CA LEU G 56 -17.32 -20.86 -22.88
C LEU G 56 -16.88 -19.78 -23.86
N ILE G 57 -16.63 -20.16 -25.11
CA ILE G 57 -16.19 -19.21 -26.12
C ILE G 57 -17.32 -18.25 -26.47
N VAL G 58 -18.56 -18.73 -26.45
CA VAL G 58 -19.70 -17.88 -26.81
C VAL G 58 -19.81 -16.72 -25.83
N ALA G 59 -19.61 -16.98 -24.54
CA ALA G 59 -19.68 -15.91 -23.56
C ALA G 59 -18.55 -14.90 -23.77
N GLN G 60 -17.40 -15.35 -24.26
CA GLN G 60 -16.29 -14.45 -24.50
C GLN G 60 -16.60 -13.51 -25.66
N MET G 61 -17.17 -14.04 -26.74
CA MET G 61 -17.51 -13.21 -27.89
C MET G 61 -18.55 -12.17 -27.51
N LEU G 62 -19.58 -12.57 -26.76
CA LEU G 62 -20.62 -11.64 -26.35
C LEU G 62 -20.04 -10.55 -25.45
N PHE G 63 -19.11 -10.91 -24.57
CA PHE G 63 -18.52 -9.94 -23.67
C PHE G 63 -17.78 -8.85 -24.45
N LEU G 64 -17.11 -9.23 -25.53
CA LEU G 64 -16.39 -8.26 -26.33
C LEU G 64 -17.33 -7.37 -27.12
N GLU G 65 -18.50 -7.88 -27.49
CA GLU G 65 -19.47 -7.10 -28.25
C GLU G 65 -19.91 -5.88 -27.45
N ALA G 66 -20.17 -6.06 -26.16
CA ALA G 66 -20.61 -4.95 -25.32
C ALA G 66 -19.51 -3.93 -25.12
N GLU G 67 -18.26 -4.40 -24.96
CA GLU G 67 -17.15 -3.48 -24.75
C GLU G 67 -16.93 -2.60 -25.97
N ASN G 68 -16.82 -3.22 -27.15
CA ASN G 68 -16.66 -2.48 -28.38
C ASN G 68 -17.20 -3.30 -29.56
N PRO G 69 -18.28 -2.89 -30.23
CA PRO G 69 -18.77 -3.65 -31.39
C PRO G 69 -18.14 -3.26 -32.71
N GLU G 70 -17.16 -2.35 -32.71
CA GLU G 70 -16.51 -1.86 -33.93
C GLU G 70 -15.07 -2.32 -34.08
N LYS G 71 -14.52 -3.07 -33.12
CA LYS G 71 -13.14 -3.52 -33.17
C LYS G 71 -13.08 -4.98 -33.62
N ASP G 72 -12.12 -5.27 -34.48
CA ASP G 72 -11.97 -6.63 -35.01
C ASP G 72 -11.54 -7.60 -33.93
N ILE G 73 -12.08 -8.81 -34.01
CA ILE G 73 -11.77 -9.89 -33.08
C ILE G 73 -10.84 -10.87 -33.79
N TYR G 74 -9.89 -11.43 -33.04
CA TYR G 74 -8.95 -12.41 -33.55
C TYR G 74 -9.18 -13.72 -32.83
N LEU G 75 -9.38 -14.79 -33.59
CA LEU G 75 -9.64 -16.13 -33.07
C LEU G 75 -8.57 -17.09 -33.60
N TYR G 76 -7.71 -17.57 -32.70
CA TYR G 76 -6.67 -18.52 -33.07
C TYR G 76 -7.19 -19.92 -32.79
N ILE G 77 -7.14 -20.78 -33.81
CA ILE G 77 -7.66 -22.14 -33.73
C ILE G 77 -6.54 -23.16 -33.91
N ASN G 78 -6.41 -24.05 -32.94
CA ASN G 78 -5.46 -25.18 -32.98
C ASN G 78 -6.25 -26.31 -32.32
N SER G 79 -6.91 -27.13 -33.14
CA SER G 79 -7.73 -28.19 -32.58
C SER G 79 -7.94 -29.30 -33.60
N PRO G 80 -8.06 -30.56 -33.17
CA PRO G 80 -8.33 -31.65 -34.10
C PRO G 80 -9.80 -31.85 -34.42
N GLY G 81 -10.65 -30.89 -34.07
CA GLY G 81 -12.08 -30.99 -34.32
C GLY G 81 -12.81 -31.68 -33.18
N GLY G 82 -14.10 -31.92 -33.41
CA GLY G 82 -14.93 -32.54 -32.41
C GLY G 82 -16.40 -32.64 -32.77
N VAL G 83 -17.27 -32.34 -31.81
CA VAL G 83 -18.70 -32.43 -32.04
C VAL G 83 -19.14 -31.34 -33.01
N ILE G 84 -20.10 -31.68 -33.86
CA ILE G 84 -20.61 -30.74 -34.85
C ILE G 84 -21.55 -29.72 -34.22
N THR G 85 -22.52 -30.20 -33.43
CA THR G 85 -23.50 -29.31 -32.82
C THR G 85 -22.86 -28.26 -31.94
N ALA G 86 -21.75 -28.60 -31.28
CA ALA G 86 -21.06 -27.61 -30.45
C ALA G 86 -20.41 -26.54 -31.31
N GLY G 87 -19.91 -26.92 -32.48
CA GLY G 87 -19.26 -25.97 -33.36
C GLY G 87 -20.22 -25.07 -34.11
N MET G 88 -21.41 -25.56 -34.45
CA MET G 88 -22.34 -24.74 -35.20
C MET G 88 -22.87 -23.57 -34.36
N SER G 89 -22.84 -23.69 -33.04
CA SER G 89 -23.29 -22.59 -32.21
C SER G 89 -22.34 -21.40 -32.34
N ILE G 90 -21.06 -21.68 -32.55
CA ILE G 90 -20.06 -20.62 -32.70
C ILE G 90 -20.18 -19.97 -34.07
N TYR G 91 -20.52 -20.76 -35.09
CA TYR G 91 -20.64 -20.23 -36.44
C TYR G 91 -21.75 -19.20 -36.52
N ASP G 92 -22.91 -19.51 -35.94
CA ASP G 92 -24.02 -18.56 -35.97
C ASP G 92 -23.68 -17.30 -35.18
N THR G 93 -22.89 -17.45 -34.12
CA THR G 93 -22.53 -16.29 -33.31
C THR G 93 -21.64 -15.33 -34.09
N MET G 94 -20.65 -15.86 -34.82
CA MET G 94 -19.76 -15.01 -35.59
C MET G 94 -20.51 -14.21 -36.64
N GLN G 95 -21.49 -14.84 -37.29
CA GLN G 95 -22.26 -14.16 -38.33
C GLN G 95 -23.29 -13.21 -37.75
N PHE G 96 -23.83 -13.53 -36.56
CA PHE G 96 -24.86 -12.69 -35.97
C PHE G 96 -24.30 -11.34 -35.52
N ILE G 97 -23.21 -11.38 -34.75
CA ILE G 97 -22.63 -10.14 -34.23
C ILE G 97 -22.03 -9.31 -35.36
N LYS G 98 -22.02 -8.00 -35.14
CA LYS G 98 -21.51 -7.01 -36.08
C LYS G 98 -20.00 -7.04 -36.29
N PRO G 99 -19.17 -7.19 -35.24
CA PRO G 99 -17.71 -7.20 -35.46
C PRO G 99 -17.26 -8.31 -36.40
N ASP G 100 -16.18 -8.01 -37.11
CA ASP G 100 -15.59 -8.96 -38.05
C ASP G 100 -14.69 -9.92 -37.27
N VAL G 101 -15.04 -11.20 -37.26
CA VAL G 101 -14.31 -12.21 -36.52
C VAL G 101 -13.17 -12.73 -37.39
N SER G 102 -11.96 -12.28 -37.12
CA SER G 102 -10.79 -12.76 -37.84
C SER G 102 -10.41 -14.13 -37.29
N THR G 103 -10.09 -15.06 -38.19
CA THR G 103 -9.70 -16.41 -37.83
C THR G 103 -8.30 -16.72 -38.33
N ILE G 104 -7.56 -17.47 -37.51
CA ILE G 104 -6.19 -17.88 -37.83
C ILE G 104 -6.05 -19.36 -37.48
N CYS G 105 -5.37 -20.10 -38.34
CA CYS G 105 -5.14 -21.53 -38.14
C CYS G 105 -3.70 -21.75 -37.71
N MET G 106 -3.53 -22.33 -36.53
CA MET G 106 -2.22 -22.63 -35.96
C MET G 106 -2.13 -24.14 -35.71
N GLY G 107 -1.15 -24.78 -36.32
CA GLY G 107 -0.95 -26.19 -36.13
C GLY G 107 -1.85 -27.07 -36.98
N GLN G 108 -3.15 -27.10 -36.67
CA GLN G 108 -4.07 -27.95 -37.42
C GLN G 108 -5.48 -27.42 -37.31
N ALA G 109 -6.29 -27.74 -38.32
CA ALA G 109 -7.70 -27.35 -38.40
C ALA G 109 -8.44 -28.51 -39.04
N ALA G 110 -9.17 -29.27 -38.23
CA ALA G 110 -9.91 -30.42 -38.72
C ALA G 110 -11.22 -29.96 -39.35
N SER G 111 -12.09 -30.94 -39.66
CA SER G 111 -13.39 -30.71 -40.29
C SER G 111 -14.15 -29.53 -39.69
N MET G 112 -14.40 -29.57 -38.39
CA MET G 112 -15.13 -28.48 -37.77
C MET G 112 -14.24 -27.26 -37.59
N GLY G 113 -12.95 -27.45 -37.34
CA GLY G 113 -12.05 -26.32 -37.23
C GLY G 113 -11.92 -25.58 -38.54
N ALA G 114 -12.02 -26.30 -39.65
CA ALA G 114 -11.95 -25.67 -40.96
C ALA G 114 -13.22 -24.90 -41.28
N PHE G 115 -14.37 -25.39 -40.80
CA PHE G 115 -15.63 -24.70 -41.08
C PHE G 115 -15.69 -23.36 -40.36
N LEU G 116 -15.17 -23.31 -39.13
CA LEU G 116 -15.15 -22.04 -38.41
C LEU G 116 -14.06 -21.13 -38.94
N LEU G 117 -13.01 -21.70 -39.53
CA LEU G 117 -11.92 -20.91 -40.08
C LEU G 117 -12.40 -20.12 -41.30
N THR G 118 -12.99 -20.81 -42.27
CA THR G 118 -13.48 -20.14 -43.47
C THR G 118 -14.67 -19.25 -43.19
N ALA G 119 -15.39 -19.47 -42.09
CA ALA G 119 -16.56 -18.66 -41.77
C ALA G 119 -16.19 -17.27 -41.29
N GLY G 120 -14.91 -16.97 -41.09
CA GLY G 120 -14.50 -15.67 -40.66
C GLY G 120 -14.81 -14.62 -41.71
N ALA G 121 -14.55 -13.36 -41.34
CA ALA G 121 -14.79 -12.26 -42.25
C ALA G 121 -13.89 -12.36 -43.47
N LYS G 122 -14.44 -12.07 -44.64
CA LYS G 122 -13.68 -12.12 -45.88
C LYS G 122 -12.59 -11.08 -45.86
N GLY G 123 -11.39 -11.48 -46.25
CA GLY G 123 -10.23 -10.60 -46.25
C GLY G 123 -9.45 -10.56 -44.96
N LYS G 124 -9.96 -11.19 -43.89
CA LYS G 124 -9.29 -11.22 -42.60
C LYS G 124 -9.09 -12.65 -42.11
N ARG G 125 -8.82 -13.57 -43.04
CA ARG G 125 -8.57 -14.97 -42.74
C ARG G 125 -7.14 -15.28 -43.13
N PHE G 126 -6.40 -15.88 -42.20
CA PHE G 126 -5.00 -16.22 -42.43
C PHE G 126 -4.71 -17.64 -41.96
N CYS G 127 -3.63 -18.19 -42.51
CA CYS G 127 -3.15 -19.53 -42.18
C CYS G 127 -1.64 -19.47 -42.17
N LEU G 128 -1.03 -20.15 -41.21
CA LEU G 128 0.42 -20.13 -41.11
C LEU G 128 1.04 -20.92 -42.27
N PRO G 129 2.29 -20.60 -42.64
CA PRO G 129 2.93 -21.28 -43.77
C PRO G 129 2.99 -22.81 -43.67
N ASN G 130 3.08 -23.37 -42.46
CA ASN G 130 3.19 -24.81 -42.27
C ASN G 130 1.94 -25.42 -41.64
N SER G 131 0.84 -24.67 -41.56
CA SER G 131 -0.37 -25.24 -40.99
C SER G 131 -0.95 -26.27 -41.95
N ARG G 132 -1.90 -27.05 -41.46
CA ARG G 132 -2.55 -28.08 -42.25
C ARG G 132 -4.03 -28.16 -41.90
N VAL G 133 -4.85 -28.26 -42.93
CA VAL G 133 -6.29 -28.35 -42.81
C VAL G 133 -6.74 -29.71 -43.33
N MET G 134 -7.75 -30.29 -42.68
CA MET G 134 -8.31 -31.56 -43.07
C MET G 134 -9.83 -31.45 -43.04
N ILE G 135 -10.46 -31.98 -44.08
CA ILE G 135 -11.92 -31.94 -44.22
C ILE G 135 -12.41 -33.32 -44.62
N HIS G 136 -13.54 -33.72 -44.03
CA HIS G 136 -14.17 -34.99 -44.35
C HIS G 136 -15.66 -34.83 -44.11
N GLN G 137 -16.40 -35.93 -44.21
CA GLN G 137 -17.84 -35.86 -44.03
C GLN G 137 -18.21 -36.08 -42.57
N PRO G 138 -19.42 -35.70 -42.16
CA PRO G 138 -19.80 -35.93 -40.76
C PRO G 138 -19.80 -37.40 -40.40
N LEU G 139 -19.45 -37.68 -39.15
CA LEU G 139 -19.40 -39.03 -38.63
C LEU G 139 -20.52 -39.24 -37.62
N GLY G 140 -21.03 -40.46 -37.58
CA GLY G 140 -22.10 -40.78 -36.67
C GLY G 140 -22.27 -42.27 -36.53
N GLY G 141 -23.42 -42.65 -36.00
CA GLY G 141 -23.74 -44.05 -35.80
C GLY G 141 -24.92 -44.20 -34.87
N TYR G 142 -25.55 -45.36 -34.97
CA TYR G 142 -26.70 -45.65 -34.13
C TYR G 142 -26.87 -47.16 -34.03
N GLN G 143 -27.50 -47.59 -32.94
CA GLN G 143 -27.76 -49.01 -32.69
C GLN G 143 -29.20 -49.11 -32.19
N GLY G 144 -29.99 -49.92 -32.88
CA GLY G 144 -31.38 -50.09 -32.49
C GLY G 144 -32.17 -50.69 -33.64
N GLN G 145 -33.48 -50.44 -33.60
CA GLN G 145 -34.37 -50.93 -34.64
C GLN G 145 -34.07 -50.26 -35.97
N ALA G 146 -34.50 -50.90 -37.05
CA ALA G 146 -34.27 -50.35 -38.38
C ALA G 146 -35.01 -49.03 -38.57
N THR G 147 -36.17 -48.88 -37.92
CA THR G 147 -36.93 -47.64 -38.05
C THR G 147 -36.16 -46.47 -37.45
N ASP G 148 -35.44 -46.71 -36.36
CA ASP G 148 -34.69 -45.63 -35.72
C ASP G 148 -33.43 -45.30 -36.52
N ILE G 149 -32.81 -46.29 -37.16
CA ILE G 149 -31.61 -46.03 -37.95
C ILE G 149 -31.93 -45.11 -39.12
N GLU G 150 -33.12 -45.31 -39.72
CA GLU G 150 -33.52 -44.47 -40.85
C GLU G 150 -33.71 -43.03 -40.41
N ILE G 151 -34.19 -42.81 -39.19
CA ILE G 151 -34.41 -41.46 -38.70
C ILE G 151 -33.08 -40.74 -38.49
N HIS G 152 -32.16 -41.39 -37.78
CA HIS G 152 -30.86 -40.77 -37.54
C HIS G 152 -30.04 -40.67 -38.83
N ALA G 153 -30.31 -41.54 -39.79
CA ALA G 153 -29.57 -41.47 -41.05
C ALA G 153 -30.02 -40.27 -41.88
N ARG G 154 -31.32 -40.02 -41.92
CA ARG G 154 -31.84 -38.87 -42.65
C ARG G 154 -31.37 -37.57 -42.00
N GLU G 155 -31.26 -37.55 -40.68
CA GLU G 155 -30.85 -36.33 -39.97
C GLU G 155 -29.40 -35.99 -40.27
N ILE G 156 -28.50 -36.97 -40.14
CA ILE G 156 -27.09 -36.71 -40.39
C ILE G 156 -26.85 -36.39 -41.86
N LEU G 157 -27.71 -36.86 -42.76
CA LEU G 157 -27.55 -36.55 -44.17
C LEU G 157 -27.84 -35.08 -44.44
N LYS G 158 -28.82 -34.52 -43.75
CA LYS G 158 -29.14 -33.11 -43.92
C LYS G 158 -27.97 -32.24 -43.47
N VAL G 159 -27.30 -32.65 -42.39
CA VAL G 159 -26.15 -31.90 -41.88
C VAL G 159 -25.03 -31.91 -42.92
N LYS G 160 -24.76 -33.08 -43.51
CA LYS G 160 -23.73 -33.16 -44.53
C LYS G 160 -24.04 -32.23 -45.70
N GLY G 161 -25.31 -32.18 -46.11
CA GLY G 161 -25.70 -31.28 -47.17
C GLY G 161 -25.61 -29.84 -46.72
N ARG G 162 -25.99 -29.57 -45.47
CA ARG G 162 -25.95 -28.21 -44.95
C ARG G 162 -24.51 -27.74 -44.78
N MET G 163 -23.62 -28.63 -44.32
CA MET G 163 -22.24 -28.22 -44.12
C MET G 163 -21.54 -27.95 -45.44
N ASN G 164 -21.95 -28.62 -46.51
CA ASN G 164 -21.32 -28.37 -47.81
C ASN G 164 -21.82 -27.07 -48.41
N GLU G 165 -23.09 -26.74 -48.19
CA GLU G 165 -23.64 -25.49 -48.72
C GLU G 165 -22.95 -24.29 -48.11
N LEU G 166 -22.75 -24.31 -46.79
CA LEU G 166 -22.11 -23.17 -46.13
C LEU G 166 -20.63 -23.08 -46.47
N MET G 167 -19.96 -24.23 -46.61
CA MET G 167 -18.55 -24.22 -46.98
C MET G 167 -18.35 -23.58 -48.35
N ALA G 168 -19.26 -23.86 -49.28
CA ALA G 168 -19.18 -23.28 -50.62
C ALA G 168 -19.46 -21.79 -50.60
N LEU G 169 -20.35 -21.35 -49.70
CA LEU G 169 -20.71 -19.94 -49.63
C LEU G 169 -19.50 -19.07 -49.30
N HIS G 170 -18.68 -19.48 -48.34
CA HIS G 170 -17.52 -18.67 -47.96
C HIS G 170 -16.33 -18.93 -48.87
N THR G 171 -16.13 -20.18 -49.29
CA THR G 171 -15.02 -20.50 -50.17
C THR G 171 -15.28 -20.09 -51.61
N GLY G 172 -16.54 -19.91 -52.00
CA GLY G 172 -16.88 -19.54 -53.36
C GLY G 172 -16.94 -20.70 -54.33
N GLN G 173 -16.45 -21.87 -53.95
CA GLN G 173 -16.48 -23.03 -54.83
C GLN G 173 -17.93 -23.48 -55.06
N SER G 174 -18.08 -24.45 -55.94
CA SER G 174 -19.40 -24.98 -56.25
C SER G 174 -19.77 -26.08 -55.25
N LEU G 175 -21.08 -26.29 -55.10
CA LEU G 175 -21.56 -27.31 -54.19
C LEU G 175 -21.12 -28.70 -54.63
N GLU G 176 -21.07 -28.94 -55.94
CA GLU G 176 -20.66 -30.24 -56.45
C GLU G 176 -19.19 -30.52 -56.15
N GLN G 177 -18.34 -29.50 -56.23
CA GLN G 177 -16.91 -29.69 -55.97
C GLN G 177 -16.66 -30.02 -54.51
N ILE G 178 -17.35 -29.34 -53.61
CA ILE G 178 -17.18 -29.61 -52.19
C ILE G 178 -17.67 -31.01 -51.85
N GLU G 179 -18.71 -31.48 -52.52
CA GLU G 179 -19.23 -32.82 -52.26
C GLU G 179 -18.22 -33.89 -52.62
N ARG G 180 -17.52 -33.70 -53.74
CA ARG G 180 -16.53 -34.69 -54.17
C ARG G 180 -15.29 -34.64 -53.28
N ASP G 181 -14.88 -33.44 -52.86
CA ASP G 181 -13.69 -33.30 -52.03
C ASP G 181 -13.91 -33.74 -50.59
N THR G 182 -15.17 -33.78 -50.12
CA THR G 182 -15.47 -34.18 -48.75
C THR G 182 -15.92 -35.63 -48.63
N GLU G 183 -15.85 -36.42 -49.70
CA GLU G 183 -16.25 -37.82 -49.61
C GLU G 183 -15.30 -38.58 -48.70
N ARG G 184 -14.02 -38.20 -48.68
CA ARG G 184 -13.00 -38.85 -47.86
C ARG G 184 -12.12 -37.75 -47.28
N ASP G 185 -11.21 -38.17 -46.39
CA ASP G 185 -10.29 -37.22 -45.77
C ASP G 185 -9.44 -36.57 -46.86
N ARG G 186 -9.30 -35.25 -46.77
CA ARG G 186 -8.54 -34.48 -47.75
C ARG G 186 -7.69 -33.45 -47.02
N PHE G 187 -6.38 -33.59 -47.11
CA PHE G 187 -5.45 -32.66 -46.48
C PHE G 187 -5.08 -31.57 -47.46
N LEU G 188 -5.07 -30.33 -46.98
CA LEU G 188 -4.77 -29.16 -47.79
C LEU G 188 -3.67 -28.35 -47.11
N SER G 189 -2.55 -28.16 -47.82
CA SER G 189 -1.46 -27.37 -47.30
C SER G 189 -1.86 -25.90 -47.23
N ALA G 190 -0.99 -25.09 -46.62
CA ALA G 190 -1.27 -23.66 -46.50
C ALA G 190 -1.37 -22.96 -47.84
N PRO G 191 -0.48 -23.19 -48.83
CA PRO G 191 -0.67 -22.50 -50.12
C PRO G 191 -1.93 -22.94 -50.83
N GLU G 192 -2.27 -24.22 -50.77
CA GLU G 192 -3.45 -24.74 -51.43
C GLU G 192 -4.72 -24.10 -50.89
N ALA G 193 -4.74 -23.72 -49.62
CA ALA G 193 -5.93 -23.11 -49.04
C ALA G 193 -6.23 -21.78 -49.71
N VAL G 194 -5.18 -21.04 -50.08
CA VAL G 194 -5.38 -19.76 -50.76
C VAL G 194 -5.98 -19.99 -52.13
N GLU G 195 -5.42 -20.95 -52.88
CA GLU G 195 -5.93 -21.27 -54.21
C GLU G 195 -7.36 -21.80 -54.14
N TYR G 196 -7.74 -22.40 -53.02
CA TYR G 196 -9.07 -22.95 -52.83
C TYR G 196 -10.08 -21.91 -52.33
N GLY G 197 -9.64 -20.69 -52.07
CA GLY G 197 -10.55 -19.67 -51.57
C GLY G 197 -10.87 -19.79 -50.10
N LEU G 198 -10.25 -20.73 -49.39
CA LEU G 198 -10.54 -20.92 -47.97
C LEU G 198 -10.00 -19.77 -47.13
N VAL G 199 -8.84 -19.22 -47.50
CA VAL G 199 -8.22 -18.12 -46.76
C VAL G 199 -7.85 -17.03 -47.76
N ASP G 200 -7.36 -15.92 -47.20
CA ASP G 200 -6.98 -14.75 -47.99
C ASP G 200 -5.48 -14.61 -48.18
N SER G 201 -4.68 -14.85 -47.15
CA SER G 201 -3.24 -14.71 -47.26
C SER G 201 -2.56 -15.52 -46.17
N ILE G 202 -1.24 -15.40 -46.12
CA ILE G 202 -0.40 -16.08 -45.14
C ILE G 202 0.45 -15.05 -44.41
N LEU G 203 0.53 -15.16 -43.09
CA LEU G 203 1.28 -14.23 -42.26
C LEU G 203 2.69 -14.80 -42.00
N THR G 204 3.50 -14.79 -43.05
CA THR G 204 4.86 -15.30 -42.94
C THR G 204 5.70 -14.47 -41.98
N HIS G 205 5.85 -13.18 -42.27
CA HIS G 205 6.62 -12.26 -41.45
C HIS G 205 5.80 -11.02 -41.15
N ARG G 206 6.26 -10.25 -40.17
CA ARG G 206 5.62 -9.02 -39.75
C ARG G 206 6.09 -7.88 -40.64
N ASN G 207 5.14 -7.08 -41.12
CA ASN G 207 5.43 -5.93 -41.97
C ASN G 207 4.80 -4.67 -41.41
N LEU H 16 3.55 -28.60 -6.46
CA LEU H 16 3.61 -27.30 -5.81
C LEU H 16 4.57 -26.37 -6.54
N VAL H 17 4.29 -25.08 -6.49
CA VAL H 17 5.10 -24.05 -7.13
C VAL H 17 5.54 -23.05 -6.06
N PRO H 18 6.83 -22.78 -5.88
CA PRO H 18 7.22 -21.80 -4.87
C PRO H 18 6.87 -20.38 -5.28
N MET H 19 6.67 -19.53 -4.28
CA MET H 19 6.37 -18.12 -4.47
C MET H 19 7.58 -17.29 -4.07
N VAL H 20 7.88 -16.27 -4.86
CA VAL H 20 9.00 -15.37 -4.61
C VAL H 20 8.49 -13.95 -4.53
N ILE H 21 9.35 -13.06 -4.04
CA ILE H 21 9.05 -11.65 -3.87
C ILE H 21 10.00 -10.82 -4.72
N GLU H 22 9.44 -9.97 -5.57
CA GLU H 22 10.19 -9.07 -6.42
C GLU H 22 10.04 -7.66 -5.87
N GLN H 23 11.15 -7.01 -5.56
CA GLN H 23 11.13 -5.67 -5.00
C GLN H 23 11.08 -4.65 -6.13
N THR H 24 10.10 -3.75 -6.05
CA THR H 24 9.91 -2.69 -7.03
C THR H 24 9.78 -1.36 -6.29
N SER H 25 9.85 -0.27 -7.06
CA SER H 25 9.74 1.05 -6.47
C SER H 25 8.37 1.26 -5.86
N ARG H 26 7.32 0.81 -6.55
CA ARG H 26 5.97 0.98 -6.02
C ARG H 26 5.78 0.18 -4.74
N GLY H 27 6.25 -1.06 -4.71
CA GLY H 27 6.14 -1.89 -3.54
C GLY H 27 6.54 -3.32 -3.84
N GLU H 28 6.37 -4.16 -2.83
CA GLU H 28 6.70 -5.57 -2.98
C GLU H 28 5.54 -6.33 -3.62
N ARG H 29 5.87 -7.23 -4.54
CA ARG H 29 4.89 -8.05 -5.24
C ARG H 29 5.31 -9.51 -5.17
N SER H 30 4.33 -10.39 -4.98
CA SER H 30 4.56 -11.82 -4.88
C SER H 30 4.31 -12.45 -6.23
N PHE H 31 5.28 -13.24 -6.70
CA PHE H 31 5.23 -13.89 -8.00
C PHE H 31 5.56 -15.37 -7.90
N ASP H 32 5.00 -16.15 -8.81
CA ASP H 32 5.34 -17.55 -8.91
C ASP H 32 6.66 -17.65 -9.66
N ILE H 33 7.34 -18.78 -9.53
CA ILE H 33 8.65 -18.94 -10.15
C ILE H 33 8.58 -18.82 -11.67
N TYR H 34 7.51 -19.31 -12.27
CA TYR H 34 7.42 -19.25 -13.72
C TYR H 34 7.07 -17.84 -14.20
N SER H 35 6.25 -17.12 -13.44
CA SER H 35 5.87 -15.78 -13.85
C SER H 35 7.02 -14.80 -13.67
N ARG H 36 7.87 -15.02 -12.67
CA ARG H 36 9.01 -14.14 -12.46
C ARG H 36 9.95 -14.21 -13.65
N LEU H 37 10.23 -15.41 -14.13
CA LEU H 37 11.12 -15.56 -15.28
C LEU H 37 10.46 -15.04 -16.54
N LEU H 38 9.14 -15.10 -16.62
CA LEU H 38 8.44 -14.59 -17.80
C LEU H 38 8.67 -13.10 -17.95
N LYS H 39 8.79 -12.38 -16.83
CA LYS H 39 9.04 -10.95 -16.88
C LYS H 39 10.38 -10.65 -17.53
N GLU H 40 11.33 -11.58 -17.46
CA GLU H 40 12.65 -11.42 -18.04
C GLU H 40 12.77 -12.04 -19.42
N ARG H 41 11.65 -12.25 -20.10
CA ARG H 41 11.64 -12.81 -21.46
C ARG H 41 12.20 -14.23 -21.47
N VAL H 42 11.67 -15.08 -20.58
CA VAL H 42 12.08 -16.47 -20.47
C VAL H 42 10.85 -17.35 -20.44
N ILE H 43 10.80 -18.34 -21.33
CA ILE H 43 9.70 -19.29 -21.44
C ILE H 43 10.26 -20.69 -21.29
N PHE H 44 9.48 -21.55 -20.63
CA PHE H 44 9.86 -22.94 -20.37
C PHE H 44 9.03 -23.88 -21.21
N LEU H 45 9.70 -24.82 -21.89
CA LEU H 45 9.06 -25.85 -22.69
C LEU H 45 9.39 -27.17 -22.01
N THR H 46 8.44 -27.69 -21.25
CA THR H 46 8.60 -28.92 -20.48
C THR H 46 7.58 -29.97 -20.88
N GLY H 47 8.01 -31.23 -20.84
CA GLY H 47 7.17 -32.36 -21.14
C GLY H 47 6.83 -32.54 -22.60
N GLN H 48 5.86 -33.42 -22.82
CA GLN H 48 5.41 -33.75 -24.16
C GLN H 48 4.74 -32.56 -24.82
N VAL H 49 4.93 -32.45 -26.13
CA VAL H 49 4.37 -31.37 -26.91
C VAL H 49 2.96 -31.77 -27.33
N GLU H 50 1.98 -31.03 -26.82
CA GLU H 50 0.57 -31.27 -27.10
C GLU H 50 -0.07 -29.96 -27.51
N ASP H 51 -1.37 -30.03 -27.81
CA ASP H 51 -2.10 -28.84 -28.25
C ASP H 51 -2.23 -27.81 -27.15
N HIS H 52 -2.38 -28.24 -25.90
CA HIS H 52 -2.55 -27.29 -24.81
C HIS H 52 -1.23 -26.63 -24.42
N MET H 53 -0.17 -27.43 -24.26
CA MET H 53 1.12 -26.86 -23.88
C MET H 53 1.66 -25.95 -24.97
N ALA H 54 1.46 -26.32 -26.23
CA ALA H 54 1.98 -25.50 -27.32
C ALA H 54 1.19 -24.21 -27.45
N ASN H 55 -0.14 -24.27 -27.32
CA ASN H 55 -0.95 -23.08 -27.44
C ASN H 55 -0.69 -22.09 -26.31
N LEU H 56 -0.15 -22.55 -25.19
CA LEU H 56 0.15 -21.65 -24.08
C LEU H 56 1.43 -20.89 -24.31
N ILE H 57 2.43 -21.54 -24.91
CA ILE H 57 3.71 -20.89 -25.16
C ILE H 57 3.56 -19.82 -26.23
N VAL H 58 2.68 -20.04 -27.21
CA VAL H 58 2.49 -19.07 -28.28
C VAL H 58 1.99 -17.76 -27.71
N ALA H 59 1.05 -17.83 -26.75
CA ALA H 59 0.54 -16.62 -26.15
C ALA H 59 1.63 -15.88 -25.38
N GLN H 60 2.60 -16.61 -24.83
CA GLN H 60 3.69 -15.97 -24.11
C GLN H 60 4.58 -15.19 -25.05
N MET H 61 4.89 -15.76 -26.22
CA MET H 61 5.73 -15.08 -27.18
C MET H 61 5.07 -13.79 -27.65
N LEU H 62 3.77 -13.86 -27.96
CA LEU H 62 3.05 -12.67 -28.41
C LEU H 62 3.03 -11.60 -27.33
N PHE H 63 2.89 -12.01 -26.07
CA PHE H 63 2.88 -11.05 -24.97
C PHE H 63 4.21 -10.31 -24.87
N LEU H 64 5.31 -11.02 -25.10
CA LEU H 64 6.62 -10.40 -25.02
C LEU H 64 6.88 -9.50 -26.21
N GLU H 65 6.31 -9.82 -27.37
CA GLU H 65 6.50 -8.99 -28.56
C GLU H 65 5.96 -7.60 -28.32
N ALA H 66 4.76 -7.49 -27.74
CA ALA H 66 4.17 -6.18 -27.49
C ALA H 66 4.94 -5.41 -26.43
N GLU H 67 5.42 -6.11 -25.39
CA GLU H 67 6.16 -5.42 -24.34
C GLU H 67 7.47 -4.86 -24.87
N ASN H 68 8.23 -5.66 -25.61
CA ASN H 68 9.48 -5.22 -26.21
C ASN H 68 9.78 -6.03 -27.46
N PRO H 69 9.76 -5.46 -28.66
CA PRO H 69 10.09 -6.23 -29.87
C PRO H 69 11.57 -6.22 -30.24
N GLU H 70 12.42 -5.56 -29.47
CA GLU H 70 13.84 -5.46 -29.76
C GLU H 70 14.73 -6.23 -28.79
N LYS H 71 14.16 -6.89 -27.79
CA LYS H 71 14.95 -7.65 -26.83
C LYS H 71 14.86 -9.13 -27.16
N ASP H 72 16.01 -9.81 -27.06
CA ASP H 72 16.07 -11.23 -27.37
C ASP H 72 15.28 -12.06 -26.36
N ILE H 73 14.62 -13.10 -26.87
CA ILE H 73 13.84 -14.03 -26.06
C ILE H 73 14.67 -15.30 -25.89
N TYR H 74 14.57 -15.91 -24.71
CA TYR H 74 15.29 -17.13 -24.40
C TYR H 74 14.27 -18.24 -24.14
N LEU H 75 14.44 -19.35 -24.86
CA LEU H 75 13.54 -20.49 -24.78
C LEU H 75 14.32 -21.73 -24.38
N TYR H 76 14.08 -22.23 -23.18
CA TYR H 76 14.75 -23.42 -22.68
C TYR H 76 13.85 -24.62 -23.00
N ILE H 77 14.42 -25.63 -23.65
CA ILE H 77 13.68 -26.81 -24.07
C ILE H 77 14.23 -28.05 -23.38
N ASN H 78 13.34 -28.77 -22.69
CA ASN H 78 13.64 -30.05 -22.05
C ASN H 78 12.36 -30.86 -22.27
N SER H 79 12.34 -31.65 -23.34
CA SER H 79 11.13 -32.40 -23.65
C SER H 79 11.47 -33.61 -24.52
N PRO H 80 10.72 -34.71 -24.38
CA PRO H 80 10.95 -35.88 -25.24
C PRO H 80 10.22 -35.83 -26.57
N GLY H 81 9.70 -34.67 -26.96
CA GLY H 81 8.95 -34.52 -28.18
C GLY H 81 7.48 -34.82 -28.00
N GLY H 82 6.77 -34.83 -29.12
CA GLY H 82 5.35 -35.08 -29.08
C GLY H 82 4.68 -34.95 -30.44
N VAL H 83 3.51 -34.30 -30.46
CA VAL H 83 2.77 -34.11 -31.70
C VAL H 83 3.52 -33.15 -32.60
N ILE H 84 3.48 -33.43 -33.91
CA ILE H 84 4.18 -32.61 -34.88
C ILE H 84 3.42 -31.32 -35.16
N THR H 85 2.11 -31.43 -35.42
CA THR H 85 1.31 -30.26 -35.75
C THR H 85 1.33 -29.21 -34.65
N ALA H 86 1.42 -29.63 -33.40
CA ALA H 86 1.46 -28.66 -32.31
C ALA H 86 2.78 -27.91 -32.31
N GLY H 87 3.86 -28.59 -32.69
CA GLY H 87 5.16 -27.95 -32.71
C GLY H 87 5.39 -27.02 -33.89
N MET H 88 4.80 -27.35 -35.04
CA MET H 88 5.00 -26.52 -36.21
C MET H 88 4.35 -25.15 -36.06
N SER H 89 3.34 -25.03 -35.20
CA SER H 89 2.74 -23.73 -34.96
C SER H 89 3.72 -22.81 -34.26
N ILE H 90 4.58 -23.39 -33.43
CA ILE H 90 5.58 -22.62 -32.69
C ILE H 90 6.70 -22.19 -33.62
N TYR H 91 7.09 -23.05 -34.55
CA TYR H 91 8.17 -22.73 -35.48
C TYR H 91 7.82 -21.53 -36.34
N ASP H 92 6.62 -21.52 -36.90
CA ASP H 92 6.21 -20.39 -37.74
C ASP H 92 6.12 -19.12 -36.92
N THR H 93 5.74 -19.24 -35.65
CA THR H 93 5.63 -18.07 -34.79
C THR H 93 7.01 -17.46 -34.54
N MET H 94 8.00 -18.30 -34.26
CA MET H 94 9.35 -17.82 -34.00
C MET H 94 9.91 -17.08 -35.21
N GLN H 95 9.60 -17.56 -36.42
CA GLN H 95 10.10 -16.94 -37.63
C GLN H 95 9.32 -15.67 -37.97
N PHE H 96 8.03 -15.62 -37.61
CA PHE H 96 7.21 -14.47 -37.92
C PHE H 96 7.64 -13.24 -37.12
N ILE H 97 7.76 -13.39 -35.80
CA ILE H 97 8.10 -12.26 -34.95
C ILE H 97 9.51 -11.78 -35.22
N LYS H 98 9.73 -10.49 -34.98
CA LYS H 98 11.00 -9.80 -35.16
C LYS H 98 12.09 -10.18 -34.15
N PRO H 99 11.80 -10.31 -32.86
CA PRO H 99 12.86 -10.66 -31.90
C PRO H 99 13.54 -11.97 -32.21
N ASP H 100 14.83 -12.04 -31.84
CA ASP H 100 15.62 -13.24 -32.05
C ASP H 100 15.34 -14.21 -30.90
N VAL H 101 14.78 -15.36 -31.25
CA VAL H 101 14.38 -16.36 -30.27
C VAL H 101 15.58 -17.26 -29.99
N SER H 102 16.24 -17.04 -28.85
CA SER H 102 17.34 -17.89 -28.46
C SER H 102 16.80 -19.20 -27.92
N THR H 103 17.41 -20.31 -28.33
CA THR H 103 16.99 -21.64 -27.91
C THR H 103 18.12 -22.34 -27.19
N ILE H 104 17.77 -23.10 -26.15
CA ILE H 104 18.72 -23.87 -25.36
C ILE H 104 18.14 -25.26 -25.14
N CYS H 105 18.98 -26.27 -25.24
CA CYS H 105 18.58 -27.66 -25.02
C CYS H 105 19.10 -28.10 -23.66
N MET H 106 18.18 -28.49 -22.78
CA MET H 106 18.50 -28.96 -21.43
C MET H 106 17.94 -30.36 -21.28
N GLY H 107 18.82 -31.31 -20.97
CA GLY H 107 18.38 -32.67 -20.78
C GLY H 107 18.18 -33.44 -22.07
N GLN H 108 17.16 -33.10 -22.84
CA GLN H 108 16.92 -33.82 -24.08
C GLN H 108 16.11 -32.97 -25.05
N ALA H 109 16.28 -33.29 -26.34
CA ALA H 109 15.59 -32.61 -27.44
C ALA H 109 15.29 -33.67 -28.48
N ALA H 110 14.04 -34.12 -28.54
CA ALA H 110 13.63 -35.14 -29.49
C ALA H 110 13.41 -34.53 -30.87
N SER H 111 12.85 -35.33 -31.77
CA SER H 111 12.55 -34.94 -33.15
C SER H 111 11.97 -33.54 -33.27
N MET H 112 10.86 -33.31 -32.57
CA MET H 112 10.25 -31.99 -32.65
C MET H 112 11.00 -31.00 -31.77
N GLY H 113 11.55 -31.45 -30.64
CA GLY H 113 12.31 -30.55 -29.81
C GLY H 113 13.57 -30.09 -30.49
N ALA H 114 14.15 -30.94 -31.34
CA ALA H 114 15.34 -30.57 -32.09
C ALA H 114 15.01 -29.61 -33.21
N PHE H 115 13.81 -29.74 -33.80
CA PHE H 115 13.42 -28.84 -34.89
C PHE H 115 13.20 -27.45 -34.36
N LEU H 116 12.63 -27.33 -33.15
CA LEU H 116 12.43 -26.02 -32.55
C LEU H 116 13.73 -25.45 -32.01
N LEU H 117 14.66 -26.32 -31.63
CA LEU H 117 15.96 -25.86 -31.14
C LEU H 117 16.76 -25.20 -32.25
N THR H 118 16.92 -25.92 -33.36
CA THR H 118 17.68 -25.41 -34.50
C THR H 118 16.97 -24.25 -35.20
N ALA H 119 15.66 -24.12 -35.02
CA ALA H 119 14.92 -23.05 -35.68
C ALA H 119 15.17 -21.68 -35.04
N GLY H 120 15.92 -21.61 -33.94
CA GLY H 120 16.20 -20.35 -33.30
C GLY H 120 17.02 -19.42 -34.18
N ALA H 121 17.25 -18.21 -33.70
CA ALA H 121 18.03 -17.24 -34.46
C ALA H 121 19.46 -17.72 -34.63
N LYS H 122 20.00 -17.52 -35.83
CA LYS H 122 21.37 -17.94 -36.11
C LYS H 122 22.36 -17.18 -35.24
N GLY H 123 23.27 -17.91 -34.61
CA GLY H 123 24.24 -17.32 -33.72
C GLY H 123 23.80 -17.22 -32.28
N LYS H 124 22.53 -17.53 -31.99
CA LYS H 124 21.99 -17.46 -30.63
C LYS H 124 21.38 -18.80 -30.22
N ARG H 125 21.98 -19.90 -30.67
CA ARG H 125 21.54 -21.25 -30.35
C ARG H 125 22.64 -21.92 -29.55
N PHE H 126 22.29 -22.49 -28.41
CA PHE H 126 23.25 -23.13 -27.52
C PHE H 126 22.73 -24.47 -27.04
N CYS H 127 23.67 -25.32 -26.63
CA CYS H 127 23.39 -26.64 -26.09
C CYS H 127 24.32 -26.89 -24.92
N LEU H 128 23.79 -27.49 -23.86
CA LEU H 128 24.58 -27.74 -22.67
C LEU H 128 25.62 -28.83 -22.94
N PRO H 129 26.72 -28.84 -22.17
CA PRO H 129 27.79 -29.83 -22.42
C PRO H 129 27.33 -31.28 -22.35
N ASN H 130 26.34 -31.61 -21.52
CA ASN H 130 25.88 -32.99 -21.37
C ASN H 130 24.49 -33.22 -21.95
N SER H 131 23.94 -32.26 -22.69
CA SER H 131 22.64 -32.46 -23.29
C SER H 131 22.74 -33.49 -24.42
N ARG H 132 21.59 -33.97 -24.87
CA ARG H 132 21.54 -34.96 -25.93
C ARG H 132 20.34 -34.68 -26.84
N VAL H 133 20.59 -34.79 -28.15
CA VAL H 133 19.56 -34.56 -29.16
C VAL H 133 19.32 -35.86 -29.92
N MET H 134 18.07 -36.10 -30.27
CA MET H 134 17.68 -37.29 -31.02
C MET H 134 16.72 -36.86 -32.13
N ILE H 135 16.94 -37.39 -33.32
CA ILE H 135 16.12 -37.09 -34.49
C ILE H 135 15.75 -38.37 -35.21
N HIS H 136 14.51 -38.44 -35.67
CA HIS H 136 14.04 -39.59 -36.44
C HIS H 136 12.96 -39.08 -37.38
N GLN H 137 12.28 -40.01 -38.07
CA GLN H 137 11.26 -39.60 -39.03
C GLN H 137 9.90 -39.53 -38.35
N PRO H 138 8.93 -38.86 -38.97
CA PRO H 138 7.60 -38.76 -38.35
C PRO H 138 6.96 -40.12 -38.17
N LEU H 139 6.18 -40.25 -37.09
CA LEU H 139 5.47 -41.47 -36.77
C LEU H 139 3.97 -41.25 -36.96
N GLY H 140 3.29 -42.32 -37.37
CA GLY H 140 1.88 -42.24 -37.60
C GLY H 140 1.26 -43.60 -37.71
N GLY H 141 0.06 -43.63 -38.27
CA GLY H 141 -0.67 -44.86 -38.48
C GLY H 141 -2.13 -44.59 -38.78
N TYR H 142 -2.79 -45.56 -39.42
CA TYR H 142 -4.19 -45.41 -39.77
C TYR H 142 -4.79 -46.79 -39.95
N GLN H 143 -6.10 -46.88 -39.75
CA GLN H 143 -6.85 -48.12 -39.92
C GLN H 143 -8.11 -47.81 -40.68
N GLY H 144 -8.32 -48.51 -41.79
CA GLY H 144 -9.49 -48.28 -42.61
C GLY H 144 -9.28 -48.86 -43.99
N GLN H 145 -10.04 -48.31 -44.95
CA GLN H 145 -9.94 -48.76 -46.32
C GLN H 145 -8.58 -48.39 -46.92
N ALA H 146 -8.22 -49.11 -47.98
CA ALA H 146 -6.94 -48.86 -48.64
C ALA H 146 -6.89 -47.46 -49.25
N THR H 147 -8.04 -46.94 -49.70
CA THR H 147 -8.06 -45.60 -50.29
C THR H 147 -7.70 -44.54 -49.26
N ASP H 148 -8.13 -44.74 -48.01
CA ASP H 148 -7.84 -43.77 -46.97
C ASP H 148 -6.38 -43.86 -46.52
N ILE H 149 -5.82 -45.07 -46.53
CA ILE H 149 -4.42 -45.26 -46.12
C ILE H 149 -3.50 -44.54 -47.09
N GLU H 150 -3.83 -44.56 -48.38
CA GLU H 150 -3.01 -43.89 -49.37
C GLU H 150 -3.01 -42.38 -49.16
N ILE H 151 -4.14 -41.83 -48.71
CA ILE H 151 -4.23 -40.38 -48.49
C ILE H 151 -3.36 -39.99 -47.31
N HIS H 152 -3.52 -40.68 -46.18
CA HIS H 152 -2.74 -40.35 -45.00
C HIS H 152 -1.26 -40.63 -45.21
N ALA H 153 -0.92 -41.55 -46.11
CA ALA H 153 0.49 -41.83 -46.37
C ALA H 153 1.12 -40.69 -47.13
N ARG H 154 0.41 -40.14 -48.12
CA ARG H 154 0.93 -39.01 -48.88
C ARG H 154 1.07 -37.78 -48.00
N GLU H 155 0.17 -37.61 -47.04
CA GLU H 155 0.21 -36.44 -46.16
C GLU H 155 1.43 -36.50 -45.24
N ILE H 156 1.65 -37.64 -44.58
CA ILE H 156 2.80 -37.76 -43.70
C ILE H 156 4.10 -37.70 -44.50
N LEU H 157 4.05 -38.07 -45.79
CA LEU H 157 5.24 -38.00 -46.62
C LEU H 157 5.61 -36.54 -46.90
N LYS H 158 4.61 -35.68 -47.09
CA LYS H 158 4.87 -34.28 -47.33
C LYS H 158 5.52 -33.64 -46.12
N VAL H 159 5.07 -34.02 -44.92
CA VAL H 159 5.62 -33.47 -43.69
C VAL H 159 7.09 -33.85 -43.57
N LYS H 160 7.41 -35.13 -43.84
CA LYS H 160 8.79 -35.58 -43.77
C LYS H 160 9.65 -34.79 -44.75
N GLY H 161 9.14 -34.57 -45.96
CA GLY H 161 9.88 -33.79 -46.93
C GLY H 161 10.00 -32.33 -46.51
N ARG H 162 8.93 -31.79 -45.93
CA ARG H 162 8.95 -30.41 -45.47
C ARG H 162 9.85 -30.26 -44.26
N MET H 163 9.84 -31.23 -43.35
CA MET H 163 10.67 -31.14 -42.16
C MET H 163 12.15 -31.28 -42.50
N ASN H 164 12.47 -32.02 -43.56
CA ASN H 164 13.88 -32.17 -43.93
C ASN H 164 14.38 -30.93 -44.65
N GLU H 165 13.51 -30.28 -45.44
CA GLU H 165 13.90 -29.07 -46.15
C GLU H 165 14.26 -27.96 -45.18
N LEU H 166 13.45 -27.78 -44.14
CA LEU H 166 13.71 -26.71 -43.18
C LEU H 166 14.94 -27.01 -42.34
N MET H 167 15.16 -28.30 -42.00
CA MET H 167 16.34 -28.66 -41.23
C MET H 167 17.61 -28.30 -42.00
N ALA H 168 17.60 -28.53 -43.31
CA ALA H 168 18.76 -28.20 -44.12
C ALA H 168 18.95 -26.70 -44.22
N LEU H 169 17.84 -25.96 -44.29
CA LEU H 169 17.90 -24.50 -44.41
C LEU H 169 18.59 -23.88 -43.21
N HIS H 170 18.24 -24.33 -42.00
CA HIS H 170 18.84 -23.74 -40.79
C HIS H 170 20.17 -24.38 -40.44
N THR H 171 20.30 -25.70 -40.64
CA THR H 171 21.56 -26.36 -40.35
C THR H 171 22.61 -26.14 -41.42
N GLY H 172 22.20 -25.76 -42.63
CA GLY H 172 23.12 -25.55 -43.73
C GLY H 172 23.52 -26.79 -44.47
N GLN H 173 23.26 -27.98 -43.93
CA GLN H 173 23.60 -29.22 -44.61
C GLN H 173 22.74 -29.37 -45.85
N SER H 174 23.04 -30.40 -46.64
CA SER H 174 22.27 -30.66 -47.85
C SER H 174 21.05 -31.51 -47.52
N LEU H 175 20.05 -31.42 -48.38
CA LEU H 175 18.83 -32.20 -48.18
C LEU H 175 19.11 -33.69 -48.25
N GLU H 176 20.06 -34.09 -49.09
CA GLU H 176 20.39 -35.51 -49.22
C GLU H 176 20.99 -36.06 -47.92
N GLN H 177 21.79 -35.24 -47.24
CA GLN H 177 22.40 -35.69 -45.99
C GLN H 177 21.35 -35.83 -44.89
N ILE H 178 20.41 -34.89 -44.82
CA ILE H 178 19.37 -34.95 -43.81
C ILE H 178 18.46 -36.15 -44.04
N GLU H 179 18.22 -36.50 -45.31
CA GLU H 179 17.36 -37.63 -45.61
C GLU H 179 17.96 -38.94 -45.13
N ARG H 180 19.26 -39.12 -45.31
CA ARG H 180 19.91 -40.36 -44.89
C ARG H 180 20.02 -40.44 -43.37
N ASP H 181 20.33 -39.32 -42.72
CA ASP H 181 20.51 -39.31 -41.28
C ASP H 181 19.19 -39.40 -40.51
N THR H 182 18.06 -39.05 -41.13
CA THR H 182 16.76 -39.09 -40.47
C THR H 182 15.95 -40.33 -40.80
N GLU H 183 16.54 -41.30 -41.51
CA GLU H 183 15.80 -42.52 -41.81
C GLU H 183 15.48 -43.30 -40.54
N ARG H 184 16.37 -43.24 -39.55
CA ARG H 184 16.20 -43.92 -38.27
C ARG H 184 16.69 -42.99 -37.18
N ASP H 185 16.47 -43.39 -35.94
CA ASP H 185 16.89 -42.58 -34.80
C ASP H 185 18.39 -42.38 -34.81
N ARG H 186 18.82 -41.13 -34.58
CA ARG H 186 20.23 -40.77 -34.58
C ARG H 186 20.48 -39.83 -33.41
N PHE H 187 21.31 -40.26 -32.47
CA PHE H 187 21.64 -39.44 -31.31
C PHE H 187 22.87 -38.61 -31.61
N LEU H 188 22.83 -37.35 -31.17
CA LEU H 188 23.93 -36.41 -31.39
C LEU H 188 24.35 -35.79 -30.07
N SER H 189 25.61 -35.97 -29.70
CA SER H 189 26.12 -35.36 -28.49
C SER H 189 26.21 -33.85 -28.67
N ALA H 190 26.52 -33.16 -27.58
CA ALA H 190 26.65 -31.71 -27.63
C ALA H 190 27.78 -31.24 -28.54
N PRO H 191 28.99 -31.81 -28.49
CA PRO H 191 30.04 -31.33 -29.41
C PRO H 191 29.73 -31.60 -30.87
N GLU H 192 29.18 -32.79 -31.17
CA GLU H 192 28.87 -33.14 -32.55
C GLU H 192 27.80 -32.21 -33.13
N ALA H 193 26.92 -31.68 -32.29
CA ALA H 193 25.89 -30.78 -32.77
C ALA H 193 26.50 -29.53 -33.40
N VAL H 194 27.62 -29.06 -32.84
CA VAL H 194 28.29 -27.89 -33.38
C VAL H 194 28.85 -28.20 -34.76
N GLU H 195 29.52 -29.35 -34.88
CA GLU H 195 30.10 -29.76 -36.16
C GLU H 195 29.03 -29.97 -37.22
N TYR H 196 27.80 -30.29 -36.81
CA TYR H 196 26.70 -30.52 -37.72
C TYR H 196 25.96 -29.25 -38.10
N GLY H 197 26.34 -28.10 -37.54
CA GLY H 197 25.67 -26.85 -37.87
C GLY H 197 24.35 -26.66 -37.15
N LEU H 198 23.95 -27.59 -36.29
CA LEU H 198 22.68 -27.49 -35.60
C LEU H 198 22.68 -26.39 -34.56
N VAL H 199 23.82 -26.16 -33.90
CA VAL H 199 23.95 -25.14 -32.86
C VAL H 199 25.18 -24.29 -33.16
N ASP H 200 25.37 -23.25 -32.35
CA ASP H 200 26.47 -22.31 -32.51
C ASP H 200 27.60 -22.51 -31.51
N SER H 201 27.28 -22.78 -30.24
CA SER H 201 28.33 -22.97 -29.24
C SER H 201 27.75 -23.75 -28.06
N ILE H 202 28.57 -23.89 -27.02
CA ILE H 202 28.20 -24.59 -25.80
C ILE H 202 28.45 -23.65 -24.62
N LEU H 203 27.48 -23.58 -23.70
CA LEU H 203 27.56 -22.72 -22.53
C LEU H 203 28.08 -23.51 -21.34
N THR H 204 29.38 -23.83 -21.38
CA THR H 204 29.99 -24.61 -20.31
C THR H 204 29.98 -23.85 -18.99
N HIS H 205 30.63 -22.69 -18.97
CA HIS H 205 30.71 -21.86 -17.77
C HIS H 205 30.36 -20.41 -18.12
N ARG H 206 30.08 -19.63 -17.07
CA ARG H 206 29.74 -18.22 -17.22
C ARG H 206 31.02 -17.40 -17.30
N ASN H 207 31.06 -16.49 -18.27
CA ASN H 207 32.22 -15.62 -18.49
C ASN H 207 31.81 -14.15 -18.34
N LEU I 16 -0.89 -31.61 2.88
CA LEU I 16 -1.13 -30.19 3.15
C LEU I 16 0.19 -29.46 3.36
N VAL I 17 0.17 -28.15 3.17
CA VAL I 17 1.34 -27.30 3.32
C VAL I 17 1.03 -26.22 4.35
N PRO I 18 1.75 -26.12 5.47
CA PRO I 18 1.47 -25.05 6.42
C PRO I 18 1.99 -23.70 5.95
N MET I 19 1.33 -22.65 6.43
CA MET I 19 1.68 -21.28 6.14
C MET I 19 2.31 -20.63 7.37
N VAL I 20 3.37 -19.85 7.15
CA VAL I 20 4.07 -19.14 8.21
C VAL I 20 4.08 -17.66 7.89
N ILE I 21 4.44 -16.87 8.90
CA ILE I 21 4.50 -15.41 8.81
C ILE I 21 5.92 -14.96 9.08
N GLU I 22 6.47 -14.19 8.14
CA GLU I 22 7.82 -13.64 8.25
C GLU I 22 7.68 -12.15 8.55
N GLN I 23 8.28 -11.71 9.65
CA GLN I 23 8.21 -10.32 10.07
C GLN I 23 9.29 -9.50 9.40
N THR I 24 8.88 -8.40 8.76
CA THR I 24 9.77 -7.49 8.07
C THR I 24 9.47 -6.07 8.53
N SER I 25 10.37 -5.15 8.19
CA SER I 25 10.19 -3.76 8.58
C SER I 25 8.96 -3.15 7.94
N ARG I 26 8.72 -3.46 6.66
CA ARG I 26 7.56 -2.92 5.98
C ARG I 26 6.27 -3.44 6.59
N GLY I 27 6.21 -4.73 6.89
CA GLY I 27 5.04 -5.32 7.50
C GLY I 27 5.16 -6.83 7.51
N GLU I 28 4.08 -7.46 7.96
CA GLU I 28 4.04 -8.92 8.03
C GLU I 28 3.63 -9.47 6.67
N ARG I 29 4.28 -10.56 6.26
CA ARG I 29 4.00 -11.21 4.99
C ARG I 29 3.86 -12.71 5.23
N SER I 30 2.89 -13.31 4.54
CA SER I 30 2.58 -14.73 4.66
C SER I 30 3.28 -15.50 3.54
N PHE I 31 4.01 -16.54 3.94
CA PHE I 31 4.76 -17.38 3.01
C PHE I 31 4.50 -18.84 3.33
N ASP I 32 4.59 -19.68 2.30
CA ASP I 32 4.48 -21.11 2.50
C ASP I 32 5.83 -21.60 3.02
N ILE I 33 5.83 -22.79 3.62
CA ILE I 33 7.05 -23.30 4.22
C ILE I 33 8.13 -23.51 3.15
N TYR I 34 7.75 -23.91 1.95
CA TYR I 34 8.75 -24.12 0.91
C TYR I 34 9.28 -22.80 0.37
N SER I 35 8.42 -21.78 0.29
CA SER I 35 8.86 -20.49 -0.23
C SER I 35 9.74 -19.76 0.76
N ARG I 36 9.50 -19.96 2.06
CA ARG I 36 10.32 -19.30 3.06
C ARG I 36 11.77 -19.78 2.97
N LEU I 37 11.96 -21.08 2.83
CA LEU I 37 13.31 -21.61 2.73
C LEU I 37 13.98 -21.21 1.43
N LEU I 38 13.20 -21.05 0.36
CA LEU I 38 13.79 -20.61 -0.90
C LEU I 38 14.36 -19.22 -0.76
N LYS I 39 13.74 -18.39 0.07
CA LYS I 39 14.24 -17.04 0.30
C LYS I 39 15.62 -17.06 0.93
N GLU I 40 15.94 -18.14 1.67
CA GLU I 40 17.23 -18.29 2.33
C GLU I 40 18.18 -19.18 1.53
N ARG I 41 17.93 -19.32 0.22
CA ARG I 41 18.80 -20.10 -0.67
C ARG I 41 18.81 -21.57 -0.28
N VAL I 42 17.62 -22.15 -0.13
CA VAL I 42 17.45 -23.56 0.20
C VAL I 42 16.43 -24.15 -0.75
N ILE I 43 16.81 -25.25 -1.41
CA ILE I 43 15.96 -25.95 -2.36
C ILE I 43 15.81 -27.40 -1.91
N PHE I 44 14.62 -27.96 -2.12
CA PHE I 44 14.30 -29.33 -1.76
C PHE I 44 14.14 -30.19 -3.00
N LEU I 45 14.81 -31.34 -3.00
CA LEU I 45 14.72 -32.32 -4.08
C LEU I 45 14.08 -33.55 -3.47
N THR I 46 12.78 -33.72 -3.73
CA THR I 46 12.00 -34.82 -3.17
C THR I 46 11.38 -35.67 -4.26
N GLY I 47 11.28 -36.97 -3.96
CA GLY I 47 10.68 -37.93 -4.86
C GLY I 47 11.50 -38.27 -6.08
N GLN I 48 10.82 -38.94 -7.01
CA GLN I 48 11.46 -39.37 -8.23
C GLN I 48 11.85 -38.18 -9.10
N VAL I 49 12.97 -38.31 -9.79
CA VAL I 49 13.50 -37.27 -10.64
C VAL I 49 12.82 -37.42 -12.00
N GLU I 50 12.03 -36.41 -12.36
CA GLU I 50 11.29 -36.38 -13.61
C GLU I 50 11.52 -35.03 -14.29
N ASP I 51 10.90 -34.87 -15.46
CA ASP I 51 11.07 -33.66 -16.24
C ASP I 51 10.44 -32.44 -15.58
N HIS I 52 9.32 -32.61 -14.87
CA HIS I 52 8.68 -31.46 -14.25
C HIS I 52 9.41 -31.02 -12.99
N MET I 53 9.77 -31.96 -12.12
CA MET I 53 10.49 -31.59 -10.91
C MET I 53 11.86 -31.04 -11.24
N ALA I 54 12.52 -31.59 -12.26
CA ALA I 54 13.85 -31.12 -12.63
C ALA I 54 13.79 -29.74 -13.25
N ASN I 55 12.84 -29.52 -14.15
CA ASN I 55 12.73 -28.21 -14.79
C ASN I 55 12.35 -27.11 -13.81
N LEU I 56 11.75 -27.47 -12.67
CA LEU I 56 11.38 -26.48 -11.67
C LEU I 56 12.58 -26.05 -10.85
N ILE I 57 13.47 -27.00 -10.54
CA ILE I 57 14.63 -26.72 -9.73
C ILE I 57 15.61 -25.82 -10.48
N VAL I 58 15.71 -25.99 -11.79
CA VAL I 58 16.64 -25.16 -12.56
C VAL I 58 16.25 -23.70 -12.47
N ALA I 59 14.94 -23.42 -12.53
CA ALA I 59 14.49 -22.04 -12.42
C ALA I 59 14.80 -21.47 -11.04
N GLN I 60 14.78 -22.32 -10.01
CA GLN I 60 15.08 -21.85 -8.68
C GLN I 60 16.55 -21.48 -8.55
N MET I 61 17.43 -22.29 -9.11
CA MET I 61 18.86 -22.01 -9.04
C MET I 61 19.19 -20.72 -9.76
N LEU I 62 18.64 -20.53 -10.96
CA LEU I 62 18.90 -19.32 -11.73
C LEU I 62 18.38 -18.09 -11.00
N PHE I 63 17.22 -18.20 -10.36
CA PHE I 63 16.66 -17.06 -9.64
C PHE I 63 17.57 -16.63 -8.51
N LEU I 64 18.18 -17.59 -7.82
CA LEU I 64 19.07 -17.27 -6.72
C LEU I 64 20.37 -16.67 -7.22
N GLU I 65 20.81 -17.09 -8.41
CA GLU I 65 22.04 -16.55 -8.98
C GLU I 65 21.93 -15.06 -9.21
N ALA I 66 20.79 -14.62 -9.76
CA ALA I 66 20.61 -13.19 -10.04
C ALA I 66 20.48 -12.38 -8.76
N GLU I 67 19.80 -12.91 -7.75
CA GLU I 67 19.64 -12.16 -6.51
C GLU I 67 20.98 -11.97 -5.81
N ASN I 68 21.76 -13.04 -5.73
CA ASN I 68 23.09 -12.97 -5.13
C ASN I 68 23.97 -14.07 -5.73
N PRO I 69 25.02 -13.74 -6.49
CA PRO I 69 25.90 -14.77 -7.03
C PRO I 69 27.08 -15.15 -6.14
N GLU I 70 27.19 -14.54 -4.96
CA GLU I 70 28.30 -14.78 -4.04
C GLU I 70 27.91 -15.53 -2.77
N LYS I 71 26.65 -15.90 -2.60
CA LYS I 71 26.19 -16.61 -1.41
C LYS I 71 25.98 -18.07 -1.74
N ASP I 72 26.40 -18.94 -0.83
CA ASP I 72 26.29 -20.37 -1.04
C ASP I 72 24.84 -20.83 -1.06
N ILE I 73 24.55 -21.79 -1.93
CA ILE I 73 23.24 -22.42 -2.07
C ILE I 73 23.31 -23.78 -1.41
N TYR I 74 22.20 -24.18 -0.77
CA TYR I 74 22.12 -25.47 -0.09
C TYR I 74 21.05 -26.31 -0.78
N LEU I 75 21.44 -27.52 -1.17
CA LEU I 75 20.57 -28.46 -1.87
C LEU I 75 20.45 -29.76 -1.08
N TYR I 76 19.26 -30.01 -0.54
CA TYR I 76 18.99 -31.23 0.22
C TYR I 76 18.37 -32.25 -0.72
N ILE I 77 18.96 -33.46 -0.75
CA ILE I 77 18.53 -34.52 -1.65
C ILE I 77 18.01 -35.70 -0.84
N ASN I 78 16.76 -36.07 -1.09
CA ASN I 78 16.11 -37.25 -0.51
C ASN I 78 15.25 -37.81 -1.64
N SER I 79 15.78 -38.77 -2.39
CA SER I 79 15.05 -39.28 -3.53
C SER I 79 15.57 -40.66 -3.92
N PRO I 80 14.73 -41.55 -4.44
CA PRO I 80 15.20 -42.86 -4.89
C PRO I 80 15.74 -42.87 -6.32
N GLY I 81 16.01 -41.70 -6.90
CA GLY I 81 16.49 -41.58 -8.26
C GLY I 81 15.37 -41.54 -9.27
N GLY I 82 15.75 -41.53 -10.54
CA GLY I 82 14.78 -41.47 -11.60
C GLY I 82 15.39 -41.36 -12.99
N VAL I 83 14.82 -40.48 -13.83
CA VAL I 83 15.30 -40.33 -15.19
C VAL I 83 16.68 -39.70 -15.19
N ILE I 84 17.53 -40.16 -16.12
CA ILE I 84 18.89 -39.66 -16.22
C ILE I 84 18.94 -38.31 -16.90
N THR I 85 18.27 -38.18 -18.05
CA THR I 85 18.29 -36.94 -18.81
C THR I 85 17.78 -35.75 -18.02
N ALA I 86 16.81 -35.97 -17.13
CA ALA I 86 16.31 -34.87 -16.32
C ALA I 86 17.35 -34.42 -15.31
N GLY I 87 18.15 -35.37 -14.80
CA GLY I 87 19.17 -35.04 -13.83
C GLY I 87 20.40 -34.40 -14.43
N MET I 88 20.75 -34.75 -15.67
CA MET I 88 21.94 -34.18 -16.28
C MET I 88 21.77 -32.70 -16.58
N SER I 89 20.53 -32.22 -16.72
CA SER I 89 20.32 -30.80 -16.94
C SER I 89 20.72 -30.02 -15.70
N ILE I 90 20.52 -30.62 -14.53
CA ILE I 90 20.86 -29.98 -13.27
C ILE I 90 22.37 -29.96 -13.06
N TYR I 91 23.06 -31.02 -13.49
CA TYR I 91 24.49 -31.10 -13.29
C TYR I 91 25.21 -29.98 -14.01
N ASP I 92 24.86 -29.75 -15.28
CA ASP I 92 25.49 -28.67 -16.01
C ASP I 92 25.17 -27.32 -15.41
N THR I 93 23.96 -27.17 -14.85
CA THR I 93 23.55 -25.91 -14.25
C THR I 93 24.36 -25.61 -13.00
N MET I 94 24.53 -26.62 -12.14
CA MET I 94 25.29 -26.42 -10.90
C MET I 94 26.73 -26.04 -11.19
N GLN I 95 27.32 -26.63 -12.23
CA GLN I 95 28.70 -26.36 -12.58
C GLN I 95 28.84 -25.03 -13.31
N PHE I 96 27.82 -24.63 -14.07
CA PHE I 96 27.90 -23.40 -14.85
C PHE I 96 27.92 -22.16 -13.96
N ILE I 97 26.96 -22.07 -13.04
CA ILE I 97 26.86 -20.90 -12.18
C ILE I 97 28.05 -20.82 -11.22
N LYS I 98 28.38 -19.59 -10.83
CA LYS I 98 29.49 -19.26 -9.93
C LYS I 98 29.29 -19.71 -8.47
N PRO I 99 28.10 -19.55 -7.87
CA PRO I 99 27.94 -19.94 -6.46
C PRO I 99 28.23 -21.41 -6.22
N ASP I 100 28.71 -21.68 -5.01
CA ASP I 100 29.04 -23.04 -4.58
C ASP I 100 27.76 -23.72 -4.12
N VAL I 101 27.38 -24.79 -4.81
CA VAL I 101 26.17 -25.53 -4.52
C VAL I 101 26.48 -26.57 -3.45
N SER I 102 26.10 -26.29 -2.21
CA SER I 102 26.29 -27.24 -1.12
C SER I 102 25.24 -28.32 -1.22
N THR I 103 25.67 -29.57 -1.03
CA THR I 103 24.80 -30.73 -1.10
C THR I 103 24.78 -31.48 0.22
N ILE I 104 23.60 -31.95 0.61
CA ILE I 104 23.40 -32.72 1.83
C ILE I 104 22.51 -33.90 1.47
N CYS I 105 22.84 -35.06 2.03
CA CYS I 105 22.09 -36.28 1.77
C CYS I 105 21.23 -36.62 2.98
N MET I 106 19.92 -36.67 2.77
CA MET I 106 18.95 -37.00 3.81
C MET I 106 18.15 -38.22 3.39
N GLY I 107 18.21 -39.27 4.21
CA GLY I 107 17.45 -40.47 3.93
C GLY I 107 18.08 -41.42 2.93
N GLN I 108 18.11 -41.04 1.65
CA GLN I 108 18.66 -41.92 0.65
C GLN I 108 19.11 -41.13 -0.57
N ALA I 109 20.07 -41.70 -1.30
CA ALA I 109 20.62 -41.11 -2.51
C ALA I 109 20.90 -42.25 -3.49
N ALA I 110 20.04 -42.40 -4.49
CA ALA I 110 20.18 -43.45 -5.48
C ALA I 110 21.20 -43.03 -6.53
N SER I 111 21.29 -43.81 -7.61
CA SER I 111 22.20 -43.58 -8.73
C SER I 111 22.24 -42.12 -9.17
N MET I 112 21.08 -41.57 -9.53
CA MET I 112 21.05 -40.19 -9.97
C MET I 112 21.10 -39.23 -8.80
N GLY I 113 20.51 -39.60 -7.66
CA GLY I 113 20.58 -38.73 -6.50
C GLY I 113 22.00 -38.59 -5.98
N ALA I 114 22.79 -39.66 -6.14
CA ALA I 114 24.18 -39.63 -5.71
C ALA I 114 25.04 -38.78 -6.64
N PHE I 115 24.69 -38.75 -7.92
CA PHE I 115 25.48 -37.98 -8.87
C PHE I 115 25.34 -36.49 -8.62
N LEU I 116 24.14 -36.04 -8.23
CA LEU I 116 23.98 -34.62 -7.92
C LEU I 116 24.60 -34.30 -6.56
N LEU I 117 24.69 -35.30 -5.68
CA LEU I 117 25.31 -35.09 -4.39
C LEU I 117 26.80 -34.83 -4.55
N THR I 118 27.49 -35.73 -5.25
CA THR I 118 28.92 -35.58 -5.47
C THR I 118 29.25 -34.43 -6.40
N ALA I 119 28.29 -33.98 -7.21
CA ALA I 119 28.54 -32.87 -8.11
C ALA I 119 28.60 -31.52 -7.40
N GLY I 120 28.32 -31.48 -6.11
CA GLY I 120 28.37 -30.25 -5.36
C GLY I 120 29.78 -29.69 -5.30
N ALA I 121 29.87 -28.50 -4.71
CA ALA I 121 31.15 -27.84 -4.58
C ALA I 121 32.08 -28.64 -3.66
N LYS I 122 33.35 -28.73 -4.04
CA LYS I 122 34.33 -29.47 -3.26
C LYS I 122 34.52 -28.80 -1.91
N GLY I 123 34.47 -29.61 -0.85
CA GLY I 123 34.63 -29.11 0.50
C GLY I 123 33.33 -28.70 1.17
N LYS I 124 32.21 -28.70 0.45
CA LYS I 124 30.91 -28.31 0.98
C LYS I 124 29.88 -29.40 0.79
N ARG I 125 30.31 -30.66 0.89
CA ARG I 125 29.44 -31.82 0.75
C ARG I 125 29.38 -32.55 2.08
N PHE I 126 28.17 -32.82 2.55
CA PHE I 126 27.94 -33.49 3.82
C PHE I 126 26.89 -34.57 3.67
N CYS I 127 26.91 -35.51 4.61
CA CYS I 127 25.96 -36.61 4.66
C CYS I 127 25.57 -36.84 6.11
N LEU I 128 24.30 -37.11 6.34
CA LEU I 128 23.83 -37.32 7.71
C LEU I 128 24.35 -38.65 8.26
N PRO I 129 24.45 -38.76 9.59
CA PRO I 129 25.00 -40.00 10.19
C PRO I 129 24.30 -41.29 9.78
N ASN I 130 23.00 -41.25 9.52
CA ASN I 130 22.24 -42.46 9.18
C ASN I 130 21.79 -42.49 7.73
N SER I 131 22.29 -41.59 6.88
CA SER I 131 21.90 -41.63 5.49
C SER I 131 22.54 -42.84 4.81
N ARG I 132 22.06 -43.15 3.62
CA ARG I 132 22.57 -44.28 2.85
C ARG I 132 22.58 -43.92 1.37
N VAL I 133 23.66 -44.29 0.69
CA VAL I 133 23.84 -44.02 -0.72
C VAL I 133 23.88 -45.35 -1.47
N MET I 134 23.29 -45.36 -2.66
CA MET I 134 23.28 -46.53 -3.52
C MET I 134 23.58 -46.06 -4.93
N ILE I 135 24.44 -46.81 -5.62
CA ILE I 135 24.84 -46.49 -6.99
C ILE I 135 24.82 -47.76 -7.82
N HIS I 136 24.36 -47.63 -9.05
CA HIS I 136 24.31 -48.76 -9.97
C HIS I 136 24.43 -48.20 -11.38
N GLN I 137 24.28 -49.07 -12.37
CA GLN I 137 24.43 -48.65 -13.76
C GLN I 137 23.09 -48.19 -14.32
N PRO I 138 23.10 -47.46 -15.43
CA PRO I 138 21.83 -47.00 -16.02
C PRO I 138 20.97 -48.17 -16.44
N LEU I 139 19.65 -47.98 -16.33
CA LEU I 139 18.67 -48.97 -16.71
C LEU I 139 17.95 -48.52 -17.97
N GLY I 140 17.58 -49.47 -18.80
CA GLY I 140 16.89 -49.15 -20.03
C GLY I 140 16.26 -50.37 -20.65
N GLY I 141 15.93 -50.22 -21.93
CA GLY I 141 15.33 -51.30 -22.69
C GLY I 141 14.74 -50.77 -23.98
N TYR I 142 14.55 -51.66 -24.95
CA TYR I 142 13.99 -51.25 -26.23
C TYR I 142 13.39 -52.48 -26.90
N GLN I 143 12.42 -52.24 -27.78
CA GLN I 143 11.75 -53.30 -28.52
C GLN I 143 11.62 -52.85 -29.96
N GLY I 144 12.13 -53.67 -30.88
CA GLY I 144 12.07 -53.33 -32.29
C GLY I 144 13.07 -54.18 -33.07
N GLN I 145 13.45 -53.65 -34.23
CA GLN I 145 14.40 -54.33 -35.09
C GLN I 145 15.78 -54.36 -34.41
N ALA I 146 16.61 -55.30 -34.87
CA ALA I 146 17.95 -55.43 -34.32
C ALA I 146 18.79 -54.19 -34.61
N THR I 147 18.56 -53.54 -35.75
CA THR I 147 19.32 -52.34 -36.08
C THR I 147 19.04 -51.22 -35.10
N ASP I 148 17.79 -51.11 -34.64
CA ASP I 148 17.44 -50.06 -33.69
C ASP I 148 17.97 -50.37 -32.30
N ILE I 149 18.02 -51.66 -31.93
CA ILE I 149 18.53 -52.04 -30.62
C ILE I 149 20.01 -51.69 -30.51
N GLU I 150 20.75 -51.84 -31.62
CA GLU I 150 22.17 -51.51 -31.62
C GLU I 150 22.39 -50.02 -31.41
N ILE I 151 21.49 -49.19 -31.94
CA ILE I 151 21.64 -47.75 -31.81
C ILE I 151 21.42 -47.32 -30.36
N HIS I 152 20.32 -47.78 -29.76
CA HIS I 152 20.04 -47.41 -28.37
C HIS I 152 21.03 -48.03 -27.42
N ALA I 153 21.64 -49.16 -27.80
CA ALA I 153 22.63 -49.79 -26.91
C ALA I 153 23.91 -48.98 -26.89
N ARG I 154 24.34 -48.50 -28.06
CA ARG I 154 25.54 -47.67 -28.11
C ARG I 154 25.32 -46.35 -27.40
N GLU I 155 24.11 -45.81 -27.46
CA GLU I 155 23.81 -44.54 -26.82
C GLU I 155 23.86 -44.66 -25.31
N ILE I 156 23.18 -45.67 -24.75
CA ILE I 156 23.19 -45.85 -23.30
C ILE I 156 24.58 -46.22 -22.82
N LEU I 157 25.41 -46.82 -23.67
CA LEU I 157 26.75 -47.19 -23.26
C LEU I 157 27.62 -45.94 -23.08
N LYS I 158 27.44 -44.95 -23.94
CA LYS I 158 28.20 -43.71 -23.82
C LYS I 158 27.85 -42.99 -22.53
N VAL I 159 26.56 -43.00 -22.17
CA VAL I 159 26.14 -42.36 -20.93
C VAL I 159 26.78 -43.04 -19.74
N LYS I 160 26.77 -44.38 -19.75
CA LYS I 160 27.39 -45.13 -18.66
C LYS I 160 28.88 -44.78 -18.56
N GLY I 161 29.55 -44.67 -19.71
CA GLY I 161 30.94 -44.29 -19.70
C GLY I 161 31.11 -42.85 -19.26
N ARG I 162 30.20 -41.99 -19.70
CA ARG I 162 30.26 -40.58 -19.33
C ARG I 162 29.97 -40.37 -17.85
N MET I 163 29.01 -41.12 -17.32
CA MET I 163 28.66 -40.97 -15.92
C MET I 163 29.77 -41.48 -15.01
N ASN I 164 30.55 -42.46 -15.47
CA ASN I 164 31.62 -42.99 -14.64
C ASN I 164 32.82 -42.04 -14.63
N GLU I 165 33.07 -41.38 -15.77
CA GLU I 165 34.18 -40.43 -15.84
C GLU I 165 33.95 -39.27 -14.89
N LEU I 166 32.72 -38.74 -14.85
CA LEU I 166 32.41 -37.62 -13.98
C LEU I 166 32.43 -38.06 -12.51
N MET I 167 31.97 -39.28 -12.25
CA MET I 167 31.99 -39.78 -10.88
C MET I 167 33.42 -39.84 -10.35
N ALA I 168 34.36 -40.24 -11.20
CA ALA I 168 35.76 -40.30 -10.81
C ALA I 168 36.33 -38.90 -10.61
N LEU I 169 35.89 -37.96 -11.46
CA LEU I 169 36.39 -36.59 -11.39
C LEU I 169 36.09 -35.94 -10.05
N HIS I 170 34.86 -36.12 -9.55
CA HIS I 170 34.49 -35.48 -8.28
C HIS I 170 34.93 -36.31 -7.09
N THR I 171 34.84 -37.64 -7.20
CA THR I 171 35.26 -38.51 -6.10
C THR I 171 36.77 -38.64 -6.02
N GLY I 172 37.49 -38.37 -7.11
CA GLY I 172 38.93 -38.49 -7.14
C GLY I 172 39.44 -39.90 -7.40
N GLN I 173 38.58 -40.92 -7.29
CA GLN I 173 39.00 -42.28 -7.55
C GLN I 173 39.33 -42.45 -9.04
N SER I 174 39.86 -43.62 -9.37
CA SER I 174 40.21 -43.93 -10.75
C SER I 174 38.98 -44.46 -11.49
N LEU I 175 39.02 -44.32 -12.81
CA LEU I 175 37.91 -44.79 -13.64
C LEU I 175 37.75 -46.30 -13.54
N GLU I 176 38.85 -47.02 -13.36
CA GLU I 176 38.78 -48.48 -13.26
C GLU I 176 38.03 -48.89 -12.00
N GLN I 177 38.20 -48.15 -10.92
CA GLN I 177 37.50 -48.48 -9.68
C GLN I 177 36.00 -48.24 -9.82
N ILE I 178 35.63 -47.15 -10.48
CA ILE I 178 34.21 -46.84 -10.68
C ILE I 178 33.55 -47.90 -11.55
N GLU I 179 34.28 -48.45 -12.53
CA GLU I 179 33.70 -49.45 -13.42
C GLU I 179 33.34 -50.72 -12.66
N ARG I 180 34.20 -51.15 -11.73
CA ARG I 180 33.93 -52.37 -10.98
C ARG I 180 32.83 -52.16 -9.95
N ASP I 181 32.81 -51.00 -9.30
CA ASP I 181 31.83 -50.73 -8.26
C ASP I 181 30.44 -50.44 -8.81
N THR I 182 30.31 -50.01 -10.07
CA THR I 182 29.01 -49.69 -10.65
C THR I 182 28.44 -50.81 -11.51
N GLU I 183 29.09 -51.98 -11.54
CA GLU I 183 28.54 -53.09 -12.32
C GLU I 183 27.21 -53.56 -11.76
N ARG I 184 27.05 -53.50 -10.44
CA ARG I 184 25.84 -53.91 -9.75
C ARG I 184 25.54 -52.91 -8.65
N ASP I 185 24.39 -53.06 -8.02
CA ASP I 185 23.99 -52.17 -6.93
C ASP I 185 25.01 -52.25 -5.80
N ARG I 186 25.41 -51.09 -5.29
CA ARG I 186 26.39 -51.00 -4.22
C ARG I 186 25.93 -49.96 -3.21
N PHE I 187 25.65 -50.40 -1.99
CA PHE I 187 25.21 -49.50 -0.93
C PHE I 187 26.42 -49.04 -0.12
N LEU I 188 26.46 -47.75 0.17
CA LEU I 188 27.55 -47.13 0.93
C LEU I 188 26.98 -46.36 2.10
N SER I 189 27.39 -46.73 3.31
CA SER I 189 26.94 -46.03 4.51
C SER I 189 27.53 -44.62 4.55
N ALA I 190 27.07 -43.83 5.51
CA ALA I 190 27.56 -42.46 5.65
C ALA I 190 29.05 -42.37 5.95
N PRO I 191 29.62 -43.14 6.89
CA PRO I 191 31.07 -43.00 7.12
C PRO I 191 31.91 -43.43 5.93
N GLU I 192 31.50 -44.50 5.23
CA GLU I 192 32.25 -44.96 4.07
C GLU I 192 32.28 -43.93 2.97
N ALA I 193 31.26 -43.07 2.88
CA ALA I 193 31.24 -42.05 1.84
C ALA I 193 32.40 -41.08 1.99
N VAL I 194 32.78 -40.78 3.23
CA VAL I 194 33.92 -39.90 3.46
C VAL I 194 35.20 -40.58 3.00
N GLU I 195 35.37 -41.83 3.38
CA GLU I 195 36.55 -42.60 2.98
C GLU I 195 36.61 -42.78 1.47
N TYR I 196 35.45 -42.77 0.81
CA TYR I 196 35.38 -42.96 -0.63
C TYR I 196 35.60 -41.67 -1.42
N GLY I 197 35.76 -40.54 -0.75
CA GLY I 197 35.96 -39.28 -1.44
C GLY I 197 34.71 -38.66 -2.01
N LEU I 198 33.54 -39.28 -1.80
CA LEU I 198 32.29 -38.73 -2.31
C LEU I 198 31.88 -37.48 -1.57
N VAL I 199 32.13 -37.43 -0.26
CA VAL I 199 31.76 -36.30 0.58
C VAL I 199 32.99 -35.89 1.40
N ASP I 200 32.83 -34.80 2.14
CA ASP I 200 33.91 -34.23 2.95
C ASP I 200 33.79 -34.51 4.44
N SER I 201 32.61 -34.44 5.02
CA SER I 201 32.46 -34.67 6.45
C SER I 201 31.02 -35.03 6.76
N ILE I 202 30.72 -35.16 8.05
CA ILE I 202 29.39 -35.54 8.54
C ILE I 202 28.92 -34.48 9.53
N LEU I 203 27.67 -34.06 9.39
CA LEU I 203 27.07 -33.05 10.26
C LEU I 203 26.29 -33.74 11.38
N THR I 204 27.03 -34.31 12.33
CA THR I 204 26.40 -35.03 13.44
C THR I 204 25.58 -34.10 14.31
N HIS I 205 26.23 -33.10 14.90
CA HIS I 205 25.58 -32.15 15.80
C HIS I 205 25.91 -30.72 15.38
N ARG I 206 25.14 -29.78 15.93
CA ARG I 206 25.33 -28.37 15.64
C ARG I 206 26.40 -27.81 16.55
N ASN I 207 27.34 -27.06 15.96
CA ASN I 207 28.43 -26.45 16.69
C ASN I 207 28.37 -24.92 16.59
N LEU J 16 -11.29 -31.32 4.61
CA LEU J 16 -11.44 -29.89 4.88
C LEU J 16 -10.70 -29.50 6.15
N VAL J 17 -10.21 -28.26 6.19
CA VAL J 17 -9.47 -27.72 7.32
C VAL J 17 -10.17 -26.47 7.81
N PRO J 18 -10.56 -26.37 9.09
CA PRO J 18 -11.19 -25.12 9.55
C PRO J 18 -10.18 -24.01 9.76
N MET J 19 -10.67 -22.78 9.64
CA MET J 19 -9.87 -21.57 9.81
C MET J 19 -10.24 -20.90 11.14
N VAL J 20 -9.22 -20.42 11.84
CA VAL J 20 -9.39 -19.71 13.11
C VAL J 20 -8.74 -18.35 13.00
N ILE J 21 -9.04 -17.49 13.98
CA ILE J 21 -8.52 -16.14 14.04
C ILE J 21 -7.70 -15.97 15.31
N GLU J 22 -6.46 -15.51 15.13
CA GLU J 22 -5.53 -15.24 16.22
C GLU J 22 -5.43 -13.73 16.38
N GLN J 23 -5.71 -13.24 17.58
CA GLN J 23 -5.69 -11.80 17.83
C GLN J 23 -4.28 -11.35 18.20
N THR J 24 -3.81 -10.33 17.49
CA THR J 24 -2.49 -9.75 17.69
C THR J 24 -2.64 -8.24 17.83
N SER J 25 -1.57 -7.60 18.28
CA SER J 25 -1.58 -6.15 18.47
C SER J 25 -1.77 -5.42 17.15
N ARG J 26 -1.11 -5.88 16.10
CA ARG J 26 -1.24 -5.22 14.80
C ARG J 26 -2.66 -5.35 14.26
N GLY J 27 -3.24 -6.54 14.37
CA GLY J 27 -4.59 -6.76 13.89
C GLY J 27 -4.91 -8.23 13.92
N GLU J 28 -6.09 -8.55 13.41
CA GLU J 28 -6.53 -9.95 13.35
C GLU J 28 -5.94 -10.62 12.11
N ARG J 29 -5.52 -11.87 12.28
CA ARG J 29 -4.94 -12.66 11.21
C ARG J 29 -5.63 -14.00 11.12
N SER J 30 -5.90 -14.45 9.90
CA SER J 30 -6.56 -15.72 9.66
C SER J 30 -5.51 -16.80 9.44
N PHE J 31 -5.61 -17.88 10.21
CA PHE J 31 -4.69 -18.99 10.15
C PHE J 31 -5.44 -20.31 10.11
N ASP J 32 -4.83 -21.30 9.47
CA ASP J 32 -5.40 -22.63 9.49
C ASP J 32 -5.05 -23.27 10.82
N ILE J 33 -5.78 -24.32 11.18
CA ILE J 33 -5.59 -24.95 12.48
C ILE J 33 -4.19 -25.52 12.61
N TYR J 34 -3.62 -26.04 11.53
CA TYR J 34 -2.29 -26.63 11.61
C TYR J 34 -1.22 -25.57 11.68
N SER J 35 -1.41 -24.44 11.00
CA SER J 35 -0.41 -23.38 11.03
C SER J 35 -0.42 -22.65 12.35
N ARG J 36 -1.58 -22.57 13.00
CA ARG J 36 -1.66 -21.91 14.31
C ARG J 36 -0.81 -22.65 15.32
N LEU J 37 -0.91 -23.98 15.33
CA LEU J 37 -0.12 -24.77 16.26
C LEU J 37 1.35 -24.74 15.90
N LEU J 38 1.67 -24.59 14.61
CA LEU J 38 3.06 -24.50 14.21
C LEU J 38 3.73 -23.28 14.81
N LYS J 39 2.97 -22.20 14.97
CA LYS J 39 3.51 -20.98 15.56
C LYS J 39 3.94 -21.22 16.99
N GLU J 40 3.34 -22.19 17.68
CA GLU J 40 3.65 -22.51 19.06
C GLU J 40 4.59 -23.70 19.18
N ARG J 41 5.33 -24.01 18.13
CA ARG J 41 6.30 -25.10 18.13
C ARG J 41 5.63 -26.44 18.35
N VAL J 42 4.59 -26.71 17.57
CA VAL J 42 3.84 -27.96 17.63
C VAL J 42 3.68 -28.49 16.22
N ILE J 43 4.08 -29.74 16.01
CA ILE J 43 4.02 -30.41 14.71
C ILE J 43 3.18 -31.67 14.82
N PHE J 44 2.42 -31.95 13.77
CA PHE J 44 1.58 -33.15 13.69
C PHE J 44 2.17 -34.12 12.68
N LEU J 45 2.30 -35.37 13.08
CA LEU J 45 2.80 -36.44 12.22
C LEU J 45 1.64 -37.42 12.06
N THR J 46 0.95 -37.35 10.92
CA THR J 46 -0.20 -38.18 10.65
C THR J 46 0.01 -39.03 9.40
N GLY J 47 -0.55 -40.23 9.44
CA GLY J 47 -0.49 -41.18 8.35
C GLY J 47 0.87 -41.83 8.17
N GLN J 48 0.98 -42.52 7.05
CA GLN J 48 2.22 -43.24 6.73
C GLN J 48 3.36 -42.28 6.49
N VAL J 49 4.54 -42.69 6.89
CA VAL J 49 5.75 -41.90 6.74
C VAL J 49 6.31 -42.18 5.36
N GLU J 50 6.33 -41.16 4.51
CA GLU J 50 6.82 -41.25 3.14
C GLU J 50 7.78 -40.11 2.88
N ASP J 51 8.27 -40.05 1.64
CA ASP J 51 9.25 -39.03 1.27
C ASP J 51 8.65 -37.62 1.30
N HIS J 52 7.37 -37.48 0.94
CA HIS J 52 6.76 -36.15 0.93
C HIS J 52 6.45 -35.67 2.34
N MET J 53 5.82 -36.52 3.15
CA MET J 53 5.48 -36.14 4.50
C MET J 53 6.73 -35.91 5.35
N ALA J 54 7.77 -36.70 5.13
CA ALA J 54 8.98 -36.55 5.93
C ALA J 54 9.73 -35.28 5.57
N ASN J 55 9.86 -34.99 4.28
CA ASN J 55 10.57 -33.78 3.88
C ASN J 55 9.87 -32.51 4.32
N LEU J 56 8.57 -32.58 4.60
CA LEU J 56 7.83 -31.40 5.04
C LEU J 56 8.08 -31.11 6.51
N ILE J 57 8.19 -32.16 7.32
CA ILE J 57 8.43 -31.98 8.75
C ILE J 57 9.82 -31.42 8.98
N VAL J 58 10.79 -31.81 8.16
CA VAL J 58 12.16 -31.33 8.34
C VAL J 58 12.21 -29.82 8.16
N ALA J 59 11.49 -29.30 7.16
CA ALA J 59 11.49 -27.87 6.96
C ALA J 59 10.85 -27.14 8.13
N GLN J 60 9.85 -27.75 8.76
CA GLN J 60 9.21 -27.12 9.90
C GLN J 60 10.15 -27.09 11.10
N MET J 61 10.87 -28.18 11.33
CA MET J 61 11.82 -28.23 12.43
C MET J 61 12.92 -27.19 12.24
N LEU J 62 13.45 -27.11 11.03
CA LEU J 62 14.50 -26.14 10.73
C LEU J 62 13.97 -24.71 10.91
N PHE J 63 12.73 -24.47 10.50
CA PHE J 63 12.15 -23.14 10.63
C PHE J 63 12.04 -22.73 12.08
N LEU J 64 11.71 -23.67 12.96
CA LEU J 64 11.59 -23.35 14.37
C LEU J 64 12.96 -23.14 15.01
N GLU J 65 13.99 -23.81 14.49
CA GLU J 65 15.33 -23.65 15.05
C GLU J 65 15.79 -22.20 14.91
N ALA J 66 15.57 -21.61 13.75
CA ALA J 66 15.99 -20.22 13.53
C ALA J 66 15.15 -19.26 14.35
N GLU J 67 13.85 -19.51 14.47
CA GLU J 67 13.00 -18.61 15.23
C GLU J 67 13.38 -18.60 16.71
N ASN J 68 13.51 -19.78 17.31
CA ASN J 68 13.92 -19.88 18.70
C ASN J 68 14.61 -21.23 18.96
N PRO J 69 15.90 -21.26 19.27
CA PRO J 69 16.57 -22.54 19.56
C PRO J 69 16.50 -22.99 21.01
N GLU J 70 15.85 -22.22 21.89
CA GLU J 70 15.79 -22.53 23.31
C GLU J 70 14.40 -22.93 23.80
N LYS J 71 13.40 -22.97 22.94
CA LYS J 71 12.04 -23.33 23.33
C LYS J 71 11.75 -24.78 22.94
N ASP J 72 11.07 -25.48 23.85
CA ASP J 72 10.75 -26.89 23.63
C ASP J 72 9.76 -27.07 22.49
N ILE J 73 9.97 -28.14 21.72
CA ILE J 73 9.11 -28.52 20.60
C ILE J 73 8.28 -29.72 21.03
N TYR J 74 7.03 -29.75 20.58
CA TYR J 74 6.11 -30.83 20.88
C TYR J 74 5.75 -31.51 19.56
N LEU J 75 5.92 -32.83 19.52
CA LEU J 75 5.68 -33.64 18.33
C LEU J 75 4.67 -34.74 18.66
N TYR J 76 3.47 -34.62 18.11
CA TYR J 76 2.42 -35.61 18.32
C TYR J 76 2.47 -36.59 17.15
N ILE J 77 2.56 -37.88 17.47
CA ILE J 77 2.67 -38.94 16.47
C ILE J 77 1.46 -39.87 16.55
N ASN J 78 0.78 -40.03 15.42
CA ASN J 78 -0.35 -40.96 15.26
C ASN J 78 -0.16 -41.50 13.85
N SER J 79 0.51 -42.64 13.73
CA SER J 79 0.80 -43.19 12.41
C SER J 79 1.05 -44.68 12.49
N PRO J 80 0.70 -45.45 11.46
CA PRO J 80 1.00 -46.89 11.45
C PRO J 80 2.39 -47.22 10.96
N GLY J 81 3.27 -46.24 10.85
CA GLY J 81 4.62 -46.45 10.36
C GLY J 81 4.72 -46.36 8.85
N GLY J 82 5.89 -46.69 8.34
CA GLY J 82 6.11 -46.64 6.92
C GLY J 82 7.53 -46.92 6.49
N VAL J 83 8.04 -46.13 5.54
CA VAL J 83 9.39 -46.33 5.04
C VAL J 83 10.40 -45.98 6.11
N ILE J 84 11.49 -46.74 6.15
CA ILE J 84 12.54 -46.51 7.15
C ILE J 84 13.41 -45.33 6.77
N THR J 85 13.87 -45.29 5.51
CA THR J 85 14.76 -44.21 5.08
C THR J 85 14.13 -42.84 5.24
N ALA J 86 12.81 -42.74 5.07
CA ALA J 86 12.16 -41.45 5.25
C ALA J 86 12.15 -41.05 6.72
N GLY J 87 12.02 -42.04 7.60
CA GLY J 87 12.00 -41.75 9.03
C GLY J 87 13.36 -41.47 9.63
N MET J 88 14.41 -42.11 9.09
CA MET J 88 15.74 -41.89 9.65
C MET J 88 16.24 -40.47 9.40
N SER J 89 15.73 -39.80 8.38
CA SER J 89 16.13 -38.42 8.13
C SER J 89 15.64 -37.52 9.25
N ILE J 90 14.48 -37.85 9.82
CA ILE J 90 13.91 -37.06 10.90
C ILE J 90 14.65 -37.34 12.20
N TYR J 91 15.05 -38.58 12.43
CA TYR J 91 15.76 -38.93 13.65
C TYR J 91 17.06 -38.15 13.78
N ASP J 92 17.83 -38.09 12.70
CA ASP J 92 19.08 -37.33 12.75
C ASP J 92 18.81 -35.85 12.97
N THR J 93 17.69 -35.35 12.43
CA THR J 93 17.36 -33.94 12.60
C THR J 93 17.04 -33.62 14.06
N MET J 94 16.27 -34.49 14.71
CA MET J 94 15.91 -34.26 16.11
C MET J 94 17.14 -34.22 17.00
N GLN J 95 18.11 -35.09 16.73
CA GLN J 95 19.32 -35.14 17.54
C GLN J 95 20.30 -34.03 17.17
N PHE J 96 20.33 -33.61 15.91
CA PHE J 96 21.26 -32.58 15.48
C PHE J 96 20.92 -31.23 16.09
N ILE J 97 19.67 -30.79 15.95
CA ILE J 97 19.28 -29.48 16.46
C ILE J 97 19.32 -29.46 17.99
N LYS J 98 19.56 -28.27 18.52
CA LYS J 98 19.67 -28.01 19.95
C LYS J 98 18.37 -28.14 20.75
N PRO J 99 17.22 -27.64 20.28
CA PRO J 99 16.00 -27.73 21.10
C PRO J 99 15.62 -29.16 21.45
N ASP J 100 14.99 -29.30 22.61
CA ASP J 100 14.53 -30.61 23.08
C ASP J 100 13.19 -30.91 22.44
N VAL J 101 13.14 -31.96 21.64
CA VAL J 101 11.94 -32.35 20.91
C VAL J 101 11.11 -33.28 21.80
N SER J 102 10.04 -32.73 22.38
CA SER J 102 9.14 -33.54 23.18
C SER J 102 8.25 -34.35 22.25
N THR J 103 8.05 -35.61 22.58
CA THR J 103 7.25 -36.52 21.77
C THR J 103 6.06 -37.07 22.57
N ILE J 104 4.94 -37.22 21.90
CA ILE J 104 3.72 -37.75 22.47
C ILE J 104 3.14 -38.76 21.48
N CYS J 105 2.65 -39.89 22.01
CA CYS J 105 2.06 -40.94 21.20
C CYS J 105 0.54 -40.89 21.35
N MET J 106 -0.15 -40.69 20.23
CA MET J 106 -1.61 -40.61 20.20
C MET J 106 -2.13 -41.69 19.26
N GLY J 107 -2.97 -42.58 19.79
CA GLY J 107 -3.55 -43.63 18.98
C GLY J 107 -2.65 -44.82 18.77
N GLN J 108 -1.60 -44.67 17.96
CA GLN J 108 -0.71 -45.79 17.70
C GLN J 108 0.66 -45.29 17.26
N ALA J 109 1.66 -46.13 17.50
CA ALA J 109 3.05 -45.85 17.13
C ALA J 109 3.67 -47.18 16.68
N ALA J 110 3.83 -47.34 15.37
CA ALA J 110 4.39 -48.55 14.80
C ALA J 110 5.91 -48.52 14.90
N SER J 111 6.56 -49.47 14.21
CA SER J 111 8.00 -49.64 14.19
C SER J 111 8.76 -48.32 14.05
N MET J 112 8.46 -47.57 12.99
CA MET J 112 9.14 -46.30 12.80
C MET J 112 8.56 -45.23 13.70
N GLY J 113 7.25 -45.28 13.96
CA GLY J 113 6.66 -44.31 14.86
C GLY J 113 7.20 -44.46 16.27
N ALA J 114 7.53 -45.69 16.66
CA ALA J 114 8.10 -45.94 17.98
C ALA J 114 9.54 -45.47 18.05
N PHE J 115 10.26 -45.55 16.93
CA PHE J 115 11.66 -45.13 16.90
C PHE J 115 11.76 -43.63 17.07
N LEU J 116 10.83 -42.88 16.48
CA LEU J 116 10.85 -41.43 16.65
C LEU J 116 10.37 -41.05 18.05
N LEU J 117 9.54 -41.90 18.66
CA LEU J 117 9.05 -41.62 20.00
C LEU J 117 10.18 -41.69 21.01
N THR J 118 10.92 -42.80 21.02
CA THR J 118 12.02 -42.98 21.96
C THR J 118 13.19 -42.05 21.66
N ALA J 119 13.31 -41.55 20.43
CA ALA J 119 14.40 -40.65 20.09
C ALA J 119 14.23 -39.25 20.67
N GLY J 120 13.08 -38.96 21.29
CA GLY J 120 12.85 -37.66 21.88
C GLY J 120 13.79 -37.39 23.03
N ALA J 121 13.69 -36.17 23.55
CA ALA J 121 14.53 -35.76 24.66
C ALA J 121 14.20 -36.59 25.90
N LYS J 122 15.25 -36.98 26.62
CA LYS J 122 15.06 -37.78 27.83
C LYS J 122 14.32 -36.96 28.87
N GLY J 123 13.29 -37.56 29.47
CA GLY J 123 12.48 -36.88 30.45
C GLY J 123 11.29 -36.12 29.90
N LYS J 124 11.18 -35.98 28.58
CA LYS J 124 10.10 -35.25 27.93
C LYS J 124 9.37 -36.12 26.91
N ARG J 125 9.25 -37.42 27.21
CA ARG J 125 8.56 -38.37 26.36
C ARG J 125 7.34 -38.87 27.13
N PHE J 126 6.18 -38.81 26.49
CA PHE J 126 4.93 -39.21 27.13
C PHE J 126 4.11 -40.07 26.20
N CYS J 127 3.20 -40.83 26.80
CA CYS J 127 2.29 -41.72 26.10
C CYS J 127 0.94 -41.65 26.81
N LEU J 128 -0.13 -41.59 26.04
CA LEU J 128 -1.45 -41.50 26.63
C LEU J 128 -1.83 -42.82 27.30
N PRO J 129 -2.73 -42.79 28.29
CA PRO J 129 -3.09 -44.02 29.01
C PRO J 129 -3.60 -45.16 28.15
N ASN J 130 -4.26 -44.88 27.02
CA ASN J 130 -4.81 -45.91 26.15
C ASN J 130 -4.07 -46.04 24.83
N SER J 131 -2.91 -45.41 24.69
CA SER J 131 -2.15 -45.54 23.46
C SER J 131 -1.57 -46.95 23.36
N ARG J 132 -1.08 -47.28 22.17
CA ARG J 132 -0.50 -48.60 21.91
C ARG J 132 0.70 -48.47 20.99
N VAL J 133 1.76 -49.19 21.33
CA VAL J 133 2.99 -49.19 20.55
C VAL J 133 3.21 -50.58 19.99
N MET J 134 3.73 -50.63 18.76
CA MET J 134 4.04 -51.89 18.09
C MET J 134 5.42 -51.76 17.45
N ILE J 135 6.23 -52.81 17.61
CA ILE J 135 7.59 -52.82 17.07
C ILE J 135 7.85 -54.17 16.42
N HIS J 136 8.53 -54.15 15.28
CA HIS J 136 8.87 -55.37 14.57
C HIS J 136 10.18 -55.10 13.81
N GLN J 137 10.58 -56.07 12.99
CA GLN J 137 11.82 -55.94 12.23
C GLN J 137 11.56 -55.31 10.88
N PRO J 138 12.60 -54.79 10.21
CA PRO J 138 12.39 -54.18 8.89
C PRO J 138 11.84 -55.18 7.88
N LEU J 139 11.02 -54.68 6.97
CA LEU J 139 10.44 -55.46 5.90
C LEU J 139 11.05 -55.05 4.57
N GLY J 140 11.18 -56.02 3.67
CA GLY J 140 11.76 -55.73 2.38
C GLY J 140 11.49 -56.85 1.40
N GLY J 141 12.27 -56.84 0.33
CA GLY J 141 12.16 -57.84 -0.71
C GLY J 141 12.88 -57.39 -1.97
N TYR J 142 13.22 -58.37 -2.79
CA TYR J 142 13.91 -58.10 -4.04
C TYR J 142 13.67 -59.26 -4.99
N GLN J 143 13.76 -58.97 -6.29
CA GLN J 143 13.58 -59.96 -7.34
C GLN J 143 14.69 -59.76 -8.37
N GLY J 144 15.45 -60.80 -8.64
CA GLY J 144 16.53 -60.72 -9.59
C GLY J 144 17.49 -61.88 -9.41
N GLN J 145 18.72 -61.66 -9.86
CA GLN J 145 19.76 -62.66 -9.74
C GLN J 145 20.12 -62.88 -8.27
N ALA J 146 20.72 -64.04 -7.99
CA ALA J 146 21.10 -64.37 -6.62
C ALA J 146 22.17 -63.40 -6.11
N THR J 147 23.05 -62.92 -7.00
CA THR J 147 24.09 -62.00 -6.59
C THR J 147 23.48 -60.68 -6.10
N ASP J 148 22.41 -60.23 -6.75
CA ASP J 148 21.77 -58.98 -6.34
C ASP J 148 20.96 -59.15 -5.06
N ILE J 149 20.37 -60.34 -4.86
CA ILE J 149 19.59 -60.58 -3.65
C ILE J 149 20.50 -60.56 -2.44
N GLU J 150 21.72 -61.07 -2.57
CA GLU J 150 22.67 -61.06 -1.46
C GLU J 150 23.05 -59.64 -1.07
N ILE J 151 23.12 -58.74 -2.05
CA ILE J 151 23.48 -57.36 -1.77
C ILE J 151 22.38 -56.68 -0.97
N HIS J 152 21.13 -56.79 -1.44
CA HIS J 152 20.03 -56.15 -0.72
C HIS J 152 19.79 -56.83 0.62
N ALA J 153 20.16 -58.11 0.75
CA ALA J 153 19.99 -58.79 2.02
C ALA J 153 21.01 -58.31 3.04
N ARG J 154 22.25 -58.12 2.60
CA ARG J 154 23.29 -57.61 3.50
C ARG J 154 22.98 -56.19 3.94
N GLU J 155 22.40 -55.39 3.04
CA GLU J 155 22.09 -54.00 3.36
C GLU J 155 20.97 -53.92 4.39
N ILE J 156 19.87 -54.64 4.16
CA ILE J 156 18.75 -54.59 5.09
C ILE J 156 19.14 -55.21 6.43
N LEU J 157 20.11 -56.11 6.44
CA LEU J 157 20.55 -56.71 7.69
C LEU J 157 21.29 -55.68 8.54
N LYS J 158 22.08 -54.81 7.88
CA LYS J 158 22.79 -53.77 8.61
C LYS J 158 21.81 -52.79 9.22
N VAL J 159 20.73 -52.48 8.50
CA VAL J 159 19.72 -51.56 9.01
C VAL J 159 19.08 -52.14 10.26
N LYS J 160 18.74 -53.43 10.22
CA LYS J 160 18.14 -54.08 11.39
C LYS J 160 19.08 -54.01 12.57
N GLY J 161 20.38 -54.23 12.34
CA GLY J 161 21.34 -54.12 13.42
C GLY J 161 21.49 -52.70 13.90
N ARG J 162 21.47 -51.75 12.96
CA ARG J 162 21.62 -50.34 13.32
C ARG J 162 20.41 -49.83 14.09
N MET J 163 19.20 -50.28 13.70
CA MET J 163 18.01 -49.83 14.39
C MET J 163 17.93 -50.38 15.80
N ASN J 164 18.52 -51.55 16.04
CA ASN J 164 18.50 -52.11 17.39
C ASN J 164 19.51 -51.41 18.29
N GLU J 165 20.65 -51.00 17.73
CA GLU J 165 21.66 -50.31 18.51
C GLU J 165 21.13 -48.98 19.02
N LEU J 166 20.46 -48.22 18.17
CA LEU J 166 19.93 -46.93 18.59
C LEU J 166 18.75 -47.10 19.54
N MET J 167 17.93 -48.13 19.33
CA MET J 167 16.80 -48.37 20.22
C MET J 167 17.28 -48.64 21.64
N ALA J 168 18.37 -49.39 21.78
CA ALA J 168 18.92 -49.66 23.09
C ALA J 168 19.51 -48.41 23.73
N LEU J 169 20.09 -47.53 22.91
CA LEU J 169 20.70 -46.31 23.41
C LEU J 169 19.69 -45.43 24.13
N HIS J 170 18.50 -45.25 23.56
CA HIS J 170 17.50 -44.38 24.18
C HIS J 170 16.70 -45.12 25.24
N THR J 171 16.38 -46.40 25.00
CA THR J 171 15.63 -47.18 25.97
C THR J 171 16.48 -47.65 27.14
N GLY J 172 17.80 -47.72 26.97
CA GLY J 172 18.69 -48.18 28.01
C GLY J 172 18.82 -49.67 28.11
N GLN J 173 17.94 -50.45 27.47
CA GLN J 173 18.02 -51.89 27.52
C GLN J 173 19.28 -52.39 26.81
N SER J 174 19.52 -53.68 26.91
CA SER J 174 20.66 -54.30 26.26
C SER J 174 20.29 -54.66 24.83
N LEU J 175 21.31 -54.77 23.98
CA LEU J 175 21.07 -55.12 22.58
C LEU J 175 20.47 -56.51 22.45
N GLU J 176 20.85 -57.43 23.35
CA GLU J 176 20.32 -58.78 23.28
C GLU J 176 18.82 -58.81 23.56
N GLN J 177 18.36 -57.95 24.47
CA GLN J 177 16.94 -57.92 24.79
C GLN J 177 16.13 -57.36 23.63
N ILE J 178 16.63 -56.32 22.98
CA ILE J 178 15.91 -55.72 21.86
C ILE J 178 15.81 -56.68 20.69
N GLU J 179 16.86 -57.49 20.48
CA GLU J 179 16.86 -58.43 19.37
C GLU J 179 15.77 -59.49 19.53
N ARG J 180 15.57 -60.00 20.74
CA ARG J 180 14.58 -61.04 20.95
C ARG J 180 13.17 -60.48 20.88
N ASP J 181 12.95 -59.28 21.43
CA ASP J 181 11.62 -58.69 21.43
C ASP J 181 11.19 -58.14 20.08
N THR J 182 12.13 -57.84 19.18
CA THR J 182 11.81 -57.30 17.87
C THR J 182 11.83 -58.35 16.77
N GLU J 183 11.98 -59.64 17.11
CA GLU J 183 11.98 -60.67 16.08
C GLU J 183 10.62 -60.77 15.41
N ARG J 184 9.55 -60.51 16.16
CA ARG J 184 8.19 -60.56 15.65
C ARG J 184 7.42 -59.38 16.24
N ASP J 185 6.19 -59.20 15.77
CA ASP J 185 5.38 -58.09 16.26
C ASP J 185 5.15 -58.23 17.76
N ARG J 186 5.33 -57.12 18.47
CA ARG J 186 5.16 -57.08 19.92
C ARG J 186 4.42 -55.80 20.29
N PHE J 187 3.22 -55.95 20.85
CA PHE J 187 2.43 -54.81 21.27
C PHE J 187 2.72 -54.52 22.74
N LEU J 188 2.89 -53.24 23.04
CA LEU J 188 3.21 -52.76 24.38
C LEU J 188 2.21 -51.70 24.79
N SER J 189 1.50 -51.94 25.89
CA SER J 189 0.55 -50.96 26.38
C SER J 189 1.29 -49.73 26.91
N ALA J 190 0.52 -48.70 27.24
CA ALA J 190 1.13 -47.48 27.77
C ALA J 190 1.86 -47.68 29.09
N PRO J 191 1.31 -48.40 30.08
CA PRO J 191 2.07 -48.60 31.33
C PRO J 191 3.34 -49.39 31.13
N GLU J 192 3.29 -50.44 30.31
CA GLU J 192 4.46 -51.27 30.07
C GLU J 192 5.58 -50.48 29.39
N ALA J 193 5.22 -49.45 28.61
CA ALA J 193 6.25 -48.67 27.93
C ALA J 193 7.14 -47.93 28.92
N VAL J 194 6.55 -47.47 30.04
CA VAL J 194 7.33 -46.78 31.05
C VAL J 194 8.31 -47.74 31.69
N GLU J 195 7.84 -48.93 32.06
CA GLU J 195 8.70 -49.94 32.67
C GLU J 195 9.80 -50.38 31.71
N TYR J 196 9.56 -50.27 30.40
CA TYR J 196 10.53 -50.65 29.41
C TYR J 196 11.53 -49.54 29.10
N GLY J 197 11.39 -48.36 29.71
CA GLY J 197 12.32 -47.28 29.47
C GLY J 197 12.09 -46.53 28.17
N LEU J 198 11.06 -46.89 27.40
CA LEU J 198 10.80 -46.21 26.14
C LEU J 198 10.30 -44.80 26.36
N VAL J 199 9.49 -44.59 27.40
CA VAL J 199 8.93 -43.28 27.72
C VAL J 199 9.22 -42.98 29.19
N ASP J 200 8.88 -41.77 29.60
CA ASP J 200 9.12 -41.30 30.96
C ASP J 200 7.89 -41.28 31.84
N SER J 201 6.73 -40.87 31.33
CA SER J 201 5.53 -40.81 32.16
C SER J 201 4.30 -40.81 31.26
N ILE J 202 3.14 -40.66 31.90
CA ILE J 202 1.85 -40.62 31.23
C ILE J 202 1.12 -39.35 31.64
N LEU J 203 0.54 -38.68 30.66
CA LEU J 203 -0.19 -37.43 30.87
C LEU J 203 -1.68 -37.72 31.02
N THR J 204 -2.04 -38.28 32.18
CA THR J 204 -3.43 -38.63 32.44
C THR J 204 -4.33 -37.41 32.49
N HIS J 205 -4.04 -36.47 33.39
CA HIS J 205 -4.84 -35.26 33.56
C HIS J 205 -3.93 -34.05 33.55
N ARG J 206 -4.56 -32.89 33.38
CA ARG J 206 -3.86 -31.61 33.36
C ARG J 206 -3.67 -31.11 34.78
N ASN J 207 -2.45 -30.68 35.09
CA ASN J 207 -2.12 -30.17 36.41
C ASN J 207 -1.36 -28.84 36.31
N LEU K 16 -19.16 -29.01 -1.54
CA LEU K 16 -19.16 -27.56 -1.39
C LEU K 16 -19.38 -27.17 0.06
N VAL K 17 -18.78 -26.06 0.47
CA VAL K 17 -18.90 -25.55 1.83
C VAL K 17 -19.44 -24.12 1.76
N PRO K 18 -20.54 -23.79 2.43
CA PRO K 18 -21.04 -22.41 2.38
C PRO K 18 -20.25 -21.47 3.28
N MET K 19 -20.24 -20.20 2.88
CA MET K 19 -19.59 -19.13 3.63
C MET K 19 -20.64 -18.23 4.24
N VAL K 20 -20.39 -17.80 5.49
CA VAL K 20 -21.29 -16.93 6.23
C VAL K 20 -20.51 -15.69 6.66
N ILE K 21 -21.28 -14.70 7.12
CA ILE K 21 -20.73 -13.41 7.57
C ILE K 21 -21.08 -13.22 9.04
N GLU K 22 -20.05 -12.98 9.85
CA GLU K 22 -20.20 -12.71 11.26
C GLU K 22 -19.92 -11.23 11.48
N GLN K 23 -20.88 -10.52 12.04
CA GLN K 23 -20.75 -9.09 12.27
C GLN K 23 -20.06 -8.85 13.61
N THR K 24 -18.99 -8.07 13.57
CA THR K 24 -18.21 -7.74 14.76
C THR K 24 -18.01 -6.23 14.81
N SER K 25 -17.55 -5.77 15.98
CA SER K 25 -17.31 -4.35 16.17
C SER K 25 -16.21 -3.85 15.24
N ARG K 26 -15.15 -4.65 15.07
CA ARG K 26 -14.06 -4.24 14.20
C ARG K 26 -14.53 -4.13 12.75
N GLY K 27 -15.30 -5.11 12.30
CA GLY K 27 -15.83 -5.09 10.95
C GLY K 27 -16.43 -6.44 10.61
N GLU K 28 -16.85 -6.56 9.36
CA GLU K 28 -17.42 -7.81 8.88
C GLU K 28 -16.29 -8.75 8.47
N ARG K 29 -16.46 -10.03 8.82
CA ARG K 29 -15.48 -11.07 8.51
C ARG K 29 -16.19 -12.27 7.91
N SER K 30 -15.55 -12.86 6.90
CA SER K 30 -16.09 -14.01 6.20
C SER K 30 -15.52 -15.29 6.81
N PHE K 31 -16.41 -16.21 7.18
CA PHE K 31 -16.05 -17.46 7.80
C PHE K 31 -16.79 -18.61 7.15
N ASP K 32 -16.16 -19.79 7.15
CA ASP K 32 -16.84 -20.97 6.67
C ASP K 32 -17.79 -21.44 7.76
N ILE K 33 -18.79 -22.23 7.38
CA ILE K 33 -19.81 -22.66 8.33
C ILE K 33 -19.20 -23.50 9.44
N TYR K 34 -18.19 -24.33 9.13
CA TYR K 34 -17.59 -25.16 10.16
C TYR K 34 -16.73 -24.33 11.10
N SER K 35 -16.04 -23.32 10.57
CA SER K 35 -15.20 -22.47 11.41
C SER K 35 -16.03 -21.54 12.28
N ARG K 36 -17.19 -21.13 11.77
CA ARG K 36 -18.06 -20.25 12.55
C ARG K 36 -18.52 -20.95 13.82
N LEU K 37 -18.93 -22.21 13.69
CA LEU K 37 -19.37 -22.96 14.86
C LEU K 37 -18.19 -23.27 15.78
N LEU K 38 -16.99 -23.39 15.21
CA LEU K 38 -15.81 -23.65 16.03
C LEU K 38 -15.56 -22.49 16.99
N LYS K 39 -15.89 -21.28 16.57
CA LYS K 39 -15.72 -20.11 17.42
C LYS K 39 -16.60 -20.20 18.67
N GLU K 40 -17.71 -20.93 18.59
CA GLU K 40 -18.64 -21.10 19.69
C GLU K 40 -18.42 -22.40 20.44
N ARG K 41 -17.23 -22.99 20.33
CA ARG K 41 -16.90 -24.23 21.03
C ARG K 41 -17.77 -25.38 20.57
N VAL K 42 -17.86 -25.56 19.26
CA VAL K 42 -18.64 -26.62 18.64
C VAL K 42 -17.78 -27.32 17.60
N ILE K 43 -17.68 -28.64 17.71
CA ILE K 43 -16.90 -29.46 16.80
C ILE K 43 -17.81 -30.52 16.19
N PHE K 44 -17.58 -30.84 14.92
CA PHE K 44 -18.36 -31.83 14.18
C PHE K 44 -17.53 -33.06 13.93
N LEU K 45 -18.10 -34.23 14.25
CA LEU K 45 -17.47 -35.53 14.00
C LEU K 45 -18.37 -36.22 12.98
N THR K 46 -17.94 -36.20 11.72
CA THR K 46 -18.70 -36.76 10.62
C THR K 46 -17.89 -37.84 9.89
N GLY K 47 -18.60 -38.85 9.42
CA GLY K 47 -18.02 -39.94 8.67
C GLY K 47 -17.21 -40.91 9.50
N GLN K 48 -16.48 -41.75 8.79
CA GLN K 48 -15.67 -42.77 9.43
C GLN K 48 -14.52 -42.14 10.21
N VAL K 49 -14.19 -42.76 11.33
CA VAL K 49 -13.12 -42.30 12.19
C VAL K 49 -11.81 -42.89 11.67
N GLU K 50 -10.93 -42.03 11.21
CA GLU K 50 -9.63 -42.41 10.66
C GLU K 50 -8.55 -41.57 11.31
N ASP K 51 -7.31 -41.83 10.91
CA ASP K 51 -6.18 -41.12 11.50
C ASP K 51 -6.17 -39.64 11.12
N HIS K 52 -6.60 -39.30 9.91
CA HIS K 52 -6.60 -37.90 9.50
C HIS K 52 -7.75 -37.13 10.13
N MET K 53 -8.96 -37.70 10.09
CA MET K 53 -10.10 -37.02 10.67
C MET K 53 -9.96 -36.90 12.18
N ALA K 54 -9.39 -37.92 12.83
CA ALA K 54 -9.23 -37.85 14.27
C ALA K 54 -8.17 -36.85 14.66
N ASN K 55 -7.06 -36.81 13.93
CA ASN K 55 -6.00 -35.87 14.22
C ASN K 55 -6.44 -34.42 14.02
N LEU K 56 -7.49 -34.20 13.23
CA LEU K 56 -7.98 -32.86 12.98
C LEU K 56 -8.83 -32.38 14.15
N ILE K 57 -9.60 -33.29 14.74
CA ILE K 57 -10.47 -32.93 15.87
C ILE K 57 -9.64 -32.59 17.10
N VAL K 58 -8.50 -33.27 17.27
CA VAL K 58 -7.67 -33.03 18.45
C VAL K 58 -7.17 -31.60 18.47
N ALA K 59 -6.76 -31.08 17.31
CA ALA K 59 -6.28 -29.70 17.27
C ALA K 59 -7.38 -28.71 17.59
N GLN K 60 -8.63 -29.05 17.26
CA GLN K 60 -9.73 -28.14 17.56
C GLN K 60 -9.97 -28.07 19.06
N MET K 61 -9.94 -29.22 19.74
CA MET K 61 -10.14 -29.23 21.18
C MET K 61 -9.03 -28.43 21.88
N LEU K 62 -7.79 -28.64 21.47
CA LEU K 62 -6.67 -27.94 22.08
C LEU K 62 -6.79 -26.44 21.87
N PHE K 63 -7.23 -26.03 20.67
CA PHE K 63 -7.36 -24.60 20.39
C PHE K 63 -8.39 -23.96 21.31
N LEU K 64 -9.48 -24.68 21.59
CA LEU K 64 -10.51 -24.15 22.47
C LEU K 64 -10.06 -24.13 23.93
N GLU K 65 -9.22 -25.08 24.32
CA GLU K 65 -8.76 -25.13 25.71
C GLU K 65 -7.97 -23.88 26.06
N ALA K 66 -7.05 -23.48 25.18
CA ALA K 66 -6.24 -22.30 25.46
C ALA K 66 -7.08 -21.03 25.40
N GLU K 67 -8.01 -20.96 24.46
CA GLU K 67 -8.86 -19.77 24.36
C GLU K 67 -9.73 -19.63 25.59
N ASN K 68 -10.35 -20.72 26.04
CA ASN K 68 -11.16 -20.70 27.25
C ASN K 68 -11.20 -22.10 27.87
N PRO K 69 -10.63 -22.32 29.06
CA PRO K 69 -10.70 -23.63 29.69
C PRO K 69 -11.88 -23.84 30.64
N GLU K 70 -12.74 -22.83 30.81
CA GLU K 70 -13.87 -22.91 31.72
C GLU K 70 -15.22 -22.94 31.02
N LYS K 71 -15.26 -22.90 29.70
CA LYS K 71 -16.50 -22.94 28.95
C LYS K 71 -16.73 -24.33 28.39
N ASP K 72 -17.98 -24.79 28.46
CA ASP K 72 -18.33 -26.12 28.00
C ASP K 72 -18.18 -26.24 26.49
N ILE K 73 -17.71 -27.41 26.07
CA ILE K 73 -17.52 -27.74 24.66
C ILE K 73 -18.65 -28.66 24.23
N TYR K 74 -19.10 -28.48 22.98
CA TYR K 74 -20.17 -29.29 22.41
C TYR K 74 -19.61 -30.09 21.24
N LEU K 75 -19.81 -31.40 21.29
CA LEU K 75 -19.31 -32.32 20.27
C LEU K 75 -20.49 -33.08 19.67
N TYR K 76 -20.79 -32.82 18.41
CA TYR K 76 -21.88 -33.50 17.72
C TYR K 76 -21.29 -34.68 16.95
N ILE K 77 -21.85 -35.87 17.18
CA ILE K 77 -21.36 -37.10 16.57
C ILE K 77 -22.44 -37.70 15.68
N ASN K 78 -22.10 -37.92 14.41
CA ASN K 78 -22.93 -38.58 13.42
C ASN K 78 -21.93 -39.40 12.60
N SER K 79 -21.74 -40.66 12.97
CA SER K 79 -20.75 -41.46 12.26
C SER K 79 -21.02 -42.94 12.45
N PRO K 80 -20.75 -43.79 11.45
CA PRO K 80 -20.92 -45.23 11.61
C PRO K 80 -19.73 -45.92 12.24
N GLY K 81 -18.79 -45.17 12.82
CA GLY K 81 -17.62 -45.74 13.44
C GLY K 81 -16.47 -45.92 12.47
N GLY K 82 -15.42 -46.55 12.98
CA GLY K 82 -14.23 -46.79 12.19
C GLY K 82 -13.11 -47.43 12.98
N VAL K 83 -11.88 -46.93 12.79
CA VAL K 83 -10.73 -47.49 13.49
C VAL K 83 -10.83 -47.17 14.98
N ILE K 84 -10.40 -48.12 15.80
CA ILE K 84 -10.46 -47.96 17.25
C ILE K 84 -9.34 -47.07 17.75
N THR K 85 -8.10 -47.33 17.30
CA THR K 85 -6.95 -46.55 17.78
C THR K 85 -7.12 -45.07 17.47
N ALA K 86 -7.76 -44.73 16.36
CA ALA K 86 -7.99 -43.33 16.05
C ALA K 86 -8.98 -42.71 17.02
N GLY K 87 -9.97 -43.49 17.44
CA GLY K 87 -10.99 -43.00 18.35
C GLY K 87 -10.52 -42.88 19.79
N MET K 88 -9.62 -43.76 20.22
CA MET K 88 -9.17 -43.72 21.61
C MET K 88 -8.34 -42.48 21.90
N SER K 89 -7.74 -41.87 20.87
CA SER K 89 -6.98 -40.65 21.10
C SER K 89 -7.91 -39.51 21.51
N ILE K 90 -9.13 -39.52 20.98
CA ILE K 90 -10.09 -38.49 21.32
C ILE K 90 -10.63 -38.71 22.73
N TYR K 91 -10.86 -39.96 23.11
CA TYR K 91 -11.38 -40.26 24.43
C TYR K 91 -10.41 -39.80 25.51
N ASP K 92 -9.12 -40.12 25.34
CA ASP K 92 -8.13 -39.72 26.33
C ASP K 92 -8.00 -38.20 26.38
N THR K 93 -8.19 -37.54 25.25
CA THR K 93 -8.08 -36.09 25.21
C THR K 93 -9.21 -35.42 26.00
N MET K 94 -10.44 -35.91 25.84
CA MET K 94 -11.57 -35.32 26.54
C MET K 94 -11.41 -35.40 28.05
N GLN K 95 -10.85 -36.50 28.54
CA GLN K 95 -10.66 -36.65 29.98
C GLN K 95 -9.47 -35.84 30.48
N PHE K 96 -8.46 -35.64 29.64
CA PHE K 96 -7.27 -34.90 30.04
C PHE K 96 -7.59 -33.42 30.25
N ILE K 97 -8.23 -32.79 29.26
CA ILE K 97 -8.55 -31.37 29.37
C ILE K 97 -9.58 -31.13 30.46
N LYS K 98 -9.51 -29.94 31.05
CA LYS K 98 -10.39 -29.48 32.12
C LYS K 98 -11.85 -29.24 31.71
N PRO K 99 -12.14 -28.60 30.57
CA PRO K 99 -13.54 -28.34 30.22
C PRO K 99 -14.39 -29.60 30.10
N ASP K 100 -15.68 -29.44 30.37
CA ASP K 100 -16.64 -30.53 30.26
C ASP K 100 -17.06 -30.67 28.81
N VAL K 101 -16.75 -31.81 28.21
CA VAL K 101 -17.02 -32.07 26.80
C VAL K 101 -18.45 -32.62 26.67
N SER K 102 -19.37 -31.76 26.24
CA SER K 102 -20.74 -32.20 26.02
C SER K 102 -20.80 -32.97 24.70
N THR K 103 -21.52 -34.10 24.73
CA THR K 103 -21.67 -34.96 23.56
C THR K 103 -23.12 -35.07 23.16
N ILE K 104 -23.36 -35.12 21.85
CA ILE K 104 -24.69 -35.27 21.29
C ILE K 104 -24.62 -36.29 20.17
N CYS K 105 -25.61 -37.16 20.10
CA CYS K 105 -25.71 -38.19 19.07
C CYS K 105 -26.75 -37.76 18.06
N MET K 106 -26.33 -37.61 16.81
CA MET K 106 -27.21 -37.21 15.72
C MET K 106 -27.17 -38.28 14.64
N GLY K 107 -28.33 -38.85 14.33
CA GLY K 107 -28.41 -39.86 13.29
C GLY K 107 -28.01 -41.24 13.75
N GLN K 108 -26.71 -41.46 13.98
CA GLN K 108 -26.25 -42.77 14.40
C GLN K 108 -24.93 -42.66 15.13
N ALA K 109 -24.67 -43.64 16.00
CA ALA K 109 -23.44 -43.72 16.79
C ALA K 109 -23.10 -45.20 16.90
N ALA K 110 -22.11 -45.64 16.14
CA ALA K 110 -21.71 -47.04 16.13
C ALA K 110 -20.83 -47.34 17.34
N SER K 111 -20.22 -48.53 17.35
CA SER K 111 -19.35 -49.02 18.41
C SER K 111 -18.39 -47.96 18.93
N MET K 112 -17.58 -47.38 18.03
CA MET K 112 -16.66 -46.36 18.46
C MET K 112 -17.39 -45.05 18.71
N GLY K 113 -18.43 -44.77 17.93
CA GLY K 113 -19.19 -43.56 18.15
C GLY K 113 -19.89 -43.57 19.49
N ALA K 114 -20.27 -44.76 19.96
CA ALA K 114 -20.93 -44.89 21.25
C ALA K 114 -19.96 -44.69 22.40
N PHE K 115 -18.70 -45.09 22.22
CA PHE K 115 -17.73 -44.95 23.30
C PHE K 115 -17.41 -43.49 23.58
N LEU K 116 -17.36 -42.65 22.54
CA LEU K 116 -17.09 -41.24 22.75
C LEU K 116 -18.30 -40.52 23.31
N LEU K 117 -19.51 -41.04 23.05
CA LEU K 117 -20.72 -40.42 23.55
C LEU K 117 -20.79 -40.52 25.06
N THR K 118 -20.65 -41.74 25.59
CA THR K 118 -20.71 -41.95 27.03
C THR K 118 -19.52 -41.36 27.76
N ALA K 119 -18.41 -41.13 27.06
CA ALA K 119 -17.22 -40.57 27.71
C ALA K 119 -17.36 -39.08 28.01
N GLY K 120 -18.46 -38.45 27.58
CA GLY K 120 -18.67 -37.05 27.84
C GLY K 120 -18.83 -36.79 29.33
N ALA K 121 -18.94 -35.49 29.65
CA ALA K 121 -19.11 -35.09 31.04
C ALA K 121 -20.43 -35.61 31.58
N LYS K 122 -20.41 -36.07 32.82
CA LYS K 122 -21.61 -36.59 33.45
C LYS K 122 -22.63 -35.48 33.60
N GLY K 123 -23.87 -35.75 33.18
CA GLY K 123 -24.92 -34.77 33.23
C GLY K 123 -25.04 -33.88 32.01
N LYS K 124 -24.09 -33.97 31.08
CA LYS K 124 -24.08 -33.16 29.86
C LYS K 124 -24.02 -34.03 28.62
N ARG K 125 -24.69 -35.18 28.66
CA ARG K 125 -24.76 -36.11 27.54
C ARG K 125 -26.22 -36.17 27.11
N PHE K 126 -26.45 -35.98 25.80
CA PHE K 126 -27.80 -35.98 25.27
C PHE K 126 -27.85 -36.81 23.99
N CYS K 127 -29.07 -37.28 23.69
CA CYS K 127 -29.35 -38.07 22.51
C CYS K 127 -30.71 -37.62 21.98
N LEU K 128 -30.81 -37.47 20.66
CA LEU K 128 -32.06 -37.02 20.07
C LEU K 128 -33.11 -38.13 20.14
N PRO K 129 -34.40 -37.75 20.12
CA PRO K 129 -35.47 -38.77 20.23
C PRO K 129 -35.43 -39.89 19.22
N ASN K 130 -34.93 -39.64 18.00
CA ASN K 130 -34.88 -40.65 16.95
C ASN K 130 -33.48 -41.12 16.64
N SER K 131 -32.49 -40.77 17.46
CA SER K 131 -31.14 -41.23 17.22
C SER K 131 -31.06 -42.72 17.52
N ARG K 132 -29.96 -43.35 17.08
CA ARG K 132 -29.77 -44.78 17.28
C ARG K 132 -28.31 -45.08 17.59
N VAL K 133 -28.10 -45.95 18.56
CA VAL K 133 -26.77 -46.38 18.98
C VAL K 133 -26.63 -47.86 18.71
N MET K 134 -25.43 -48.27 18.29
CA MET K 134 -25.11 -49.66 18.03
C MET K 134 -23.77 -49.96 18.66
N ILE K 135 -23.67 -51.11 19.32
CA ILE K 135 -22.44 -51.53 19.99
C ILE K 135 -22.18 -52.99 19.69
N HIS K 136 -20.92 -53.32 19.44
CA HIS K 136 -20.50 -54.69 19.18
C HIS K 136 -19.06 -54.82 19.65
N GLN K 137 -18.44 -55.97 19.37
CA GLN K 137 -17.06 -56.19 19.80
C GLN K 137 -16.09 -55.73 18.72
N PRO K 138 -14.81 -55.54 19.08
CA PRO K 138 -13.83 -55.11 18.08
C PRO K 138 -13.69 -56.11 16.94
N LEU K 139 -13.42 -55.58 15.76
CA LEU K 139 -13.21 -56.39 14.56
C LEU K 139 -11.76 -56.34 14.15
N GLY K 140 -11.28 -57.44 13.60
CA GLY K 140 -9.89 -57.51 13.17
C GLY K 140 -9.66 -58.69 12.26
N GLY K 141 -8.39 -59.02 12.11
CA GLY K 141 -7.97 -60.14 11.28
C GLY K 141 -6.50 -60.11 10.98
N TYR K 142 -5.94 -61.27 10.64
CA TYR K 142 -4.52 -61.36 10.32
C TYR K 142 -4.29 -62.59 9.46
N GLN K 143 -3.23 -62.56 8.67
CA GLN K 143 -2.84 -63.67 7.81
C GLN K 143 -1.34 -63.88 7.95
N GLY K 144 -0.95 -65.09 8.30
CA GLY K 144 0.46 -65.41 8.46
C GLY K 144 0.62 -66.68 9.27
N GLN K 145 1.79 -66.81 9.88
CA GLN K 145 2.08 -67.97 10.70
C GLN K 145 1.19 -67.98 11.94
N ALA K 146 1.05 -69.16 12.53
CA ALA K 146 0.22 -69.31 13.72
C ALA K 146 0.78 -68.53 14.90
N THR K 147 2.11 -68.42 14.99
CA THR K 147 2.72 -67.70 16.10
C THR K 147 2.37 -66.22 16.07
N ASP K 148 2.28 -65.63 14.87
CA ASP K 148 1.94 -64.22 14.77
C ASP K 148 0.46 -63.98 15.01
N ILE K 149 -0.39 -64.92 14.61
CA ILE K 149 -1.83 -64.78 14.81
C ILE K 149 -2.15 -64.76 16.30
N GLU K 150 -1.44 -65.57 17.08
CA GLU K 150 -1.68 -65.63 18.51
C GLU K 150 -1.34 -64.30 19.17
N ILE K 151 -0.32 -63.61 18.67
CA ILE K 151 0.07 -62.33 19.25
C ILE K 151 -1.01 -61.29 18.99
N HIS K 152 -1.45 -61.17 17.74
CA HIS K 152 -2.48 -60.20 17.41
C HIS K 152 -3.82 -60.56 18.07
N ALA K 153 -4.01 -61.84 18.37
CA ALA K 153 -5.25 -62.25 19.04
C ALA K 153 -5.24 -61.81 20.50
N ARG K 154 -4.08 -61.96 21.16
CA ARG K 154 -3.97 -61.52 22.54
C ARG K 154 -4.09 -60.01 22.65
N GLU K 155 -3.61 -59.28 21.65
CA GLU K 155 -3.66 -57.82 21.68
C GLU K 155 -5.10 -57.33 21.55
N ILE K 156 -5.84 -57.85 20.56
CA ILE K 156 -7.22 -57.42 20.38
C ILE K 156 -8.08 -57.84 21.55
N LEU K 157 -7.68 -58.89 22.27
CA LEU K 157 -8.45 -59.31 23.44
C LEU K 157 -8.29 -58.30 24.57
N LYS K 158 -7.09 -57.72 24.71
CA LYS K 158 -6.88 -56.70 25.73
C LYS K 158 -7.73 -55.48 25.44
N VAL K 159 -7.84 -55.11 24.16
CA VAL K 159 -8.64 -53.96 23.77
C VAL K 159 -10.10 -54.19 24.14
N LYS K 160 -10.60 -55.38 23.84
CA LYS K 160 -11.99 -55.71 24.18
C LYS K 160 -12.22 -55.61 25.68
N GLY K 161 -11.27 -56.12 26.47
CA GLY K 161 -11.40 -56.02 27.91
C GLY K 161 -11.27 -54.59 28.38
N ARG K 162 -10.36 -53.83 27.76
CA ARG K 162 -10.17 -52.43 28.14
C ARG K 162 -11.37 -51.59 27.76
N MET K 163 -11.95 -51.86 26.58
CA MET K 163 -13.11 -51.08 26.16
C MET K 163 -14.33 -51.36 27.01
N ASN K 164 -14.44 -52.56 27.57
CA ASN K 164 -15.59 -52.90 28.40
C ASN K 164 -15.45 -52.28 29.79
N GLU K 165 -14.22 -52.21 30.31
CA GLU K 165 -14.00 -51.63 31.62
C GLU K 165 -14.39 -50.16 31.64
N LEU K 166 -13.97 -49.40 30.61
CA LEU K 166 -14.28 -47.98 30.58
C LEU K 166 -15.76 -47.74 30.30
N MET K 167 -16.38 -48.60 29.49
CA MET K 167 -17.81 -48.46 29.20
C MET K 167 -18.63 -48.59 30.48
N ALA K 168 -18.24 -49.52 31.35
CA ALA K 168 -18.96 -49.71 32.61
C ALA K 168 -18.75 -48.51 33.53
N LEU K 169 -17.55 -47.95 33.51
CA LEU K 169 -17.23 -46.82 34.38
C LEU K 169 -18.13 -45.62 34.10
N HIS K 170 -18.34 -45.30 32.82
CA HIS K 170 -19.15 -44.14 32.48
C HIS K 170 -20.64 -44.47 32.45
N THR K 171 -21.00 -45.67 31.98
CA THR K 171 -22.40 -46.06 31.94
C THR K 171 -22.95 -46.46 33.29
N GLY K 172 -22.07 -46.83 34.24
CA GLY K 172 -22.49 -47.24 35.56
C GLY K 172 -22.89 -48.70 35.66
N GLN K 173 -23.10 -49.39 34.54
CA GLN K 173 -23.46 -50.79 34.57
C GLN K 173 -22.28 -51.62 35.09
N SER K 174 -22.53 -52.91 35.30
CA SER K 174 -21.49 -53.80 35.77
C SER K 174 -20.69 -54.31 34.58
N LEU K 175 -19.45 -54.71 34.85
CA LEU K 175 -18.59 -55.23 33.79
C LEU K 175 -19.16 -56.51 33.19
N GLU K 176 -19.81 -57.34 34.01
CA GLU K 176 -20.39 -58.57 33.52
C GLU K 176 -21.54 -58.29 32.54
N GLN K 177 -22.32 -57.25 32.81
CA GLN K 177 -23.45 -56.92 31.94
C GLN K 177 -22.98 -56.43 30.59
N ILE K 178 -21.93 -55.61 30.57
CA ILE K 178 -21.41 -55.08 29.31
C ILE K 178 -20.84 -56.21 28.45
N GLU K 179 -20.22 -57.21 29.09
CA GLU K 179 -19.63 -58.31 28.34
C GLU K 179 -20.69 -59.13 27.61
N ARG K 180 -21.82 -59.39 28.26
CA ARG K 180 -22.87 -60.18 27.63
C ARG K 180 -23.60 -59.39 26.54
N ASP K 181 -23.82 -58.11 26.78
CA ASP K 181 -24.54 -57.27 25.81
C ASP K 181 -23.70 -56.92 24.60
N THR K 182 -22.38 -57.00 24.69
CA THR K 182 -21.49 -56.65 23.59
C THR K 182 -21.01 -57.86 22.80
N GLU K 183 -21.54 -59.05 23.09
CA GLU K 183 -21.13 -60.23 22.34
C GLU K 183 -21.53 -60.12 20.87
N ARG K 184 -22.67 -59.48 20.60
CA ARG K 184 -23.15 -59.28 19.25
C ARG K 184 -23.71 -57.86 19.15
N ASP K 185 -24.08 -57.48 17.93
CA ASP K 185 -24.63 -56.14 17.71
C ASP K 185 -25.92 -55.97 18.52
N ARG K 186 -26.02 -54.82 19.19
CA ARG K 186 -27.17 -54.49 20.03
C ARG K 186 -27.58 -53.05 19.77
N PHE K 187 -28.79 -52.86 19.24
CA PHE K 187 -29.30 -51.53 18.97
C PHE K 187 -30.10 -51.05 20.18
N LEU K 188 -29.89 -49.78 20.54
CA LEU K 188 -30.55 -49.15 21.67
C LEU K 188 -31.19 -47.84 21.22
N SER K 189 -32.50 -47.73 21.39
CA SER K 189 -33.18 -46.50 21.04
C SER K 189 -32.79 -45.40 22.02
N ALA K 190 -33.22 -44.18 21.72
CA ALA K 190 -32.90 -43.06 22.61
C ALA K 190 -33.48 -43.21 24.00
N PRO K 191 -34.73 -43.63 24.20
CA PRO K 191 -35.21 -43.80 25.58
C PRO K 191 -34.48 -44.89 26.32
N GLU K 192 -34.21 -46.01 25.64
CA GLU K 192 -33.51 -47.12 26.28
C GLU K 192 -32.11 -46.73 26.70
N ALA K 193 -31.48 -45.80 25.96
CA ALA K 193 -30.13 -45.36 26.32
C ALA K 193 -30.13 -44.66 27.66
N VAL K 194 -31.19 -43.94 27.98
CA VAL K 194 -31.29 -43.26 29.27
C VAL K 194 -31.38 -44.30 30.38
N GLU K 195 -32.24 -45.30 30.21
CA GLU K 195 -32.39 -46.35 31.21
C GLU K 195 -31.09 -47.14 31.39
N TYR K 196 -30.26 -47.19 30.35
CA TYR K 196 -29.01 -47.92 30.40
C TYR K 196 -27.86 -47.15 31.03
N GLY K 197 -28.08 -45.89 31.41
CA GLY K 197 -27.02 -45.11 32.01
C GLY K 197 -26.01 -44.54 31.02
N LEU K 198 -26.22 -44.78 29.72
CA LEU K 198 -25.29 -44.30 28.71
C LEU K 198 -25.37 -42.78 28.57
N VAL K 199 -26.56 -42.22 28.69
CA VAL K 199 -26.79 -40.79 28.54
C VAL K 199 -27.60 -40.29 29.73
N ASP K 200 -27.77 -38.97 29.77
CA ASP K 200 -28.48 -38.30 30.86
C ASP K 200 -29.89 -37.87 30.51
N SER K 201 -30.12 -37.34 29.31
CA SER K 201 -31.47 -36.90 28.96
C SER K 201 -31.58 -36.80 27.44
N ILE K 202 -32.74 -36.32 26.98
CA ILE K 202 -33.05 -36.14 25.57
C ILE K 202 -33.46 -34.70 25.33
N LEU K 203 -32.94 -34.11 24.27
CA LEU K 203 -33.22 -32.71 23.91
C LEU K 203 -34.36 -32.66 22.89
N THR K 204 -35.57 -32.92 23.38
CA THR K 204 -36.74 -32.91 22.51
C THR K 204 -37.01 -31.53 21.92
N HIS K 205 -37.24 -30.54 22.79
CA HIS K 205 -37.51 -29.18 22.36
C HIS K 205 -36.61 -28.20 23.12
N ARG K 206 -36.54 -26.98 22.61
CA ARG K 206 -35.74 -25.93 23.21
C ARG K 206 -36.56 -25.23 24.29
N ASN K 207 -35.95 -25.03 25.45
CA ASN K 207 -36.61 -24.36 26.57
C ASN K 207 -35.65 -23.38 27.24
N LEU L 16 -18.68 -25.88 -11.47
CA LEU L 16 -18.45 -24.45 -11.32
C LEU L 16 -19.60 -23.79 -10.57
N VAL L 17 -19.27 -22.81 -9.73
CA VAL L 17 -20.24 -22.07 -8.94
C VAL L 17 -20.09 -20.60 -9.27
N PRO L 18 -21.14 -19.90 -9.73
CA PRO L 18 -20.99 -18.46 -10.01
C PRO L 18 -20.88 -17.65 -8.74
N MET L 19 -20.20 -16.50 -8.86
CA MET L 19 -20.01 -15.55 -7.78
C MET L 19 -20.87 -14.32 -8.03
N VAL L 20 -21.49 -13.81 -6.97
CA VAL L 20 -22.33 -12.62 -7.04
C VAL L 20 -21.79 -11.58 -6.07
N ILE L 21 -22.27 -10.35 -6.23
CA ILE L 21 -21.87 -9.22 -5.40
C ILE L 21 -23.11 -8.63 -4.73
N GLU L 22 -23.03 -8.49 -3.41
CA GLU L 22 -24.08 -7.90 -2.60
C GLU L 22 -23.60 -6.52 -2.18
N GLN L 23 -24.44 -5.50 -2.40
CA GLN L 23 -24.06 -4.13 -2.08
C GLN L 23 -24.56 -3.77 -0.68
N THR L 24 -23.68 -3.89 0.30
CA THR L 24 -23.97 -3.54 1.66
C THR L 24 -23.78 -2.04 1.85
N SER L 25 -24.18 -1.55 3.03
CA SER L 25 -24.03 -0.13 3.33
C SER L 25 -22.56 0.28 3.30
N ARG L 26 -21.68 -0.54 3.87
CA ARG L 26 -20.26 -0.22 3.86
C ARG L 26 -19.66 -0.34 2.47
N GLY L 27 -20.03 -1.38 1.73
CA GLY L 27 -19.49 -1.56 0.40
C GLY L 27 -19.83 -2.93 -0.15
N GLU L 28 -19.22 -3.24 -1.29
CA GLU L 28 -19.44 -4.51 -1.97
C GLU L 28 -18.72 -5.66 -1.28
N ARG L 29 -19.24 -6.87 -1.50
CA ARG L 29 -18.66 -8.08 -0.96
C ARG L 29 -18.96 -9.21 -1.94
N SER L 30 -18.02 -10.15 -2.06
CA SER L 30 -18.14 -11.28 -2.97
C SER L 30 -18.68 -12.50 -2.23
N PHE L 31 -19.75 -13.08 -2.77
CA PHE L 31 -20.40 -14.25 -2.18
C PHE L 31 -20.67 -15.31 -3.23
N ASP L 32 -20.68 -16.56 -2.80
CA ASP L 32 -21.07 -17.65 -3.67
C ASP L 32 -22.59 -17.68 -3.75
N ILE L 33 -23.12 -18.30 -4.80
CA ILE L 33 -24.56 -18.31 -5.00
C ILE L 33 -25.27 -19.02 -3.85
N TYR L 34 -24.66 -20.06 -3.30
CA TYR L 34 -25.31 -20.79 -2.22
C TYR L 34 -25.27 -20.00 -0.92
N SER L 35 -24.20 -19.26 -0.68
CA SER L 35 -24.10 -18.48 0.55
C SER L 35 -25.01 -17.27 0.53
N ARG L 36 -25.23 -16.69 -0.66
CA ARG L 36 -26.10 -15.53 -0.76
C ARG L 36 -27.53 -15.91 -0.37
N LEU L 37 -28.01 -17.04 -0.87
CA LEU L 37 -29.35 -17.48 -0.53
C LEU L 37 -29.45 -17.90 0.93
N LEU L 38 -28.35 -18.39 1.49
CA LEU L 38 -28.35 -18.77 2.90
C LEU L 38 -28.62 -17.56 3.78
N LYS L 39 -28.15 -16.39 3.35
CA LYS L 39 -28.38 -15.16 4.10
C LYS L 39 -29.86 -14.82 4.18
N GLU L 40 -30.66 -15.30 3.23
CA GLU L 40 -32.10 -15.07 3.21
C GLU L 40 -32.90 -16.22 3.82
N ARG L 41 -32.25 -17.04 4.65
CA ARG L 41 -32.92 -18.16 5.32
C ARG L 41 -33.43 -19.17 4.30
N VAL L 42 -32.54 -19.59 3.40
CA VAL L 42 -32.85 -20.55 2.35
C VAL L 42 -31.77 -21.63 2.33
N ILE L 43 -32.20 -22.89 2.40
CA ILE L 43 -31.30 -24.04 2.41
C ILE L 43 -31.65 -24.95 1.25
N PHE L 44 -30.63 -25.52 0.63
CA PHE L 44 -30.76 -26.44 -0.50
C PHE L 44 -30.42 -27.86 -0.09
N LEU L 45 -31.28 -28.81 -0.45
CA LEU L 45 -31.09 -30.22 -0.19
C LEU L 45 -31.08 -30.92 -1.55
N THR L 46 -29.89 -31.24 -2.04
CA THR L 46 -29.70 -31.86 -3.34
C THR L 46 -28.99 -33.20 -3.24
N GLY L 47 -29.38 -34.11 -4.13
CA GLY L 47 -28.77 -35.42 -4.22
C GLY L 47 -29.16 -36.35 -3.10
N GLN L 48 -28.42 -37.45 -3.04
CA GLN L 48 -28.65 -38.46 -2.03
C GLN L 48 -28.33 -37.93 -0.65
N VAL L 49 -29.11 -38.38 0.33
CA VAL L 49 -28.94 -37.98 1.72
C VAL L 49 -27.91 -38.90 2.35
N GLU L 50 -26.77 -38.33 2.73
CA GLU L 50 -25.67 -39.05 3.34
C GLU L 50 -25.24 -38.33 4.61
N ASP L 51 -24.24 -38.90 5.27
CA ASP L 51 -23.76 -38.33 6.53
C ASP L 51 -23.11 -36.97 6.33
N HIS L 52 -22.43 -36.74 5.22
CA HIS L 52 -21.77 -35.46 5.00
C HIS L 52 -22.77 -34.39 4.60
N MET L 53 -23.65 -34.70 3.64
CA MET L 53 -24.64 -33.73 3.20
C MET L 53 -25.62 -33.39 4.32
N ALA L 54 -26.00 -34.39 5.12
CA ALA L 54 -26.95 -34.14 6.19
C ALA L 54 -26.32 -33.34 7.31
N ASN L 55 -25.08 -33.64 7.67
CA ASN L 55 -24.41 -32.92 8.74
C ASN L 55 -24.17 -31.46 8.38
N LEU L 56 -24.15 -31.14 7.09
CA LEU L 56 -23.93 -29.76 6.66
C LEU L 56 -25.20 -28.93 6.79
N ILE L 57 -26.35 -29.53 6.50
CA ILE L 57 -27.61 -28.81 6.58
C ILE L 57 -27.94 -28.48 8.03
N VAL L 58 -27.58 -29.35 8.96
CA VAL L 58 -27.88 -29.10 10.36
C VAL L 58 -27.16 -27.84 10.83
N ALA L 59 -25.91 -27.68 10.40
CA ALA L 59 -25.16 -26.49 10.80
C ALA L 59 -25.79 -25.23 10.23
N GLN L 60 -26.42 -25.33 9.06
CA GLN L 60 -27.05 -24.15 8.48
C GLN L 60 -28.26 -23.73 9.28
N MET L 61 -29.08 -24.68 9.70
CA MET L 61 -30.27 -24.36 10.48
C MET L 61 -29.90 -23.72 11.82
N LEU L 62 -28.91 -24.30 12.49
CA LEU L 62 -28.49 -23.76 13.79
C LEU L 62 -27.94 -22.35 13.63
N PHE L 63 -27.19 -22.09 12.57
CA PHE L 63 -26.67 -20.75 12.34
C PHE L 63 -27.80 -19.76 12.15
N LEU L 64 -28.84 -20.17 11.44
CA LEU L 64 -29.99 -19.29 11.22
C LEU L 64 -30.80 -19.10 12.48
N GLU L 65 -30.87 -20.14 13.32
CA GLU L 65 -31.62 -20.05 14.56
C GLU L 65 -31.04 -18.96 15.46
N ALA L 66 -29.71 -18.93 15.59
CA ALA L 66 -29.07 -17.93 16.43
C ALA L 66 -29.23 -16.53 15.86
N GLU L 67 -29.13 -16.40 14.53
CA GLU L 67 -29.27 -15.08 13.92
C GLU L 67 -30.67 -14.52 14.15
N ASN L 68 -31.69 -15.36 13.93
CA ASN L 68 -33.07 -14.95 14.14
C ASN L 68 -33.93 -16.16 14.47
N PRO L 69 -34.48 -16.29 15.67
CA PRO L 69 -35.34 -17.43 15.98
C PRO L 69 -36.82 -17.24 15.66
N GLU L 70 -37.21 -16.07 15.13
CA GLU L 70 -38.60 -15.76 14.83
C GLU L 70 -38.90 -15.66 13.34
N LYS L 71 -37.92 -15.84 12.46
CA LYS L 71 -38.13 -15.74 11.03
C LYS L 71 -38.23 -17.13 10.40
N ASP L 72 -39.17 -17.27 9.48
CA ASP L 72 -39.39 -18.55 8.81
C ASP L 72 -38.21 -18.91 7.92
N ILE L 73 -37.89 -20.20 7.89
CA ILE L 73 -36.82 -20.76 7.08
C ILE L 73 -37.46 -21.49 5.91
N TYR L 74 -36.82 -21.42 4.75
CA TYR L 74 -37.31 -22.05 3.53
C TYR L 74 -36.36 -23.17 3.14
N LEU L 75 -36.93 -24.36 2.95
CA LEU L 75 -36.17 -25.57 2.62
C LEU L 75 -36.70 -26.18 1.33
N TYR L 76 -35.89 -26.13 0.27
CA TYR L 76 -36.23 -26.72 -1.01
C TYR L 76 -35.61 -28.10 -1.07
N ILE L 77 -36.43 -29.11 -1.37
CA ILE L 77 -35.97 -30.50 -1.42
C ILE L 77 -36.14 -31.05 -2.83
N ASN L 78 -35.03 -31.54 -3.40
CA ASN L 78 -35.00 -32.22 -4.70
C ASN L 78 -33.98 -33.33 -4.50
N SER L 79 -34.45 -34.52 -4.16
CA SER L 79 -33.53 -35.63 -3.90
C SER L 79 -34.23 -36.96 -4.08
N PRO L 80 -33.54 -37.99 -4.56
CA PRO L 80 -34.15 -39.32 -4.65
C PRO L 80 -34.07 -40.14 -3.37
N GLY L 81 -33.73 -39.51 -2.25
CA GLY L 81 -33.60 -40.18 -0.98
C GLY L 81 -32.21 -40.75 -0.76
N GLY L 82 -32.09 -41.49 0.34
CA GLY L 82 -30.81 -42.08 0.70
C GLY L 82 -30.85 -42.79 2.04
N VAL L 83 -29.81 -42.59 2.86
CA VAL L 83 -29.75 -43.24 4.16
C VAL L 83 -30.83 -42.67 5.08
N ILE L 84 -31.41 -43.54 5.88
CA ILE L 84 -32.46 -43.13 6.81
C ILE L 84 -31.88 -42.44 8.03
N THR L 85 -30.85 -43.04 8.64
CA THR L 85 -30.26 -42.48 9.85
C THR L 85 -29.75 -41.07 9.65
N ALA L 86 -29.25 -40.76 8.45
CA ALA L 86 -28.77 -39.42 8.19
C ALA L 86 -29.92 -38.43 8.15
N GLY L 87 -31.07 -38.88 7.65
CA GLY L 87 -32.23 -38.01 7.55
C GLY L 87 -32.95 -37.78 8.87
N MET L 88 -32.94 -38.78 9.77
CA MET L 88 -33.63 -38.63 11.04
C MET L 88 -32.94 -37.60 11.93
N SER L 89 -31.65 -37.34 11.71
CA SER L 89 -30.98 -36.32 12.49
C SER L 89 -31.55 -34.95 12.16
N ILE L 90 -31.97 -34.77 10.91
CA ILE L 90 -32.55 -33.51 10.47
C ILE L 90 -33.97 -33.37 11.00
N TYR L 91 -34.71 -34.47 11.07
CA TYR L 91 -36.08 -34.43 11.54
C TYR L 91 -36.17 -33.96 12.98
N ASP L 92 -35.34 -34.52 13.85
CA ASP L 92 -35.36 -34.12 15.25
C ASP L 92 -34.91 -32.67 15.40
N THR L 93 -33.99 -32.22 14.57
CA THR L 93 -33.51 -30.85 14.66
C THR L 93 -34.60 -29.86 14.29
N MET L 94 -35.34 -30.13 13.21
CA MET L 94 -36.41 -29.22 12.78
C MET L 94 -37.49 -29.08 13.85
N GLN L 95 -37.80 -30.17 14.54
CA GLN L 95 -38.82 -30.13 15.58
C GLN L 95 -38.29 -29.51 16.86
N PHE L 96 -36.99 -29.66 17.13
CA PHE L 96 -36.40 -29.12 18.34
C PHE L 96 -36.38 -27.60 18.32
N ILE L 97 -35.87 -27.02 17.22
CA ILE L 97 -35.77 -25.57 17.13
C ILE L 97 -37.14 -24.93 17.06
N LYS L 98 -37.22 -23.70 17.55
CA LYS L 98 -38.44 -22.89 17.59
C LYS L 98 -38.90 -22.42 16.22
N PRO L 99 -38.01 -21.97 15.32
CA PRO L 99 -38.48 -21.49 14.01
C PRO L 99 -39.24 -22.55 13.22
N ASP L 100 -40.17 -22.07 12.40
CA ASP L 100 -40.97 -22.94 11.56
C ASP L 100 -40.19 -23.26 10.29
N VAL L 101 -39.89 -24.55 10.10
CA VAL L 101 -39.11 -25.00 8.94
C VAL L 101 -40.09 -25.27 7.80
N SER L 102 -40.14 -24.34 6.84
CA SER L 102 -40.98 -24.51 5.68
C SER L 102 -40.32 -25.48 4.71
N THR L 103 -41.12 -26.38 4.16
CA THR L 103 -40.64 -27.40 3.23
C THR L 103 -41.33 -27.23 1.87
N ILE L 104 -40.54 -27.40 0.82
CA ILE L 104 -41.02 -27.27 -0.56
C ILE L 104 -40.45 -28.43 -1.37
N CYS L 105 -41.28 -29.00 -2.24
CA CYS L 105 -40.90 -30.12 -3.07
C CYS L 105 -40.65 -29.67 -4.51
N MET L 106 -39.44 -29.90 -4.99
CA MET L 106 -39.04 -29.56 -6.34
C MET L 106 -38.48 -30.82 -7.02
N GLY L 107 -39.09 -31.21 -8.12
CA GLY L 107 -38.62 -32.37 -8.87
C GLY L 107 -39.06 -33.71 -8.33
N GLN L 108 -38.52 -34.13 -7.20
CA GLN L 108 -38.88 -35.42 -6.63
C GLN L 108 -38.61 -35.45 -5.13
N ALA L 109 -39.35 -36.32 -4.44
CA ALA L 109 -39.23 -36.52 -2.99
C ALA L 109 -39.45 -37.99 -2.70
N ALA L 110 -38.36 -38.72 -2.48
CA ALA L 110 -38.43 -40.14 -2.19
C ALA L 110 -38.80 -40.36 -0.73
N SER L 111 -38.70 -41.61 -0.27
CA SER L 111 -39.03 -42.02 1.09
C SER L 111 -38.54 -41.05 2.16
N MET L 112 -37.22 -40.80 2.19
CA MET L 112 -36.71 -39.88 3.20
C MET L 112 -36.96 -38.44 2.81
N GLY L 113 -36.94 -38.12 1.52
CA GLY L 113 -37.22 -36.76 1.10
C GLY L 113 -38.65 -36.37 1.41
N ALA L 114 -39.57 -37.33 1.36
CA ALA L 114 -40.96 -37.08 1.68
C ALA L 114 -41.18 -36.95 3.18
N PHE L 115 -40.41 -37.68 3.99
CA PHE L 115 -40.59 -37.60 5.43
C PHE L 115 -40.14 -36.25 5.96
N LEU L 116 -39.07 -35.69 5.38
CA LEU L 116 -38.64 -34.38 5.83
C LEU L 116 -39.56 -33.29 5.30
N LEU L 117 -40.24 -33.55 4.18
CA LEU L 117 -41.18 -32.58 3.64
C LEU L 117 -42.39 -32.43 4.56
N THR L 118 -43.03 -33.56 4.89
CA THR L 118 -44.19 -33.52 5.78
C THR L 118 -43.81 -33.16 7.21
N ALA L 119 -42.54 -33.34 7.59
CA ALA L 119 -42.12 -33.01 8.95
C ALA L 119 -42.01 -31.51 9.19
N GLY L 120 -42.19 -30.69 8.17
CA GLY L 120 -42.14 -29.26 8.33
C GLY L 120 -43.27 -28.75 9.20
N ALA L 121 -43.22 -27.45 9.47
CA ALA L 121 -44.24 -26.83 10.29
C ALA L 121 -45.60 -26.90 9.59
N LYS L 122 -46.64 -27.18 10.38
CA LYS L 122 -47.98 -27.30 9.83
C LYS L 122 -48.45 -25.96 9.28
N GLY L 123 -49.03 -25.99 8.07
CA GLY L 123 -49.50 -24.80 7.42
C GLY L 123 -48.48 -24.11 6.54
N LYS L 124 -47.22 -24.54 6.58
CA LYS L 124 -46.14 -23.94 5.78
C LYS L 124 -45.45 -24.99 4.92
N ARG L 125 -46.22 -25.96 4.43
CA ARG L 125 -45.71 -27.02 3.56
C ARG L 125 -46.38 -26.86 2.20
N PHE L 126 -45.58 -26.84 1.15
CA PHE L 126 -46.09 -26.67 -0.20
C PHE L 126 -45.41 -27.64 -1.15
N CYS L 127 -46.08 -27.89 -2.27
CA CYS L 127 -45.60 -28.78 -3.31
C CYS L 127 -45.90 -28.15 -4.66
N LEU L 128 -44.95 -28.21 -5.57
CA LEU L 128 -45.12 -27.61 -6.88
C LEU L 128 -46.15 -28.41 -7.70
N PRO L 129 -46.80 -27.75 -8.67
CA PRO L 129 -47.84 -28.45 -9.46
C PRO L 129 -47.37 -29.70 -10.18
N ASN L 130 -46.11 -29.78 -10.60
CA ASN L 130 -45.61 -30.94 -11.33
C ASN L 130 -44.62 -31.77 -10.53
N SER L 131 -44.49 -31.51 -9.23
CA SER L 131 -43.59 -32.30 -8.41
C SER L 131 -44.19 -33.70 -8.23
N ARG L 132 -43.37 -34.62 -7.73
CA ARG L 132 -43.80 -36.00 -7.51
C ARG L 132 -43.19 -36.55 -6.24
N VAL L 133 -44.02 -37.24 -5.46
CA VAL L 133 -43.60 -37.85 -4.20
C VAL L 133 -43.71 -39.36 -4.32
N MET L 134 -42.76 -40.06 -3.72
CA MET L 134 -42.75 -41.51 -3.69
C MET L 134 -42.39 -41.94 -2.27
N ILE L 135 -43.11 -42.93 -1.76
CA ILE L 135 -42.89 -43.46 -0.42
C ILE L 135 -42.89 -44.98 -0.48
N HIS L 136 -41.97 -45.59 0.27
CA HIS L 136 -41.88 -47.04 0.34
C HIS L 136 -41.33 -47.39 1.72
N GLN L 137 -41.05 -48.68 1.92
CA GLN L 137 -40.56 -49.13 3.22
C GLN L 137 -39.04 -49.08 3.26
N PRO L 138 -38.44 -49.13 4.45
CA PRO L 138 -36.98 -49.10 4.55
C PRO L 138 -36.34 -50.29 3.86
N LEU L 139 -35.16 -50.04 3.28
CA LEU L 139 -34.39 -51.06 2.58
C LEU L 139 -33.15 -51.40 3.40
N GLY L 140 -32.75 -52.65 3.33
CA GLY L 140 -31.59 -53.09 4.07
C GLY L 140 -31.10 -54.43 3.60
N GLY L 141 -30.29 -55.06 4.44
CA GLY L 141 -29.73 -56.37 4.15
C GLY L 141 -28.59 -56.69 5.08
N TYR L 142 -28.29 -57.97 5.24
CA TYR L 142 -27.21 -58.40 6.10
C TYR L 142 -26.76 -59.79 5.68
N GLN L 143 -25.50 -60.10 5.98
CA GLN L 143 -24.92 -61.40 5.65
C GLN L 143 -24.14 -61.88 6.87
N GLY L 144 -24.48 -63.07 7.35
CA GLY L 144 -23.81 -63.62 8.52
C GLY L 144 -24.63 -64.75 9.11
N GLN L 145 -24.41 -64.99 10.40
CA GLN L 145 -25.12 -66.05 11.10
C GLN L 145 -26.60 -65.70 11.21
N ALA L 146 -27.41 -66.73 11.44
CA ALA L 146 -28.85 -66.53 11.55
C ALA L 146 -29.19 -65.68 12.76
N THR L 147 -28.40 -65.78 13.83
CA THR L 147 -28.66 -64.99 15.02
C THR L 147 -28.49 -63.50 14.74
N ASP L 148 -27.51 -63.15 13.89
CA ASP L 148 -27.28 -61.74 13.58
C ASP L 148 -28.33 -61.20 12.64
N ILE L 149 -28.85 -62.02 11.73
CA ILE L 149 -29.88 -61.55 10.80
C ILE L 149 -31.14 -61.16 11.56
N GLU L 150 -31.47 -61.91 12.62
CA GLU L 150 -32.65 -61.61 13.41
C GLU L 150 -32.52 -60.25 14.10
N ILE L 151 -31.30 -59.90 14.52
CA ILE L 151 -31.09 -58.64 15.22
C ILE L 151 -31.31 -57.47 14.28
N HIS L 152 -30.66 -57.50 13.12
CA HIS L 152 -30.81 -56.40 12.18
C HIS L 152 -32.22 -56.35 11.60
N ALA L 153 -32.91 -57.49 11.57
CA ALA L 153 -34.28 -57.49 11.06
C ALA L 153 -35.21 -56.83 12.06
N ARG L 154 -35.02 -57.11 13.36
CA ARG L 154 -35.84 -56.48 14.38
C ARG L 154 -35.58 -54.97 14.43
N GLU L 155 -34.35 -54.56 14.17
CA GLU L 155 -34.01 -53.13 14.22
C GLU L 155 -34.67 -52.38 13.08
N ILE L 156 -34.56 -52.88 11.86
CA ILE L 156 -35.16 -52.19 10.72
C ILE L 156 -36.67 -52.22 10.82
N LEU L 157 -37.24 -53.21 11.51
CA LEU L 157 -38.69 -53.26 11.67
C LEU L 157 -39.16 -52.16 12.61
N LYS L 158 -38.38 -51.87 13.65
CA LYS L 158 -38.75 -50.80 14.57
C LYS L 158 -38.72 -49.46 13.85
N VAL L 159 -37.75 -49.26 12.97
CA VAL L 159 -37.65 -48.02 12.22
C VAL L 159 -38.88 -47.86 11.33
N LYS L 160 -39.26 -48.94 10.64
CA LYS L 160 -40.44 -48.89 9.79
C LYS L 160 -41.67 -48.54 10.60
N GLY L 161 -41.79 -49.13 11.79
CA GLY L 161 -42.92 -48.79 12.65
C GLY L 161 -42.84 -47.36 13.14
N ARG L 162 -41.64 -46.91 13.47
CA ARG L 162 -41.46 -45.54 13.94
C ARG L 162 -41.70 -44.55 12.82
N MET L 163 -41.26 -44.87 11.61
CA MET L 163 -41.44 -43.95 10.49
C MET L 163 -42.91 -43.83 10.09
N ASN L 164 -43.69 -44.89 10.30
CA ASN L 164 -45.10 -44.83 9.95
C ASN L 164 -45.89 -44.06 11.00
N GLU L 165 -45.49 -44.19 12.27
CA GLU L 165 -46.16 -43.47 13.35
C GLU L 165 -45.99 -41.96 13.17
N LEU L 166 -44.77 -41.52 12.85
CA LEU L 166 -44.54 -40.09 12.67
C LEU L 166 -45.20 -39.58 11.40
N MET L 167 -45.25 -40.40 10.36
CA MET L 167 -45.92 -40.00 9.12
C MET L 167 -47.39 -39.73 9.38
N ALA L 168 -48.01 -40.56 10.23
CA ALA L 168 -49.42 -40.38 10.55
C ALA L 168 -49.64 -39.11 11.38
N LEU L 169 -48.68 -38.80 12.26
CA LEU L 169 -48.80 -37.63 13.12
C LEU L 169 -48.88 -36.34 12.30
N HIS L 170 -48.02 -36.21 11.29
CA HIS L 170 -48.01 -34.99 10.49
C HIS L 170 -49.06 -35.04 9.39
N THR L 171 -49.27 -36.20 8.78
CA THR L 171 -50.26 -36.33 7.71
C THR L 171 -51.68 -36.41 8.26
N GLY L 172 -51.85 -36.79 9.52
CA GLY L 172 -53.15 -36.91 10.12
C GLY L 172 -53.86 -38.23 9.84
N GLN L 173 -53.39 -39.00 8.88
CA GLN L 173 -53.99 -40.29 8.57
C GLN L 173 -53.78 -41.26 9.72
N SER L 174 -54.41 -42.42 9.61
CA SER L 174 -54.28 -43.46 10.62
C SER L 174 -53.04 -44.30 10.35
N LEU L 175 -52.53 -44.93 11.42
CA LEU L 175 -51.35 -45.78 11.27
C LEU L 175 -51.64 -46.96 10.37
N GLU L 176 -52.88 -47.48 10.40
CA GLU L 176 -53.23 -48.61 9.56
C GLU L 176 -53.18 -48.22 8.08
N GLN L 177 -53.60 -46.99 7.77
CA GLN L 177 -53.59 -46.54 6.39
C GLN L 177 -52.17 -46.37 5.87
N ILE L 178 -51.29 -45.82 6.71
CA ILE L 178 -49.90 -45.63 6.30
C ILE L 178 -49.21 -46.98 6.10
N GLU L 179 -49.57 -47.97 6.92
CA GLU L 179 -48.96 -49.29 6.80
C GLU L 179 -49.32 -49.95 5.47
N ARG L 180 -50.57 -49.82 5.04
CA ARG L 180 -50.99 -50.44 3.80
C ARG L 180 -50.42 -49.70 2.59
N ASP L 181 -50.37 -48.37 2.65
CA ASP L 181 -49.87 -47.58 1.54
C ASP L 181 -48.36 -47.64 1.40
N THR L 182 -47.62 -48.00 2.45
CA THR L 182 -46.17 -48.06 2.42
C THR L 182 -45.63 -49.46 2.20
N GLU L 183 -46.49 -50.45 1.94
CA GLU L 183 -46.00 -51.80 1.71
C GLU L 183 -45.16 -51.88 0.44
N ARG L 184 -45.51 -51.08 -0.57
CA ARG L 184 -44.79 -51.04 -1.83
C ARG L 184 -44.70 -49.59 -2.27
N ASP L 185 -43.94 -49.36 -3.35
CA ASP L 185 -43.78 -48.01 -3.88
C ASP L 185 -45.13 -47.44 -4.29
N ARG L 186 -45.40 -46.21 -3.86
CA ARG L 186 -46.65 -45.53 -4.15
C ARG L 186 -46.37 -44.09 -4.53
N PHE L 187 -46.66 -43.74 -5.78
CA PHE L 187 -46.44 -42.39 -6.26
C PHE L 187 -47.71 -41.56 -6.08
N LEU L 188 -47.52 -40.33 -5.59
CA LEU L 188 -48.63 -39.40 -5.34
C LEU L 188 -48.34 -38.09 -6.03
N SER L 189 -49.24 -37.68 -6.93
CA SER L 189 -49.07 -36.41 -7.62
C SER L 189 -49.26 -35.26 -6.64
N ALA L 190 -48.99 -34.05 -7.12
CA ALA L 190 -49.12 -32.87 -6.26
C ALA L 190 -50.55 -32.63 -5.77
N PRO L 191 -51.60 -32.78 -6.58
CA PRO L 191 -52.95 -32.56 -6.04
C PRO L 191 -53.33 -33.59 -4.99
N GLU L 192 -52.98 -34.86 -5.22
CA GLU L 192 -53.31 -35.91 -4.27
C GLU L 192 -52.59 -35.72 -2.94
N ALA L 193 -51.42 -35.09 -2.96
CA ALA L 193 -50.67 -34.90 -1.72
C ALA L 193 -51.42 -33.98 -0.76
N VAL L 194 -52.13 -32.99 -1.30
CA VAL L 194 -52.91 -32.09 -0.45
C VAL L 194 -54.05 -32.86 0.20
N GLU L 195 -54.78 -33.65 -0.60
CA GLU L 195 -55.88 -34.44 -0.08
C GLU L 195 -55.41 -35.47 0.95
N TYR L 196 -54.15 -35.90 0.84
CA TYR L 196 -53.60 -36.90 1.74
C TYR L 196 -53.07 -36.31 3.04
N GLY L 197 -53.11 -34.99 3.22
CA GLY L 197 -52.60 -34.37 4.43
C GLY L 197 -51.10 -34.22 4.47
N LEU L 198 -50.39 -34.62 3.40
CA LEU L 198 -48.95 -34.51 3.37
C LEU L 198 -48.51 -33.04 3.27
N VAL L 199 -49.27 -32.24 2.52
CA VAL L 199 -48.96 -30.82 2.32
C VAL L 199 -50.24 -30.03 2.55
N ASP L 200 -50.11 -28.71 2.51
CA ASP L 200 -51.21 -27.78 2.74
C ASP L 200 -51.78 -27.16 1.47
N SER L 201 -50.92 -26.79 0.51
CA SER L 201 -51.39 -26.17 -0.72
C SER L 201 -50.32 -26.34 -1.79
N ILE L 202 -50.55 -25.72 -2.94
CA ILE L 202 -49.65 -25.78 -4.09
C ILE L 202 -49.29 -24.36 -4.49
N LEU L 203 -48.00 -24.13 -4.72
CA LEU L 203 -47.48 -22.82 -5.11
C LEU L 203 -47.36 -22.72 -6.63
N THR L 204 -48.51 -22.58 -7.30
CA THR L 204 -48.60 -22.50 -8.77
C THR L 204 -47.94 -21.20 -9.23
N HIS L 205 -48.39 -20.06 -8.69
CA HIS L 205 -47.86 -18.74 -9.02
C HIS L 205 -47.59 -17.98 -7.73
N ARG L 206 -46.82 -16.90 -7.85
CA ARG L 206 -46.47 -16.09 -6.69
C ARG L 206 -47.57 -15.08 -6.41
N ASN L 207 -47.95 -14.99 -5.14
CA ASN L 207 -49.00 -14.07 -4.69
C ASN L 207 -48.55 -13.31 -3.45
N LEU M 16 -10.47 -24.36 -17.57
CA LEU M 16 -10.08 -23.03 -17.14
C LEU M 16 -11.12 -22.00 -17.53
N VAL M 17 -11.28 -20.98 -16.70
CA VAL M 17 -12.25 -19.91 -16.92
C VAL M 17 -11.48 -18.58 -16.94
N PRO M 18 -11.57 -17.76 -17.98
CA PRO M 18 -10.86 -16.48 -17.95
C PRO M 18 -11.51 -15.50 -16.98
N MET M 19 -10.69 -14.58 -16.47
CA MET M 19 -11.13 -13.54 -15.56
C MET M 19 -11.13 -12.20 -16.29
N VAL M 20 -12.17 -11.40 -16.04
CA VAL M 20 -12.31 -10.08 -16.64
C VAL M 20 -12.46 -9.05 -15.54
N ILE M 21 -12.33 -7.78 -15.92
CA ILE M 21 -12.43 -6.65 -15.00
C ILE M 21 -13.58 -5.75 -15.46
N GLU M 22 -14.46 -5.44 -14.53
CA GLU M 22 -15.60 -4.56 -14.76
C GLU M 22 -15.29 -3.24 -14.06
N GLN M 23 -15.29 -2.15 -14.81
CA GLN M 23 -14.96 -0.84 -14.28
C GLN M 23 -16.17 -0.16 -13.68
N THR M 24 -16.04 0.28 -12.43
CA THR M 24 -17.07 0.99 -11.70
C THR M 24 -16.46 2.26 -11.12
N SER M 25 -17.33 3.15 -10.65
CA SER M 25 -16.86 4.41 -10.08
C SER M 25 -16.06 4.16 -8.81
N ARG M 26 -16.51 3.23 -7.96
CA ARG M 26 -15.80 2.95 -6.72
C ARG M 26 -14.42 2.36 -6.99
N GLY M 27 -14.33 1.44 -7.92
CA GLY M 27 -13.05 0.84 -8.25
C GLY M 27 -13.23 -0.34 -9.18
N GLU M 28 -12.12 -1.01 -9.46
CA GLU M 28 -12.13 -2.17 -10.33
C GLU M 28 -12.53 -3.43 -9.57
N ARG M 29 -13.33 -4.27 -10.21
CA ARG M 29 -13.77 -5.53 -9.64
C ARG M 29 -13.51 -6.65 -10.65
N SER M 30 -13.01 -7.77 -10.15
CA SER M 30 -12.70 -8.92 -10.99
C SER M 30 -13.85 -9.91 -10.95
N PHE M 31 -14.29 -10.33 -12.14
CA PHE M 31 -15.38 -11.27 -12.29
C PHE M 31 -15.00 -12.38 -13.26
N ASP M 32 -15.59 -13.56 -13.03
CA ASP M 32 -15.42 -14.64 -13.97
C ASP M 32 -16.40 -14.43 -15.12
N ILE M 33 -16.14 -15.11 -16.24
CA ILE M 33 -16.99 -14.91 -17.42
C ILE M 33 -18.43 -15.31 -17.13
N TYR M 34 -18.63 -16.36 -16.33
CA TYR M 34 -19.98 -16.79 -16.02
C TYR M 34 -20.67 -15.87 -15.02
N SER M 35 -19.92 -15.34 -14.07
CA SER M 35 -20.50 -14.45 -13.07
C SER M 35 -20.82 -13.08 -13.66
N ARG M 36 -20.03 -12.63 -14.63
CA ARG M 36 -20.28 -11.34 -15.25
C ARG M 36 -21.63 -11.36 -15.96
N LEU M 37 -21.90 -12.43 -16.69
CA LEU M 37 -23.17 -12.54 -17.39
C LEU M 37 -24.33 -12.72 -16.42
N LEU M 38 -24.06 -13.34 -15.26
CA LEU M 38 -25.11 -13.48 -14.26
C LEU M 38 -25.58 -12.13 -13.77
N LYS M 39 -24.67 -11.15 -13.73
CA LYS M 39 -25.03 -9.80 -13.31
C LYS M 39 -26.05 -9.18 -14.23
N GLU M 40 -26.08 -9.62 -15.49
CA GLU M 40 -27.01 -9.11 -16.49
C GLU M 40 -28.21 -10.01 -16.67
N ARG M 41 -28.52 -10.85 -15.68
CA ARG M 41 -29.68 -11.75 -15.72
C ARG M 41 -29.55 -12.75 -16.87
N VAL M 42 -28.41 -13.42 -16.93
CA VAL M 42 -28.12 -14.41 -17.96
C VAL M 42 -27.58 -15.66 -17.29
N ILE M 43 -28.19 -16.81 -17.61
CA ILE M 43 -27.81 -18.10 -17.05
C ILE M 43 -27.49 -19.05 -18.20
N PHE M 44 -26.49 -19.90 -17.98
CA PHE M 44 -26.04 -20.88 -18.98
C PHE M 44 -26.43 -22.28 -18.53
N LEU M 45 -27.02 -23.04 -19.45
CA LEU M 45 -27.41 -24.43 -19.21
C LEU M 45 -26.57 -25.27 -20.17
N THR M 46 -25.51 -25.88 -19.63
CA THR M 46 -24.58 -26.68 -20.41
C THR M 46 -24.51 -28.11 -19.89
N GLY M 47 -24.32 -29.04 -20.83
CA GLY M 47 -24.19 -30.45 -20.54
C GLY M 47 -25.48 -31.13 -20.14
N GLN M 48 -25.31 -32.35 -19.63
CA GLN M 48 -26.44 -33.16 -19.21
C GLN M 48 -27.15 -32.55 -18.00
N VAL M 49 -28.46 -32.73 -17.99
CA VAL M 49 -29.30 -32.21 -16.91
C VAL M 49 -29.34 -33.26 -15.80
N GLU M 50 -28.78 -32.90 -14.64
CA GLU M 50 -28.73 -33.77 -13.48
C GLU M 50 -29.23 -33.00 -12.27
N ASP M 51 -29.21 -33.68 -11.12
CA ASP M 51 -29.70 -33.07 -9.88
C ASP M 51 -28.81 -31.93 -9.42
N HIS M 52 -27.49 -32.02 -9.61
CA HIS M 52 -26.60 -30.96 -9.18
C HIS M 52 -26.66 -29.76 -10.12
N MET M 53 -26.59 -30.01 -11.43
CA MET M 53 -26.63 -28.93 -12.39
C MET M 53 -27.98 -28.22 -12.37
N ALA M 54 -29.07 -28.97 -12.18
CA ALA M 54 -30.38 -28.35 -12.17
C ALA M 54 -30.60 -27.51 -10.93
N ASN M 55 -30.16 -27.99 -9.77
CA ASN M 55 -30.35 -27.22 -8.55
C ASN M 55 -29.54 -25.93 -8.54
N LEU M 56 -28.50 -25.84 -9.36
CA LEU M 56 -27.69 -24.64 -9.39
C LEU M 56 -28.39 -23.53 -10.16
N ILE M 57 -29.09 -23.91 -11.23
CA ILE M 57 -29.81 -22.91 -12.02
C ILE M 57 -30.98 -22.34 -11.23
N VAL M 58 -31.62 -23.17 -10.40
CA VAL M 58 -32.74 -22.68 -9.60
C VAL M 58 -32.29 -21.61 -8.64
N ALA M 59 -31.12 -21.81 -8.01
CA ALA M 59 -30.61 -20.81 -7.08
C ALA M 59 -30.28 -19.51 -7.78
N GLN M 60 -29.87 -19.58 -9.05
CA GLN M 60 -29.57 -18.36 -9.78
C GLN M 60 -30.82 -17.56 -10.07
N MET M 61 -31.89 -18.24 -10.49
CA MET M 61 -33.14 -17.55 -10.80
C MET M 61 -33.72 -16.85 -9.58
N LEU M 62 -33.72 -17.54 -8.43
CA LEU M 62 -34.25 -16.94 -7.21
C LEU M 62 -33.44 -15.72 -6.81
N PHE M 63 -32.11 -15.77 -6.99
CA PHE M 63 -31.28 -14.63 -6.64
C PHE M 63 -31.65 -13.42 -7.48
N LEU M 64 -31.94 -13.63 -8.76
CA LEU M 64 -32.32 -12.51 -9.62
C LEU M 64 -33.70 -12.00 -9.28
N GLU M 65 -34.59 -12.89 -8.82
CA GLU M 65 -35.93 -12.48 -8.43
C GLU M 65 -35.87 -11.48 -7.29
N ALA M 66 -35.03 -11.75 -6.29
CA ALA M 66 -34.92 -10.86 -5.15
C ALA M 66 -34.27 -9.54 -5.55
N GLU M 67 -33.25 -9.59 -6.42
CA GLU M 67 -32.60 -8.36 -6.85
C GLU M 67 -33.56 -7.50 -7.64
N ASN M 68 -34.26 -8.09 -8.62
CA ASN M 68 -35.24 -7.37 -9.40
C ASN M 68 -36.30 -8.32 -9.94
N PRO M 69 -37.56 -8.24 -9.51
CA PRO M 69 -38.59 -9.14 -10.05
C PRO M 69 -39.25 -8.65 -11.33
N GLU M 70 -38.83 -7.52 -11.88
CA GLU M 70 -39.45 -6.93 -13.06
C GLU M 70 -38.57 -6.95 -14.31
N LYS M 71 -37.36 -7.47 -14.23
CA LYS M 71 -36.44 -7.50 -15.36
C LYS M 71 -36.40 -8.88 -16.00
N ASP M 72 -36.40 -8.90 -17.34
CA ASP M 72 -36.39 -10.14 -18.09
C ASP M 72 -35.09 -10.90 -17.91
N ILE M 73 -35.20 -12.23 -17.85
CA ILE M 73 -34.08 -13.14 -17.72
C ILE M 73 -33.87 -13.86 -19.05
N TYR M 74 -32.61 -14.10 -19.40
CA TYR M 74 -32.25 -14.79 -20.64
C TYR M 74 -31.55 -16.10 -20.29
N LEU M 75 -32.05 -17.19 -20.86
CA LEU M 75 -31.53 -18.54 -20.63
C LEU M 75 -31.09 -19.17 -21.94
N TYR M 76 -29.79 -19.37 -22.10
CA TYR M 76 -29.24 -20.02 -23.28
C TYR M 76 -29.07 -21.50 -22.96
N ILE M 77 -29.63 -22.37 -23.81
CA ILE M 77 -29.62 -23.80 -23.59
C ILE M 77 -28.84 -24.51 -24.69
N ASN M 78 -27.84 -25.29 -24.28
CA ASN M 78 -27.03 -26.13 -25.18
C ASN M 78 -26.81 -27.41 -24.37
N SER M 79 -27.66 -28.40 -24.58
CA SER M 79 -27.55 -29.62 -23.79
C SER M 79 -28.21 -30.79 -24.52
N PRO M 80 -27.68 -32.01 -24.39
CA PRO M 80 -28.32 -33.17 -25.01
C PRO M 80 -29.44 -33.78 -24.17
N GLY M 81 -29.91 -33.08 -23.14
CA GLY M 81 -30.94 -33.58 -22.26
C GLY M 81 -30.40 -34.39 -21.11
N GLY M 82 -31.31 -34.98 -20.36
CA GLY M 82 -30.93 -35.78 -19.21
C GLY M 82 -32.09 -36.28 -18.38
N VAL M 83 -31.95 -36.18 -17.06
CA VAL M 83 -33.00 -36.66 -16.16
C VAL M 83 -34.22 -35.77 -16.28
N ILE M 84 -35.40 -36.38 -16.18
CA ILE M 84 -36.66 -35.66 -16.30
C ILE M 84 -36.98 -34.91 -15.01
N THR M 85 -36.89 -35.61 -13.87
CA THR M 85 -37.22 -34.99 -12.59
C THR M 85 -36.35 -33.76 -12.31
N ALA M 86 -35.10 -33.77 -12.75
CA ALA M 86 -34.25 -32.62 -12.54
C ALA M 86 -34.72 -31.44 -13.38
N GLY M 87 -35.23 -31.71 -14.58
CA GLY M 87 -35.69 -30.66 -15.45
C GLY M 87 -37.04 -30.08 -15.08
N MET M 88 -37.93 -30.91 -14.51
CA MET M 88 -39.25 -30.42 -14.15
C MET M 88 -39.21 -29.42 -13.01
N SER M 89 -38.17 -29.47 -12.17
CA SER M 89 -38.05 -28.50 -11.10
C SER M 89 -37.82 -27.10 -11.66
N ILE M 90 -37.12 -27.01 -12.78
CA ILE M 90 -36.83 -25.72 -13.40
C ILE M 90 -38.07 -25.18 -14.08
N TYR M 91 -38.88 -26.05 -14.70
CA TYR M 91 -40.06 -25.60 -15.42
C TYR M 91 -41.05 -24.93 -14.47
N ASP M 92 -41.33 -25.58 -13.33
CA ASP M 92 -42.26 -24.99 -12.38
C ASP M 92 -41.71 -23.68 -11.80
N THR M 93 -40.39 -23.59 -11.66
CA THR M 93 -39.79 -22.38 -11.14
C THR M 93 -39.96 -21.22 -12.11
N MET M 94 -39.74 -21.47 -13.40
CA MET M 94 -39.87 -20.42 -14.41
C MET M 94 -41.29 -19.87 -14.44
N GLN M 95 -42.29 -20.73 -14.28
CA GLN M 95 -43.68 -20.29 -14.32
C GLN M 95 -44.10 -19.63 -13.01
N PHE M 96 -43.51 -20.04 -11.89
CA PHE M 96 -43.88 -19.48 -10.60
C PHE M 96 -43.42 -18.03 -10.47
N ILE M 97 -42.15 -17.77 -10.75
CA ILE M 97 -41.62 -16.42 -10.60
C ILE M 97 -42.25 -15.47 -11.61
N LYS M 98 -42.32 -14.20 -11.23
CA LYS M 98 -42.91 -13.14 -12.02
C LYS M 98 -42.12 -12.78 -13.29
N PRO M 99 -40.79 -12.67 -13.25
CA PRO M 99 -40.06 -12.32 -14.48
C PRO M 99 -40.28 -13.29 -15.62
N ASP M 100 -40.23 -12.75 -16.84
CA ASP M 100 -40.39 -13.54 -18.04
C ASP M 100 -39.04 -14.17 -18.39
N VAL M 101 -38.96 -15.49 -18.37
CA VAL M 101 -37.73 -16.21 -18.64
C VAL M 101 -37.62 -16.43 -20.16
N SER M 102 -36.78 -15.62 -20.81
CA SER M 102 -36.56 -15.78 -22.23
C SER M 102 -35.61 -16.96 -22.46
N THR M 103 -35.92 -17.78 -23.45
CA THR M 103 -35.12 -18.96 -23.77
C THR M 103 -34.58 -18.87 -25.19
N ILE M 104 -33.34 -19.34 -25.36
CA ILE M 104 -32.65 -19.38 -26.63
C ILE M 104 -31.99 -20.74 -26.77
N CYS M 105 -32.05 -21.32 -27.96
CA CYS M 105 -31.44 -22.62 -28.24
C CYS M 105 -30.17 -22.42 -29.04
N MET M 106 -29.06 -22.89 -28.47
CA MET M 106 -27.74 -22.81 -29.09
C MET M 106 -27.17 -24.21 -29.23
N GLY M 107 -26.86 -24.61 -30.45
CA GLY M 107 -26.29 -25.92 -30.69
C GLY M 107 -27.29 -27.05 -30.73
N GLN M 108 -27.87 -27.41 -29.59
CA GLN M 108 -28.83 -28.51 -29.57
C GLN M 108 -29.75 -28.40 -28.36
N ALA M 109 -30.93 -28.99 -28.51
CA ALA M 109 -31.95 -28.99 -27.46
C ALA M 109 -32.69 -30.33 -27.56
N ALA M 110 -32.38 -31.25 -26.66
CA ALA M 110 -33.00 -32.56 -26.66
C ALA M 110 -34.39 -32.49 -26.02
N SER M 111 -34.98 -33.66 -25.78
CA SER M 111 -36.31 -33.81 -25.19
C SER M 111 -36.57 -32.86 -24.02
N MET M 112 -35.71 -32.93 -23.00
CA MET M 112 -35.91 -32.05 -21.86
C MET M 112 -35.47 -30.63 -22.18
N GLY M 113 -34.43 -30.47 -23.01
CA GLY M 113 -34.02 -29.14 -23.40
C GLY M 113 -35.09 -28.44 -24.21
N ALA M 114 -35.86 -29.20 -24.99
CA ALA M 114 -36.95 -28.64 -25.76
C ALA M 114 -38.12 -28.27 -24.87
N PHE M 115 -38.34 -29.03 -23.80
CA PHE M 115 -39.46 -28.74 -22.90
C PHE M 115 -39.21 -27.45 -22.15
N LEU M 116 -37.97 -27.20 -21.76
CA LEU M 116 -37.65 -25.95 -21.08
C LEU M 116 -37.63 -24.79 -22.07
N LEU M 117 -37.35 -25.08 -23.34
CA LEU M 117 -37.31 -24.05 -24.37
C LEU M 117 -38.71 -23.47 -24.60
N THR M 118 -39.68 -24.34 -24.88
CA THR M 118 -41.04 -23.88 -25.12
C THR M 118 -41.71 -23.33 -23.87
N ALA M 119 -41.22 -23.71 -22.68
CA ALA M 119 -41.82 -23.22 -21.44
C ALA M 119 -41.46 -21.76 -21.15
N GLY M 120 -40.60 -21.15 -21.95
CA GLY M 120 -40.23 -19.77 -21.75
C GLY M 120 -41.40 -18.83 -21.95
N ALA M 121 -41.19 -17.54 -21.70
CA ALA M 121 -42.27 -16.58 -21.86
C ALA M 121 -42.69 -16.50 -23.32
N LYS M 122 -44.01 -16.41 -23.54
CA LYS M 122 -44.55 -16.33 -24.89
C LYS M 122 -44.10 -15.04 -25.54
N GLY M 123 -43.60 -15.15 -26.78
CA GLY M 123 -43.12 -14.01 -27.51
C GLY M 123 -41.65 -13.70 -27.29
N LYS M 124 -40.99 -14.39 -26.37
CA LYS M 124 -39.59 -14.18 -26.04
C LYS M 124 -38.79 -15.46 -26.19
N ARG M 125 -39.15 -16.29 -27.17
CA ARG M 125 -38.49 -17.55 -27.46
C ARG M 125 -37.83 -17.46 -28.82
N PHE M 126 -36.54 -17.80 -28.89
CA PHE M 126 -35.79 -17.74 -30.13
C PHE M 126 -34.96 -19.01 -30.30
N CYS M 127 -34.58 -19.25 -31.56
CA CYS M 127 -33.74 -20.39 -31.92
C CYS M 127 -32.79 -19.91 -33.02
N LEU M 128 -31.54 -20.34 -32.95
CA LEU M 128 -30.56 -19.91 -33.92
C LEU M 128 -30.84 -20.53 -35.29
N PRO M 129 -30.38 -19.88 -36.37
CA PRO M 129 -30.66 -20.41 -37.72
C PRO M 129 -30.17 -21.83 -37.97
N ASN M 130 -29.08 -22.25 -37.34
CA ASN M 130 -28.52 -23.58 -37.55
C ASN M 130 -28.68 -24.49 -36.34
N SER M 131 -29.47 -24.09 -35.34
CA SER M 131 -29.68 -24.95 -34.19
C SER M 131 -30.56 -26.13 -34.59
N ARG M 132 -30.62 -27.12 -33.71
CA ARG M 132 -31.43 -28.32 -33.96
C ARG M 132 -32.07 -28.79 -32.68
N VAL M 133 -33.34 -29.14 -32.76
CA VAL M 133 -34.12 -29.63 -31.63
C VAL M 133 -34.52 -31.07 -31.91
N MET M 134 -34.52 -31.88 -30.85
CA MET M 134 -34.91 -33.28 -30.94
C MET M 134 -35.83 -33.58 -29.78
N ILE M 135 -36.91 -34.31 -30.06
CA ILE M 135 -37.91 -34.66 -29.05
C ILE M 135 -38.28 -36.13 -29.20
N HIS M 136 -38.43 -36.81 -28.07
CA HIS M 136 -38.83 -38.20 -28.03
C HIS M 136 -39.59 -38.44 -26.73
N GLN M 137 -39.91 -39.72 -26.46
CA GLN M 137 -40.68 -40.04 -25.27
C GLN M 137 -39.74 -40.32 -24.09
N PRO M 138 -40.24 -40.29 -22.86
CA PRO M 138 -39.38 -40.57 -21.71
C PRO M 138 -38.82 -41.99 -21.76
N LEU M 139 -37.60 -42.14 -21.26
CA LEU M 139 -36.92 -43.42 -21.20
C LEU M 139 -36.82 -43.88 -19.76
N GLY M 140 -36.88 -45.19 -19.57
CA GLY M 140 -36.81 -45.74 -18.24
C GLY M 140 -36.53 -47.22 -18.25
N GLY M 141 -36.78 -47.85 -17.11
CA GLY M 141 -36.57 -49.26 -16.94
C GLY M 141 -36.59 -49.63 -15.48
N TYR M 142 -36.84 -50.91 -15.22
CA TYR M 142 -36.88 -51.41 -13.86
C TYR M 142 -36.61 -52.91 -13.87
N GLN M 143 -36.09 -53.40 -12.75
CA GLN M 143 -35.80 -54.82 -12.58
C GLN M 143 -36.30 -55.23 -11.20
N GLY M 144 -37.15 -56.24 -11.16
CA GLY M 144 -37.70 -56.71 -9.90
C GLY M 144 -38.92 -57.56 -10.14
N GLN M 145 -39.76 -57.64 -9.10
CA GLN M 145 -40.98 -58.41 -9.19
C GLN M 145 -41.94 -57.77 -10.19
N ALA M 146 -42.89 -58.58 -10.67
CA ALA M 146 -43.86 -58.09 -11.64
C ALA M 146 -44.75 -57.02 -11.04
N THR M 147 -45.04 -57.12 -9.75
CA THR M 147 -45.88 -56.10 -9.09
C THR M 147 -45.18 -54.75 -9.09
N ASP M 148 -43.86 -54.73 -8.91
CA ASP M 148 -43.12 -53.47 -8.88
C ASP M 148 -42.95 -52.90 -10.28
N ILE M 149 -42.82 -53.75 -11.29
CA ILE M 149 -42.67 -53.25 -12.67
C ILE M 149 -43.93 -52.52 -13.10
N GLU M 150 -45.09 -53.02 -12.68
CA GLU M 150 -46.35 -52.35 -13.02
C GLU M 150 -46.44 -50.98 -12.38
N ILE M 151 -45.89 -50.84 -11.17
CA ILE M 151 -45.95 -49.55 -10.46
C ILE M 151 -45.09 -48.52 -11.18
N HIS M 152 -43.84 -48.86 -11.49
CA HIS M 152 -42.96 -47.91 -12.15
C HIS M 152 -43.42 -47.65 -13.58
N ALA M 153 -44.13 -48.59 -14.19
CA ALA M 153 -44.63 -48.38 -15.55
C ALA M 153 -45.78 -47.37 -15.55
N ARG M 154 -46.67 -47.48 -14.57
CA ARG M 154 -47.80 -46.55 -14.49
C ARG M 154 -47.32 -45.13 -14.21
N GLU M 155 -46.26 -44.99 -13.42
CA GLU M 155 -45.75 -43.67 -13.08
C GLU M 155 -45.14 -42.98 -14.28
N ILE M 156 -44.27 -43.69 -15.02
CA ILE M 156 -43.64 -43.08 -16.18
C ILE M 156 -44.67 -42.81 -17.27
N LEU M 157 -45.78 -43.56 -17.28
CA LEU M 157 -46.81 -43.31 -18.28
C LEU M 157 -47.54 -42.01 -17.98
N LYS M 158 -47.75 -41.72 -16.70
CA LYS M 158 -48.40 -40.47 -16.32
C LYS M 158 -47.54 -39.29 -16.70
N VAL M 159 -46.23 -39.41 -16.53
CA VAL M 159 -45.30 -38.34 -16.88
C VAL M 159 -45.38 -38.06 -18.37
N LYS M 160 -45.39 -39.11 -19.18
CA LYS M 160 -45.49 -38.93 -20.63
C LYS M 160 -46.77 -38.18 -20.98
N GLY M 161 -47.87 -38.52 -20.33
CA GLY M 161 -49.11 -37.81 -20.57
C GLY M 161 -49.03 -36.38 -20.08
N ARG M 162 -48.39 -36.17 -18.94
CA ARG M 162 -48.25 -34.82 -18.39
C ARG M 162 -47.32 -33.98 -19.23
N MET M 163 -46.23 -34.59 -19.74
CA MET M 163 -45.28 -33.84 -20.55
C MET M 163 -45.88 -33.44 -21.89
N ASN M 164 -46.81 -34.23 -22.41
CA ASN M 164 -47.44 -33.90 -23.69
C ASN M 164 -48.47 -32.80 -23.52
N GLU M 165 -49.18 -32.79 -22.39
CA GLU M 165 -50.19 -31.76 -22.14
C GLU M 165 -49.56 -30.38 -22.08
N LEU M 166 -48.44 -30.25 -21.36
CA LEU M 166 -47.79 -28.96 -21.23
C LEU M 166 -47.14 -28.53 -22.55
N MET M 167 -46.61 -29.50 -23.32
CA MET M 167 -46.01 -29.17 -24.60
C MET M 167 -47.04 -28.56 -25.53
N ALA M 168 -48.27 -29.08 -25.49
CA ALA M 168 -49.34 -28.55 -26.33
C ALA M 168 -49.75 -27.16 -25.89
N LEU M 169 -49.72 -26.90 -24.57
CA LEU M 169 -50.11 -25.60 -24.04
C LEU M 169 -49.22 -24.48 -24.59
N HIS M 170 -47.91 -24.69 -24.62
CA HIS M 170 -47.00 -23.65 -25.09
C HIS M 170 -46.87 -23.66 -26.61
N THR M 171 -46.86 -24.84 -27.22
CA THR M 171 -46.75 -24.93 -28.67
C THR M 171 -48.06 -24.64 -29.38
N GLY M 172 -49.19 -24.76 -28.68
CA GLY M 172 -50.49 -24.52 -29.27
C GLY M 172 -51.05 -25.69 -30.04
N GLN M 173 -50.24 -26.71 -30.34
CA GLN M 173 -50.72 -27.88 -31.06
C GLN M 173 -51.68 -28.68 -30.18
N SER M 174 -52.29 -29.69 -30.78
CA SER M 174 -53.21 -30.55 -30.07
C SER M 174 -52.45 -31.66 -29.33
N LEU M 175 -53.07 -32.19 -28.28
CA LEU M 175 -52.44 -33.26 -27.52
C LEU M 175 -52.24 -34.50 -28.39
N GLU M 176 -53.17 -34.75 -29.31
CA GLU M 176 -53.05 -35.90 -30.19
C GLU M 176 -51.84 -35.76 -31.11
N GLN M 177 -51.56 -34.54 -31.57
CA GLN M 177 -50.44 -34.33 -32.47
C GLN M 177 -49.12 -34.55 -31.77
N ILE M 178 -48.99 -34.08 -30.52
CA ILE M 178 -47.76 -34.27 -29.78
C ILE M 178 -47.51 -35.74 -29.49
N GLU M 179 -48.58 -36.50 -29.26
CA GLU M 179 -48.42 -37.93 -28.97
C GLU M 179 -47.85 -38.68 -30.15
N ARG M 180 -48.30 -38.35 -31.36
CA ARG M 180 -47.81 -39.05 -32.55
C ARG M 180 -46.37 -38.65 -32.88
N ASP M 181 -46.04 -37.37 -32.72
CA ASP M 181 -44.70 -36.90 -33.04
C ASP M 181 -43.65 -37.32 -32.02
N THR M 182 -44.06 -37.66 -30.79
CA THR M 182 -43.12 -38.05 -29.75
C THR M 182 -42.98 -39.56 -29.59
N GLU M 183 -43.59 -40.36 -30.47
CA GLU M 183 -43.46 -41.80 -30.36
C GLU M 183 -42.03 -42.25 -30.59
N ARG M 184 -41.29 -41.55 -31.45
CA ARG M 184 -39.91 -41.85 -31.77
C ARG M 184 -39.15 -40.53 -31.87
N ASP M 185 -37.83 -40.64 -32.02
CA ASP M 185 -37.01 -39.45 -32.13
C ASP M 185 -37.43 -38.64 -33.35
N ARG M 186 -37.56 -37.33 -33.17
CA ARG M 186 -37.98 -36.42 -34.22
C ARG M 186 -37.13 -35.17 -34.17
N PHE M 187 -36.33 -34.94 -35.22
CA PHE M 187 -35.49 -33.76 -35.29
C PHE M 187 -36.24 -32.66 -36.02
N LEU M 188 -36.12 -31.43 -35.52
CA LEU M 188 -36.80 -30.27 -36.06
C LEU M 188 -35.78 -29.18 -36.33
N SER M 189 -35.70 -28.74 -37.60
CA SER M 189 -34.78 -27.67 -37.95
C SER M 189 -35.29 -26.35 -37.35
N ALA M 190 -34.46 -25.33 -37.47
CA ALA M 190 -34.84 -24.02 -36.95
C ALA M 190 -36.07 -23.42 -37.63
N PRO M 191 -36.23 -23.45 -38.96
CA PRO M 191 -37.44 -22.88 -39.55
C PRO M 191 -38.70 -23.64 -39.17
N GLU M 192 -38.64 -24.97 -39.14
CA GLU M 192 -39.81 -25.76 -38.80
C GLU M 192 -40.25 -25.53 -37.36
N ALA M 193 -39.31 -25.22 -36.47
CA ALA M 193 -39.67 -24.97 -35.07
C ALA M 193 -40.56 -23.74 -34.96
N VAL M 194 -40.32 -22.73 -35.80
CA VAL M 194 -41.15 -21.53 -35.77
C VAL M 194 -42.56 -21.89 -36.24
N GLU M 195 -42.64 -22.63 -37.35
CA GLU M 195 -43.94 -23.05 -37.89
C GLU M 195 -44.69 -23.95 -36.91
N TYR M 196 -43.98 -24.65 -36.05
CA TYR M 196 -44.58 -25.57 -35.09
C TYR M 196 -45.07 -24.88 -33.82
N GLY M 197 -44.86 -23.57 -33.68
CA GLY M 197 -45.28 -22.88 -32.47
C GLY M 197 -44.36 -23.06 -31.29
N LEU M 198 -43.25 -23.79 -31.46
CA LEU M 198 -42.31 -24.02 -30.37
C LEU M 198 -41.56 -22.75 -30.00
N VAL M 199 -41.26 -21.91 -30.99
CA VAL M 199 -40.52 -20.67 -30.78
C VAL M 199 -41.28 -19.53 -31.45
N ASP M 200 -40.77 -18.32 -31.25
CA ASP M 200 -41.39 -17.11 -31.79
C ASP M 200 -40.67 -16.55 -33.01
N SER M 201 -39.34 -16.54 -33.02
CA SER M 201 -38.61 -16.01 -34.16
C SER M 201 -37.19 -16.57 -34.15
N ILE M 202 -36.39 -16.09 -35.11
CA ILE M 202 -35.00 -16.50 -35.27
C ILE M 202 -34.12 -15.26 -35.25
N LEU M 203 -33.01 -15.33 -34.52
CA LEU M 203 -32.05 -14.23 -34.41
C LEU M 203 -30.93 -14.41 -35.43
N THR M 204 -31.27 -14.18 -36.69
CA THR M 204 -30.29 -14.33 -37.77
C THR M 204 -29.16 -13.33 -37.62
N HIS M 205 -29.48 -12.03 -37.64
CA HIS M 205 -28.51 -10.97 -37.50
C HIS M 205 -28.95 -10.00 -36.42
N ARG M 206 -28.02 -9.17 -35.99
CA ARG M 206 -28.28 -8.18 -34.96
C ARG M 206 -28.85 -6.92 -35.59
N ASN M 207 -29.93 -6.40 -35.00
CA ASN M 207 -30.59 -5.20 -35.48
C ASN M 207 -30.82 -4.21 -34.34
N UNK N 1 2.43 10.05 2.03
CA UNK N 1 1.15 10.80 2.11
C UNK N 1 1.31 12.06 2.96
N UNK N 2 1.67 11.88 4.22
CA UNK N 2 1.86 13.01 5.12
C UNK N 2 2.98 13.91 4.61
N UNK N 3 2.81 15.22 4.79
CA UNK N 3 3.76 16.24 4.34
C UNK N 3 4.13 17.15 5.51
N UNK N 4 5.20 16.79 6.23
CA UNK N 4 5.66 17.60 7.34
C UNK N 4 5.90 19.04 6.93
N UNK N 5 5.54 19.97 7.81
CA UNK N 5 5.68 21.39 7.55
C UNK N 5 7.08 21.89 7.89
N UNK N 6 7.33 23.14 7.52
CA UNK N 6 8.60 23.80 7.79
C UNK N 6 8.37 25.30 7.75
N UNK N 7 9.05 26.02 8.63
CA UNK N 7 8.90 27.47 8.71
C UNK N 7 9.89 28.18 7.80
N UNK N 8 9.81 29.50 7.78
CA UNK N 8 10.69 30.34 6.96
C UNK N 8 10.84 31.68 7.67
N UNK N 9 11.95 31.88 8.37
CA UNK N 9 12.21 33.12 9.10
C UNK N 9 12.95 34.10 8.19
N UNK N 10 12.17 34.92 7.49
CA UNK N 10 12.71 35.93 6.59
C UNK N 10 12.05 37.27 6.90
N UNK N 11 12.84 38.24 7.33
CA UNK N 11 12.30 39.56 7.64
C UNK N 11 13.45 40.53 7.87
N UNK N 12 13.19 41.80 7.54
CA UNK N 12 14.15 42.88 7.73
C UNK N 12 13.33 44.14 8.00
N UNK N 13 13.18 44.51 9.26
CA UNK N 13 12.38 45.66 9.68
C UNK N 13 13.25 46.70 10.36
N UNK N 14 13.34 47.88 9.75
CA UNK N 14 14.08 49.01 10.30
C UNK N 14 13.22 50.25 10.09
N UNK N 15 12.90 50.94 11.18
CA UNK N 15 12.05 52.12 11.09
C UNK N 15 12.71 53.24 10.29
N UNK N 16 13.97 53.54 10.59
CA UNK N 16 14.67 54.61 9.88
C UNK N 16 14.99 54.21 8.44
N UNK N 17 15.44 52.97 8.24
CA UNK N 17 15.79 52.52 6.89
C UNK N 17 14.56 52.47 6.00
N UNK N 18 13.45 51.95 6.50
CA UNK N 18 12.23 51.86 5.70
C UNK N 18 11.73 53.24 5.30
N UNK N 19 11.77 54.20 6.22
CA UNK N 19 11.32 55.56 5.94
C UNK N 19 12.38 56.32 5.15
PB ADP O . 17.15 27.91 -23.84
O1B ADP O . 16.37 26.97 -24.71
O2B ADP O . 16.47 29.23 -23.56
O3B ADP O . 17.78 27.26 -22.62
PA ADP O . 18.20 29.16 -26.10
O1A ADP O . 17.40 28.31 -27.06
O2A ADP O . 17.72 30.53 -25.74
O3A ADP O . 18.41 28.31 -24.75
O5' ADP O . 19.70 29.28 -26.68
C5' ADP O . 20.08 30.42 -27.44
C4' ADP O . 21.46 30.22 -28.06
O4' ADP O . 21.41 29.19 -29.06
C3' ADP O . 21.96 31.49 -28.73
O3' ADP O . 23.19 31.91 -28.14
C2' ADP O . 22.14 31.15 -30.19
O2' ADP O . 23.42 31.57 -30.68
C1' ADP O . 22.00 29.63 -30.29
N9 ADP O . 21.12 29.24 -31.43
C8 ADP O . 20.10 28.38 -31.35
N7 ADP O . 19.50 28.23 -32.56
C5 ADP O . 20.15 29.01 -33.43
C6 ADP O . 20.04 29.32 -34.88
N6 ADP O . 19.07 28.74 -35.63
N1 ADP O . 20.92 30.18 -35.40
C2 ADP O . 21.89 30.77 -34.66
N3 ADP O . 22.05 30.53 -33.35
C4 ADP O . 21.23 29.67 -32.69
H5'1 ADP O . 20.09 31.30 -26.80
H5'2 ADP O . 19.34 30.59 -28.22
H4' ADP O . 22.16 29.94 -27.27
H3' ADP O . 21.20 32.28 -28.63
HO3' ADP O . 23.43 32.79 -28.46
H2' ADP O . 21.33 31.65 -30.75
HO2' ADP O . 23.43 32.52 -30.78
H1' ADP O . 22.99 29.19 -30.41
H8 ADP O . 19.78 27.88 -30.45
HN61 ADP O . 18.43 28.10 -35.20
HN62 ADP O . 19.00 28.97 -36.60
H2 ADP O . 22.57 31.45 -35.14
PG AGS P . 35.10 17.35 0.03
S1G AGS P . 34.35 16.60 1.66
O2G AGS P . 34.01 17.36 -1.09
O3G AGS P . 35.58 18.81 0.31
PB AGS P . 37.30 17.07 -1.52
O1B AGS P . 37.03 16.47 -2.85
O2B AGS P . 37.11 18.58 -1.49
O3B AGS P . 36.31 16.50 -0.43
PA AGS P . 39.55 17.97 -0.33
O1A AGS P . 38.66 18.58 0.70
O2A AGS P . 40.07 18.94 -1.40
O3A AGS P . 38.80 16.81 -1.08
O5' AGS P . 40.74 17.28 0.44
C5' AGS P . 40.89 17.48 1.86
C4' AGS P . 42.22 16.91 2.30
O4' AGS P . 42.45 15.66 1.62
C3' AGS P . 43.44 17.77 1.96
O3' AGS P . 43.65 18.76 2.95
C2' AGS P . 44.56 16.73 1.94
O2' AGS P . 45.09 16.50 3.23
C1' AGS P . 43.85 15.48 1.42
N9 AGS P . 44.06 15.21 0.00
C8 AGS P . 43.10 15.04 -0.96
N7 AGS P . 43.58 14.79 -2.15
C5 AGS P . 44.95 14.79 -1.96
C6 AGS P . 46.03 14.60 -2.85
N6 AGS P . 45.89 14.35 -4.15
N1 AGS P . 47.28 14.66 -2.34
C2 AGS P . 47.42 14.91 -1.03
N3 AGS P . 46.49 15.11 -0.11
C4 AGS P . 45.26 15.04 -0.65
H5'1 AGS P . 40.17 17.04 2.34
H5'2 AGS P . 40.87 18.43 2.04
H4' AGS P . 42.20 16.76 3.25
H3' AGS P . 43.32 18.17 1.08
HO3' AGS P . 43.92 18.37 3.70
H2' AGS P . 45.26 17.02 1.32
HO2' AGS P . 44.54 15.96 3.68
H1' AGS P . 44.15 14.72 1.93
H8 AGS P . 42.16 15.11 -0.78
HN61 AGS P . 45.18 14.69 -4.60
HN62 AGS P . 46.50 13.83 -4.59
H2 AGS P . 48.35 14.94 -0.71
PG AGS Q . 23.43 10.64 27.28
S1G AGS Q . 21.51 10.53 27.49
O2G AGS Q . 23.81 10.31 25.80
O3G AGS Q . 23.90 12.10 27.62
PB AGS Q . 25.69 9.84 28.51
O1B AGS Q . 26.50 8.86 27.76
O2B AGS Q . 25.98 11.29 28.12
O3B AGS Q . 24.14 9.65 28.23
PA AGS Q . 25.98 11.09 30.89
O1A AGS Q . 24.78 11.88 30.57
O2A AGS Q . 27.32 11.78 30.60
O3A AGS Q . 25.97 9.74 30.06
O5' AGS Q . 25.86 10.64 32.40
C5' AGS Q . 24.72 11.08 33.18
C4' AGS Q . 24.90 10.60 34.60
O4' AGS Q . 25.30 9.22 34.60
C3' AGS Q . 25.98 11.32 35.38
O3' AGS Q . 25.48 12.51 35.98
C2' AGS Q . 26.36 10.28 36.45
O2' AGS Q . 25.50 10.34 37.58
C1' AGS Q . 26.16 8.96 35.68
N9 AGS Q . 27.39 8.38 35.16
C8 AGS Q . 27.66 8.06 33.86
N7 AGS Q . 28.86 7.55 33.68
C5 AGS Q . 29.41 7.54 34.94
C6 AGS Q . 30.66 7.11 35.42
N6 AGS Q . 31.62 6.60 34.66
N1 AGS Q . 30.89 7.23 36.75
C2 AGS Q . 29.94 7.74 37.53
N3 AGS Q . 28.72 8.17 37.18
C4 AGS Q . 28.52 8.04 35.87
H5'1 AGS Q . 23.90 10.70 32.82
H5'2 AGS Q . 24.68 12.05 33.16
H4' AGS Q . 24.06 10.70 35.07
H3' AGS Q . 26.75 11.50 34.81
HO3' AGS Q . 25.17 12.32 36.78
H2' AGS Q . 27.28 10.40 36.71
HO2' AGS Q . 24.66 10.41 37.30
H1' AGS Q . 25.75 8.32 36.28
H8 AGS Q . 27.04 8.20 33.14
HN61 AGS Q . 31.81 6.99 33.85
HN62 AGS Q . 32.08 5.86 34.92
H2 AGS Q . 30.15 7.81 38.47
PG AGS R . -6.13 12.76 32.28
S1G AGS R . -7.01 12.05 30.70
O2G AGS R . -4.66 12.30 32.31
O3G AGS R . -6.19 14.31 32.25
PB AGS R . -6.12 12.36 34.95
O1B AGS R . -5.31 11.15 35.20
O2B AGS R . -5.29 13.64 34.86
O3B AGS R . -6.86 12.25 33.56
PA AGS R . -7.51 14.10 36.43
O1A AGS R . -7.66 14.86 35.17
O2A AGS R . -6.43 14.62 37.38
O3A AGS R . -7.17 12.60 36.10
O5' AGS R . -8.93 14.07 37.13
C5' AGS R . -10.00 14.87 36.58
C4' AGS R . -11.14 14.94 37.56
O4' AGS R . -11.33 13.64 38.16
C3' AGS R . -10.92 15.87 38.75
O3' AGS R . -11.27 17.20 38.41
C2' AGS R . -11.87 15.28 39.79
O2' AGS R . -13.20 15.76 39.63
C1' AGS R . -11.80 13.78 39.49
N9 AGS R . -10.92 13.02 40.37
C8 AGS R . -9.91 12.18 39.99
N7 AGS R . -9.28 11.61 40.99
C5 AGS R . -9.91 12.12 42.11
C6 AGS R . -9.72 11.92 43.48
N6 AGS R . -8.78 11.12 43.99
N1 AGS R . -10.52 12.59 44.33
C2 AGS R . -11.46 13.39 43.83
N3 AGS R . -11.75 13.66 42.56
C4 AGS R . -10.92 12.99 41.73
H5'1 AGS R . -10.30 14.49 35.74
H5'2 AGS R . -9.67 15.78 36.42
H4' AGS R . -11.94 15.20 37.11
H3' AGS R . -10.00 15.81 39.06
HO3' AGS R . -12.15 17.29 38.50
H2' AGS R . -11.53 15.48 40.68
HO2' AGS R . -13.42 15.70 38.77
H1' AGS R . -12.70 13.41 39.55
H8 AGS R . -9.69 12.01 39.06
HN61 AGS R . -7.97 11.07 43.59
HN62 AGS R . -8.97 10.62 44.72
H2 AGS R . -12.02 13.85 44.49
PG AGS S . -25.04 18.07 9.36
S1G AGS S . -24.39 16.30 8.89
O2G AGS S . -24.73 18.36 10.86
O3G AGS S . -24.34 19.13 8.48
PB AGS S . -27.52 18.21 10.40
O1B AGS S . -27.99 16.86 10.79
O2B AGS S . -26.71 18.92 11.49
O3B AGS S . -26.58 18.14 9.14
PA AGS S . -28.43 20.71 10.01
O1A AGS S . -27.25 20.94 9.13
O2A AGS S . -28.27 21.21 11.44
O3A AGS S . -28.74 19.16 10.10
O5' AGS S . -29.68 21.34 9.31
C5' AGS S . -29.51 22.05 8.07
C4' AGS S . -30.87 22.54 7.61
O4' AGS S . -31.85 21.51 7.84
C3' AGS S . -31.39 23.76 8.36
O3' AGS S . -30.86 24.96 7.80
C2' AGS S . -32.90 23.64 8.14
O2' AGS S . -33.32 24.26 6.94
C1' AGS S . -33.11 22.12 8.07
N9 AGS S . -33.70 21.52 9.26
C8 AGS S . -33.24 20.42 9.94
N7 AGS S . -33.95 20.08 10.99
C5 AGS S . -34.97 21.03 11.00
C6 AGS S . -36.07 21.23 11.85
N6 AGS S . -36.34 20.47 12.90
N1 AGS S . -36.90 22.28 11.58
C2 AGS S . -36.63 23.05 10.53
N3 AGS S . -35.62 22.95 9.65
C4 AGS S . -34.83 21.92 9.94
H5'1 AGS S . -29.13 21.46 7.40
H5'2 AGS S . -28.92 22.81 8.22
H4' AGS S . -30.83 22.74 6.66
H3' AGS S . -31.16 23.69 9.30
HO3' AGS S . -31.39 25.22 7.14
H2' AGS S . -33.36 24.04 8.90
HO2' AGS S . -32.80 23.98 6.27
H1' AGS S . -33.70 21.93 7.31
H8 AGS S . -32.44 19.93 9.67
HN61 AGS S . -35.66 20.08 13.36
HN62 AGS S . -37.20 20.34 13.16
H2 AGS S . -37.25 23.77 10.37
PG AGS T . -14.11 20.43 -19.52
S1G AGS T . -12.69 19.10 -19.61
O2G AGS T . -15.30 19.88 -18.69
O3G AGS T . -13.55 21.72 -18.84
PB AGS T . -16.09 21.28 -21.16
O1B AGS T . -17.02 20.12 -21.19
O2B AGS T . -16.40 22.25 -20.02
O3B AGS T . -14.60 20.80 -20.96
PA AGS T . -15.74 23.62 -22.46
O1A AGS T . -14.36 23.73 -21.93
O2A AGS T . -16.78 24.41 -21.67
O3A AGS T . -16.20 22.11 -22.49
O5' AGS T . -15.69 24.04 -23.98
C5' AGS T . -14.63 23.56 -24.81
C4' AGS T . -14.82 24.04 -26.23
O4' AGS T . -16.03 23.49 -26.77
C3' AGS T . -15.00 25.54 -26.37
O3' AGS T . -13.74 26.20 -26.42
C2' AGS T . -15.76 25.66 -27.70
O2' AGS T . -14.86 25.69 -28.81
C1' AGS T . -16.59 24.37 -27.72
N9 AGS T . -18.00 24.53 -27.41
C8 AGS T . -18.73 23.79 -26.52
N7 AGS T . -19.99 24.14 -26.43
C5 AGS T . -20.10 25.19 -27.34
C6 AGS T . -21.19 25.99 -27.71
N6 AGS T . -22.42 25.86 -27.22
N1 AGS T . -20.97 26.94 -28.64
C2 AGS T . -19.74 27.08 -29.16
N3 AGS T . -18.64 26.37 -28.87
C4 AGS T . -18.90 25.43 -27.96
H5'1 AGS T . -14.61 22.59 -24.79
H5'2 AGS T . -13.77 23.91 -24.47
H4' AGS T . -14.08 23.75 -26.79
H3' AGS T . -15.53 25.88 -25.64
HO3' AGS T . -13.73 26.85 -25.80
H2' AGS T . -16.30 26.45 -27.70
HO2' AGS T . -14.14 25.19 -28.61
H1' AGS T . -16.51 23.98 -28.61
H8 AGS T . -18.34 23.08 -25.99
HN61 AGS T . -22.54 25.46 -26.41
HN62 AGS T . -23.13 26.19 -27.68
H2 AGS T . -19.63 27.78 -29.82
#